data_7UT1
#
_entry.id   7UT1
#
loop_
_entity.id
_entity.type
_entity.pdbx_description
1 polymer Integrase
2 polymer 'vDNA strand (non-transferred)'
3 polymer 'vDNA-tDNA strand (transferred)'
4 polymer 'tDNA strand'
5 non-polymer 'ZINC ION'
#
loop_
_entity_poly.entity_id
_entity_poly.type
_entity_poly.pdbx_seq_one_letter_code
_entity_poly.pdbx_strand_id
1 'polypeptide(L)'
;ALESAQESHALHHQNAAALRFQFHITREQAREIVKLCPNCPDWGHAPQLGVNPRGLKPRVLWQMDVTHVSEFGKLKYVHV
TVDTYSHFTFATARTGEATKDVLQHLAQSFAYMGIPQKIKTDNAPAYVSRSIQEFLARWKISHVTGIPYNPQGQAIVERT
HQNIKAQLNKLQKAGKYYTPHHLLAHALFVLNHVNMDNQGHTAAERHWGPISADPKPMVMWKDLLTGSWKGPDVLITAGR
GYACVFPQDAESPIWVPDRFIRPFTERKEATPTPGTAEKTPPRDEKDQQESPKNESSPHQREDGLATSAGVDLRSGGGP
;
a,b,c,d,e,f,g,h,A,B,C,D,E,F,G,H
2 'polydeoxyribonucleotide'
;(DA)(DA)(DT)(DG)(DC)(DC)(DG)(DC)(DA)(DG)(DT)(DC)(DG)(DG)(DC)(DC)(DG)(DA)(DC)(DC)
(DT)(DG)
;
i,l,I,L
3 'polydeoxyribonucleotide'
;(DC)(DA)(DG)(DG)(DT)(DC)(DG)(DG)(DC)(DC)(DG)(DA)(DC)(DT)(DG)(DC)(DG)(DG)(DC)(DA)
(DC)(DT)(DC)(DG)(DA)(DG)(DC)(DT)(DA)(DC)(DT)(DT)(DC)(DC)(DC)(DT)(DG)(DT)(DT)(DT)
(DA)(DG)
;
j,m,J,M
4 'polydeoxyribonucleotide' (DC)(DT)(DA)(DA)(DA)(DC)(DA)(DG)(DG)(DG)(DA)(DA)(DG)(DT)(DA)(DG) k,n,K,N
#
loop_
_chem_comp.id
_chem_comp.type
_chem_comp.name
_chem_comp.formula
DA DNA linking 2'-DEOXYADENOSINE-5'-MONOPHOSPHATE 'C10 H14 N5 O6 P'
DC DNA linking 2'-DEOXYCYTIDINE-5'-MONOPHOSPHATE 'C9 H14 N3 O7 P'
DG DNA linking 2'-DEOXYGUANOSINE-5'-MONOPHOSPHATE 'C10 H14 N5 O7 P'
DT DNA linking THYMIDINE-5'-MONOPHOSPHATE 'C10 H15 N2 O8 P'
ZN non-polymer 'ZINC ION' 'Zn 2'
#
# COMPACT_ATOMS: atom_id res chain seq x y z
N ALA A 1 72.39 -40.03 1.91
CA ALA A 1 71.47 -39.46 0.93
C ALA A 1 70.11 -39.18 1.57
N LEU A 2 69.64 -40.13 2.38
CA LEU A 2 68.36 -39.95 3.05
C LEU A 2 68.38 -38.77 4.01
N GLU A 3 69.51 -38.56 4.69
CA GLU A 3 69.64 -37.40 5.57
C GLU A 3 69.52 -36.10 4.78
N SER A 4 70.04 -36.08 3.56
CA SER A 4 69.89 -34.90 2.71
C SER A 4 68.42 -34.66 2.40
N ALA A 5 67.66 -35.73 2.13
CA ALA A 5 66.23 -35.59 1.90
C ALA A 5 65.53 -35.04 3.12
N GLN A 6 65.87 -35.55 4.30
CA GLN A 6 65.25 -35.05 5.53
C GLN A 6 65.55 -33.57 5.73
N GLU A 7 66.79 -33.16 5.51
CA GLU A 7 67.15 -31.76 5.66
C GLU A 7 66.44 -30.89 4.63
N SER A 8 66.35 -31.36 3.39
CA SER A 8 65.66 -30.60 2.36
C SER A 8 64.19 -30.39 2.69
N HIS A 9 63.53 -31.44 3.18
CA HIS A 9 62.14 -31.27 3.58
C HIS A 9 62.04 -30.34 4.79
N ALA A 10 62.95 -30.47 5.75
CA ALA A 10 62.92 -29.57 6.90
C ALA A 10 63.09 -28.13 6.46
N LEU A 11 63.79 -27.89 5.36
CA LEU A 11 63.95 -26.53 4.85
C LEU A 11 62.71 -26.05 4.12
N HIS A 12 62.26 -26.82 3.11
CA HIS A 12 61.18 -26.35 2.25
C HIS A 12 59.83 -27.01 2.50
N HIS A 13 59.80 -28.19 3.14
CA HIS A 13 58.56 -28.96 3.31
C HIS A 13 57.94 -29.29 1.95
N GLN A 14 58.68 -30.13 1.23
CA GLN A 14 58.39 -30.44 -0.17
C GLN A 14 57.23 -31.42 -0.25
N ASN A 15 57.00 -31.97 -1.44
CA ASN A 15 56.05 -33.04 -1.65
C ASN A 15 56.80 -34.35 -1.79
N ALA A 16 56.13 -35.44 -1.39
CA ALA A 16 56.79 -36.75 -1.37
C ALA A 16 57.24 -37.17 -2.76
N ALA A 17 56.40 -36.97 -3.77
CA ALA A 17 56.78 -37.31 -5.13
C ALA A 17 58.00 -36.53 -5.57
N ALA A 18 58.10 -35.27 -5.15
CA ALA A 18 59.26 -34.45 -5.48
C ALA A 18 60.52 -35.03 -4.86
N LEU A 19 60.46 -35.44 -3.59
CA LEU A 19 61.61 -36.05 -2.95
C LEU A 19 62.03 -37.33 -3.65
N ARG A 20 61.05 -38.16 -4.01
CA ARG A 20 61.35 -39.40 -4.72
C ARG A 20 62.03 -39.10 -6.06
N PHE A 21 61.53 -38.12 -6.79
CA PHE A 21 62.07 -37.83 -8.11
C PHE A 21 63.44 -37.16 -8.03
N GLN A 22 63.72 -36.45 -6.95
CA GLN A 22 64.95 -35.67 -6.88
C GLN A 22 66.09 -36.38 -6.18
N PHE A 23 65.82 -37.28 -5.23
CA PHE A 23 66.90 -37.91 -4.47
C PHE A 23 66.97 -39.42 -4.68
N HIS A 24 66.23 -39.96 -5.65
CA HIS A 24 66.33 -41.36 -6.04
C HIS A 24 66.09 -42.30 -4.85
N ILE A 25 65.02 -42.02 -4.11
CA ILE A 25 64.59 -42.86 -3.00
C ILE A 25 63.22 -43.42 -3.33
N THR A 26 62.86 -44.50 -2.64
CA THR A 26 61.57 -45.13 -2.91
C THR A 26 60.42 -44.25 -2.42
N ARG A 27 59.29 -44.37 -3.12
CA ARG A 27 58.16 -43.49 -2.85
C ARG A 27 57.65 -43.63 -1.43
N GLU A 28 57.63 -44.86 -0.91
CA GLU A 28 57.15 -45.09 0.44
C GLU A 28 58.02 -44.39 1.47
N GLN A 29 59.34 -44.36 1.24
CA GLN A 29 60.23 -43.58 2.10
C GLN A 29 59.85 -42.12 2.08
N ALA A 30 59.51 -41.58 0.90
CA ALA A 30 59.08 -40.19 0.82
C ALA A 30 57.79 -39.96 1.60
N ARG A 31 56.85 -40.91 1.51
CA ARG A 31 55.60 -40.78 2.26
C ARG A 31 55.88 -40.72 3.76
N GLU A 32 56.73 -41.61 4.25
CA GLU A 32 57.05 -41.57 5.68
C GLU A 32 57.81 -40.29 6.06
N ILE A 33 58.71 -39.83 5.18
CA ILE A 33 59.43 -38.59 5.48
C ILE A 33 58.47 -37.42 5.63
N VAL A 34 57.48 -37.34 4.73
CA VAL A 34 56.47 -36.29 4.84
C VAL A 34 55.65 -36.48 6.11
N LYS A 35 55.27 -37.71 6.42
CA LYS A 35 54.43 -37.97 7.59
C LYS A 35 55.15 -37.65 8.89
N LEU A 36 56.48 -37.73 8.91
CA LEU A 36 57.22 -37.52 10.14
C LEU A 36 57.51 -36.05 10.43
N CYS A 37 57.28 -35.16 9.48
CA CYS A 37 57.55 -33.74 9.70
C CYS A 37 56.55 -33.19 10.71
N PRO A 38 57.00 -32.71 11.87
CA PRO A 38 56.05 -32.18 12.86
C PRO A 38 55.24 -31.00 12.35
N ASN A 39 55.85 -30.15 11.52
CA ASN A 39 55.15 -28.96 11.04
C ASN A 39 54.09 -29.28 9.99
N CYS A 40 54.21 -30.41 9.31
CA CYS A 40 53.26 -30.74 8.26
C CYS A 40 51.86 -30.90 8.86
N PRO A 41 50.82 -30.38 8.22
CA PRO A 41 49.49 -30.43 8.80
C PRO A 41 48.98 -31.86 8.93
N ASP A 42 48.13 -32.08 9.92
CA ASP A 42 47.54 -33.38 10.12
C ASP A 42 46.53 -33.67 9.00
N TRP A 43 46.19 -34.95 8.86
CA TRP A 43 45.33 -35.40 7.78
C TRP A 43 43.88 -35.15 8.16
N GLY A 44 43.33 -34.05 7.68
CA GLY A 44 41.92 -33.76 7.95
C GLY A 44 40.99 -34.72 7.25
N HIS A 45 41.30 -35.09 6.01
CA HIS A 45 40.43 -35.95 5.20
C HIS A 45 40.70 -37.42 5.53
N ALA A 46 40.43 -37.77 6.78
CA ALA A 46 40.55 -39.16 7.19
C ALA A 46 39.43 -39.99 6.59
N PRO A 47 39.72 -41.23 6.21
CA PRO A 47 38.66 -42.09 5.65
C PRO A 47 37.66 -42.51 6.72
N GLN A 48 36.67 -43.32 6.33
CA GLN A 48 35.67 -43.78 7.28
C GLN A 48 36.32 -44.69 8.32
N LEU A 49 36.03 -44.44 9.58
CA LEU A 49 36.61 -45.25 10.65
C LEU A 49 35.59 -45.67 11.71
N GLY A 50 34.47 -44.96 11.82
CA GLY A 50 33.49 -45.29 12.83
C GLY A 50 32.27 -45.99 12.26
N VAL A 51 31.42 -46.48 13.16
CA VAL A 51 30.14 -47.07 12.79
C VAL A 51 29.23 -47.04 14.02
N ASN A 52 28.00 -46.59 13.82
CA ASN A 52 27.07 -46.41 14.92
C ASN A 52 26.42 -47.74 15.25
N PRO A 53 26.59 -48.26 16.47
CA PRO A 53 26.03 -49.57 16.79
C PRO A 53 24.51 -49.57 16.70
N ARG A 54 23.97 -50.73 16.34
CA ARG A 54 22.54 -50.90 16.14
C ARG A 54 22.08 -52.19 16.78
N GLY A 55 20.76 -52.34 16.90
CA GLY A 55 20.18 -53.54 17.47
C GLY A 55 19.84 -54.54 16.38
N LEU A 56 20.17 -55.80 16.64
CA LEU A 56 19.81 -56.88 15.72
C LEU A 56 18.38 -57.34 15.89
N LYS A 57 17.72 -56.94 16.97
CA LYS A 57 16.33 -57.25 17.29
C LYS A 57 15.55 -55.96 17.45
N PRO A 58 14.28 -55.94 17.06
CA PRO A 58 13.47 -54.74 17.31
C PRO A 58 13.34 -54.47 18.80
N ARG A 59 13.22 -53.18 19.14
CA ARG A 59 13.02 -52.73 20.52
C ARG A 59 14.22 -53.11 21.40
N VAL A 60 15.42 -52.80 20.92
CA VAL A 60 16.63 -53.08 21.69
C VAL A 60 17.40 -51.79 21.92
N LEU A 61 17.83 -51.15 20.84
CA LEU A 61 18.62 -49.93 20.91
C LEU A 61 17.85 -48.79 20.27
N TRP A 62 17.72 -47.69 20.98
CA TRP A 62 16.98 -46.53 20.50
C TRP A 62 17.89 -45.31 20.48
N GLN A 63 17.59 -44.39 19.57
CA GLN A 63 18.23 -43.09 19.53
C GLN A 63 17.16 -42.02 19.64
N MET A 64 17.45 -40.99 20.42
CA MET A 64 16.46 -39.96 20.75
C MET A 64 17.14 -38.60 20.75
N ASP A 65 16.50 -37.63 20.12
CA ASP A 65 17.02 -36.27 20.04
C ASP A 65 15.88 -35.34 19.69
N VAL A 66 16.16 -34.04 19.77
CA VAL A 66 15.19 -33.02 19.44
C VAL A 66 15.63 -32.27 18.19
N THR A 67 14.76 -31.38 17.72
CA THR A 67 15.04 -30.50 16.61
C THR A 67 14.28 -29.20 16.84
N HIS A 68 14.16 -28.38 15.80
CA HIS A 68 13.43 -27.13 15.92
C HIS A 68 12.72 -26.86 14.59
N VAL A 69 11.45 -27.25 14.51
CA VAL A 69 10.62 -26.96 13.35
C VAL A 69 9.94 -25.62 13.63
N SER A 70 10.50 -24.55 13.06
CA SER A 70 10.02 -23.20 13.38
C SER A 70 8.59 -22.97 12.91
N GLU A 71 8.06 -23.81 12.03
CA GLU A 71 6.71 -23.61 11.52
C GLU A 71 5.65 -23.83 12.59
N PHE A 72 6.01 -24.41 13.73
CA PHE A 72 5.04 -24.78 14.75
C PHE A 72 4.89 -23.73 15.85
N GLY A 73 5.56 -22.59 15.74
CA GLY A 73 5.43 -21.57 16.76
C GLY A 73 5.94 -22.06 18.10
N LYS A 74 5.09 -21.96 19.13
CA LYS A 74 5.48 -22.40 20.46
C LYS A 74 5.74 -23.89 20.53
N LEU A 75 5.25 -24.67 19.58
CA LEU A 75 5.46 -26.11 19.54
C LEU A 75 6.62 -26.49 18.63
N LYS A 76 7.64 -25.63 18.53
CA LYS A 76 8.75 -25.90 17.62
C LYS A 76 9.65 -27.02 18.11
N TYR A 77 9.63 -27.34 19.40
CA TYR A 77 10.49 -28.40 19.95
C TYR A 77 9.87 -29.74 19.61
N VAL A 78 10.39 -30.38 18.57
CA VAL A 78 9.95 -31.72 18.18
C VAL A 78 10.92 -32.73 18.76
N HIS A 79 10.39 -33.69 19.51
CA HIS A 79 11.18 -34.79 20.06
C HIS A 79 11.04 -35.99 19.13
N VAL A 80 12.17 -36.55 18.70
CA VAL A 80 12.18 -37.66 17.75
C VAL A 80 12.87 -38.85 18.40
N THR A 81 12.19 -39.99 18.41
CA THR A 81 12.74 -41.24 18.91
C THR A 81 12.59 -42.29 17.83
N VAL A 82 13.71 -42.86 17.39
CA VAL A 82 13.73 -43.81 16.29
C VAL A 82 14.44 -45.07 16.76
N ASP A 83 13.85 -46.22 16.44
CA ASP A 83 14.52 -47.49 16.69
C ASP A 83 15.71 -47.62 15.75
N THR A 84 16.68 -48.44 16.17
CA THR A 84 17.89 -48.58 15.37
C THR A 84 17.81 -49.74 14.39
N TYR A 85 16.86 -50.65 14.58
CA TYR A 85 16.77 -51.82 13.69
C TYR A 85 15.75 -51.61 12.57
N SER A 86 14.50 -51.38 12.94
CA SER A 86 13.41 -51.30 11.98
C SER A 86 13.15 -49.88 11.49
N HIS A 87 13.87 -48.89 12.00
CA HIS A 87 13.66 -47.49 11.65
C HIS A 87 12.24 -47.05 11.94
N PHE A 88 11.59 -47.69 12.91
CA PHE A 88 10.29 -47.25 13.38
C PHE A 88 10.44 -45.91 14.08
N THR A 89 9.81 -44.88 13.56
CA THR A 89 10.00 -43.52 14.06
C THR A 89 8.81 -43.11 14.91
N PHE A 90 8.99 -42.00 15.63
CA PHE A 90 7.94 -41.42 16.46
C PHE A 90 8.33 -39.99 16.80
N ALA A 91 7.31 -39.15 16.98
CA ALA A 91 7.58 -37.75 17.27
C ALA A 91 6.32 -37.09 17.83
N THR A 92 6.54 -36.14 18.73
CA THR A 92 5.48 -35.30 19.26
C THR A 92 5.96 -33.86 19.32
N ALA A 93 5.07 -32.93 18.97
CA ALA A 93 5.40 -31.51 19.01
C ALA A 93 5.01 -30.97 20.38
N ARG A 94 6.00 -30.89 21.27
CA ARG A 94 5.79 -30.42 22.64
C ARG A 94 6.55 -29.12 22.84
N THR A 95 5.88 -28.15 23.48
CA THR A 95 6.52 -26.86 23.72
C THR A 95 7.70 -27.02 24.68
N GLY A 96 8.78 -26.33 24.37
CA GLY A 96 9.97 -26.38 25.20
C GLY A 96 10.63 -27.75 25.21
N GLU A 97 11.65 -27.85 26.07
CA GLU A 97 12.36 -29.11 26.26
C GLU A 97 12.91 -29.12 27.68
N ALA A 98 12.51 -30.11 28.46
CA ALA A 98 12.92 -30.22 29.86
C ALA A 98 12.67 -31.64 30.32
N THR A 99 12.92 -31.89 31.60
CA THR A 99 12.64 -33.20 32.17
C THR A 99 11.16 -33.53 32.04
N LYS A 100 10.29 -32.54 32.21
CA LYS A 100 8.85 -32.76 32.05
C LYS A 100 8.51 -33.16 30.63
N ASP A 101 8.96 -32.36 29.66
CA ASP A 101 8.66 -32.64 28.26
C ASP A 101 9.26 -33.97 27.82
N VAL A 102 10.50 -34.23 28.21
CA VAL A 102 11.16 -35.47 27.82
C VAL A 102 10.45 -36.66 28.45
N LEU A 103 10.02 -36.54 29.71
CA LEU A 103 9.30 -37.64 30.35
C LEU A 103 7.97 -37.91 29.65
N GLN A 104 7.24 -36.86 29.30
CA GLN A 104 5.98 -37.05 28.59
C GLN A 104 6.21 -37.70 27.24
N HIS A 105 7.23 -37.25 26.51
CA HIS A 105 7.55 -37.84 25.22
C HIS A 105 7.96 -39.30 25.36
N LEU A 106 8.72 -39.62 26.41
CA LEU A 106 9.12 -41.01 26.64
C LEU A 106 7.92 -41.89 26.92
N ALA A 107 6.99 -41.41 27.75
CA ALA A 107 5.79 -42.20 28.03
C ALA A 107 4.97 -42.41 26.76
N GLN A 108 4.80 -41.37 25.96
CA GLN A 108 4.03 -41.50 24.73
C GLN A 108 4.71 -42.46 23.76
N SER A 109 6.04 -42.39 23.64
CA SER A 109 6.75 -43.32 22.77
C SER A 109 6.63 -44.74 23.28
N PHE A 110 6.74 -44.94 24.58
CA PHE A 110 6.58 -46.28 25.15
C PHE A 110 5.22 -46.84 24.83
N ALA A 111 4.17 -46.01 24.92
CA ALA A 111 2.87 -46.44 24.46
C ALA A 111 2.90 -46.77 22.98
N TYR A 112 3.59 -45.96 22.19
CA TYR A 112 3.60 -46.11 20.73
C TYR A 112 4.47 -47.26 20.25
N MET A 113 5.56 -47.57 20.94
CA MET A 113 6.48 -48.60 20.48
C MET A 113 6.59 -49.78 21.44
N GLY A 114 6.89 -49.52 22.71
CA GLY A 114 7.14 -50.57 23.68
C GLY A 114 8.49 -50.39 24.35
N ILE A 115 8.71 -51.21 25.37
CA ILE A 115 9.92 -51.10 26.19
C ILE A 115 11.14 -51.40 25.35
N PRO A 116 12.09 -50.46 25.26
CA PRO A 116 13.38 -50.77 24.62
C PRO A 116 14.40 -51.24 25.65
N GLN A 117 15.36 -52.02 25.17
CA GLN A 117 16.42 -52.52 26.06
C GLN A 117 17.27 -51.38 26.58
N LYS A 118 17.64 -50.44 25.73
CA LYS A 118 18.46 -49.31 26.14
C LYS A 118 18.29 -48.18 25.15
N ILE A 119 18.50 -46.96 25.63
CA ILE A 119 18.31 -45.74 24.85
C ILE A 119 19.62 -44.99 24.78
N LYS A 120 20.00 -44.55 23.58
CA LYS A 120 21.18 -43.73 23.37
C LYS A 120 20.74 -42.34 22.92
N THR A 121 21.23 -41.32 23.61
CA THR A 121 20.90 -39.94 23.26
C THR A 121 22.17 -39.14 23.07
N ASP A 122 22.04 -37.82 22.91
CA ASP A 122 23.20 -36.94 22.97
C ASP A 122 23.45 -36.59 24.43
N ASN A 123 24.33 -35.62 24.68
CA ASN A 123 24.65 -35.20 26.03
C ASN A 123 23.92 -33.93 26.42
N ALA A 124 22.68 -33.76 25.94
CA ALA A 124 21.92 -32.57 26.27
C ALA A 124 21.61 -32.54 27.76
N PRO A 125 21.53 -31.35 28.36
CA PRO A 125 21.33 -31.27 29.82
C PRO A 125 20.04 -31.92 30.29
N ALA A 126 18.99 -31.92 29.47
CA ALA A 126 17.73 -32.55 29.88
C ALA A 126 17.90 -34.04 30.11
N TYR A 127 18.65 -34.72 29.22
CA TYR A 127 18.85 -36.15 29.33
C TYR A 127 19.90 -36.53 30.38
N VAL A 128 20.45 -35.55 31.10
CA VAL A 128 21.44 -35.83 32.15
C VAL A 128 20.87 -35.59 33.54
N SER A 129 19.72 -34.92 33.65
CA SER A 129 19.14 -34.61 34.95
C SER A 129 18.88 -35.88 35.75
N ARG A 130 18.91 -35.74 37.07
CA ARG A 130 18.75 -36.90 37.94
C ARG A 130 17.36 -37.50 37.82
N SER A 131 16.34 -36.69 37.52
CA SER A 131 14.99 -37.23 37.41
C SER A 131 14.88 -38.24 36.27
N ILE A 132 15.45 -37.91 35.12
CA ILE A 132 15.43 -38.82 33.98
C ILE A 132 16.19 -40.10 34.31
N GLN A 133 17.35 -39.95 34.94
CA GLN A 133 18.15 -41.12 35.30
C GLN A 133 17.39 -42.04 36.23
N GLU A 134 16.73 -41.48 37.25
CA GLU A 134 15.99 -42.29 38.20
C GLU A 134 14.78 -42.94 37.55
N PHE A 135 14.08 -42.21 36.67
CA PHE A 135 12.95 -42.79 35.96
C PHE A 135 13.40 -43.98 35.12
N LEU A 136 14.48 -43.82 34.36
CA LEU A 136 14.98 -44.90 33.53
C LEU A 136 15.43 -46.08 34.39
N ALA A 137 16.10 -45.79 35.52
CA ALA A 137 16.54 -46.87 36.40
C ALA A 137 15.36 -47.64 36.96
N ARG A 138 14.29 -46.95 37.32
CA ARG A 138 13.08 -47.64 37.75
C ARG A 138 12.50 -48.48 36.62
N TRP A 139 12.58 -47.98 35.39
CA TRP A 139 11.99 -48.67 34.25
C TRP A 139 12.95 -49.67 33.61
N LYS A 140 14.10 -49.95 34.25
CA LYS A 140 15.03 -50.97 33.78
C LYS A 140 15.46 -50.72 32.35
N ILE A 141 16.01 -49.53 32.11
CA ILE A 141 16.47 -49.11 30.78
C ILE A 141 17.85 -48.49 30.92
N SER A 142 18.81 -49.00 30.17
CA SER A 142 20.15 -48.42 30.18
C SER A 142 20.19 -47.17 29.31
N HIS A 143 21.00 -46.21 29.74
CA HIS A 143 21.13 -44.93 29.05
C HIS A 143 22.60 -44.69 28.72
N VAL A 144 22.87 -44.33 27.46
CA VAL A 144 24.22 -44.04 26.99
C VAL A 144 24.21 -42.67 26.34
N THR A 145 25.18 -41.84 26.70
CA THR A 145 25.13 -40.42 26.34
C THR A 145 25.98 -40.08 25.11
N GLY A 146 27.09 -40.77 24.90
CA GLY A 146 27.94 -40.47 23.77
C GLY A 146 28.87 -39.29 24.03
N ILE A 147 29.83 -39.12 23.13
CA ILE A 147 30.83 -38.06 23.28
C ILE A 147 30.18 -36.71 23.03
N PRO A 148 30.46 -35.69 23.84
CA PRO A 148 29.91 -34.36 23.57
C PRO A 148 30.45 -33.79 22.27
N TYR A 149 29.64 -32.93 21.64
CA TYR A 149 30.00 -32.27 20.39
C TYR A 149 30.27 -33.27 19.28
N ASN A 150 29.37 -34.26 19.15
CA ASN A 150 29.51 -35.29 18.12
C ASN A 150 28.14 -35.70 17.62
N PRO A 151 27.61 -35.00 16.61
CA PRO A 151 26.35 -35.44 15.99
C PRO A 151 26.44 -36.80 15.34
N GLN A 152 27.60 -37.18 14.81
CA GLN A 152 27.73 -38.48 14.16
C GLN A 152 27.48 -39.63 15.12
N GLY A 153 27.59 -39.40 16.44
CA GLY A 153 27.18 -40.40 17.39
C GLY A 153 25.71 -40.76 17.28
N GLN A 154 24.87 -39.76 17.03
CA GLN A 154 23.43 -39.96 16.86
C GLN A 154 23.00 -39.75 15.41
N ALA A 155 23.94 -39.94 14.48
CA ALA A 155 23.69 -39.86 13.06
C ALA A 155 22.40 -40.54 12.62
N ILE A 156 22.03 -41.65 13.28
CA ILE A 156 20.79 -42.34 12.92
C ILE A 156 19.59 -41.44 13.14
N VAL A 157 19.49 -40.86 14.35
CA VAL A 157 18.33 -40.02 14.61
C VAL A 157 18.44 -38.71 13.84
N GLU A 158 19.65 -38.28 13.50
CA GLU A 158 19.77 -37.10 12.64
C GLU A 158 19.21 -37.36 11.25
N ARG A 159 19.52 -38.52 10.67
CA ARG A 159 18.94 -38.87 9.38
C ARG A 159 17.42 -39.01 9.49
N THR A 160 16.94 -39.58 10.59
CA THR A 160 15.51 -39.63 10.83
C THR A 160 14.92 -38.22 10.90
N HIS A 161 15.67 -37.28 11.47
CA HIS A 161 15.25 -35.88 11.48
C HIS A 161 15.09 -35.35 10.07
N GLN A 162 16.07 -35.65 9.21
CA GLN A 162 15.97 -35.23 7.81
C GLN A 162 14.71 -35.79 7.16
N ASN A 163 14.46 -37.08 7.37
CA ASN A 163 13.28 -37.71 6.77
C ASN A 163 11.99 -37.07 7.29
N ILE A 164 11.91 -36.83 8.60
CA ILE A 164 10.71 -36.26 9.19
C ILE A 164 10.49 -34.85 8.68
N LYS A 165 11.55 -34.05 8.58
CA LYS A 165 11.39 -32.69 8.06
C LYS A 165 10.92 -32.71 6.61
N ALA A 166 11.47 -33.62 5.80
CA ALA A 166 11.02 -33.73 4.42
C ALA A 166 9.54 -34.09 4.35
N GLN A 167 9.12 -35.06 5.17
CA GLN A 167 7.71 -35.46 5.15
C GLN A 167 6.81 -34.34 5.62
N LEU A 168 7.24 -33.60 6.65
CA LEU A 168 6.47 -32.45 7.13
C LEU A 168 6.31 -31.40 6.05
N ASN A 169 7.40 -31.09 5.33
CA ASN A 169 7.31 -30.12 4.25
C ASN A 169 6.35 -30.60 3.16
N LYS A 170 6.44 -31.88 2.79
CA LYS A 170 5.56 -32.42 1.78
C LYS A 170 4.10 -32.29 2.19
N LEU A 171 3.77 -32.75 3.39
CA LEU A 171 2.38 -32.73 3.83
C LEU A 171 1.87 -31.31 4.03
N GLN A 172 2.73 -30.42 4.53
CA GLN A 172 2.32 -29.02 4.70
C GLN A 172 2.00 -28.37 3.36
N LYS A 173 2.83 -28.62 2.35
CA LYS A 173 2.54 -28.10 1.02
C LYS A 173 1.30 -28.77 0.43
N ALA A 174 1.01 -30.02 0.85
CA ALA A 174 -0.13 -30.74 0.28
C ALA A 174 -1.44 -30.06 0.62
N GLY A 175 -1.61 -29.60 1.86
CA GLY A 175 -2.87 -29.01 2.24
C GLY A 175 -2.79 -28.32 3.58
N LYS A 176 -3.96 -27.95 4.10
CA LYS A 176 -4.09 -27.24 5.36
C LYS A 176 -4.49 -28.21 6.46
N TYR A 177 -3.78 -28.16 7.58
CA TYR A 177 -4.04 -29.04 8.71
C TYR A 177 -4.38 -28.22 9.95
N TYR A 178 -5.20 -28.81 10.82
CA TYR A 178 -5.75 -28.08 11.95
C TYR A 178 -4.67 -27.59 12.90
N THR A 179 -3.94 -28.52 13.51
CA THR A 179 -2.92 -28.22 14.49
C THR A 179 -1.64 -28.95 14.12
N PRO A 180 -0.49 -28.48 14.59
CA PRO A 180 0.76 -29.20 14.31
C PRO A 180 0.74 -30.64 14.80
N HIS A 181 -0.03 -30.93 15.86
CA HIS A 181 -0.18 -32.32 16.28
C HIS A 181 -0.81 -33.16 15.18
N HIS A 182 -1.82 -32.63 14.51
CA HIS A 182 -2.48 -33.37 13.43
C HIS A 182 -1.51 -33.63 12.28
N LEU A 183 -0.75 -32.59 11.89
CA LEU A 183 0.21 -32.74 10.80
C LEU A 183 1.27 -33.77 11.17
N LEU A 184 1.79 -33.71 12.39
CA LEU A 184 2.79 -34.67 12.81
C LEU A 184 2.22 -36.08 12.86
N ALA A 185 0.96 -36.22 13.28
CA ALA A 185 0.33 -37.53 13.30
C ALA A 185 0.23 -38.10 11.89
N HIS A 186 -0.18 -37.29 10.92
CA HIS A 186 -0.25 -37.78 9.55
C HIS A 186 1.13 -38.14 9.02
N ALA A 187 2.13 -37.32 9.31
CA ALA A 187 3.47 -37.59 8.82
C ALA A 187 4.00 -38.90 9.41
N LEU A 188 3.80 -39.10 10.71
CA LEU A 188 4.22 -40.36 11.33
C LEU A 188 3.47 -41.54 10.75
N PHE A 189 2.17 -41.39 10.50
CA PHE A 189 1.44 -42.48 9.87
C PHE A 189 2.06 -42.86 8.53
N VAL A 190 2.33 -41.87 7.69
CA VAL A 190 2.91 -42.15 6.38
C VAL A 190 4.26 -42.84 6.55
N LEU A 191 5.13 -42.27 7.36
CA LEU A 191 6.49 -42.80 7.50
C LEU A 191 6.49 -44.21 8.07
N ASN A 192 5.64 -44.47 9.06
CA ASN A 192 5.71 -45.71 9.82
C ASN A 192 4.80 -46.81 9.30
N HIS A 193 3.92 -46.53 8.35
CA HIS A 193 3.07 -47.59 7.80
C HIS A 193 2.97 -47.63 6.29
N VAL A 194 3.21 -46.54 5.58
CA VAL A 194 3.03 -46.50 4.14
C VAL A 194 4.35 -46.28 3.41
N ASN A 195 5.28 -45.53 3.99
CA ASN A 195 6.55 -45.24 3.33
C ASN A 195 7.38 -46.51 3.35
N MET A 196 7.02 -47.43 2.47
CA MET A 196 7.59 -48.77 2.44
C MET A 196 8.99 -48.76 1.86
N ASP A 197 9.79 -49.75 2.24
CA ASP A 197 11.13 -49.91 1.71
C ASP A 197 11.05 -50.52 0.31
N ASN A 198 12.20 -50.88 -0.25
CA ASN A 198 12.26 -51.49 -1.57
C ASN A 198 12.17 -53.01 -1.52
N GLN A 199 11.95 -53.60 -0.34
CA GLN A 199 11.82 -55.04 -0.20
C GLN A 199 10.38 -55.45 0.12
N GLY A 200 9.41 -54.59 -0.10
CA GLY A 200 8.04 -54.91 0.21
C GLY A 200 7.78 -55.06 1.69
N HIS A 201 8.31 -54.16 2.51
CA HIS A 201 8.21 -54.28 3.96
C HIS A 201 7.97 -52.91 4.56
N THR A 202 6.78 -52.68 5.10
CA THR A 202 6.51 -51.47 5.86
C THR A 202 7.31 -51.51 7.15
N ALA A 203 7.76 -50.33 7.58
CA ALA A 203 8.56 -50.24 8.80
C ALA A 203 7.83 -50.81 10.00
N ALA A 204 6.50 -50.68 10.03
CA ALA A 204 5.72 -51.19 11.16
C ALA A 204 5.89 -52.69 11.30
N GLU A 205 5.65 -53.44 10.22
CA GLU A 205 5.72 -54.89 10.35
C GLU A 205 7.15 -55.37 10.52
N ARG A 206 8.14 -54.58 10.05
CA ARG A 206 9.51 -54.86 10.41
C ARG A 206 9.72 -54.74 11.91
N HIS A 207 9.15 -53.71 12.52
CA HIS A 207 9.31 -53.50 13.96
C HIS A 207 8.58 -54.55 14.78
N TRP A 208 7.65 -55.30 14.19
CA TRP A 208 6.80 -56.17 14.99
C TRP A 208 6.53 -57.52 14.32
N GLY A 209 7.21 -57.81 13.21
CA GLY A 209 7.03 -59.08 12.54
C GLY A 209 8.12 -60.08 12.87
N PRO A 210 8.21 -61.14 12.08
CA PRO A 210 9.23 -62.16 12.34
C PRO A 210 10.62 -61.64 12.00
N ILE A 211 11.59 -62.00 12.84
CA ILE A 211 12.99 -61.71 12.57
C ILE A 211 13.51 -62.82 11.66
N SER A 212 13.36 -62.61 10.36
CA SER A 212 13.69 -63.62 9.35
C SER A 212 15.17 -63.59 9.07
N ALA A 213 15.71 -64.75 8.71
CA ALA A 213 17.13 -64.88 8.41
C ALA A 213 17.33 -65.93 7.33
N ASP A 214 17.90 -65.50 6.21
CA ASP A 214 18.32 -66.40 5.16
C ASP A 214 19.67 -66.99 5.54
N PRO A 215 20.20 -67.95 4.76
CA PRO A 215 21.59 -68.36 4.98
C PRO A 215 22.53 -67.17 5.02
N LYS A 216 23.09 -66.91 6.19
CA LYS A 216 23.90 -65.72 6.39
C LYS A 216 25.29 -65.93 5.81
N PRO A 217 25.85 -64.94 5.12
CA PRO A 217 27.14 -65.14 4.46
C PRO A 217 28.25 -65.39 5.47
N MET A 218 29.21 -66.22 5.07
CA MET A 218 30.35 -66.57 5.91
C MET A 218 31.56 -65.82 5.35
N VAL A 219 31.96 -64.73 6.02
CA VAL A 219 32.77 -63.71 5.39
C VAL A 219 34.06 -63.49 6.17
N MET A 220 35.11 -63.10 5.46
CA MET A 220 36.35 -62.64 6.08
C MET A 220 36.10 -61.33 6.82
N TRP A 221 37.12 -60.85 7.52
CA TRP A 221 36.96 -59.69 8.39
C TRP A 221 38.32 -59.17 8.81
N LYS A 222 38.48 -57.85 8.80
CA LYS A 222 39.68 -57.19 9.27
C LYS A 222 39.43 -56.56 10.63
N ASP A 223 40.12 -57.05 11.66
CA ASP A 223 39.98 -56.55 13.01
C ASP A 223 40.89 -55.36 13.20
N LEU A 224 40.31 -54.22 13.59
CA LEU A 224 41.11 -53.01 13.76
C LEU A 224 41.92 -53.04 15.06
N LEU A 225 41.38 -53.67 16.11
CA LEU A 225 42.05 -53.66 17.40
C LEU A 225 43.39 -54.35 17.34
N THR A 226 43.46 -55.53 16.72
CA THR A 226 44.71 -56.27 16.61
C THR A 226 45.46 -55.98 15.32
N GLY A 227 44.87 -55.25 14.39
CA GLY A 227 45.56 -54.89 13.17
C GLY A 227 45.84 -56.03 12.23
N SER A 228 45.02 -57.08 12.26
CA SER A 228 45.22 -58.24 11.41
C SER A 228 43.89 -58.69 10.82
N TRP A 229 43.97 -59.35 9.67
CA TRP A 229 42.79 -59.91 9.01
C TRP A 229 42.53 -61.29 9.62
N LYS A 230 41.49 -61.38 10.44
CA LYS A 230 41.13 -62.63 11.09
C LYS A 230 39.72 -63.05 10.69
N GLY A 231 39.56 -64.34 10.43
CA GLY A 231 38.28 -64.88 10.04
C GLY A 231 38.39 -66.35 9.68
N PRO A 232 37.34 -66.90 9.06
CA PRO A 232 36.10 -66.20 8.71
C PRO A 232 35.14 -66.10 9.89
N ASP A 233 34.10 -65.27 9.75
CA ASP A 233 33.11 -65.10 10.80
C ASP A 233 31.76 -64.80 10.17
N VAL A 234 30.70 -65.05 10.95
CA VAL A 234 29.35 -64.87 10.46
C VAL A 234 29.03 -63.39 10.37
N LEU A 235 28.49 -62.96 9.23
CA LEU A 235 28.08 -61.58 9.01
C LEU A 235 26.59 -61.48 9.33
N ILE A 236 26.28 -60.87 10.47
CA ILE A 236 24.88 -60.83 10.93
C ILE A 236 24.05 -59.99 9.98
N THR A 237 24.38 -58.71 9.84
CA THR A 237 23.68 -57.82 8.92
C THR A 237 24.69 -56.93 8.22
N ALA A 238 24.28 -56.40 7.07
CA ALA A 238 25.14 -55.52 6.29
C ALA A 238 24.27 -54.49 5.58
N GLY A 239 24.90 -53.39 5.19
CA GLY A 239 24.20 -52.31 4.52
C GLY A 239 25.14 -51.38 3.80
N ARG A 240 24.86 -50.08 3.87
CA ARG A 240 25.69 -49.06 3.23
C ARG A 240 26.63 -48.48 4.28
N GLY A 241 27.81 -49.08 4.39
CA GLY A 241 28.85 -48.56 5.26
C GLY A 241 29.00 -49.25 6.60
N TYR A 242 28.17 -50.24 6.90
CA TYR A 242 28.20 -50.89 8.20
C TYR A 242 28.08 -52.40 8.05
N ALA A 243 28.67 -53.12 9.00
CA ALA A 243 28.59 -54.57 9.03
C ALA A 243 28.72 -55.04 10.47
N CYS A 244 28.27 -56.26 10.73
CA CYS A 244 28.23 -56.82 12.07
C CYS A 244 28.71 -58.27 12.02
N VAL A 245 29.99 -58.47 12.30
CA VAL A 245 30.55 -59.81 12.38
C VAL A 245 30.51 -60.26 13.84
N PHE A 246 30.40 -61.57 14.04
CA PHE A 246 30.26 -62.16 15.37
C PHE A 246 31.21 -63.34 15.51
N PRO A 247 32.46 -63.08 15.89
CA PRO A 247 33.40 -64.19 16.13
C PRO A 247 32.93 -65.05 17.28
N GLN A 248 33.25 -66.35 17.18
CA GLN A 248 32.81 -67.30 18.21
C GLN A 248 33.41 -66.97 19.56
N ASP A 249 34.70 -66.64 19.59
CA ASP A 249 35.36 -66.28 20.84
C ASP A 249 34.93 -64.92 21.37
N ALA A 250 34.43 -64.04 20.50
CA ALA A 250 34.03 -62.71 20.93
C ALA A 250 32.84 -62.77 21.88
N GLU A 251 32.84 -61.86 22.85
CA GLU A 251 31.77 -61.86 23.85
C GLU A 251 30.53 -61.13 23.35
N SER A 252 30.66 -60.31 22.32
CA SER A 252 29.55 -59.56 21.76
C SER A 252 29.84 -59.25 20.30
N PRO A 253 28.82 -59.00 19.49
CA PRO A 253 29.04 -58.67 18.09
C PRO A 253 29.88 -57.40 17.94
N ILE A 254 30.66 -57.36 16.86
CA ILE A 254 31.56 -56.26 16.57
C ILE A 254 31.03 -55.51 15.36
N TRP A 255 30.94 -54.19 15.49
CA TRP A 255 30.49 -53.32 14.40
C TRP A 255 31.71 -52.72 13.72
N VAL A 256 31.85 -52.97 12.42
CA VAL A 256 32.96 -52.45 11.65
C VAL A 256 32.43 -51.89 10.32
N PRO A 257 33.07 -50.88 9.74
CA PRO A 257 32.60 -50.35 8.46
C PRO A 257 32.89 -51.32 7.32
N ASP A 258 32.27 -51.03 6.18
CA ASP A 258 32.35 -51.94 5.04
C ASP A 258 33.76 -52.03 4.47
N ARG A 259 34.61 -51.04 4.70
CA ARG A 259 35.97 -51.09 4.17
C ARG A 259 36.78 -52.23 4.76
N PHE A 260 36.39 -52.73 5.93
CA PHE A 260 37.12 -53.80 6.60
C PHE A 260 36.48 -55.17 6.40
N ILE A 261 35.51 -55.28 5.49
CA ILE A 261 34.84 -56.54 5.20
C ILE A 261 35.19 -56.96 3.79
N ARG A 262 35.71 -58.17 3.65
CA ARG A 262 36.15 -58.71 2.37
C ARG A 262 35.46 -60.06 2.15
N PRO A 263 34.85 -60.28 0.98
CA PRO A 263 34.13 -61.53 0.77
C PRO A 263 35.04 -62.74 0.84
N PHE A 264 34.48 -63.85 1.28
CA PHE A 264 35.24 -65.08 1.48
C PHE A 264 34.89 -66.12 0.44
N ALA B 1 13.91 -63.81 41.89
CA ALA B 1 13.22 -63.71 40.60
C ALA B 1 11.88 -63.03 40.76
N LEU B 2 11.03 -63.57 41.63
CA LEU B 2 9.71 -62.99 41.84
C LEU B 2 9.76 -61.59 42.44
N GLU B 3 10.90 -61.19 43.00
CA GLU B 3 11.07 -59.81 43.42
C GLU B 3 10.94 -58.86 42.24
N SER B 4 11.56 -59.21 41.11
CA SER B 4 11.40 -58.41 39.90
C SER B 4 9.95 -58.39 39.46
N ALA B 5 9.22 -59.50 39.65
CA ALA B 5 7.81 -59.52 39.33
C ALA B 5 7.03 -58.54 40.20
N GLN B 6 7.33 -58.51 41.50
CA GLN B 6 6.65 -57.57 42.38
C GLN B 6 6.96 -56.13 41.99
N GLU B 7 8.23 -55.85 41.65
CA GLU B 7 8.58 -54.49 41.23
C GLU B 7 7.86 -54.10 39.95
N SER B 8 7.80 -55.00 38.98
CA SER B 8 7.12 -54.70 37.72
C SER B 8 5.63 -54.49 37.94
N HIS B 9 5.01 -55.31 38.79
CA HIS B 9 3.60 -55.08 39.08
C HIS B 9 3.39 -53.79 39.85
N ALA B 10 4.34 -53.40 40.69
CA ALA B 10 4.24 -52.10 41.36
C ALA B 10 4.28 -50.97 40.35
N LEU B 11 5.15 -51.08 39.34
CA LEU B 11 5.24 -50.02 38.34
C LEU B 11 4.00 -49.97 37.46
N HIS B 12 3.56 -51.11 36.94
CA HIS B 12 2.55 -51.14 35.89
C HIS B 12 1.22 -51.77 36.30
N HIS B 13 1.23 -52.75 37.20
CA HIS B 13 0.02 -53.47 37.61
C HIS B 13 -0.65 -54.15 36.41
N GLN B 14 0.07 -55.11 35.84
CA GLN B 14 -0.47 -55.92 34.76
C GLN B 14 -1.06 -57.21 35.29
N ASN B 15 -1.81 -57.91 34.43
CA ASN B 15 -2.43 -59.16 34.81
C ASN B 15 -1.40 -60.26 35.00
N ALA B 16 -1.79 -61.29 35.77
CA ALA B 16 -0.84 -62.31 36.20
C ALA B 16 -0.24 -63.08 35.04
N ALA B 17 -1.00 -63.25 33.96
CA ALA B 17 -0.47 -63.96 32.80
C ALA B 17 0.80 -63.28 32.28
N ALA B 18 0.82 -61.95 32.30
CA ALA B 18 2.01 -61.22 31.89
C ALA B 18 3.19 -61.56 32.80
N LEU B 19 2.95 -61.63 34.11
CA LEU B 19 4.03 -61.96 35.04
C LEU B 19 4.58 -63.35 34.76
N ARG B 20 3.69 -64.33 34.56
CA ARG B 20 4.14 -65.70 34.37
C ARG B 20 4.79 -65.92 33.00
N PHE B 21 4.43 -65.11 32.00
CA PHE B 21 5.07 -65.22 30.70
C PHE B 21 6.30 -64.32 30.56
N GLN B 22 6.54 -63.43 31.52
CA GLN B 22 7.68 -62.54 31.47
C GLN B 22 8.81 -62.96 32.39
N PHE B 23 8.52 -63.37 33.62
CA PHE B 23 9.55 -63.69 34.59
C PHE B 23 9.57 -65.16 34.97
N HIS B 24 8.81 -66.01 34.27
CA HIS B 24 8.79 -67.45 34.52
C HIS B 24 8.38 -67.77 35.95
N ILE B 25 7.47 -66.97 36.51
CA ILE B 25 6.96 -67.24 37.84
C ILE B 25 5.82 -68.25 37.74
N THR B 26 5.57 -68.93 38.86
CA THR B 26 4.50 -69.93 38.89
C THR B 26 3.16 -69.22 38.83
N ARG B 27 2.19 -69.85 38.17
CA ARG B 27 0.94 -69.19 37.82
C ARG B 27 0.19 -68.69 39.05
N GLU B 28 -0.04 -69.57 40.03
CA GLU B 28 -0.80 -69.13 41.19
C GLU B 28 -0.02 -68.12 42.02
N GLN B 29 1.32 -68.19 41.98
CA GLN B 29 2.12 -67.17 42.65
C GLN B 29 1.83 -65.79 42.07
N ALA B 30 1.81 -65.69 40.73
CA ALA B 30 1.40 -64.45 40.11
C ALA B 30 -0.03 -64.10 40.47
N ARG B 31 -0.88 -65.11 40.71
CA ARG B 31 -2.24 -64.82 41.15
C ARG B 31 -2.26 -64.10 42.49
N GLU B 32 -1.47 -64.57 43.47
CA GLU B 32 -1.44 -63.83 44.74
C GLU B 32 -0.78 -62.47 44.56
N ILE B 33 0.24 -62.38 43.69
CA ILE B 33 0.90 -61.10 43.46
C ILE B 33 -0.10 -60.07 42.95
N VAL B 34 -0.97 -60.49 42.03
CA VAL B 34 -2.05 -59.61 41.57
C VAL B 34 -3.02 -59.33 42.72
N LYS B 35 -3.33 -60.36 43.51
CA LYS B 35 -4.24 -60.19 44.64
C LYS B 35 -3.67 -59.23 45.68
N LEU B 36 -2.37 -59.35 45.98
CA LEU B 36 -1.78 -58.56 47.05
C LEU B 36 -1.70 -57.07 46.72
N CYS B 37 -1.80 -56.70 45.46
CA CYS B 37 -1.77 -55.30 45.09
C CYS B 37 -2.99 -54.60 45.67
N PRO B 38 -2.82 -53.48 46.40
CA PRO B 38 -3.96 -52.90 47.12
C PRO B 38 -5.12 -52.47 46.23
N ASN B 39 -4.84 -51.98 45.02
CA ASN B 39 -5.89 -51.49 44.13
C ASN B 39 -6.15 -52.43 42.96
N CYS B 40 -5.68 -53.67 43.04
CA CYS B 40 -5.96 -54.64 42.00
C CYS B 40 -7.01 -55.62 42.51
N PRO B 41 -8.25 -55.57 42.02
CA PRO B 41 -9.33 -56.48 42.43
C PRO B 41 -9.03 -57.94 42.13
N GLY B 55 -14.82 -59.61 14.10
CA GLY B 55 -14.16 -59.96 12.86
C GLY B 55 -13.24 -61.16 12.99
N LEU B 56 -12.37 -61.33 11.99
CA LEU B 56 -11.40 -62.42 12.02
C LEU B 56 -9.99 -62.03 11.65
N LYS B 57 -9.77 -60.84 11.08
CA LYS B 57 -8.45 -60.42 10.62
C LYS B 57 -8.16 -59.02 11.14
N PRO B 58 -6.92 -58.73 11.50
CA PRO B 58 -6.58 -57.39 11.99
C PRO B 58 -6.73 -56.34 10.90
N ARG B 59 -6.91 -55.09 11.34
CA ARG B 59 -7.02 -53.94 10.46
C ARG B 59 -8.17 -54.09 9.47
N VAL B 60 -9.29 -54.64 9.95
CA VAL B 60 -10.46 -54.83 9.10
C VAL B 60 -11.61 -53.96 9.60
N LEU B 61 -12.06 -54.22 10.83
CA LEU B 61 -13.20 -53.52 11.39
C LEU B 61 -12.81 -52.91 12.73
N TRP B 62 -13.00 -51.61 12.86
CA TRP B 62 -12.74 -50.90 14.11
C TRP B 62 -14.06 -50.47 14.74
N GLN B 63 -13.94 -49.85 15.91
CA GLN B 63 -15.07 -49.24 16.58
C GLN B 63 -14.59 -47.98 17.29
N MET B 64 -15.47 -46.99 17.41
CA MET B 64 -15.19 -45.80 18.18
C MET B 64 -16.39 -45.41 19.02
N ASP B 65 -16.11 -44.68 20.10
CA ASP B 65 -17.14 -44.09 20.94
C ASP B 65 -16.46 -43.07 21.84
N VAL B 66 -17.28 -42.26 22.51
CA VAL B 66 -16.80 -41.24 23.42
C VAL B 66 -17.27 -41.56 24.82
N THR B 67 -16.36 -41.56 25.77
CA THR B 67 -16.65 -41.82 27.17
C THR B 67 -16.32 -40.59 27.99
N HIS B 68 -16.61 -40.65 29.29
CA HIS B 68 -16.40 -39.53 30.19
C HIS B 68 -15.66 -40.01 31.43
N VAL B 69 -14.60 -39.29 31.79
CA VAL B 69 -13.86 -39.53 33.03
C VAL B 69 -13.67 -38.20 33.73
N SER B 70 -14.09 -38.13 35.00
CA SER B 70 -14.10 -36.86 35.72
C SER B 70 -12.74 -36.49 36.30
N GLU B 71 -11.77 -37.41 36.31
CA GLU B 71 -10.48 -37.12 36.92
C GLU B 71 -9.68 -36.10 36.12
N PHE B 72 -9.99 -35.93 34.84
CA PHE B 72 -9.19 -35.05 34.00
C PHE B 72 -9.62 -33.59 34.09
N GLY B 73 -10.82 -33.32 34.60
CA GLY B 73 -11.27 -31.97 34.82
C GLY B 73 -11.79 -31.28 33.58
N LYS B 74 -10.88 -30.85 32.71
CA LYS B 74 -11.26 -30.22 31.45
C LYS B 74 -11.13 -31.16 30.25
N LEU B 75 -10.37 -32.25 30.39
CA LEU B 75 -10.20 -33.24 29.33
C LEU B 75 -11.02 -34.49 29.60
N LYS B 76 -12.24 -34.32 30.14
CA LYS B 76 -13.07 -35.46 30.50
C LYS B 76 -13.51 -36.28 29.29
N TYR B 77 -13.34 -35.76 28.08
CA TYR B 77 -13.77 -36.46 26.87
C TYR B 77 -12.61 -37.34 26.40
N VAL B 78 -12.86 -38.66 26.36
CA VAL B 78 -11.88 -39.64 25.94
C VAL B 78 -12.46 -40.44 24.79
N HIS B 79 -11.73 -40.49 23.67
CA HIS B 79 -12.11 -41.25 22.50
C HIS B 79 -11.27 -42.51 22.42
N VAL B 80 -11.91 -43.64 22.14
CA VAL B 80 -11.25 -44.94 22.16
C VAL B 80 -11.55 -45.65 20.84
N THR B 81 -10.50 -46.17 20.20
CA THR B 81 -10.63 -46.94 18.97
C THR B 81 -10.09 -48.34 19.22
N VAL B 82 -10.93 -49.34 19.05
CA VAL B 82 -10.59 -50.72 19.36
C VAL B 82 -10.77 -51.57 18.11
N ASP B 83 -9.72 -52.28 17.72
CA ASP B 83 -9.85 -53.27 16.66
C ASP B 83 -10.77 -54.39 17.11
N THR B 84 -11.67 -54.81 16.22
CA THR B 84 -12.68 -55.79 16.60
C THR B 84 -12.12 -57.19 16.73
N TYR B 85 -10.88 -57.43 16.27
CA TYR B 85 -10.29 -58.76 16.36
C TYR B 85 -9.18 -58.84 17.40
N SER B 86 -8.19 -57.97 17.30
CA SER B 86 -7.00 -58.06 18.13
C SER B 86 -7.13 -57.33 19.46
N HIS B 87 -8.20 -56.57 19.67
CA HIS B 87 -8.41 -55.78 20.88
C HIS B 87 -7.29 -54.77 21.11
N PHE B 88 -6.55 -54.44 20.06
CA PHE B 88 -5.53 -53.38 20.15
C PHE B 88 -6.24 -52.05 20.39
N THR B 89 -5.94 -51.41 21.51
CA THR B 89 -6.70 -50.26 21.99
C THR B 89 -5.83 -49.02 21.96
N PHE B 90 -6.37 -47.96 21.36
CA PHE B 90 -5.76 -46.63 21.42
C PHE B 90 -6.79 -45.64 21.94
N ALA B 91 -6.32 -44.68 22.73
CA ALA B 91 -7.20 -43.69 23.34
C ALA B 91 -6.56 -42.31 23.22
N THR B 92 -7.35 -41.29 23.58
CA THR B 92 -6.87 -39.92 23.55
C THR B 92 -7.75 -39.10 24.48
N ALA B 93 -7.18 -38.03 25.02
CA ALA B 93 -7.92 -37.07 25.82
C ALA B 93 -8.13 -35.80 25.01
N ARG B 94 -9.39 -35.35 24.93
CA ARG B 94 -9.72 -34.21 24.10
C ARG B 94 -10.68 -33.29 24.86
N THR B 95 -10.68 -32.02 24.46
CA THR B 95 -11.51 -31.04 25.13
C THR B 95 -12.99 -31.22 24.78
N GLY B 96 -13.29 -31.43 23.50
CA GLY B 96 -14.66 -31.52 23.05
C GLY B 96 -14.88 -32.74 22.18
N GLU B 97 -16.16 -33.00 21.90
CA GLU B 97 -16.57 -34.08 21.02
C GLU B 97 -16.95 -33.57 19.62
N ALA B 98 -16.49 -32.38 19.27
CA ALA B 98 -16.82 -31.81 17.97
C ALA B 98 -16.18 -32.62 16.85
N THR B 99 -16.65 -32.37 15.63
CA THR B 99 -16.15 -33.09 14.47
C THR B 99 -14.66 -32.88 14.29
N LYS B 100 -14.16 -31.69 14.61
CA LYS B 100 -12.73 -31.43 14.51
C LYS B 100 -11.93 -32.30 15.47
N ASP B 101 -12.40 -32.43 16.71
CA ASP B 101 -11.70 -33.26 17.68
C ASP B 101 -11.77 -34.73 17.30
N VAL B 102 -12.92 -35.18 16.80
CA VAL B 102 -13.05 -36.57 16.37
C VAL B 102 -12.12 -36.84 15.19
N LEU B 103 -12.00 -35.87 14.27
CA LEU B 103 -11.09 -36.04 13.14
C LEU B 103 -9.64 -36.11 13.61
N GLN B 104 -9.27 -35.25 14.56
CA GLN B 104 -7.91 -35.30 15.09
C GLN B 104 -7.62 -36.64 15.76
N HIS B 105 -8.59 -37.13 16.54
CA HIS B 105 -8.43 -38.43 17.18
C HIS B 105 -8.33 -39.54 16.13
N LEU B 106 -9.10 -39.44 15.04
CA LEU B 106 -8.98 -40.41 13.96
C LEU B 106 -7.59 -40.39 13.35
N ALA B 107 -7.04 -39.20 13.13
CA ALA B 107 -5.70 -39.11 12.54
C ALA B 107 -4.66 -39.72 13.46
N GLN B 108 -4.74 -39.41 14.76
CA GLN B 108 -3.76 -39.97 15.69
C GLN B 108 -3.94 -41.48 15.82
N SER B 109 -5.18 -41.97 15.79
CA SER B 109 -5.42 -43.41 15.82
C SER B 109 -4.86 -44.08 14.57
N PHE B 110 -5.00 -43.43 13.42
CA PHE B 110 -4.41 -43.97 12.20
C PHE B 110 -2.90 -44.06 12.32
N ALA B 111 -2.27 -43.01 12.86
CA ALA B 111 -0.83 -43.06 13.07
C ALA B 111 -0.45 -44.17 14.06
N TYR B 112 -1.34 -44.43 15.03
CA TYR B 112 -1.05 -45.46 16.03
C TYR B 112 -1.18 -46.87 15.46
N MET B 113 -2.22 -47.12 14.67
CA MET B 113 -2.60 -48.49 14.31
C MET B 113 -2.51 -48.76 12.82
N GLY B 114 -2.94 -47.83 11.98
CA GLY B 114 -2.87 -48.03 10.55
C GLY B 114 -4.14 -47.70 9.80
N ILE B 115 -4.42 -48.44 8.73
CA ILE B 115 -5.57 -48.21 7.86
C ILE B 115 -6.55 -49.35 8.05
N PRO B 116 -7.77 -49.10 8.51
CA PRO B 116 -8.78 -50.15 8.60
C PRO B 116 -9.63 -50.24 7.34
N GLN B 117 -10.20 -51.43 7.14
CA GLN B 117 -11.10 -51.63 6.01
C GLN B 117 -12.38 -50.84 6.18
N LYS B 118 -12.97 -50.88 7.37
CA LYS B 118 -14.22 -50.17 7.64
C LYS B 118 -14.29 -49.86 9.12
N ILE B 119 -14.97 -48.75 9.44
CA ILE B 119 -15.10 -48.26 10.80
C ILE B 119 -16.57 -48.19 11.16
N LYS B 120 -16.93 -48.77 12.31
CA LYS B 120 -18.29 -48.75 12.82
C LYS B 120 -18.34 -47.85 14.05
N THR B 121 -19.26 -46.88 14.03
CA THR B 121 -19.33 -45.88 15.08
C THR B 121 -20.73 -45.80 15.68
N ASP B 122 -20.96 -44.82 16.54
CA ASP B 122 -22.25 -44.57 17.14
C ASP B 122 -23.13 -43.82 16.14
N ASN B 123 -24.28 -43.31 16.60
CA ASN B 123 -25.16 -42.49 15.79
C ASN B 123 -25.11 -41.03 16.19
N ALA B 124 -24.02 -40.60 16.83
CA ALA B 124 -23.88 -39.21 17.22
C ALA B 124 -23.77 -38.32 15.98
N PRO B 125 -24.22 -37.07 16.08
CA PRO B 125 -24.15 -36.17 14.91
C PRO B 125 -22.73 -35.94 14.41
N ALA B 126 -21.74 -35.99 15.30
CA ALA B 126 -20.37 -35.67 14.88
C ALA B 126 -19.88 -36.64 13.82
N TYR B 127 -20.11 -37.94 14.00
CA TYR B 127 -19.70 -38.90 12.98
C TYR B 127 -20.56 -38.81 11.72
N VAL B 128 -21.85 -38.52 11.88
CA VAL B 128 -22.73 -38.41 10.72
C VAL B 128 -22.51 -37.09 9.98
N SER B 129 -21.82 -36.14 10.61
CA SER B 129 -21.60 -34.84 9.99
C SER B 129 -20.77 -34.99 8.72
N ARG B 130 -20.81 -33.94 7.90
CA ARG B 130 -20.20 -34.00 6.57
C ARG B 130 -18.69 -34.16 6.64
N SER B 131 -18.02 -33.30 7.42
CA SER B 131 -16.56 -33.25 7.41
C SER B 131 -15.95 -34.63 7.60
N ILE B 132 -16.41 -35.34 8.62
CA ILE B 132 -15.96 -36.72 8.84
C ILE B 132 -16.32 -37.59 7.66
N GLN B 133 -17.48 -37.35 7.03
CA GLN B 133 -17.92 -38.19 5.93
C GLN B 133 -16.93 -38.15 4.77
N GLU B 134 -16.59 -36.94 4.28
CA GLU B 134 -15.60 -36.95 3.19
C GLU B 134 -14.18 -37.23 3.69
N PHE B 135 -13.86 -36.97 4.96
CA PHE B 135 -12.55 -37.37 5.45
C PHE B 135 -12.36 -38.87 5.36
N LEU B 136 -13.39 -39.63 5.74
CA LEU B 136 -13.33 -41.09 5.58
C LEU B 136 -13.44 -41.49 4.12
N ALA B 137 -14.19 -40.72 3.31
CA ALA B 137 -14.33 -41.05 1.90
C ALA B 137 -12.99 -40.98 1.17
N ARG B 138 -12.19 -39.95 1.47
CA ARG B 138 -10.91 -39.80 0.79
C ARG B 138 -9.98 -40.96 1.08
N TRP B 139 -9.93 -41.42 2.32
CA TRP B 139 -9.01 -42.48 2.73
C TRP B 139 -9.52 -43.86 2.39
N LYS B 140 -10.58 -43.97 1.58
CA LYS B 140 -11.13 -45.26 1.16
C LYS B 140 -11.52 -46.13 2.36
N ILE B 141 -12.09 -45.49 3.38
CA ILE B 141 -12.49 -46.16 4.61
C ILE B 141 -14.01 -46.13 4.69
N SER B 142 -14.64 -47.28 4.51
CA SER B 142 -16.08 -47.37 4.63
C SER B 142 -16.52 -47.10 6.07
N HIS B 143 -17.69 -46.49 6.21
CA HIS B 143 -18.25 -46.11 7.51
C HIS B 143 -19.58 -46.84 7.66
N VAL B 144 -19.54 -48.06 8.18
CA VAL B 144 -20.75 -48.86 8.39
C VAL B 144 -21.30 -48.50 9.77
N THR B 145 -22.33 -47.65 9.79
CA THR B 145 -22.93 -47.23 11.06
C THR B 145 -24.00 -48.23 11.50
N GLY B 153 -23.81 -54.65 19.55
CA GLY B 153 -22.70 -54.49 18.62
C GLY B 153 -21.56 -53.66 19.19
N GLN B 154 -21.85 -52.96 20.28
CA GLN B 154 -20.85 -52.11 20.94
C GLN B 154 -20.34 -52.72 22.24
N ALA B 155 -20.51 -54.02 22.44
CA ALA B 155 -19.99 -54.66 23.64
C ALA B 155 -18.48 -54.57 23.69
N ILE B 156 -17.82 -54.74 22.54
CA ILE B 156 -16.36 -54.72 22.51
C ILE B 156 -15.82 -53.37 22.97
N VAL B 157 -16.34 -52.29 22.39
CA VAL B 157 -15.86 -50.96 22.75
C VAL B 157 -16.24 -50.60 24.18
N GLU B 158 -17.43 -51.01 24.63
CA GLU B 158 -17.82 -50.73 26.00
C GLU B 158 -17.00 -51.53 27.00
N ARG B 159 -16.67 -52.78 26.66
CA ARG B 159 -15.83 -53.58 27.53
C ARG B 159 -14.45 -52.94 27.69
N THR B 160 -13.89 -52.41 26.60
CA THR B 160 -12.61 -51.73 26.69
C THR B 160 -12.70 -50.45 27.51
N HIS B 161 -13.85 -49.76 27.44
CA HIS B 161 -14.02 -48.53 28.21
C HIS B 161 -13.84 -48.80 29.70
N GLN B 162 -14.46 -49.86 30.21
CA GLN B 162 -14.25 -50.24 31.60
C GLN B 162 -12.80 -50.59 31.87
N ASN B 163 -12.17 -51.31 30.92
CA ASN B 163 -10.79 -51.73 31.12
C ASN B 163 -9.86 -50.53 31.28
N ILE B 164 -10.03 -49.51 30.42
CA ILE B 164 -9.20 -48.31 30.54
C ILE B 164 -9.46 -47.62 31.87
N LYS B 165 -10.73 -47.46 32.24
CA LYS B 165 -11.04 -46.87 33.54
C LYS B 165 -10.52 -47.71 34.68
N ALA B 166 -10.64 -49.04 34.56
CA ALA B 166 -10.02 -49.92 35.55
C ALA B 166 -8.51 -49.77 35.55
N GLN B 167 -7.91 -49.67 34.35
CA GLN B 167 -6.47 -49.44 34.28
C GLN B 167 -6.09 -48.07 34.83
N LEU B 168 -6.88 -47.05 34.51
CA LEU B 168 -6.58 -45.72 35.02
C LEU B 168 -6.72 -45.66 36.54
N ASN B 169 -7.71 -46.36 37.09
CA ASN B 169 -7.82 -46.45 38.54
C ASN B 169 -6.62 -47.17 39.14
N LYS B 170 -6.15 -48.23 38.49
CA LYS B 170 -4.97 -48.95 38.96
C LYS B 170 -3.74 -48.05 38.96
N LEU B 171 -3.50 -47.35 37.84
CA LEU B 171 -2.31 -46.52 37.72
C LEU B 171 -2.32 -45.33 38.65
N GLN B 172 -3.48 -45.00 39.24
CA GLN B 172 -3.60 -43.83 40.11
C GLN B 172 -2.85 -43.99 41.42
N LYS B 173 -2.19 -45.12 41.66
CA LYS B 173 -1.42 -45.29 42.89
C LYS B 173 -0.33 -44.25 43.00
N ALA B 174 0.50 -44.13 41.95
CA ALA B 174 1.59 -43.15 41.92
C ALA B 174 1.10 -41.90 41.21
N GLY B 175 0.34 -41.09 41.95
CA GLY B 175 -0.27 -39.91 41.36
C GLY B 175 0.73 -38.82 41.06
N LYS B 176 1.74 -39.15 40.27
CA LYS B 176 2.77 -38.18 39.86
C LYS B 176 2.70 -37.85 38.39
N TYR B 177 1.71 -38.37 37.66
CA TYR B 177 1.60 -38.12 36.24
C TYR B 177 1.24 -36.66 35.99
N TYR B 178 1.99 -36.04 35.07
CA TYR B 178 1.90 -34.58 34.91
C TYR B 178 0.55 -34.16 34.33
N THR B 179 0.11 -34.82 33.27
CA THR B 179 -1.10 -34.45 32.56
C THR B 179 -1.93 -35.70 32.30
N PRO B 180 -3.23 -35.55 32.01
CA PRO B 180 -4.02 -36.71 31.61
C PRO B 180 -3.45 -37.41 30.38
N HIS B 181 -2.80 -36.66 29.49
CA HIS B 181 -2.12 -37.30 28.36
C HIS B 181 -1.09 -38.32 28.85
N HIS B 182 -0.29 -37.93 29.83
CA HIS B 182 0.77 -38.80 30.33
C HIS B 182 0.20 -40.07 30.94
N LEU B 183 -0.79 -39.92 31.82
CA LEU B 183 -1.39 -41.08 32.48
C LEU B 183 -2.10 -41.98 31.47
N LEU B 184 -2.82 -41.39 30.52
CA LEU B 184 -3.49 -42.18 29.51
C LEU B 184 -2.49 -42.93 28.64
N ALA B 185 -1.37 -42.29 28.31
CA ALA B 185 -0.33 -42.97 27.55
C ALA B 185 0.22 -44.16 28.32
N HIS B 186 0.44 -43.98 29.63
CA HIS B 186 0.92 -45.10 30.44
C HIS B 186 -0.10 -46.24 30.45
N ALA B 187 -1.37 -45.91 30.63
CA ALA B 187 -2.39 -46.95 30.67
C ALA B 187 -2.50 -47.68 29.35
N LEU B 188 -2.45 -46.94 28.24
CA LEU B 188 -2.47 -47.57 26.92
C LEU B 188 -1.25 -48.46 26.72
N PHE B 189 -0.08 -47.98 27.15
CA PHE B 189 1.13 -48.79 27.10
C PHE B 189 0.94 -50.11 27.81
N VAL B 190 0.41 -50.07 29.04
CA VAL B 190 0.22 -51.31 29.78
C VAL B 190 -0.75 -52.23 29.03
N LEU B 191 -1.92 -51.69 28.66
CA LEU B 191 -2.96 -52.52 28.05
C LEU B 191 -2.50 -53.12 26.74
N ASN B 192 -1.61 -52.44 26.02
CA ASN B 192 -1.20 -52.92 24.71
C ASN B 192 0.02 -53.84 24.78
N HIS B 193 1.12 -53.36 25.36
CA HIS B 193 2.38 -54.07 25.29
C HIS B 193 2.74 -54.84 26.54
N VAL B 194 1.87 -54.88 27.56
CA VAL B 194 2.20 -55.55 28.81
C VAL B 194 1.18 -56.65 29.15
N ASN B 195 -0.11 -56.34 29.04
CA ASN B 195 -1.12 -57.34 29.35
C ASN B 195 -1.09 -58.47 28.34
N MET B 196 -1.11 -59.71 28.83
CA MET B 196 -1.02 -60.90 27.99
C MET B 196 -2.37 -61.61 27.96
N ASP B 197 -2.57 -62.36 26.87
CA ASP B 197 -3.70 -63.26 26.77
C ASP B 197 -3.37 -64.56 27.50
N ASN B 198 -4.18 -65.60 27.31
CA ASN B 198 -3.87 -66.89 27.90
C ASN B 198 -2.74 -67.60 27.15
N GLN B 199 -2.61 -67.35 25.85
CA GLN B 199 -1.55 -67.99 25.07
C GLN B 199 -0.22 -67.28 25.19
N GLY B 200 -0.18 -66.08 25.77
CA GLY B 200 1.07 -65.38 25.96
C GLY B 200 1.50 -64.55 24.76
N HIS B 201 0.64 -63.64 24.32
CA HIS B 201 0.96 -62.73 23.23
C HIS B 201 0.56 -61.31 23.63
N THR B 202 1.35 -60.34 23.17
CA THR B 202 0.98 -58.95 23.39
C THR B 202 -0.22 -58.60 22.52
N ALA B 203 -0.89 -57.50 22.89
CA ALA B 203 -1.93 -56.97 22.02
C ALA B 203 -1.34 -56.55 20.68
N ALA B 204 -0.16 -55.94 20.71
CA ALA B 204 0.53 -55.57 19.48
C ALA B 204 0.85 -56.80 18.65
N GLU B 205 1.27 -57.89 19.29
CA GLU B 205 1.59 -59.11 18.55
C GLU B 205 0.38 -59.63 17.80
N ARG B 206 -0.78 -59.64 18.45
CA ARG B 206 -2.00 -60.03 17.76
C ARG B 206 -2.34 -59.06 16.63
N HIS B 207 -2.22 -57.75 16.89
CA HIS B 207 -2.68 -56.76 15.92
C HIS B 207 -1.83 -56.77 14.66
N TRP B 208 -0.52 -56.90 14.80
CA TRP B 208 0.36 -56.75 13.65
C TRP B 208 0.60 -58.06 12.92
N GLY B 209 0.04 -59.16 13.42
CA GLY B 209 -0.12 -60.38 12.66
C GLY B 209 1.11 -61.01 12.04
N PRO B 210 2.20 -61.16 12.78
CA PRO B 210 3.25 -62.08 12.31
C PRO B 210 2.92 -63.53 12.61
N ILE B 211 1.83 -63.79 13.32
CA ILE B 211 1.41 -65.15 13.66
C ILE B 211 0.53 -65.64 12.53
N SER B 212 1.18 -66.19 11.49
CA SER B 212 0.46 -66.86 10.41
C SER B 212 1.08 -68.23 10.20
N ALA B 213 2.37 -68.34 10.50
CA ALA B 213 3.09 -69.61 10.44
C ALA B 213 4.33 -69.47 11.34
N ASP B 214 4.89 -70.61 11.71
CA ASP B 214 6.08 -70.66 12.58
C ASP B 214 7.13 -71.55 11.92
N PRO B 215 7.80 -71.05 10.88
CA PRO B 215 8.84 -71.84 10.22
C PRO B 215 10.23 -71.69 10.83
N LYS B 216 10.44 -70.71 11.69
CA LYS B 216 11.76 -70.49 12.27
C LYS B 216 12.11 -71.60 13.24
N PRO B 217 13.34 -72.11 13.19
CA PRO B 217 13.74 -73.21 14.09
C PRO B 217 13.93 -72.70 15.50
N MET B 218 13.06 -73.14 16.41
CA MET B 218 13.17 -72.82 17.82
C MET B 218 13.88 -73.98 18.52
N VAL B 219 14.91 -73.65 19.30
CA VAL B 219 15.79 -74.64 19.90
C VAL B 219 15.84 -74.42 21.40
N MET B 220 15.94 -75.51 22.15
CA MET B 220 16.14 -75.41 23.59
C MET B 220 17.56 -74.92 23.87
N TRP B 221 17.72 -74.29 25.04
CA TRP B 221 18.96 -73.58 25.35
C TRP B 221 19.27 -73.71 26.83
N LYS B 222 20.45 -74.23 27.13
CA LYS B 222 20.89 -74.42 28.51
C LYS B 222 21.80 -73.27 28.91
N ASP B 223 21.49 -72.66 30.05
CA ASP B 223 22.28 -71.53 30.54
C ASP B 223 23.67 -72.01 30.97
N LEU B 224 24.67 -71.14 30.75
CA LEU B 224 26.00 -71.40 31.26
C LEU B 224 26.14 -70.98 32.72
N LEU B 225 25.51 -69.86 33.09
CA LEU B 225 25.65 -69.36 34.46
C LEU B 225 24.95 -70.26 35.46
N THR B 226 23.69 -70.64 35.17
CA THR B 226 22.90 -71.42 36.11
C THR B 226 22.84 -72.90 35.77
N GLY B 227 23.19 -73.29 34.55
CA GLY B 227 23.08 -74.68 34.16
C GLY B 227 21.66 -75.19 34.05
N SER B 228 20.69 -74.28 33.89
CA SER B 228 19.29 -74.65 33.74
C SER B 228 18.82 -74.28 32.34
N TRP B 229 18.09 -75.20 31.71
CA TRP B 229 17.63 -74.98 30.34
C TRP B 229 16.60 -73.87 30.30
N LYS B 230 16.80 -72.91 29.41
CA LYS B 230 15.88 -71.80 29.21
C LYS B 230 15.49 -71.75 27.74
N GLY B 231 14.20 -71.86 27.47
CA GLY B 231 13.70 -71.85 26.12
C GLY B 231 12.20 -71.96 26.05
N PRO B 232 11.63 -72.02 24.83
CA PRO B 232 12.36 -72.01 23.55
C PRO B 232 12.87 -70.63 23.18
N ASP B 233 13.76 -70.55 22.19
CA ASP B 233 14.34 -69.29 21.76
C ASP B 233 14.58 -69.33 20.26
N VAL B 234 14.66 -68.15 19.67
CA VAL B 234 14.91 -68.03 18.24
C VAL B 234 16.39 -68.26 17.96
N LEU B 235 16.68 -69.01 16.92
CA LEU B 235 18.05 -69.32 16.52
C LEU B 235 18.43 -68.50 15.31
N ILE B 236 19.66 -68.00 15.29
CA ILE B 236 20.13 -67.16 14.20
C ILE B 236 20.89 -68.01 13.19
N THR B 237 21.97 -68.65 13.64
CA THR B 237 22.78 -69.48 12.77
C THR B 237 23.51 -70.51 13.63
N ALA B 238 24.28 -71.38 12.96
CA ALA B 238 25.02 -72.42 13.65
C ALA B 238 26.22 -72.81 12.80
N GLY B 239 27.16 -73.50 13.43
CA GLY B 239 28.34 -73.97 12.73
C GLY B 239 29.47 -74.38 13.65
N ARG B 240 30.28 -75.35 13.21
CA ARG B 240 31.42 -75.85 13.98
C ARG B 240 31.00 -76.27 15.39
N GLY B 241 29.85 -76.92 15.48
CA GLY B 241 29.34 -77.33 16.78
C GLY B 241 29.00 -76.19 17.70
N TYR B 242 28.84 -74.99 17.17
CA TYR B 242 28.42 -73.82 17.95
C TYR B 242 27.14 -73.25 17.35
N ALA B 243 26.18 -72.97 18.23
CA ALA B 243 24.88 -72.45 17.82
C ALA B 243 24.74 -71.02 18.32
N CYS B 244 24.25 -70.14 17.44
CA CYS B 244 24.06 -68.72 17.76
C CYS B 244 22.63 -68.54 18.26
N VAL B 245 22.41 -68.90 19.51
CA VAL B 245 21.11 -68.69 20.15
C VAL B 245 20.96 -67.22 20.47
N PHE B 246 19.73 -66.72 20.36
CA PHE B 246 19.43 -65.31 20.57
C PHE B 246 18.25 -65.21 21.51
N PRO B 247 18.51 -65.21 22.82
CA PRO B 247 17.41 -65.23 23.79
C PRO B 247 16.50 -64.02 23.65
N GLN B 248 15.21 -64.24 23.90
CA GLN B 248 14.23 -63.17 23.76
C GLN B 248 14.50 -62.03 24.73
N ASP B 249 14.83 -62.37 25.98
CA ASP B 249 15.05 -61.37 27.01
C ASP B 249 16.46 -60.80 27.01
N ALA B 250 17.36 -61.37 26.22
CA ALA B 250 18.73 -60.89 26.19
C ALA B 250 18.84 -59.62 25.35
N GLU B 251 20.08 -59.16 25.18
CA GLU B 251 20.38 -57.99 24.37
C GLU B 251 21.16 -58.33 23.11
N SER B 252 22.05 -59.30 23.17
CA SER B 252 22.92 -59.66 22.07
C SER B 252 23.00 -61.17 21.97
N PRO B 253 23.30 -61.70 20.78
CA PRO B 253 23.39 -63.16 20.62
C PRO B 253 24.50 -63.75 21.48
N ILE B 254 24.28 -64.99 21.91
CA ILE B 254 25.21 -65.70 22.78
C ILE B 254 25.62 -66.99 22.09
N TRP B 255 26.93 -67.19 21.93
CA TRP B 255 27.44 -68.42 21.34
C TRP B 255 27.39 -69.55 22.35
N VAL B 256 26.95 -70.72 21.91
CA VAL B 256 26.76 -71.86 22.79
C VAL B 256 27.33 -73.11 22.14
N PRO B 257 28.10 -73.93 22.87
CA PRO B 257 28.54 -75.21 22.33
C PRO B 257 27.35 -76.13 22.09
N ASP B 258 27.47 -76.97 21.05
CA ASP B 258 26.37 -77.85 20.67
C ASP B 258 26.04 -78.88 21.75
N ARG B 259 26.93 -79.09 22.71
CA ARG B 259 26.62 -80.01 23.80
C ARG B 259 25.40 -79.56 24.59
N PHE B 260 25.23 -78.25 24.77
CA PHE B 260 24.10 -77.69 25.51
C PHE B 260 22.99 -77.22 24.58
N ILE B 261 22.83 -77.87 23.42
CA ILE B 261 21.84 -77.49 22.43
C ILE B 261 20.88 -78.66 22.25
N ARG B 262 19.60 -78.41 22.44
CA ARG B 262 18.57 -79.44 22.34
C ARG B 262 17.50 -79.00 21.35
N PRO B 263 17.34 -79.67 20.21
CA PRO B 263 16.28 -79.29 19.28
C PRO B 263 14.90 -79.37 19.92
N PHE B 264 14.02 -78.45 19.53
CA PHE B 264 12.69 -78.36 20.11
C PHE B 264 11.61 -78.53 19.05
N PRO C 217 53.07 -60.48 23.50
CA PRO C 217 53.04 -60.11 22.09
C PRO C 217 54.43 -59.85 21.51
N MET C 218 54.68 -60.38 20.32
CA MET C 218 55.97 -60.28 19.64
C MET C 218 55.76 -60.12 18.14
N VAL C 219 56.40 -59.09 17.58
CA VAL C 219 56.13 -58.70 16.20
C VAL C 219 57.42 -58.40 15.46
N MET C 220 57.35 -58.52 14.14
CA MET C 220 58.39 -58.05 13.23
C MET C 220 57.88 -56.77 12.59
N TRP C 221 58.58 -55.65 12.81
CA TRP C 221 58.20 -54.38 12.24
C TRP C 221 59.20 -53.97 11.18
N LYS C 222 58.71 -53.36 10.11
CA LYS C 222 59.53 -52.91 9.00
C LYS C 222 59.80 -51.43 9.15
N ASP C 223 61.08 -51.07 9.31
CA ASP C 223 61.45 -49.67 9.45
C ASP C 223 61.32 -48.99 8.09
N LEU C 224 60.13 -48.47 7.81
CA LEU C 224 59.79 -47.92 6.51
C LEU C 224 60.61 -46.69 6.14
N LEU C 225 61.39 -46.13 7.06
CA LEU C 225 62.39 -45.15 6.67
C LEU C 225 63.57 -45.81 5.98
N THR C 226 63.92 -47.04 6.38
CA THR C 226 65.02 -47.77 5.77
C THR C 226 64.56 -49.00 5.01
N GLY C 227 63.43 -49.61 5.38
CA GLY C 227 62.98 -50.81 4.73
C GLY C 227 63.52 -52.11 5.31
N SER C 228 64.33 -52.03 6.35
CA SER C 228 64.88 -53.22 6.98
C SER C 228 64.00 -53.69 8.13
N TRP C 229 63.82 -55.00 8.22
CA TRP C 229 62.95 -55.60 9.22
C TRP C 229 63.67 -55.68 10.57
N LYS C 230 63.89 -54.51 11.17
CA LYS C 230 64.52 -54.46 12.47
C LYS C 230 63.59 -55.02 13.54
N GLY C 231 64.17 -55.74 14.49
CA GLY C 231 63.40 -56.35 15.57
C GLY C 231 64.02 -57.67 16.00
N PRO C 232 63.24 -58.49 16.71
CA PRO C 232 61.86 -58.27 17.17
C PRO C 232 61.81 -57.30 18.33
N ASP C 233 60.63 -56.80 18.68
CA ASP C 233 60.47 -56.01 19.88
C ASP C 233 58.98 -55.95 20.22
N VAL C 234 58.67 -55.53 21.44
CA VAL C 234 57.34 -55.68 22.00
C VAL C 234 56.35 -54.75 21.29
N LEU C 235 55.10 -55.16 21.25
CA LEU C 235 54.00 -54.35 20.74
C LEU C 235 53.22 -53.78 21.91
N ILE C 236 52.93 -52.48 21.84
CA ILE C 236 52.24 -51.80 22.94
C ILE C 236 50.73 -51.82 22.69
N THR C 237 50.30 -51.20 21.59
CA THR C 237 48.88 -51.11 21.26
C THR C 237 48.75 -51.22 19.74
N ALA C 238 47.54 -50.95 19.25
CA ALA C 238 47.27 -50.98 17.82
C ALA C 238 45.99 -50.24 17.54
N GLY C 239 45.72 -50.02 16.27
CA GLY C 239 44.52 -49.33 15.82
C GLY C 239 44.83 -48.44 14.64
N ARG C 240 43.76 -48.00 13.98
CA ARG C 240 43.85 -47.12 12.81
C ARG C 240 44.69 -47.73 11.68
N GLY C 241 44.85 -49.04 11.66
CA GLY C 241 45.81 -49.65 10.77
C GLY C 241 47.25 -49.47 11.21
N TYR C 242 47.47 -48.97 12.42
CA TYR C 242 48.80 -48.70 12.94
C TYR C 242 49.05 -49.54 14.17
N ALA C 243 50.32 -49.87 14.40
CA ALA C 243 50.75 -50.61 15.58
C ALA C 243 51.82 -49.80 16.30
N CYS C 244 51.60 -49.54 17.59
CA CYS C 244 52.51 -48.72 18.38
C CYS C 244 53.61 -49.64 18.92
N VAL C 245 54.73 -49.69 18.20
CA VAL C 245 55.88 -50.49 18.59
C VAL C 245 56.85 -49.60 19.36
N PHE C 246 57.46 -50.16 20.40
CA PHE C 246 58.38 -49.44 21.27
C PHE C 246 59.73 -50.14 21.24
N PRO C 247 60.60 -49.80 20.29
CA PRO C 247 61.87 -50.51 20.15
C PRO C 247 62.85 -50.16 21.26
N GLN C 248 64.08 -50.67 21.16
CA GLN C 248 65.11 -50.36 22.15
C GLN C 248 65.38 -48.88 22.27
N ASP C 249 64.94 -48.07 21.30
CA ASP C 249 64.95 -46.63 21.42
C ASP C 249 64.15 -46.25 22.66
N ALA C 250 64.82 -45.71 23.67
CA ALA C 250 64.20 -45.53 24.97
C ALA C 250 63.18 -44.41 25.00
N GLU C 251 63.48 -43.28 24.37
CA GLU C 251 62.70 -42.07 24.64
C GLU C 251 61.32 -42.10 24.00
N SER C 252 61.14 -42.84 22.91
CA SER C 252 59.85 -42.76 22.23
C SER C 252 59.48 -44.01 21.46
N PRO C 253 58.20 -44.37 21.43
CA PRO C 253 57.74 -45.43 20.52
C PRO C 253 57.51 -44.89 19.13
N ILE C 254 57.24 -45.81 18.20
CA ILE C 254 56.97 -45.47 16.81
C ILE C 254 55.71 -46.16 16.35
N TRP C 255 55.06 -45.59 15.34
CA TRP C 255 53.86 -46.15 14.74
C TRP C 255 54.17 -46.60 13.32
N VAL C 256 53.73 -47.80 12.97
CA VAL C 256 53.92 -48.33 11.63
C VAL C 256 52.61 -48.92 11.12
N PRO C 257 52.33 -48.87 9.83
CA PRO C 257 51.10 -49.46 9.32
C PRO C 257 51.10 -50.98 9.45
N ASP C 258 49.90 -51.55 9.57
CA ASP C 258 49.77 -52.99 9.75
C ASP C 258 50.32 -53.77 8.59
N ARG C 259 50.35 -53.18 7.40
CA ARG C 259 50.88 -53.87 6.22
C ARG C 259 52.35 -54.23 6.39
N PHE C 260 53.04 -53.60 7.33
CA PHE C 260 54.46 -53.85 7.56
C PHE C 260 54.70 -54.47 8.94
N ILE C 261 53.74 -55.23 9.45
CA ILE C 261 53.86 -55.90 10.74
C ILE C 261 53.72 -57.39 10.53
N ARG C 262 54.71 -58.15 10.99
CA ARG C 262 54.68 -59.61 10.90
C ARG C 262 54.76 -60.20 12.30
N PRO C 263 53.69 -60.79 12.81
CA PRO C 263 53.75 -61.40 14.15
C PRO C 263 54.77 -62.53 14.18
N PHE C 264 55.48 -62.64 15.30
CA PHE C 264 56.51 -63.66 15.45
C PHE C 264 55.94 -64.91 16.11
N PRO D 217 52.87 -44.83 23.50
CA PRO D 217 51.63 -44.17 23.06
C PRO D 217 51.74 -42.65 23.16
N MET D 218 51.76 -41.97 22.02
CA MET D 218 51.91 -40.53 21.99
C MET D 218 51.33 -40.06 20.67
N VAL D 219 50.19 -39.36 20.71
CA VAL D 219 49.31 -39.28 19.55
C VAL D 219 48.68 -37.89 19.42
N MET D 220 48.51 -37.45 18.17
CA MET D 220 47.71 -36.27 17.87
C MET D 220 46.27 -36.47 18.31
N TRP D 221 45.50 -35.38 18.25
CA TRP D 221 44.05 -35.45 18.35
C TRP D 221 43.48 -34.10 17.95
N LYS D 222 42.20 -34.10 17.61
CA LYS D 222 41.48 -32.89 17.20
C LYS D 222 40.38 -32.60 18.18
N ASP D 223 40.34 -31.37 18.70
CA ASP D 223 39.25 -30.93 19.54
C ASP D 223 38.01 -30.72 18.66
N LEU D 224 36.88 -31.29 19.08
CA LEU D 224 35.69 -31.24 18.24
C LEU D 224 35.01 -29.89 18.27
N LEU D 225 35.31 -29.05 19.28
CA LEU D 225 34.63 -27.77 19.41
C LEU D 225 35.43 -26.64 18.74
N THR D 226 36.69 -26.46 19.15
CA THR D 226 37.49 -25.38 18.59
C THR D 226 37.75 -25.59 17.10
N GLY D 227 38.04 -26.82 16.70
CA GLY D 227 38.33 -27.13 15.32
C GLY D 227 39.80 -27.21 14.99
N SER D 228 40.68 -26.77 15.89
CA SER D 228 42.11 -26.82 15.66
C SER D 228 42.71 -28.03 16.35
N TRP D 229 43.72 -28.62 15.72
CA TRP D 229 44.34 -29.81 16.27
C TRP D 229 45.13 -29.47 17.53
N LYS D 230 45.04 -30.34 18.53
CA LYS D 230 45.85 -30.26 19.74
C LYS D 230 46.76 -31.48 19.79
N GLY D 231 48.02 -31.26 20.13
CA GLY D 231 48.95 -32.36 20.22
C GLY D 231 50.38 -31.90 20.38
N PRO D 232 51.29 -32.85 20.68
CA PRO D 232 51.00 -34.27 20.88
C PRO D 232 50.44 -34.53 22.27
N ASP D 233 49.83 -35.70 22.49
CA ASP D 233 49.23 -36.01 23.77
C ASP D 233 49.30 -37.52 23.99
N VAL D 234 49.11 -37.92 25.25
CA VAL D 234 49.19 -39.32 25.67
C VAL D 234 47.86 -40.02 25.45
N LEU D 235 47.92 -41.26 24.98
CA LEU D 235 46.74 -42.10 24.76
C LEU D 235 46.70 -43.20 25.82
N ILE D 236 45.50 -43.49 26.32
CA ILE D 236 45.36 -44.48 27.38
C ILE D 236 44.85 -45.78 26.79
N THR D 237 43.64 -45.74 26.24
CA THR D 237 43.01 -46.92 25.64
C THR D 237 42.27 -46.47 24.38
N ALA D 238 41.84 -47.45 23.60
CA ALA D 238 41.09 -47.19 22.39
C ALA D 238 40.27 -48.42 22.06
N GLY D 239 39.72 -48.45 20.85
CA GLY D 239 38.97 -49.59 20.40
C GLY D 239 37.62 -49.24 19.81
N ARG D 240 37.37 -49.72 18.59
CA ARG D 240 36.07 -49.60 17.95
C ARG D 240 35.65 -48.14 17.79
N GLY D 241 36.51 -47.36 17.15
CA GLY D 241 36.14 -46.03 16.68
C GLY D 241 36.21 -44.92 17.71
N TYR D 242 36.44 -45.22 18.98
CA TYR D 242 36.56 -44.19 20.00
C TYR D 242 37.80 -44.45 20.84
N ALA D 243 38.53 -43.37 21.14
CA ALA D 243 39.74 -43.44 21.95
C ALA D 243 39.66 -42.40 23.06
N CYS D 244 40.40 -42.65 24.13
CA CYS D 244 40.40 -41.79 25.31
C CYS D 244 41.79 -41.17 25.45
N VAL D 245 41.83 -39.84 25.57
CA VAL D 245 43.08 -39.08 25.60
C VAL D 245 43.13 -38.25 26.87
N PHE D 246 44.31 -38.17 27.48
CA PHE D 246 44.53 -37.47 28.73
C PHE D 246 45.66 -36.47 28.54
N PRO D 247 45.39 -35.34 27.89
CA PRO D 247 46.43 -34.32 27.73
C PRO D 247 46.88 -33.80 29.10
N GLN D 248 48.18 -33.51 29.20
CA GLN D 248 48.75 -33.05 30.46
C GLN D 248 48.24 -31.68 30.87
N ASP D 249 47.58 -30.95 29.98
CA ASP D 249 47.04 -29.64 30.29
C ASP D 249 45.64 -29.69 30.89
N ALA D 250 45.09 -30.89 31.10
CA ALA D 250 43.75 -31.05 31.64
C ALA D 250 43.79 -32.04 32.80
N GLU D 251 42.72 -32.03 33.59
CA GLU D 251 42.66 -32.87 34.78
C GLU D 251 41.92 -34.18 34.54
N SER D 252 41.10 -34.25 33.49
CA SER D 252 40.30 -35.43 33.24
C SER D 252 40.53 -35.94 31.82
N PRO D 253 40.42 -37.25 31.61
CA PRO D 253 40.56 -37.78 30.25
C PRO D 253 39.46 -37.28 29.34
N ILE D 254 39.79 -37.16 28.06
CA ILE D 254 38.87 -36.69 27.04
C ILE D 254 38.69 -37.77 25.99
N TRP D 255 37.44 -38.12 25.71
CA TRP D 255 37.12 -39.09 24.68
C TRP D 255 37.02 -38.39 23.33
N VAL D 256 37.34 -39.13 22.27
CA VAL D 256 37.36 -38.56 20.92
C VAL D 256 37.06 -39.66 19.92
N PRO D 257 36.24 -39.38 18.90
CA PRO D 257 36.03 -40.37 17.84
C PRO D 257 37.32 -40.63 17.08
N ASP D 258 37.45 -41.86 16.56
CA ASP D 258 38.69 -42.25 15.90
C ASP D 258 38.92 -41.51 14.60
N ARG D 259 37.89 -40.86 14.05
CA ARG D 259 38.06 -40.06 12.84
C ARG D 259 38.98 -38.86 13.05
N PHE D 260 39.25 -38.49 14.30
CA PHE D 260 40.08 -37.32 14.59
C PHE D 260 41.30 -37.71 15.40
N ILE D 261 41.96 -38.80 15.03
CA ILE D 261 43.14 -39.28 15.72
C ILE D 261 44.20 -39.63 14.69
N ARG D 262 45.41 -39.11 14.89
CA ARG D 262 46.53 -39.37 13.98
C ARG D 262 47.79 -39.63 14.78
N PRO D 263 48.61 -40.60 14.36
CA PRO D 263 49.79 -40.96 15.14
C PRO D 263 50.85 -39.88 15.12
N PHE D 264 51.71 -39.91 16.13
CA PHE D 264 52.82 -38.97 16.26
C PHE D 264 54.14 -39.74 16.40
N THR D 265 55.16 -39.26 15.71
CA THR D 265 56.47 -39.92 15.65
C THR D 265 56.35 -41.39 15.28
N ALA E 1 -6.28 -48.19 -12.56
CA ALA E 1 -5.25 -48.61 -11.62
C ALA E 1 -4.23 -47.50 -11.40
N LEU E 2 -3.65 -47.01 -12.49
CA LEU E 2 -2.64 -45.96 -12.40
C LEU E 2 -3.22 -44.68 -11.80
N GLU E 3 -4.45 -44.32 -12.21
CA GLU E 3 -5.08 -43.12 -11.66
C GLU E 3 -5.33 -43.26 -10.17
N SER E 4 -5.62 -44.46 -9.69
CA SER E 4 -5.72 -44.68 -8.25
C SER E 4 -4.39 -44.41 -7.58
N ALA E 5 -3.29 -44.84 -8.21
CA ALA E 5 -1.97 -44.52 -7.67
C ALA E 5 -1.74 -43.01 -7.63
N GLN E 6 -2.13 -42.31 -8.69
CA GLN E 6 -1.93 -40.87 -8.74
C GLN E 6 -2.69 -40.18 -7.61
N GLU E 7 -3.97 -40.53 -7.43
CA GLU E 7 -4.74 -39.89 -6.37
C GLU E 7 -4.24 -40.28 -4.98
N SER E 8 -3.81 -41.54 -4.81
CA SER E 8 -3.26 -41.95 -3.52
C SER E 8 -2.01 -41.16 -3.19
N HIS E 9 -1.13 -40.98 -4.17
CA HIS E 9 0.06 -40.15 -3.94
C HIS E 9 -0.35 -38.71 -3.62
N ALA E 10 -1.29 -38.15 -4.38
CA ALA E 10 -1.72 -36.78 -4.13
C ALA E 10 -2.28 -36.62 -2.72
N LEU E 11 -2.87 -37.68 -2.18
CA LEU E 11 -3.39 -37.59 -0.81
C LEU E 11 -2.28 -37.76 0.22
N HIS E 12 -1.51 -38.83 0.12
CA HIS E 12 -0.56 -39.19 1.17
C HIS E 12 0.89 -38.80 0.87
N HIS E 13 1.28 -38.72 -0.40
CA HIS E 13 2.69 -38.64 -0.79
C HIS E 13 3.49 -39.79 -0.18
N GLN E 14 3.17 -40.98 -0.68
CA GLN E 14 3.83 -42.21 -0.30
C GLN E 14 5.23 -42.24 -0.92
N ASN E 15 5.92 -43.36 -0.76
CA ASN E 15 7.19 -43.59 -1.43
C ASN E 15 6.95 -44.37 -2.72
N ALA E 16 7.91 -44.25 -3.64
CA ALA E 16 7.77 -44.89 -4.95
C ALA E 16 7.64 -46.40 -4.79
N ALA E 17 8.50 -47.00 -3.97
CA ALA E 17 8.42 -48.44 -3.75
C ALA E 17 7.10 -48.83 -3.10
N ALA E 18 6.54 -47.94 -2.26
CA ALA E 18 5.24 -48.22 -1.67
C ALA E 18 4.17 -48.34 -2.74
N LEU E 19 4.12 -47.39 -3.67
CA LEU E 19 3.16 -47.46 -4.76
C LEU E 19 3.39 -48.71 -5.59
N ARG E 20 4.65 -49.01 -5.89
CA ARG E 20 4.97 -50.17 -6.72
C ARG E 20 4.46 -51.46 -6.08
N PHE E 21 4.71 -51.63 -4.79
CA PHE E 21 4.29 -52.85 -4.11
C PHE E 21 2.79 -52.90 -3.83
N GLN E 22 2.13 -51.76 -3.67
CA GLN E 22 0.72 -51.78 -3.30
C GLN E 22 -0.20 -51.87 -4.52
N PHE E 23 0.15 -51.24 -5.63
CA PHE E 23 -0.74 -51.19 -6.79
C PHE E 23 -0.25 -51.99 -7.98
N HIS E 24 0.83 -52.75 -7.83
CA HIS E 24 1.33 -53.64 -8.87
C HIS E 24 1.55 -52.90 -10.20
N ILE E 25 2.46 -51.92 -10.15
CA ILE E 25 2.79 -51.10 -11.31
C ILE E 25 4.29 -51.15 -11.53
N THR E 26 4.70 -50.75 -12.72
CA THR E 26 6.12 -50.72 -13.07
C THR E 26 6.83 -49.69 -12.21
N ARG E 27 8.08 -49.99 -11.84
CA ARG E 27 8.82 -49.12 -10.93
C ARG E 27 9.00 -47.72 -11.52
N GLU E 28 9.35 -47.65 -12.81
CA GLU E 28 9.50 -46.34 -13.43
C GLU E 28 8.20 -45.55 -13.41
N GLN E 29 7.05 -46.24 -13.43
CA GLN E 29 5.78 -45.56 -13.29
C GLN E 29 5.67 -44.89 -11.93
N ALA E 30 6.10 -45.58 -10.88
CA ALA E 30 6.10 -44.99 -9.55
C ALA E 30 7.06 -43.81 -9.49
N ARG E 31 8.23 -43.93 -10.12
CA ARG E 31 9.18 -42.83 -10.12
C ARG E 31 8.60 -41.61 -10.81
N GLU E 32 7.91 -41.80 -11.93
CA GLU E 32 7.32 -40.66 -12.62
C GLU E 32 6.16 -40.07 -11.83
N ILE E 33 5.37 -40.92 -11.17
CA ILE E 33 4.27 -40.41 -10.36
C ILE E 33 4.80 -39.55 -9.23
N VAL E 34 5.88 -39.98 -8.57
CA VAL E 34 6.43 -39.16 -7.50
C VAL E 34 7.15 -37.94 -8.08
N LYS E 35 7.64 -38.03 -9.31
CA LYS E 35 8.26 -36.87 -9.95
C LYS E 35 7.24 -35.77 -10.20
N LEU E 36 6.07 -36.13 -10.73
CA LEU E 36 5.14 -35.13 -11.25
C LEU E 36 4.44 -34.32 -10.16
N CYS E 37 4.52 -34.72 -8.91
CA CYS E 37 3.82 -33.98 -7.86
C CYS E 37 4.55 -32.70 -7.53
N PRO E 38 3.91 -31.53 -7.66
CA PRO E 38 4.58 -30.28 -7.24
C PRO E 38 4.91 -30.25 -5.76
N ASN E 39 4.09 -30.87 -4.92
CA ASN E 39 4.31 -30.81 -3.48
C ASN E 39 5.61 -31.49 -3.07
N CYS E 40 5.92 -32.64 -3.67
CA CYS E 40 7.15 -33.34 -3.33
C CYS E 40 8.35 -32.47 -3.68
N PRO E 41 9.36 -32.40 -2.82
CA PRO E 41 10.49 -31.50 -3.09
C PRO E 41 11.28 -31.97 -4.30
N ASP E 42 11.87 -31.00 -4.99
CA ASP E 42 12.68 -31.30 -6.16
C ASP E 42 14.10 -31.65 -5.74
N TRP E 43 14.76 -32.42 -6.62
CA TRP E 43 16.04 -33.03 -6.28
C TRP E 43 17.10 -31.97 -6.07
N GLY E 44 17.83 -32.08 -4.96
CA GLY E 44 18.92 -31.17 -4.68
C GLY E 44 20.27 -31.84 -4.79
N HIS E 45 20.32 -33.14 -4.50
CA HIS E 45 21.57 -33.91 -4.52
C HIS E 45 21.90 -34.35 -5.95
N ALA E 46 21.91 -33.38 -6.84
CA ALA E 46 22.22 -33.64 -8.25
C ALA E 46 23.68 -34.08 -8.39
N PRO E 47 23.97 -35.08 -9.21
CA PRO E 47 25.37 -35.47 -9.43
C PRO E 47 26.12 -34.40 -10.20
N GLN E 48 27.43 -34.57 -10.36
CA GLN E 48 28.25 -33.54 -10.99
C GLN E 48 27.81 -33.29 -12.42
N LEU E 49 27.60 -32.01 -12.74
CA LEU E 49 27.34 -31.57 -14.10
C LEU E 49 28.23 -30.38 -14.42
N GLY E 50 28.62 -30.25 -15.68
CA GLY E 50 29.49 -29.19 -16.10
C GLY E 50 30.91 -29.39 -15.63
N VAL E 51 31.79 -28.51 -16.09
CA VAL E 51 33.21 -28.61 -15.79
C VAL E 51 33.91 -27.29 -16.14
N ASN E 52 34.90 -26.91 -15.36
CA ASN E 52 35.63 -25.68 -15.62
C ASN E 52 36.54 -25.87 -16.84
N PRO E 53 36.39 -25.08 -17.90
CA PRO E 53 37.27 -25.24 -19.06
C PRO E 53 38.69 -24.82 -18.74
N ARG E 54 39.63 -25.34 -19.53
CA ARG E 54 41.04 -25.06 -19.34
C ARG E 54 41.76 -25.17 -20.67
N GLY E 55 42.46 -24.11 -21.05
CA GLY E 55 43.15 -24.11 -22.32
C GLY E 55 44.18 -25.23 -22.40
N LEU E 56 44.20 -25.92 -23.55
CA LEU E 56 45.10 -27.03 -23.75
C LEU E 56 46.54 -26.61 -23.98
N LYS E 57 46.79 -25.31 -24.19
CA LYS E 57 48.12 -24.76 -24.33
C LYS E 57 48.47 -23.94 -23.10
N PRO E 58 49.72 -23.97 -22.65
CA PRO E 58 50.12 -23.08 -21.57
C PRO E 58 49.96 -21.62 -21.97
N ARG E 59 49.64 -20.78 -20.98
CA ARG E 59 49.47 -19.34 -21.18
C ARG E 59 48.33 -19.05 -22.16
N VAL E 60 47.16 -19.62 -21.87
CA VAL E 60 45.97 -19.34 -22.65
C VAL E 60 44.85 -18.87 -21.74
N LEU E 61 44.52 -19.67 -20.73
CA LEU E 61 43.41 -19.37 -19.84
C LEU E 61 43.91 -19.34 -18.40
N TRP E 62 43.70 -18.22 -17.73
CA TRP E 62 44.07 -18.06 -16.33
C TRP E 62 42.80 -17.98 -15.48
N GLN E 63 43.01 -17.95 -14.17
CA GLN E 63 41.95 -17.67 -13.22
C GLN E 63 42.50 -16.75 -12.16
N MET E 64 41.60 -16.01 -11.51
CA MET E 64 42.03 -14.99 -10.56
C MET E 64 40.96 -14.81 -9.49
N ASP E 65 41.41 -14.64 -8.25
CA ASP E 65 40.53 -14.34 -7.13
C ASP E 65 41.39 -13.85 -5.98
N VAL E 66 40.73 -13.31 -4.97
CA VAL E 66 41.40 -12.84 -3.77
C VAL E 66 41.08 -13.77 -2.62
N THR E 67 41.77 -13.58 -1.50
CA THR E 67 41.54 -14.37 -0.30
C THR E 67 41.86 -13.48 0.90
N HIS E 68 42.00 -14.08 2.06
CA HIS E 68 42.27 -13.34 3.29
C HIS E 68 43.20 -14.15 4.18
N VAL E 69 44.47 -13.72 4.25
CA VAL E 69 45.45 -14.32 5.15
C VAL E 69 45.52 -13.38 6.35
N SER E 70 44.71 -13.69 7.37
CA SER E 70 44.60 -12.80 8.53
C SER E 70 45.90 -12.68 9.30
N GLU E 71 46.82 -13.64 9.13
CA GLU E 71 48.10 -13.57 9.83
C GLU E 71 48.98 -12.45 9.28
N PHE E 72 48.66 -11.90 8.11
CA PHE E 72 49.47 -10.86 7.49
C PHE E 72 49.13 -9.47 7.98
N GLY E 73 48.12 -9.32 8.84
CA GLY E 73 47.74 -8.01 9.34
C GLY E 73 47.19 -7.09 8.27
N LYS E 74 47.81 -5.93 8.09
CA LYS E 74 47.33 -4.96 7.11
C LYS E 74 47.47 -5.45 5.68
N LEU E 75 48.31 -6.45 5.43
CA LEU E 75 48.54 -6.99 4.09
C LEU E 75 47.78 -8.29 3.87
N LYS E 76 46.57 -8.40 4.42
CA LYS E 76 45.84 -9.65 4.37
C LYS E 76 45.22 -9.94 3.02
N TYR E 77 45.09 -8.95 2.15
CA TYR E 77 44.46 -9.14 0.85
C TYR E 77 45.48 -9.77 -0.10
N VAL E 78 45.33 -11.06 -0.38
CA VAL E 78 46.23 -11.80 -1.25
C VAL E 78 45.53 -12.04 -2.58
N HIS E 79 46.20 -11.69 -3.67
CA HIS E 79 45.70 -11.95 -5.01
C HIS E 79 46.42 -13.16 -5.57
N VAL E 80 45.67 -14.09 -6.15
CA VAL E 80 46.20 -15.35 -6.64
C VAL E 80 45.83 -15.50 -8.11
N THR E 81 46.83 -15.82 -8.93
CA THR E 81 46.63 -16.02 -10.36
C THR E 81 47.28 -17.33 -10.76
N VAL E 82 46.48 -18.28 -11.22
CA VAL E 82 46.96 -19.63 -11.54
C VAL E 82 46.53 -19.97 -12.96
N ASP E 83 47.48 -20.49 -13.75
CA ASP E 83 47.15 -20.99 -15.07
C ASP E 83 46.31 -22.26 -14.94
N THR E 84 45.66 -22.65 -16.03
CA THR E 84 44.77 -23.80 -15.99
C THR E 84 45.37 -25.03 -16.63
N TYR E 85 46.26 -24.87 -17.61
CA TYR E 85 46.86 -26.04 -18.25
C TYR E 85 47.90 -26.69 -17.33
N SER E 86 48.69 -25.88 -16.64
CA SER E 86 49.85 -26.37 -15.91
C SER E 86 49.78 -26.15 -14.40
N HIS E 87 48.79 -25.42 -13.90
CA HIS E 87 48.67 -25.09 -12.48
C HIS E 87 49.88 -24.30 -11.99
N PHE E 88 50.53 -23.56 -12.89
CA PHE E 88 51.53 -22.58 -12.47
C PHE E 88 50.83 -21.47 -11.69
N THR E 89 51.32 -21.18 -10.50
CA THR E 89 50.67 -20.23 -9.60
C THR E 89 51.59 -19.06 -9.29
N PHE E 90 50.97 -17.91 -9.07
CA PHE E 90 51.67 -16.70 -8.65
C PHE E 90 50.76 -15.91 -7.72
N ALA E 91 51.36 -15.21 -6.77
CA ALA E 91 50.56 -14.48 -5.80
C ALA E 91 51.37 -13.32 -5.23
N THR E 92 50.65 -12.30 -4.77
CA THR E 92 51.23 -11.16 -4.07
C THR E 92 50.32 -10.80 -2.91
N ALA E 93 50.86 -10.03 -1.97
CA ALA E 93 50.13 -9.59 -0.79
C ALA E 93 50.03 -8.07 -0.84
N ARG E 94 48.92 -7.56 -1.38
CA ARG E 94 48.69 -6.14 -1.53
C ARG E 94 47.72 -5.67 -0.46
N THR E 95 48.02 -4.54 0.17
CA THR E 95 47.11 -4.01 1.18
C THR E 95 45.78 -3.60 0.54
N GLY E 96 44.70 -4.20 1.04
CA GLY E 96 43.43 -4.00 0.40
C GLY E 96 43.43 -4.54 -1.02
N GLU E 97 42.39 -4.17 -1.76
CA GLU E 97 42.31 -4.52 -3.17
C GLU E 97 41.46 -3.47 -3.86
N ALA E 98 41.89 -3.02 -5.03
CA ALA E 98 41.18 -2.00 -5.79
C ALA E 98 41.70 -2.04 -7.22
N THR E 99 41.33 -1.04 -8.02
CA THR E 99 41.80 -0.99 -9.39
C THR E 99 43.32 -0.89 -9.45
N LYS E 100 43.91 -0.04 -8.62
CA LYS E 100 45.36 0.10 -8.60
C LYS E 100 46.04 -1.18 -8.15
N ASP E 101 45.53 -1.80 -7.06
CA ASP E 101 46.15 -3.00 -6.54
C ASP E 101 46.03 -4.16 -7.53
N VAL E 102 44.84 -4.33 -8.11
CA VAL E 102 44.64 -5.39 -9.08
C VAL E 102 45.52 -5.16 -10.31
N LEU E 103 45.66 -3.91 -10.73
CA LEU E 103 46.51 -3.61 -11.87
C LEU E 103 47.97 -3.94 -11.59
N GLN E 104 48.46 -3.58 -10.40
CA GLN E 104 49.84 -3.90 -10.04
C GLN E 104 50.05 -5.41 -9.97
N HIS E 105 49.10 -6.12 -9.36
CA HIS E 105 49.20 -7.57 -9.30
C HIS E 105 49.17 -8.20 -10.69
N LEU E 106 48.34 -7.65 -11.58
CA LEU E 106 48.29 -8.14 -12.94
C LEU E 106 49.60 -7.94 -13.66
N ALA E 107 50.22 -6.76 -13.49
CA ALA E 107 51.52 -6.51 -14.13
C ALA E 107 52.57 -7.46 -13.58
N GLN E 108 52.58 -7.67 -12.28
CA GLN E 108 53.54 -8.60 -11.68
C GLN E 108 53.34 -10.01 -12.23
N SER E 109 52.09 -10.47 -12.31
CA SER E 109 51.82 -11.81 -12.82
C SER E 109 52.21 -11.92 -14.29
N PHE E 110 51.94 -10.88 -15.09
CA PHE E 110 52.36 -10.90 -16.49
C PHE E 110 53.87 -11.04 -16.59
N ALA E 111 54.61 -10.28 -15.78
CA ALA E 111 56.05 -10.42 -15.77
C ALA E 111 56.49 -11.82 -15.36
N TYR E 112 55.77 -12.42 -14.40
CA TYR E 112 56.17 -13.71 -13.85
C TYR E 112 55.81 -14.88 -14.76
N MET E 113 54.71 -14.79 -15.51
CA MET E 113 54.26 -15.90 -16.34
C MET E 113 54.34 -15.58 -17.83
N GLY E 114 53.69 -14.51 -18.29
CA GLY E 114 53.63 -14.22 -19.71
C GLY E 114 52.28 -13.71 -20.13
N ILE E 115 52.10 -13.45 -21.41
CA ILE E 115 50.83 -12.93 -21.93
C ILE E 115 49.80 -14.05 -21.96
N PRO E 116 48.67 -13.91 -21.26
CA PRO E 116 47.59 -14.89 -21.38
C PRO E 116 46.57 -14.49 -22.43
N GLN E 117 46.02 -15.51 -23.10
CA GLN E 117 45.00 -15.25 -24.10
C GLN E 117 43.74 -14.66 -23.48
N LYS E 118 43.32 -15.18 -22.33
CA LYS E 118 42.15 -14.66 -21.66
C LYS E 118 42.22 -15.02 -20.18
N ILE E 119 41.47 -14.26 -19.38
CA ILE E 119 41.44 -14.44 -17.93
C ILE E 119 39.99 -14.59 -17.49
N LYS E 120 39.72 -15.57 -16.64
CA LYS E 120 38.40 -15.79 -16.07
C LYS E 120 38.45 -15.49 -14.58
N THR E 121 37.59 -14.59 -14.13
CA THR E 121 37.57 -14.19 -12.73
C THR E 121 36.18 -14.36 -12.14
N ASP E 122 35.97 -13.84 -10.94
CA ASP E 122 34.63 -13.75 -10.38
C ASP E 122 34.01 -12.42 -10.81
N ASN E 123 32.88 -12.05 -10.21
CA ASN E 123 32.20 -10.81 -10.55
C ASN E 123 32.42 -9.72 -9.50
N ALA E 124 33.62 -9.66 -8.93
CA ALA E 124 33.92 -8.61 -7.97
C ALA E 124 33.91 -7.25 -8.67
N PRO E 125 33.58 -6.18 -7.93
CA PRO E 125 33.48 -4.86 -8.57
C PRO E 125 34.77 -4.40 -9.24
N ALA E 126 35.93 -4.75 -8.67
CA ALA E 126 37.19 -4.34 -9.27
C ALA E 126 37.37 -4.94 -10.66
N TYR E 127 37.08 -6.24 -10.81
CA TYR E 127 37.22 -6.87 -12.12
C TYR E 127 36.13 -6.46 -13.09
N VAL E 128 35.02 -5.91 -12.59
CA VAL E 128 33.93 -5.45 -13.45
C VAL E 128 34.10 -3.99 -13.84
N SER E 129 34.83 -3.20 -13.04
CA SER E 129 35.04 -1.79 -13.37
C SER E 129 35.68 -1.65 -14.74
N ARG E 130 35.36 -0.54 -15.42
CA ARG E 130 35.80 -0.38 -16.80
C ARG E 130 37.32 -0.31 -16.89
N SER E 131 37.97 0.35 -15.94
CA SER E 131 39.41 0.63 -16.04
C SER E 131 40.18 -0.64 -16.37
N ILE E 132 39.88 -1.73 -15.66
CA ILE E 132 40.48 -3.02 -15.99
C ILE E 132 40.13 -3.43 -17.41
N GLN E 133 38.91 -3.11 -17.85
CA GLN E 133 38.48 -3.53 -19.19
C GLN E 133 39.32 -2.86 -20.27
N GLU E 134 39.48 -1.54 -20.22
CA GLU E 134 40.33 -0.96 -21.27
C GLU E 134 41.80 -1.26 -21.05
N PHE E 135 42.23 -1.55 -19.81
CA PHE E 135 43.61 -2.01 -19.63
C PHE E 135 43.83 -3.32 -20.39
N LEU E 136 42.94 -4.29 -20.20
CA LEU E 136 43.06 -5.56 -20.91
C LEU E 136 42.91 -5.35 -22.42
N ALA E 137 42.04 -4.41 -22.82
CA ALA E 137 41.89 -4.11 -24.24
C ALA E 137 43.20 -3.60 -24.83
N ARG E 138 43.88 -2.71 -24.12
CA ARG E 138 45.18 -2.24 -24.57
C ARG E 138 46.19 -3.38 -24.59
N TRP E 139 46.09 -4.31 -23.64
CA TRP E 139 46.99 -5.46 -23.61
C TRP E 139 46.47 -6.63 -24.42
N LYS E 140 45.33 -6.49 -25.10
CA LYS E 140 44.78 -7.51 -25.99
C LYS E 140 44.58 -8.84 -25.27
N ILE E 141 43.85 -8.77 -24.15
CA ILE E 141 43.55 -9.93 -23.33
C ILE E 141 42.05 -9.98 -23.11
N SER E 142 41.41 -11.04 -23.61
CA SER E 142 39.98 -11.22 -23.41
C SER E 142 39.69 -11.45 -21.92
N HIS E 143 38.49 -11.08 -21.51
CA HIS E 143 38.09 -11.21 -20.11
C HIS E 143 36.73 -11.90 -20.04
N VAL E 144 36.55 -12.70 -18.98
CA VAL E 144 35.30 -13.41 -18.73
C VAL E 144 34.86 -13.06 -17.32
N THR E 145 33.57 -13.26 -17.02
CA THR E 145 33.01 -12.85 -15.74
C THR E 145 32.62 -14.01 -14.85
N GLY E 146 31.91 -15.00 -15.37
CA GLY E 146 31.43 -16.09 -14.56
C GLY E 146 30.10 -15.78 -13.90
N ILE E 147 29.36 -16.85 -13.60
CA ILE E 147 28.03 -16.70 -13.02
C ILE E 147 28.18 -16.19 -11.58
N PRO E 148 27.40 -15.19 -11.17
CA PRO E 148 27.52 -14.66 -9.81
C PRO E 148 27.18 -15.73 -8.77
N TYR E 149 27.86 -15.63 -7.62
CA TYR E 149 27.61 -16.50 -6.47
C TYR E 149 27.85 -17.97 -6.80
N ASN E 150 28.81 -18.25 -7.68
CA ASN E 150 29.14 -19.61 -8.09
C ASN E 150 30.64 -19.82 -7.99
N PRO E 151 31.14 -20.14 -6.79
CA PRO E 151 32.59 -20.40 -6.64
C PRO E 151 33.10 -21.54 -7.51
N GLN E 152 32.25 -22.50 -7.86
CA GLN E 152 32.67 -23.57 -8.75
C GLN E 152 33.17 -23.02 -10.08
N GLY E 153 32.68 -21.84 -10.49
CA GLY E 153 33.21 -21.20 -11.68
C GLY E 153 34.68 -20.84 -11.57
N GLN E 154 35.19 -20.70 -10.36
CA GLN E 154 36.60 -20.44 -10.11
C GLN E 154 37.20 -21.53 -9.23
N ALA E 155 36.61 -22.72 -9.27
CA ALA E 155 37.07 -23.86 -8.48
C ALA E 155 38.58 -24.07 -8.57
N ILE E 156 39.16 -23.84 -9.75
CA ILE E 156 40.60 -24.10 -9.91
C ILE E 156 41.41 -23.18 -9.01
N VAL E 157 41.14 -21.87 -9.08
CA VAL E 157 41.88 -20.95 -8.24
C VAL E 157 41.47 -21.11 -6.77
N GLU E 158 40.29 -21.65 -6.51
CA GLU E 158 39.91 -21.91 -5.13
C GLU E 158 40.75 -23.05 -4.53
N ARG E 159 40.93 -24.12 -5.31
CA ARG E 159 41.84 -25.19 -4.90
C ARG E 159 43.26 -24.66 -4.75
N THR E 160 43.68 -23.77 -5.65
CA THR E 160 44.99 -23.15 -5.49
C THR E 160 45.07 -22.32 -4.21
N HIS E 161 43.98 -21.67 -3.83
CA HIS E 161 43.94 -21.01 -2.52
C HIS E 161 44.17 -21.99 -1.40
N GLN E 162 43.52 -23.15 -1.46
CA GLN E 162 43.74 -24.19 -0.46
C GLN E 162 45.22 -24.56 -0.38
N ASN E 163 45.82 -24.82 -1.54
CA ASN E 163 47.23 -25.20 -1.57
C ASN E 163 48.13 -24.11 -0.99
N ILE E 164 47.87 -22.86 -1.37
CA ILE E 164 48.70 -21.76 -0.91
C ILE E 164 48.57 -21.59 0.59
N LYS E 165 47.35 -21.68 1.12
CA LYS E 165 47.17 -21.54 2.56
C LYS E 165 47.86 -22.65 3.32
N ALA E 166 47.76 -23.88 2.83
CA ALA E 166 48.46 -24.99 3.49
C ALA E 166 49.97 -24.76 3.48
N GLN E 167 50.50 -24.34 2.34
CA GLN E 167 51.95 -24.10 2.25
C GLN E 167 52.38 -22.97 3.19
N LEU E 168 51.59 -21.91 3.26
CA LEU E 168 51.92 -20.79 4.14
C LEU E 168 51.91 -21.22 5.60
N ASN E 169 50.90 -22.01 5.99
CA ASN E 169 50.87 -22.50 7.37
C ASN E 169 52.10 -23.36 7.66
N LYS E 170 52.45 -24.25 6.73
CA LYS E 170 53.64 -25.08 6.92
C LYS E 170 54.88 -24.23 7.13
N LEU E 171 55.11 -23.27 6.24
CA LEU E 171 56.32 -22.46 6.32
C LEU E 171 56.33 -21.59 7.57
N GLN E 172 55.19 -21.03 7.96
CA GLN E 172 55.15 -20.22 9.18
C GLN E 172 55.45 -21.06 10.41
N LYS E 173 54.94 -22.29 10.45
CA LYS E 173 55.30 -23.17 11.55
C LYS E 173 56.79 -23.54 11.49
N ALA E 174 57.36 -23.59 10.29
CA ALA E 174 58.75 -24.02 10.16
C ALA E 174 59.70 -23.07 10.87
N GLY E 175 59.61 -21.78 10.59
CA GLY E 175 60.56 -20.83 11.16
C GLY E 175 60.08 -19.39 11.22
N LYS E 176 61.00 -18.45 11.04
CA LYS E 176 60.73 -17.03 11.16
C LYS E 176 60.98 -16.37 9.80
N TYR E 177 60.10 -15.42 9.44
CA TYR E 177 60.18 -14.72 8.18
C TYR E 177 60.08 -13.23 8.40
N TYR E 178 60.83 -12.46 7.61
CA TYR E 178 60.92 -11.02 7.81
C TYR E 178 59.57 -10.35 7.59
N THR E 179 59.06 -10.43 6.38
CA THR E 179 57.81 -9.80 5.97
C THR E 179 56.97 -10.81 5.21
N PRO E 180 55.66 -10.59 5.14
CA PRO E 180 54.82 -11.51 4.36
C PRO E 180 55.25 -11.64 2.91
N HIS E 181 55.89 -10.62 2.35
CA HIS E 181 56.41 -10.74 0.99
C HIS E 181 57.46 -11.84 0.89
N HIS E 182 58.38 -11.90 1.85
CA HIS E 182 59.41 -12.94 1.83
C HIS E 182 58.80 -14.32 1.96
N LEU E 183 57.86 -14.48 2.90
CA LEU E 183 57.21 -15.77 3.10
C LEU E 183 56.45 -16.20 1.85
N LEU E 184 55.73 -15.26 1.24
CA LEU E 184 54.99 -15.59 0.03
C LEU E 184 55.93 -15.94 -1.10
N ALA E 185 57.06 -15.24 -1.21
CA ALA E 185 58.03 -15.58 -2.24
C ALA E 185 58.55 -17.00 -2.06
N HIS E 186 58.88 -17.37 -0.83
CA HIS E 186 59.33 -18.73 -0.57
C HIS E 186 58.25 -19.75 -0.90
N ALA E 187 57.01 -19.48 -0.49
CA ALA E 187 55.93 -20.43 -0.74
C ALA E 187 55.69 -20.61 -2.23
N LEU E 188 55.67 -19.52 -2.99
CA LEU E 188 55.52 -19.62 -4.45
C LEU E 188 56.71 -20.34 -5.08
N PHE E 189 57.92 -20.10 -4.56
CA PHE E 189 59.07 -20.84 -5.08
C PHE E 189 58.88 -22.33 -4.91
N VAL E 190 58.45 -22.75 -3.71
CA VAL E 190 58.22 -24.17 -3.47
C VAL E 190 57.13 -24.70 -4.42
N LEU E 191 55.99 -24.01 -4.45
CA LEU E 191 54.85 -24.48 -5.23
C LEU E 191 55.10 -24.46 -6.73
N ASN E 192 56.08 -23.69 -7.21
CA ASN E 192 56.28 -23.53 -8.64
C ASN E 192 57.57 -24.16 -9.14
N HIS E 193 58.48 -24.58 -8.27
CA HIS E 193 59.69 -25.24 -8.75
C HIS E 193 60.08 -26.48 -7.98
N VAL E 194 59.48 -26.75 -6.81
CA VAL E 194 59.87 -27.87 -5.98
C VAL E 194 58.73 -28.86 -5.80
N ASN E 195 57.51 -28.38 -5.67
CA ASN E 195 56.37 -29.25 -5.40
C ASN E 195 56.02 -30.03 -6.67
N MET E 196 56.87 -30.98 -7.02
CA MET E 196 56.71 -31.74 -8.26
C MET E 196 55.52 -32.69 -8.16
N ASP E 197 54.91 -32.96 -9.30
CA ASP E 197 53.82 -33.93 -9.40
C ASP E 197 54.41 -35.34 -9.46
N ASN E 198 53.57 -36.32 -9.81
CA ASN E 198 54.01 -37.71 -9.87
C ASN E 198 54.42 -38.15 -11.28
N GLN E 199 54.61 -37.20 -12.20
CA GLN E 199 54.98 -37.53 -13.57
C GLN E 199 56.35 -36.96 -13.94
N GLY E 200 57.17 -36.62 -12.96
CA GLY E 200 58.48 -36.06 -13.23
C GLY E 200 58.45 -34.69 -13.88
N HIS E 201 57.58 -33.81 -13.40
CA HIS E 201 57.46 -32.47 -13.97
C HIS E 201 57.12 -31.50 -12.85
N THR E 202 57.94 -30.47 -12.67
CA THR E 202 57.60 -29.40 -11.75
C THR E 202 56.53 -28.51 -12.39
N ALA E 203 56.15 -27.46 -11.68
CA ALA E 203 55.22 -26.49 -12.27
C ALA E 203 55.88 -25.76 -13.43
N ALA E 204 57.15 -25.40 -13.30
CA ALA E 204 57.86 -24.74 -14.38
C ALA E 204 57.97 -25.62 -15.60
N GLU E 205 58.30 -26.90 -15.41
CA GLU E 205 58.43 -27.82 -16.53
C GLU E 205 57.13 -28.00 -17.29
N ARG E 206 55.99 -27.75 -16.64
CA ARG E 206 54.69 -27.85 -17.30
C ARG E 206 54.31 -26.54 -17.97
N HIS E 207 54.39 -25.43 -17.24
CA HIS E 207 53.98 -24.14 -17.79
C HIS E 207 54.84 -23.77 -18.99
N TRP E 208 56.15 -23.95 -18.87
CA TRP E 208 57.06 -23.84 -19.99
C TRP E 208 57.37 -25.24 -20.51
N GLY E 209 58.34 -25.34 -21.40
CA GLY E 209 58.72 -26.60 -21.97
C GLY E 209 57.75 -27.03 -23.05
N PRO E 210 57.91 -28.23 -23.57
CA PRO E 210 57.10 -28.67 -24.70
C PRO E 210 55.82 -29.39 -24.28
N ILE E 211 54.75 -29.09 -25.00
CA ILE E 211 53.51 -29.86 -24.86
C ILE E 211 53.75 -31.26 -25.41
N SER E 212 53.37 -32.27 -24.63
CA SER E 212 53.59 -33.65 -25.01
C SER E 212 52.36 -34.20 -25.71
N ALA E 213 52.56 -34.81 -26.89
CA ALA E 213 51.47 -35.39 -27.68
C ALA E 213 51.80 -36.85 -27.95
N ASP E 214 51.44 -37.72 -27.00
CA ASP E 214 51.41 -39.15 -27.25
C ASP E 214 50.16 -39.47 -28.08
N PRO E 215 50.13 -40.62 -28.75
CA PRO E 215 48.95 -40.94 -29.57
C PRO E 215 47.70 -41.07 -28.72
N LYS E 216 46.80 -40.09 -28.87
CA LYS E 216 45.62 -39.99 -28.02
C LYS E 216 44.54 -40.97 -28.47
N PRO E 217 43.79 -41.53 -27.53
CA PRO E 217 42.80 -42.55 -27.87
C PRO E 217 41.48 -41.93 -28.35
N MET E 218 40.58 -42.81 -28.78
CA MET E 218 39.25 -42.42 -29.21
C MET E 218 38.23 -43.18 -28.38
N VAL E 219 37.15 -42.51 -27.99
CA VAL E 219 36.19 -43.04 -27.03
C VAL E 219 34.78 -42.64 -27.41
N MET E 220 33.82 -43.48 -26.99
CA MET E 220 32.42 -43.08 -27.06
C MET E 220 32.18 -41.86 -26.18
N TRP E 221 31.17 -41.09 -26.56
CA TRP E 221 30.98 -39.75 -26.03
C TRP E 221 29.50 -39.39 -26.00
N LYS E 222 29.00 -39.06 -24.82
CA LYS E 222 27.60 -38.68 -24.64
C LYS E 222 27.49 -37.17 -24.80
N ASP E 223 26.83 -36.73 -25.87
CA ASP E 223 26.63 -35.30 -26.13
C ASP E 223 25.39 -34.86 -25.38
N LEU E 224 25.57 -34.02 -24.36
CA LEU E 224 24.46 -33.64 -23.49
C LEU E 224 23.43 -32.78 -24.20
N LEU E 225 23.78 -32.17 -25.33
CA LEU E 225 22.86 -31.27 -26.03
C LEU E 225 21.91 -32.00 -26.96
N THR E 226 22.06 -33.30 -27.16
CA THR E 226 21.14 -34.06 -27.99
C THR E 226 20.66 -35.35 -27.33
N GLY E 227 21.13 -35.67 -26.13
CA GLY E 227 20.71 -36.88 -25.46
C GLY E 227 21.05 -38.14 -26.23
N SER E 228 22.28 -38.24 -26.73
CA SER E 228 22.68 -39.35 -27.57
C SER E 228 24.14 -39.67 -27.33
N TRP E 229 24.52 -40.91 -27.64
CA TRP E 229 25.90 -41.37 -27.53
C TRP E 229 26.50 -41.37 -28.92
N LYS E 230 27.23 -40.30 -29.25
CA LYS E 230 27.82 -40.14 -30.57
C LYS E 230 29.33 -40.25 -30.49
N GLY E 231 29.93 -40.87 -31.50
CA GLY E 231 31.35 -41.08 -31.54
C GLY E 231 31.77 -41.97 -32.69
N PRO E 232 33.04 -42.38 -32.70
CA PRO E 232 34.07 -42.03 -31.71
C PRO E 232 34.69 -40.66 -31.97
N ASP E 233 35.42 -40.14 -30.99
CA ASP E 233 36.04 -38.82 -31.10
C ASP E 233 37.36 -38.84 -30.35
N VAL E 234 38.23 -37.90 -30.74
CA VAL E 234 39.56 -37.81 -30.13
C VAL E 234 39.43 -37.26 -28.72
N LEU E 235 40.12 -37.89 -27.77
CA LEU E 235 40.18 -37.43 -26.39
C LEU E 235 41.51 -36.72 -26.20
N ILE E 236 41.46 -35.43 -25.87
CA ILE E 236 42.68 -34.63 -25.75
C ILE E 236 43.29 -34.80 -24.36
N THR E 237 42.54 -34.43 -23.33
CA THR E 237 43.03 -34.54 -21.96
C THR E 237 41.95 -35.14 -21.08
N ALA E 238 42.35 -35.60 -19.90
CA ALA E 238 41.44 -36.21 -18.95
C ALA E 238 42.06 -36.13 -17.56
N GLY E 239 41.23 -36.38 -16.56
CA GLY E 239 41.68 -36.35 -15.18
C GLY E 239 40.60 -36.76 -14.21
N ARG E 240 40.68 -36.25 -12.98
CA ARG E 240 39.70 -36.57 -11.94
C ARG E 240 38.59 -35.53 -11.99
N GLY E 241 37.77 -35.63 -13.03
CA GLY E 241 36.59 -34.80 -13.15
C GLY E 241 36.44 -34.05 -14.47
N TYR E 242 37.32 -34.24 -15.45
CA TYR E 242 37.22 -33.49 -16.70
C TYR E 242 37.68 -34.35 -17.87
N ALA E 243 37.17 -34.03 -19.05
CA ALA E 243 37.57 -34.69 -20.28
C ALA E 243 37.29 -33.76 -21.44
N CYS E 244 38.19 -33.78 -22.43
CA CYS E 244 38.16 -32.83 -23.55
C CYS E 244 38.13 -33.59 -24.85
N VAL E 245 36.93 -33.88 -25.33
CA VAL E 245 36.75 -34.52 -26.64
C VAL E 245 36.85 -33.44 -27.71
N PHE E 246 37.00 -33.86 -28.96
CA PHE E 246 37.14 -32.89 -30.05
C PHE E 246 36.70 -33.51 -31.37
N PRO E 247 35.39 -33.57 -31.62
CA PRO E 247 34.92 -34.14 -32.89
C PRO E 247 35.35 -33.31 -34.08
N GLN E 248 35.49 -33.99 -35.22
CA GLN E 248 35.95 -33.31 -36.43
C GLN E 248 35.00 -32.20 -36.85
N ASP E 249 33.69 -32.47 -36.81
CA ASP E 249 32.71 -31.48 -37.22
C ASP E 249 32.55 -30.35 -36.22
N ALA E 250 32.87 -30.57 -34.95
CA ALA E 250 32.76 -29.54 -33.93
C ALA E 250 33.78 -28.43 -34.17
N GLU E 251 33.35 -27.19 -33.97
CA GLU E 251 34.22 -26.06 -34.24
C GLU E 251 35.27 -25.88 -33.14
N SER E 252 34.99 -26.34 -31.93
CA SER E 252 35.85 -26.11 -30.79
C SER E 252 35.79 -27.32 -29.87
N PRO E 253 36.80 -27.53 -29.04
CA PRO E 253 36.76 -28.64 -28.08
C PRO E 253 35.60 -28.50 -27.11
N ILE E 254 35.11 -29.64 -26.65
CA ILE E 254 33.93 -29.72 -25.80
C ILE E 254 34.33 -30.36 -24.48
N TRP E 255 33.92 -29.74 -23.38
CA TRP E 255 34.32 -30.16 -22.04
C TRP E 255 33.16 -30.86 -21.35
N VAL E 256 33.38 -32.11 -20.93
CA VAL E 256 32.34 -32.91 -20.29
C VAL E 256 32.94 -33.67 -19.12
N PRO E 257 32.13 -33.97 -18.11
CA PRO E 257 32.63 -34.75 -16.97
C PRO E 257 33.00 -36.17 -17.37
N ASP E 258 33.75 -36.82 -16.48
CA ASP E 258 34.32 -38.12 -16.80
C ASP E 258 33.25 -39.17 -17.08
N ARG E 259 32.19 -39.19 -16.28
CA ARG E 259 31.21 -40.27 -16.36
C ARG E 259 30.51 -40.33 -17.71
N PHE E 260 30.54 -39.25 -18.49
CA PHE E 260 29.94 -39.23 -19.81
C PHE E 260 30.89 -39.74 -20.88
N ILE E 261 32.08 -40.20 -20.49
CA ILE E 261 33.09 -40.70 -21.43
C ILE E 261 33.19 -42.21 -21.25
N ARG E 262 32.94 -42.94 -22.33
CA ARG E 262 33.00 -44.39 -22.31
C ARG E 262 34.06 -44.88 -23.29
N PRO E 263 35.00 -45.71 -22.84
CA PRO E 263 36.05 -46.18 -23.76
C PRO E 263 35.48 -47.04 -24.87
N PHE E 264 36.17 -47.03 -26.00
CA PHE E 264 35.71 -47.74 -27.18
C PHE E 264 36.86 -48.46 -27.87
N ALA F 1 47.64 -5.62 -39.87
CA ALA F 1 48.78 -6.41 -39.43
C ALA F 1 49.89 -5.52 -38.89
N LEU F 2 50.64 -4.88 -39.79
CA LEU F 2 51.78 -4.06 -39.37
C LEU F 2 51.34 -2.87 -38.53
N GLU F 3 50.11 -2.39 -38.72
CA GLU F 3 49.60 -1.35 -37.83
C GLU F 3 49.46 -1.88 -36.40
N SER F 4 49.02 -3.13 -36.25
CA SER F 4 49.00 -3.76 -34.94
C SER F 4 50.42 -3.91 -34.40
N ALA F 5 51.39 -4.16 -35.27
CA ALA F 5 52.79 -4.19 -34.83
C ALA F 5 53.23 -2.85 -34.28
N GLN F 6 52.86 -1.76 -34.98
CA GLN F 6 53.20 -0.43 -34.49
C GLN F 6 52.51 -0.14 -33.16
N GLU F 7 51.26 -0.56 -33.02
CA GLU F 7 50.56 -0.39 -31.75
C GLU F 7 51.26 -1.15 -30.63
N SER F 8 51.66 -2.39 -30.89
CA SER F 8 52.35 -3.18 -29.88
C SER F 8 53.68 -2.55 -29.50
N HIS F 9 54.43 -2.05 -30.48
CA HIS F 9 55.68 -1.39 -30.18
C HIS F 9 55.44 -0.12 -29.37
N ALA F 10 54.35 0.60 -29.67
CA ALA F 10 54.01 1.77 -28.88
C ALA F 10 53.73 1.39 -27.43
N LEU F 11 53.05 0.25 -27.24
CA LEU F 11 52.70 -0.15 -25.87
C LEU F 11 53.92 -0.64 -25.09
N HIS F 12 54.77 -1.46 -25.72
CA HIS F 12 55.86 -2.12 -25.01
C HIS F 12 57.25 -1.65 -25.42
N HIS F 13 57.48 -1.35 -26.70
CA HIS F 13 58.79 -0.99 -27.22
C HIS F 13 59.80 -2.11 -27.01
N GLN F 14 59.51 -3.26 -27.60
CA GLN F 14 60.43 -4.38 -27.60
C GLN F 14 61.43 -4.23 -28.75
N ASN F 15 62.36 -5.17 -28.84
CA ASN F 15 63.31 -5.16 -29.93
C ASN F 15 62.62 -5.47 -31.25
N ALA F 16 63.28 -5.08 -32.35
CA ALA F 16 62.69 -5.25 -33.68
C ALA F 16 62.48 -6.72 -34.02
N ALA F 17 63.42 -7.59 -33.60
CA ALA F 17 63.32 -9.00 -33.91
C ALA F 17 62.02 -9.60 -33.37
N ALA F 18 61.60 -9.15 -32.19
CA ALA F 18 60.34 -9.64 -31.63
C ALA F 18 59.17 -9.30 -32.53
N LEU F 19 59.12 -8.07 -33.03
CA LEU F 19 58.04 -7.68 -33.94
C LEU F 19 58.08 -8.49 -35.22
N ARG F 20 59.26 -8.60 -35.83
CA ARG F 20 59.37 -9.31 -37.10
C ARG F 20 59.12 -10.80 -36.96
N PHE F 21 59.26 -11.36 -35.76
CA PHE F 21 58.99 -12.78 -35.56
C PHE F 21 57.57 -13.05 -35.07
N GLN F 22 56.92 -12.07 -34.46
CA GLN F 22 55.57 -12.29 -33.95
C GLN F 22 54.49 -11.81 -34.90
N PHE F 23 54.81 -10.91 -35.83
CA PHE F 23 53.80 -10.36 -36.72
C PHE F 23 54.08 -10.57 -38.19
N HIS F 24 55.13 -11.31 -38.54
CA HIS F 24 55.46 -11.63 -39.93
C HIS F 24 55.67 -10.37 -40.77
N ILE F 25 56.31 -9.37 -40.18
CA ILE F 25 56.63 -8.14 -40.88
C ILE F 25 58.00 -8.28 -41.54
N THR F 26 58.26 -7.44 -42.54
CA THR F 26 59.59 -7.39 -43.12
C THR F 26 60.58 -6.85 -42.10
N ARG F 27 61.77 -7.45 -42.07
CA ARG F 27 62.78 -7.08 -41.09
C ARG F 27 63.07 -5.59 -41.11
N GLU F 28 63.34 -5.05 -42.31
CA GLU F 28 63.63 -3.63 -42.42
C GLU F 28 62.42 -2.79 -42.00
N GLN F 29 61.21 -3.26 -42.30
CA GLN F 29 60.01 -2.54 -41.92
C GLN F 29 59.94 -2.38 -40.40
N ALA F 30 60.11 -3.47 -39.67
CA ALA F 30 60.18 -3.39 -38.22
C ALA F 30 61.34 -2.50 -37.79
N ARG F 31 62.41 -2.45 -38.58
CA ARG F 31 63.54 -1.58 -38.25
C ARG F 31 63.11 -0.11 -38.23
N GLU F 32 62.40 0.35 -39.27
CA GLU F 32 61.99 1.75 -39.20
C GLU F 32 60.88 1.95 -38.18
N ILE F 33 60.06 0.91 -37.95
CA ILE F 33 59.04 1.03 -36.91
C ILE F 33 59.69 1.32 -35.56
N VAL F 34 60.77 0.60 -35.25
CA VAL F 34 61.55 0.90 -34.05
C VAL F 34 62.16 2.29 -34.14
N LYS F 35 62.69 2.64 -35.32
CA LYS F 35 63.37 3.92 -35.49
C LYS F 35 62.44 5.09 -35.23
N LEU F 36 61.20 5.01 -35.74
CA LEU F 36 60.26 6.12 -35.60
C LEU F 36 59.78 6.31 -34.17
N CYS F 37 60.04 5.37 -33.28
CA CYS F 37 59.64 5.53 -31.89
C CYS F 37 60.41 6.69 -31.26
N PRO F 38 59.73 7.62 -30.58
CA PRO F 38 60.43 8.81 -30.08
C PRO F 38 61.55 8.52 -29.10
N ASN F 39 61.38 7.52 -28.23
CA ASN F 39 62.37 7.22 -27.20
C ASN F 39 63.27 6.03 -27.55
N CYS F 40 63.11 5.46 -28.74
CA CYS F 40 63.98 4.37 -29.17
C CYS F 40 65.16 4.95 -29.93
N PRO F 41 66.40 4.79 -29.46
CA PRO F 41 67.60 5.30 -30.13
C PRO F 41 67.83 4.68 -31.51
N GLY F 55 78.89 -19.58 -19.49
CA GLY F 55 78.16 -20.74 -19.03
C GLY F 55 77.67 -21.63 -20.15
N LEU F 56 77.22 -22.83 -19.81
CA LEU F 56 76.74 -23.80 -20.79
C LEU F 56 75.32 -24.28 -20.53
N LYS F 57 74.80 -24.12 -19.31
CA LYS F 57 73.46 -24.59 -18.98
C LYS F 57 72.73 -23.52 -18.17
N PRO F 58 71.40 -23.48 -18.25
CA PRO F 58 70.65 -22.53 -17.44
C PRO F 58 70.63 -22.95 -15.97
N ARG F 59 70.29 -21.98 -15.13
CA ARG F 59 70.18 -22.20 -13.68
C ARG F 59 71.48 -22.75 -13.10
N VAL F 60 72.61 -22.27 -13.60
CA VAL F 60 73.90 -22.76 -13.15
C VAL F 60 74.69 -21.64 -12.48
N LEU F 61 74.99 -20.59 -13.25
CA LEU F 61 75.81 -19.49 -12.77
C LEU F 61 75.03 -18.19 -12.89
N TRP F 62 75.07 -17.39 -11.83
CA TRP F 62 74.38 -16.11 -11.78
C TRP F 62 75.38 -15.00 -11.49
N GLN F 63 74.90 -13.76 -11.55
CA GLN F 63 75.64 -12.60 -11.07
C GLN F 63 74.65 -11.63 -10.46
N MET F 64 75.06 -10.97 -9.37
CA MET F 64 74.21 -10.03 -8.67
C MET F 64 74.98 -8.75 -8.37
N ASP F 65 74.29 -7.62 -8.52
CA ASP F 65 74.83 -6.31 -8.18
C ASP F 65 73.68 -5.41 -7.78
N VAL F 66 74.03 -4.30 -7.13
CA VAL F 66 73.07 -3.30 -6.70
C VAL F 66 73.38 -2.02 -7.44
N THR F 67 72.39 -1.49 -8.15
CA THR F 67 72.55 -0.27 -8.93
C THR F 67 71.72 0.85 -8.33
N HIS F 68 71.89 2.05 -8.88
CA HIS F 68 71.16 3.23 -8.46
C HIS F 68 70.43 3.83 -9.65
N VAL F 69 69.16 4.16 -9.44
CA VAL F 69 68.37 4.92 -10.41
C VAL F 69 67.69 6.07 -9.67
N SER F 70 67.88 7.29 -10.18
CA SER F 70 67.39 8.46 -9.48
C SER F 70 65.88 8.64 -9.62
N GLU F 71 65.31 8.18 -10.73
CA GLU F 71 63.89 8.43 -11.00
C GLU F 71 62.99 7.86 -9.91
N PHE F 72 63.41 6.77 -9.26
CA PHE F 72 62.61 6.21 -8.19
C PHE F 72 62.73 7.03 -6.90
N GLY F 73 63.85 7.71 -6.70
CA GLY F 73 64.01 8.61 -5.58
C GLY F 73 64.36 7.93 -4.28
N LYS F 74 63.38 7.29 -3.64
CA LYS F 74 63.63 6.61 -2.38
C LYS F 74 63.97 5.14 -2.57
N LEU F 75 63.51 4.53 -3.65
CA LEU F 75 63.81 3.14 -3.97
C LEU F 75 64.96 3.03 -4.97
N LYS F 76 65.92 3.94 -4.90
CA LYS F 76 67.03 3.95 -5.85
C LYS F 76 67.89 2.69 -5.76
N TYR F 77 67.80 1.96 -4.65
CA TYR F 77 68.55 0.71 -4.49
C TYR F 77 67.83 -0.38 -5.26
N VAL F 78 68.37 -0.72 -6.43
CA VAL F 78 67.79 -1.75 -7.29
C VAL F 78 68.77 -2.92 -7.36
N HIS F 79 68.27 -4.12 -7.08
CA HIS F 79 69.07 -5.33 -7.18
C HIS F 79 68.79 -6.00 -8.52
N VAL F 80 69.87 -6.44 -9.18
CA VAL F 80 69.79 -7.06 -10.49
C VAL F 80 70.38 -8.46 -10.39
N THR F 81 69.63 -9.45 -10.85
CA THR F 81 70.04 -10.84 -10.80
C THR F 81 69.89 -11.45 -12.19
N VAL F 82 71.02 -11.81 -12.80
CA VAL F 82 71.06 -12.22 -14.19
C VAL F 82 71.71 -13.60 -14.30
N ASP F 83 71.07 -14.49 -15.05
CA ASP F 83 71.69 -15.77 -15.39
C ASP F 83 72.69 -15.55 -16.51
N THR F 84 73.76 -16.35 -16.50
CA THR F 84 74.84 -16.15 -17.46
C THR F 84 74.65 -16.90 -18.75
N TYR F 85 73.65 -17.78 -18.86
CA TYR F 85 73.43 -18.53 -20.09
C TYR F 85 72.25 -18.00 -20.90
N SER F 86 71.17 -17.59 -20.23
CA SER F 86 69.95 -17.18 -20.89
C SER F 86 69.66 -15.69 -20.75
N HIS F 87 70.43 -14.98 -19.92
CA HIS F 87 70.22 -13.56 -19.66
C HIS F 87 68.86 -13.28 -19.07
N PHE F 88 68.17 -14.31 -18.59
CA PHE F 88 66.89 -14.14 -17.89
C PHE F 88 67.10 -13.21 -16.70
N THR F 89 66.47 -12.04 -16.74
CA THR F 89 66.75 -10.97 -15.79
C THR F 89 65.59 -10.78 -14.83
N PHE F 90 65.90 -10.73 -13.55
CA PHE F 90 64.95 -10.34 -12.52
C PHE F 90 65.54 -9.19 -11.71
N ALA F 91 64.67 -8.30 -11.25
CA ALA F 91 65.13 -7.11 -10.54
C ALA F 91 64.05 -6.68 -9.55
N THR F 92 64.46 -5.84 -8.60
CA THR F 92 63.53 -5.32 -7.59
C THR F 92 64.07 -4.00 -7.09
N ALA F 93 63.16 -3.06 -6.83
CA ALA F 93 63.50 -1.78 -6.23
C ALA F 93 63.35 -1.89 -4.71
N ARG F 94 64.44 -1.65 -3.99
CA ARG F 94 64.47 -1.88 -2.55
C ARG F 94 64.88 -0.59 -1.84
N THR F 95 64.44 -0.47 -0.58
CA THR F 95 64.73 0.70 0.22
C THR F 95 66.15 0.74 0.75
N GLY F 96 66.86 -0.38 0.74
CA GLY F 96 68.21 -0.42 1.29
C GLY F 96 69.04 -1.49 0.63
N GLU F 97 70.36 -1.33 0.76
CA GLU F 97 71.32 -2.30 0.25
C GLU F 97 71.85 -3.20 1.36
N ALA F 98 71.22 -3.17 2.53
CA ALA F 98 71.68 -3.94 3.67
C ALA F 98 71.51 -5.44 3.42
N THR F 99 71.94 -6.24 4.38
CA THR F 99 71.89 -7.70 4.23
C THR F 99 70.46 -8.20 4.11
N LYS F 100 69.55 -7.65 4.91
CA LYS F 100 68.18 -8.17 4.92
C LYS F 100 67.48 -7.95 3.58
N ASP F 101 67.69 -6.79 2.96
CA ASP F 101 67.08 -6.56 1.65
C ASP F 101 67.70 -7.46 0.59
N VAL F 102 69.01 -7.70 0.67
CA VAL F 102 69.64 -8.62 -0.27
C VAL F 102 69.07 -10.02 -0.11
N LEU F 103 68.81 -10.44 1.13
CA LEU F 103 68.22 -11.76 1.36
C LEU F 103 66.81 -11.82 0.80
N GLN F 104 66.02 -10.75 1.01
CA GLN F 104 64.67 -10.71 0.44
C GLN F 104 64.72 -10.80 -1.08
N HIS F 105 65.63 -10.06 -1.71
CA HIS F 105 65.76 -10.11 -3.16
C HIS F 105 66.21 -11.49 -3.62
N LEU F 106 67.08 -12.14 -2.85
CA LEU F 106 67.50 -13.49 -3.21
C LEU F 106 66.32 -14.46 -3.17
N ALA F 107 65.49 -14.35 -2.14
CA ALA F 107 64.32 -15.23 -2.05
C ALA F 107 63.36 -14.99 -3.21
N GLN F 108 63.11 -13.73 -3.52
CA GLN F 108 62.19 -13.43 -4.62
C GLN F 108 62.78 -13.83 -5.97
N SER F 109 64.11 -13.71 -6.13
CA SER F 109 64.74 -14.16 -7.37
C SER F 109 64.66 -15.67 -7.50
N PHE F 110 64.82 -16.39 -6.38
CA PHE F 110 64.63 -17.84 -6.43
C PHE F 110 63.21 -18.19 -6.82
N ALA F 111 62.23 -17.43 -6.30
CA ALA F 111 60.84 -17.64 -6.70
C ALA F 111 60.65 -17.37 -8.18
N TYR F 112 61.33 -16.36 -8.72
CA TYR F 112 61.18 -16.00 -10.12
C TYR F 112 61.83 -17.00 -11.06
N MET F 113 63.04 -17.45 -10.75
CA MET F 113 63.84 -18.23 -11.68
C MET F 113 64.12 -19.65 -11.22
N GLY F 114 64.35 -19.86 -9.93
CA GLY F 114 64.63 -21.19 -9.44
C GLY F 114 65.88 -21.29 -8.59
N ILE F 115 66.54 -22.43 -8.65
CA ILE F 115 67.73 -22.70 -7.84
C ILE F 115 68.95 -22.63 -8.75
N PRO F 116 69.87 -21.69 -8.52
CA PRO F 116 71.14 -21.69 -9.25
C PRO F 116 72.22 -22.46 -8.51
N GLN F 117 73.12 -23.05 -9.29
CA GLN F 117 74.20 -23.82 -8.69
C GLN F 117 75.14 -22.95 -7.87
N LYS F 118 75.48 -21.77 -8.37
CA LYS F 118 76.34 -20.86 -7.64
C LYS F 118 76.10 -19.44 -8.11
N ILE F 119 76.35 -18.49 -7.21
CA ILE F 119 76.14 -17.07 -7.46
C ILE F 119 77.47 -16.34 -7.34
N LYS F 120 77.81 -15.56 -8.36
CA LYS F 120 79.03 -14.76 -8.37
C LYS F 120 78.68 -13.31 -8.11
N THR F 121 79.31 -12.70 -7.11
CA THR F 121 79.00 -11.33 -6.74
C THR F 121 80.27 -10.50 -6.54
N ASP F 122 80.09 -9.28 -6.06
CA ASP F 122 81.19 -8.39 -5.76
C ASP F 122 81.57 -8.48 -4.29
N ASN F 123 82.39 -7.54 -3.83
CA ASN F 123 82.87 -7.52 -2.45
C ASN F 123 82.11 -6.55 -1.58
N ALA F 124 80.82 -6.39 -1.79
CA ALA F 124 80.02 -5.51 -0.95
C ALA F 124 80.01 -6.02 0.48
N PRO F 125 80.09 -5.13 1.47
CA PRO F 125 80.13 -5.59 2.87
C PRO F 125 78.90 -6.40 3.28
N ALA F 126 77.72 -6.05 2.77
CA ALA F 126 76.53 -6.80 3.10
C ALA F 126 76.60 -8.23 2.57
N TYR F 127 77.17 -8.40 1.37
CA TYR F 127 77.28 -9.73 0.78
C TYR F 127 78.15 -10.65 1.62
N VAL F 128 79.28 -10.14 2.11
CA VAL F 128 80.24 -10.95 2.85
C VAL F 128 79.69 -11.33 4.23
N SER F 129 78.60 -10.70 4.66
CA SER F 129 78.08 -10.92 6.01
C SER F 129 77.74 -12.39 6.25
N ARG F 130 77.95 -12.83 7.49
CA ARG F 130 77.77 -14.24 7.84
C ARG F 130 76.36 -14.72 7.56
N SER F 131 75.36 -13.83 7.70
CA SER F 131 73.97 -14.22 7.50
C SER F 131 73.74 -14.72 6.08
N ILE F 132 74.27 -13.99 5.10
CA ILE F 132 74.12 -14.40 3.70
C ILE F 132 74.86 -15.72 3.46
N GLN F 133 76.05 -15.86 4.02
CA GLN F 133 76.82 -17.09 3.82
C GLN F 133 76.06 -18.30 4.35
N GLU F 134 75.56 -18.21 5.59
CA GLU F 134 74.82 -19.33 6.14
C GLU F 134 73.47 -19.55 5.46
N PHE F 135 72.84 -18.48 4.97
CA PHE F 135 71.59 -18.65 4.21
C PHE F 135 71.85 -19.44 2.93
N LEU F 136 72.90 -19.08 2.20
CA LEU F 136 73.27 -19.85 1.02
C LEU F 136 73.69 -21.27 1.39
N ALA F 137 74.28 -21.44 2.57
CA ALA F 137 74.60 -22.77 3.05
C ALA F 137 73.35 -23.62 3.23
N ARG F 138 72.28 -23.02 3.77
CA ARG F 138 71.04 -23.76 3.93
C ARG F 138 70.47 -24.20 2.59
N TRP F 139 70.51 -23.31 1.60
CA TRP F 139 69.93 -23.59 0.30
C TRP F 139 70.92 -24.26 -0.65
N LYS F 140 72.11 -24.63 -0.17
CA LYS F 140 73.09 -25.37 -0.95
C LYS F 140 73.45 -24.63 -2.24
N ILE F 141 73.78 -23.36 -2.10
CA ILE F 141 74.16 -22.50 -3.22
C ILE F 141 75.52 -21.92 -2.93
N SER F 142 76.52 -22.33 -3.71
CA SER F 142 77.88 -21.86 -3.50
C SER F 142 77.98 -20.37 -3.80
N HIS F 143 78.81 -19.68 -3.03
CA HIS F 143 79.05 -18.26 -3.17
C HIS F 143 80.49 -18.03 -3.59
N VAL F 144 80.70 -17.21 -4.61
CA VAL F 144 82.02 -16.87 -5.11
C VAL F 144 82.11 -15.36 -5.24
N THR F 145 83.21 -14.78 -4.78
CA THR F 145 83.40 -13.34 -4.89
C THR F 145 84.37 -13.00 -6.01
N ALA F 155 81.37 -9.41 -17.67
CA ALA F 155 80.78 -8.17 -18.13
C ALA F 155 79.39 -8.39 -18.70
N ILE F 156 78.50 -8.95 -17.88
CA ILE F 156 77.17 -9.29 -18.33
C ILE F 156 76.07 -8.52 -17.59
N VAL F 157 76.31 -8.09 -16.36
CA VAL F 157 75.24 -7.45 -15.60
C VAL F 157 75.31 -5.93 -15.75
N GLU F 158 76.52 -5.37 -15.88
CA GLU F 158 76.60 -3.96 -16.22
C GLU F 158 75.97 -3.68 -17.59
N ARG F 159 75.98 -4.69 -18.47
CA ARG F 159 75.13 -4.62 -19.65
C ARG F 159 73.66 -4.60 -19.27
N THR F 160 73.26 -5.46 -18.32
CA THR F 160 71.88 -5.51 -17.89
C THR F 160 71.44 -4.20 -17.27
N HIS F 161 72.33 -3.55 -16.52
CA HIS F 161 72.00 -2.25 -15.95
C HIS F 161 71.64 -1.26 -17.04
N GLN F 162 72.39 -1.27 -18.14
CA GLN F 162 72.04 -0.42 -19.28
C GLN F 162 70.67 -0.79 -19.84
N ASN F 163 70.42 -2.09 -20.02
CA ASN F 163 69.18 -2.54 -20.66
C ASN F 163 67.97 -2.16 -19.81
N ILE F 164 68.02 -2.42 -18.51
CA ILE F 164 66.90 -2.09 -17.65
C ILE F 164 66.69 -0.58 -17.60
N LYS F 165 67.79 0.18 -17.50
CA LYS F 165 67.67 1.63 -17.51
C LYS F 165 67.08 2.13 -18.83
N ALA F 166 67.53 1.55 -19.94
CA ALA F 166 66.98 1.95 -21.23
C ALA F 166 65.49 1.64 -21.32
N GLN F 167 65.08 0.47 -20.83
CA GLN F 167 63.66 0.11 -20.87
C GLN F 167 62.83 1.05 -20.02
N LEU F 168 63.34 1.41 -18.84
CA LEU F 168 62.61 2.36 -17.98
C LEU F 168 62.39 3.68 -18.70
N ASN F 169 63.41 4.15 -19.43
CA ASN F 169 63.27 5.40 -20.18
C ASN F 169 62.19 5.29 -21.24
N LYS F 170 62.16 4.19 -21.98
CA LYS F 170 61.18 4.04 -23.05
C LYS F 170 59.77 3.87 -22.49
N LEU F 171 59.62 3.18 -21.36
CA LEU F 171 58.31 3.03 -20.74
C LEU F 171 57.85 4.26 -19.98
N GLN F 172 58.71 5.27 -19.83
CA GLN F 172 58.28 6.51 -19.20
C GLN F 172 57.40 7.36 -20.10
N LYS F 173 57.05 6.86 -21.29
CA LYS F 173 56.12 7.58 -22.16
C LYS F 173 54.76 7.73 -21.50
N ALA F 174 54.26 6.67 -20.90
CA ALA F 174 52.93 6.63 -20.31
C ALA F 174 53.07 6.67 -18.79
N GLY F 175 53.09 7.88 -18.25
CA GLY F 175 53.25 8.05 -16.81
C GLY F 175 52.02 7.72 -16.00
N LYS F 176 51.46 6.53 -16.21
CA LYS F 176 50.34 6.04 -15.42
C LYS F 176 50.75 4.98 -14.41
N TYR F 177 52.05 4.83 -14.14
CA TYR F 177 52.55 3.82 -13.23
C TYR F 177 52.46 4.32 -11.80
N TYR F 178 51.81 3.53 -10.94
CA TYR F 178 51.54 4.00 -9.58
C TYR F 178 52.81 4.07 -8.75
N THR F 179 53.64 3.05 -8.80
CA THR F 179 54.86 2.95 -8.01
C THR F 179 55.96 2.36 -8.88
N PRO F 180 57.22 2.54 -8.50
CA PRO F 180 58.31 1.93 -9.26
C PRO F 180 58.17 0.42 -9.43
N HIS F 181 57.43 -0.26 -8.53
CA HIS F 181 57.20 -1.68 -8.71
C HIS F 181 56.46 -1.96 -10.00
N HIS F 182 55.43 -1.16 -10.31
CA HIS F 182 54.67 -1.37 -11.54
C HIS F 182 55.55 -1.21 -12.77
N LEU F 183 56.33 -0.12 -12.82
CA LEU F 183 57.19 0.13 -13.97
C LEU F 183 58.25 -0.96 -14.11
N LEU F 184 58.86 -1.37 -13.00
CA LEU F 184 59.88 -2.41 -13.06
C LEU F 184 59.28 -3.73 -13.49
N ALA F 185 58.06 -4.04 -13.03
CA ALA F 185 57.40 -5.26 -13.46
C ALA F 185 57.14 -5.24 -14.96
N HIS F 186 56.67 -4.10 -15.48
CA HIS F 186 56.45 -4.00 -16.93
C HIS F 186 57.76 -4.17 -17.70
N ALA F 187 58.82 -3.52 -17.24
CA ALA F 187 60.10 -3.61 -17.94
C ALA F 187 60.64 -5.03 -17.92
N LEU F 188 60.59 -5.69 -16.76
CA LEU F 188 61.04 -7.07 -16.68
C LEU F 188 60.18 -7.98 -17.54
N PHE F 189 58.87 -7.73 -17.57
CA PHE F 189 57.99 -8.51 -18.44
C PHE F 189 58.44 -8.41 -19.88
N VAL F 190 58.67 -7.19 -20.37
CA VAL F 190 59.10 -7.02 -21.75
C VAL F 190 60.42 -7.74 -21.99
N LEU F 191 61.41 -7.46 -21.14
CA LEU F 191 62.76 -7.99 -21.33
C LEU F 191 62.81 -9.52 -21.19
N ASN F 192 61.87 -10.12 -20.48
CA ASN F 192 61.95 -11.54 -20.19
C ASN F 192 60.99 -12.39 -21.01
N HIS F 193 59.92 -11.81 -21.55
CA HIS F 193 58.95 -12.61 -22.28
C HIS F 193 58.61 -12.08 -23.66
N VAL F 194 58.99 -10.84 -24.00
CA VAL F 194 58.64 -10.25 -25.28
C VAL F 194 59.86 -10.04 -26.15
N ASN F 195 60.94 -9.51 -25.58
CA ASN F 195 62.15 -9.29 -26.35
C ASN F 195 62.72 -10.63 -26.81
N MET F 196 62.89 -10.76 -28.12
CA MET F 196 63.43 -11.97 -28.72
C MET F 196 64.85 -11.75 -29.22
N ASP F 197 65.63 -12.81 -29.22
CA ASP F 197 66.98 -12.76 -29.78
C ASP F 197 66.90 -12.63 -31.30
N ASN F 198 68.07 -12.55 -31.93
CA ASN F 198 68.11 -12.50 -33.39
C ASN F 198 67.71 -13.84 -34.00
N GLN F 199 67.67 -14.90 -33.21
CA GLN F 199 67.32 -16.23 -33.70
C GLN F 199 65.83 -16.54 -33.60
N GLY F 200 65.08 -15.80 -32.79
CA GLY F 200 63.66 -16.08 -32.64
C GLY F 200 63.31 -16.81 -31.35
N HIS F 201 63.90 -16.39 -30.24
CA HIS F 201 63.59 -16.97 -28.94
C HIS F 201 63.60 -15.87 -27.88
N THR F 202 62.64 -15.95 -26.96
CA THR F 202 62.59 -15.02 -25.84
C THR F 202 63.58 -15.45 -24.77
N ALA F 203 63.69 -14.64 -23.72
CA ALA F 203 64.60 -14.98 -22.62
C ALA F 203 64.06 -16.14 -21.81
N ALA F 204 62.75 -16.17 -21.56
CA ALA F 204 62.17 -17.20 -20.73
C ALA F 204 62.36 -18.59 -21.34
N GLU F 205 62.21 -18.71 -22.66
CA GLU F 205 62.40 -19.99 -23.30
C GLU F 205 63.82 -20.49 -23.10
N ARG F 206 64.81 -19.62 -23.26
CA ARG F 206 66.19 -20.02 -23.03
C ARG F 206 66.42 -20.41 -21.57
N HIS F 207 65.81 -19.66 -20.63
CA HIS F 207 66.04 -19.95 -19.23
C HIS F 207 65.45 -21.29 -18.81
N TRP F 208 64.22 -21.59 -19.25
CA TRP F 208 63.63 -22.88 -18.94
C TRP F 208 64.10 -23.98 -19.88
N GLY F 209 64.87 -23.64 -20.90
CA GLY F 209 65.63 -24.56 -21.70
C GLY F 209 64.97 -25.86 -22.11
N PRO F 210 63.89 -25.79 -22.90
CA PRO F 210 63.40 -27.00 -23.57
C PRO F 210 64.17 -27.25 -24.85
N ILE F 211 65.30 -26.56 -25.01
CA ILE F 211 66.06 -26.56 -26.26
C ILE F 211 66.57 -27.96 -26.53
N SER F 212 66.06 -28.59 -27.59
CA SER F 212 66.46 -29.91 -28.03
C SER F 212 65.79 -30.15 -29.38
N ALA F 213 66.05 -31.32 -29.97
CA ALA F 213 65.36 -31.70 -31.18
C ALA F 213 63.88 -31.91 -30.88
N ASP F 214 63.03 -31.46 -31.79
CA ASP F 214 61.58 -31.55 -31.57
C ASP F 214 61.14 -33.00 -31.58
N PRO F 215 60.58 -33.54 -30.49
CA PRO F 215 60.10 -34.91 -30.52
C PRO F 215 58.96 -35.13 -31.51
N LYS F 216 58.12 -34.11 -31.70
CA LYS F 216 56.97 -34.21 -32.58
C LYS F 216 57.20 -33.38 -33.84
N PRO F 217 56.69 -33.83 -34.98
CA PRO F 217 56.85 -33.06 -36.22
C PRO F 217 56.10 -31.74 -36.16
N MET F 218 56.66 -30.75 -36.84
CA MET F 218 56.05 -29.43 -36.98
C MET F 218 55.65 -29.28 -38.44
N VAL F 219 54.35 -29.18 -38.70
CA VAL F 219 53.82 -29.37 -40.05
C VAL F 219 53.30 -28.06 -40.61
N MET F 220 53.35 -27.95 -41.93
CA MET F 220 52.78 -26.80 -42.63
C MET F 220 51.26 -26.85 -42.52
N TRP F 221 50.63 -25.68 -42.70
CA TRP F 221 49.20 -25.56 -42.53
C TRP F 221 48.67 -24.51 -43.48
N LYS F 222 47.52 -24.80 -44.11
CA LYS F 222 46.91 -23.90 -45.08
C LYS F 222 45.58 -23.41 -44.52
N ASP F 223 45.57 -22.17 -44.02
CA ASP F 223 44.36 -21.57 -43.50
C ASP F 223 43.33 -21.36 -44.62
N LEU F 224 42.07 -21.63 -44.30
CA LEU F 224 41.00 -21.45 -45.27
C LEU F 224 40.66 -19.98 -45.48
N LEU F 225 40.66 -19.18 -44.40
CA LEU F 225 40.23 -17.80 -44.51
C LEU F 225 41.14 -17.00 -45.43
N THR F 226 42.45 -17.22 -45.33
CA THR F 226 43.41 -16.54 -46.20
C THR F 226 43.75 -17.34 -47.45
N GLY F 227 43.49 -18.64 -47.46
CA GLY F 227 43.85 -19.46 -48.59
C GLY F 227 45.33 -19.60 -48.82
N SER F 228 46.15 -19.32 -47.81
CA SER F 228 47.60 -19.38 -47.93
C SER F 228 48.16 -20.39 -46.95
N TRP F 229 49.39 -20.82 -47.20
CA TRP F 229 50.09 -21.77 -46.34
C TRP F 229 50.73 -20.99 -45.20
N LYS F 230 50.11 -21.02 -44.03
CA LYS F 230 50.61 -20.33 -42.84
C LYS F 230 51.20 -21.35 -41.88
N GLY F 231 52.42 -21.10 -41.44
CA GLY F 231 53.09 -22.00 -40.53
C GLY F 231 54.56 -21.68 -40.36
N PRO F 232 55.34 -22.66 -39.87
CA PRO F 232 54.87 -23.99 -39.49
C PRO F 232 54.17 -24.00 -38.13
N ASP F 233 53.33 -25.01 -37.88
CA ASP F 233 52.58 -25.10 -36.65
C ASP F 233 52.68 -26.52 -36.09
N VAL F 234 52.50 -26.62 -34.77
CA VAL F 234 52.65 -27.90 -34.09
C VAL F 234 51.39 -28.74 -34.32
N LEU F 235 51.61 -30.03 -34.56
CA LEU F 235 50.52 -30.98 -34.79
C LEU F 235 50.17 -31.69 -33.48
N ILE F 236 48.90 -32.07 -33.36
CA ILE F 236 48.40 -32.80 -32.20
C ILE F 236 48.09 -34.26 -32.56
N THR F 237 47.11 -34.47 -33.45
CA THR F 237 46.71 -35.80 -33.87
C THR F 237 46.34 -35.75 -35.34
N ALA F 238 45.75 -36.83 -35.83
CA ALA F 238 45.28 -36.94 -37.21
C ALA F 238 44.35 -38.14 -37.29
N GLY F 239 43.81 -38.38 -38.48
CA GLY F 239 42.98 -39.55 -38.71
C GLY F 239 41.71 -39.30 -39.50
N ARG F 240 41.38 -40.23 -40.40
CA ARG F 240 40.14 -40.20 -41.17
C ARG F 240 40.01 -38.91 -41.98
N GLY F 241 41.07 -38.59 -42.73
CA GLY F 241 41.03 -37.48 -43.66
C GLY F 241 41.28 -36.11 -43.05
N TYR F 242 41.43 -36.01 -41.75
CA TYR F 242 41.60 -34.73 -41.07
C TYR F 242 42.84 -34.78 -40.19
N ALA F 243 43.38 -33.60 -39.88
CA ALA F 243 44.50 -33.45 -38.99
C ALA F 243 44.17 -32.38 -37.96
N CYS F 244 44.64 -32.58 -36.73
CA CYS F 244 44.36 -31.66 -35.62
C CYS F 244 45.58 -30.78 -35.42
N VAL F 245 45.64 -29.71 -36.19
CA VAL F 245 46.73 -28.75 -36.11
C VAL F 245 46.39 -27.71 -35.05
N PHE F 246 47.43 -27.19 -34.39
CA PHE F 246 47.27 -26.26 -33.27
C PHE F 246 48.16 -25.06 -33.50
N PRO F 247 47.62 -23.98 -34.07
CA PRO F 247 48.47 -22.81 -34.34
C PRO F 247 49.03 -22.19 -33.07
N GLN F 248 50.20 -21.59 -33.20
CA GLN F 248 50.87 -20.99 -32.05
C GLN F 248 50.03 -19.87 -31.45
N ASP F 249 49.61 -18.92 -32.27
CA ASP F 249 48.90 -17.74 -31.77
C ASP F 249 47.45 -18.05 -31.44
N ALA F 250 46.90 -19.15 -31.95
CA ALA F 250 45.49 -19.44 -31.77
C ALA F 250 45.22 -19.89 -30.33
N GLU F 251 43.98 -20.26 -30.06
CA GLU F 251 43.56 -20.69 -28.74
C GLU F 251 43.10 -22.13 -28.69
N SER F 252 42.45 -22.63 -29.73
CA SER F 252 41.94 -23.99 -29.76
C SER F 252 42.39 -24.68 -31.04
N PRO F 253 42.50 -26.01 -31.02
CA PRO F 253 42.92 -26.73 -32.22
C PRO F 253 41.94 -26.54 -33.36
N ILE F 254 42.46 -26.58 -34.58
CA ILE F 254 41.67 -26.38 -35.79
C ILE F 254 41.75 -27.65 -36.62
N TRP F 255 40.60 -28.24 -36.92
CA TRP F 255 40.54 -29.40 -37.79
C TRP F 255 40.75 -28.95 -39.23
N VAL F 256 41.65 -29.63 -39.94
CA VAL F 256 42.01 -29.24 -41.29
C VAL F 256 42.01 -30.46 -42.20
N PRO F 257 41.44 -30.36 -43.41
CA PRO F 257 41.54 -31.48 -44.36
C PRO F 257 42.99 -31.77 -44.73
N ASP F 258 43.27 -33.05 -44.98
CA ASP F 258 44.64 -33.47 -45.30
C ASP F 258 45.12 -32.89 -46.62
N ARG F 259 44.21 -32.49 -47.51
CA ARG F 259 44.63 -31.89 -48.78
C ARG F 259 45.36 -30.57 -48.58
N PHE F 260 45.14 -29.90 -47.45
CA PHE F 260 45.79 -28.62 -47.15
C PHE F 260 46.90 -28.77 -46.12
N ILE F 261 47.33 -29.99 -45.84
CA ILE F 261 48.37 -30.27 -44.85
C ILE F 261 49.62 -30.73 -45.59
N ARG F 262 50.74 -30.06 -45.33
CA ARG F 262 52.00 -30.38 -45.97
C ARG F 262 53.04 -30.74 -44.91
N PRO F 263 53.76 -31.85 -45.06
CA PRO F 263 54.81 -32.18 -44.10
C PRO F 263 55.94 -31.17 -44.15
N PHE F 264 56.59 -30.99 -42.99
CA PHE F 264 57.71 -30.07 -42.88
C PHE F 264 58.73 -30.63 -41.91
N THR F 265 60.00 -30.33 -42.16
CA THR F 265 61.09 -30.83 -41.33
C THR F 265 61.60 -29.75 -40.36
N ALA G 1 -5.20 -36.93 -52.24
CA ALA G 1 -4.23 -35.91 -52.57
C ALA G 1 -4.73 -35.03 -53.72
N LEU G 2 -5.00 -35.67 -54.86
CA LEU G 2 -5.50 -34.93 -56.03
C LEU G 2 -6.87 -34.32 -55.75
N GLU G 3 -7.81 -35.13 -55.27
CA GLU G 3 -9.17 -34.65 -55.06
C GLU G 3 -9.24 -33.58 -53.98
N SER G 4 -8.37 -33.67 -52.98
CA SER G 4 -8.27 -32.60 -51.99
C SER G 4 -7.90 -31.29 -52.65
N ALA G 5 -6.93 -31.32 -53.57
CA ALA G 5 -6.57 -30.12 -54.31
C ALA G 5 -7.71 -29.63 -55.18
N GLN G 6 -8.42 -30.56 -55.83
CA GLN G 6 -9.56 -30.17 -56.66
C GLN G 6 -10.60 -29.42 -55.84
N GLU G 7 -10.98 -29.99 -54.69
CA GLU G 7 -11.97 -29.33 -53.83
C GLU G 7 -11.43 -27.99 -53.32
N SER G 8 -10.16 -27.95 -52.93
CA SER G 8 -9.56 -26.73 -52.41
C SER G 8 -9.65 -25.60 -53.43
N HIS G 9 -9.24 -25.87 -54.67
CA HIS G 9 -9.31 -24.81 -55.68
C HIS G 9 -10.74 -24.53 -56.11
N ALA G 10 -11.60 -25.55 -56.09
CA ALA G 10 -12.98 -25.33 -56.51
C ALA G 10 -13.70 -24.37 -55.59
N LEU G 11 -13.59 -24.56 -54.28
CA LEU G 11 -14.24 -23.65 -53.35
C LEU G 11 -13.35 -22.51 -52.89
N HIS G 12 -12.09 -22.45 -53.36
CA HIS G 12 -11.17 -21.48 -52.80
C HIS G 12 -10.40 -20.72 -53.89
N HIS G 13 -10.14 -21.39 -55.02
CA HIS G 13 -9.43 -20.80 -56.16
C HIS G 13 -8.08 -20.20 -55.76
N GLN G 14 -7.20 -21.10 -55.33
CA GLN G 14 -5.81 -20.77 -55.05
C GLN G 14 -5.02 -20.68 -56.35
N ASN G 15 -3.77 -20.22 -56.25
CA ASN G 15 -2.85 -20.27 -57.37
C ASN G 15 -2.16 -21.64 -57.40
N ALA G 16 -1.13 -21.78 -58.21
CA ALA G 16 -0.51 -23.08 -58.42
C ALA G 16 0.54 -23.41 -57.36
N ALA G 17 1.48 -22.49 -57.10
CA ALA G 17 2.61 -22.80 -56.24
C ALA G 17 2.17 -23.14 -54.82
N ALA G 18 1.24 -22.36 -54.27
CA ALA G 18 0.78 -22.60 -52.90
C ALA G 18 0.11 -23.96 -52.78
N LEU G 19 -0.75 -24.30 -53.75
CA LEU G 19 -1.42 -25.59 -53.73
C LEU G 19 -0.42 -26.73 -53.84
N ARG G 20 0.58 -26.57 -54.73
CA ARG G 20 1.60 -27.61 -54.88
C ARG G 20 2.36 -27.82 -53.58
N PHE G 21 2.75 -26.72 -52.92
CA PHE G 21 3.49 -26.86 -51.68
C PHE G 21 2.62 -27.41 -50.56
N GLN G 22 1.31 -27.14 -50.61
CA GLN G 22 0.42 -27.62 -49.56
C GLN G 22 0.16 -29.13 -49.69
N PHE G 23 -0.03 -29.61 -50.91
CA PHE G 23 -0.44 -31.00 -51.10
C PHE G 23 0.66 -31.88 -51.71
N HIS G 24 1.81 -31.31 -52.07
CA HIS G 24 2.94 -32.05 -52.61
C HIS G 24 2.54 -32.84 -53.86
N ILE G 25 2.15 -32.11 -54.90
CA ILE G 25 1.61 -32.69 -56.12
C ILE G 25 2.56 -32.41 -57.27
N THR G 26 2.19 -32.94 -58.44
CA THR G 26 2.89 -32.64 -59.67
C THR G 26 2.61 -31.21 -60.10
N ARG G 27 3.62 -30.57 -60.71
CA ARG G 27 3.44 -29.22 -61.22
C ARG G 27 2.35 -29.19 -62.28
N GLU G 28 2.37 -30.15 -63.21
CA GLU G 28 1.32 -30.25 -64.21
C GLU G 28 -0.04 -30.35 -63.54
N GLN G 29 -0.18 -31.27 -62.59
CA GLN G 29 -1.44 -31.44 -61.86
C GLN G 29 -2.04 -30.09 -61.49
N ALA G 30 -1.23 -29.22 -60.89
CA ALA G 30 -1.69 -27.87 -60.58
C ALA G 30 -2.00 -27.07 -61.84
N ARG G 31 -1.23 -27.25 -62.91
CA ARG G 31 -1.48 -26.47 -64.13
C ARG G 31 -2.84 -26.79 -64.72
N GLU G 32 -3.17 -28.07 -64.88
CA GLU G 32 -4.52 -28.42 -65.32
C GLU G 32 -5.58 -28.15 -64.26
N ILE G 33 -5.24 -28.08 -62.98
CA ILE G 33 -6.20 -27.55 -62.01
C ILE G 33 -6.55 -26.11 -62.37
N VAL G 34 -5.54 -25.30 -62.68
CA VAL G 34 -5.78 -23.91 -63.07
C VAL G 34 -6.59 -23.83 -64.35
N LYS G 35 -6.22 -24.65 -65.35
CA LYS G 35 -6.88 -24.58 -66.65
C LYS G 35 -8.34 -25.04 -66.56
N LEU G 36 -8.58 -26.20 -65.93
CA LEU G 36 -9.94 -26.72 -65.86
C LEU G 36 -10.84 -25.88 -64.94
N CYS G 37 -10.26 -25.04 -64.11
CA CYS G 37 -11.06 -24.20 -63.22
C CYS G 37 -11.80 -23.14 -64.02
N PRO G 38 -13.14 -23.13 -64.01
CA PRO G 38 -13.87 -22.15 -64.83
C PRO G 38 -13.82 -20.75 -64.27
N ASN G 39 -13.94 -20.58 -62.95
CA ASN G 39 -13.87 -19.25 -62.34
C ASN G 39 -12.44 -18.75 -62.25
N CYS G 40 -11.45 -19.60 -62.53
CA CYS G 40 -10.05 -19.29 -62.29
C CYS G 40 -9.25 -19.48 -63.58
N PRO G 41 -9.28 -18.52 -64.50
CA PRO G 41 -8.55 -18.58 -65.77
C PRO G 41 -7.20 -17.88 -65.71
N ARG G 54 11.34 -0.09 -54.41
CA ARG G 54 10.97 -0.97 -53.31
C ARG G 54 12.01 -0.90 -52.19
N GLY G 55 11.56 -1.15 -50.96
CA GLY G 55 12.41 -1.05 -49.81
C GLY G 55 13.34 -2.24 -49.64
N LEU G 56 13.94 -2.32 -48.45
CA LEU G 56 14.90 -3.37 -48.13
C LEU G 56 14.45 -4.27 -47.00
N LYS G 57 13.45 -3.87 -46.21
CA LYS G 57 13.00 -4.64 -45.07
C LYS G 57 11.53 -4.36 -44.84
N PRO G 58 10.81 -5.24 -44.15
CA PRO G 58 9.37 -5.03 -43.98
C PRO G 58 9.04 -3.80 -43.15
N ARG G 59 7.88 -3.23 -43.43
CA ARG G 59 7.31 -2.14 -42.65
C ARG G 59 8.21 -0.90 -42.68
N VAL G 60 8.52 -0.44 -43.89
CA VAL G 60 9.28 0.79 -44.04
C VAL G 60 8.54 1.76 -44.97
N LEU G 61 8.27 1.33 -46.19
CA LEU G 61 7.67 2.19 -47.21
C LEU G 61 6.35 1.59 -47.67
N TRP G 62 5.28 2.39 -47.62
CA TRP G 62 3.96 1.94 -47.98
C TRP G 62 3.40 2.78 -49.13
N GLN G 63 2.48 2.17 -49.88
CA GLN G 63 1.79 2.82 -50.98
C GLN G 63 0.30 2.58 -50.82
N MET G 64 -0.50 3.60 -51.07
CA MET G 64 -1.94 3.46 -50.95
C MET G 64 -2.65 4.38 -51.93
N ASP G 65 -3.76 3.89 -52.48
CA ASP G 65 -4.60 4.66 -53.38
C ASP G 65 -5.99 4.05 -53.40
N VAL G 66 -6.94 4.83 -53.87
CA VAL G 66 -8.32 4.39 -53.98
C VAL G 66 -8.57 3.89 -55.40
N THR G 67 -9.56 3.02 -55.54
CA THR G 67 -9.97 2.50 -56.84
C THR G 67 -11.44 2.14 -56.78
N HIS G 68 -12.06 2.06 -57.95
CA HIS G 68 -13.50 1.86 -58.06
C HIS G 68 -13.78 0.46 -58.60
N VAL G 69 -14.61 -0.28 -57.87
CA VAL G 69 -15.07 -1.60 -58.29
C VAL G 69 -16.52 -1.48 -58.70
N SER G 70 -16.84 -2.03 -59.89
CA SER G 70 -18.17 -1.80 -60.47
C SER G 70 -19.27 -2.44 -59.63
N GLU G 71 -19.06 -3.67 -59.15
CA GLU G 71 -20.15 -4.43 -58.56
C GLU G 71 -20.33 -4.18 -57.06
N PHE G 72 -19.52 -3.32 -56.45
CA PHE G 72 -19.70 -3.03 -55.04
C PHE G 72 -20.78 -1.98 -54.77
N GLY G 73 -21.23 -1.27 -55.79
CA GLY G 73 -22.28 -0.28 -55.63
C GLY G 73 -21.92 0.84 -54.68
N LYS G 74 -22.62 0.92 -53.55
CA LYS G 74 -22.37 1.98 -52.58
C LYS G 74 -21.03 1.80 -51.86
N LEU G 75 -20.40 0.63 -52.00
CA LEU G 75 -19.09 0.38 -51.42
C LEU G 75 -18.01 0.30 -52.51
N LYS G 76 -18.19 1.02 -53.61
CA LYS G 76 -17.25 0.98 -54.71
C LYS G 76 -15.89 1.57 -54.35
N TYR G 77 -15.82 2.38 -53.29
CA TYR G 77 -14.57 3.01 -52.89
C TYR G 77 -13.71 1.97 -52.19
N VAL G 78 -12.69 1.49 -52.88
CA VAL G 78 -11.79 0.46 -52.35
C VAL G 78 -10.50 1.13 -51.96
N HIS G 79 -10.17 1.08 -50.67
CA HIS G 79 -8.89 1.57 -50.17
C HIS G 79 -7.92 0.40 -50.05
N VAL G 80 -6.71 0.58 -50.58
CA VAL G 80 -5.72 -0.48 -50.65
C VAL G 80 -4.44 0.01 -49.98
N THR G 81 -3.91 -0.80 -49.07
CA THR G 81 -2.64 -0.52 -48.40
C THR G 81 -1.71 -1.70 -48.64
N VAL G 82 -0.65 -1.48 -49.41
CA VAL G 82 0.29 -2.52 -49.77
C VAL G 82 1.68 -2.10 -49.32
N ASP G 83 2.37 -3.01 -48.63
CA ASP G 83 3.75 -2.76 -48.22
C ASP G 83 4.68 -2.96 -49.40
N THR G 84 5.49 -1.94 -49.71
CA THR G 84 6.30 -1.99 -50.91
C THR G 84 7.38 -3.08 -50.84
N TYR G 85 7.73 -3.53 -49.64
CA TYR G 85 8.79 -4.54 -49.52
C TYR G 85 8.25 -5.95 -49.75
N SER G 86 7.35 -6.40 -48.88
CA SER G 86 6.87 -7.77 -48.92
C SER G 86 5.62 -7.94 -49.75
N HIS G 87 5.01 -6.85 -50.22
CA HIS G 87 3.74 -6.89 -50.96
C HIS G 87 2.61 -7.49 -50.15
N PHE G 88 2.72 -7.44 -48.82
CA PHE G 88 1.60 -7.79 -47.96
C PHE G 88 0.43 -6.87 -48.26
N THR G 89 -0.65 -7.44 -48.79
CA THR G 89 -1.76 -6.65 -49.31
C THR G 89 -2.90 -6.63 -48.31
N PHE G 90 -3.39 -5.43 -48.00
CA PHE G 90 -4.57 -5.25 -47.17
C PHE G 90 -5.50 -4.27 -47.86
N ALA G 91 -6.80 -4.50 -47.72
CA ALA G 91 -7.76 -3.68 -48.44
C ALA G 91 -9.08 -3.64 -47.68
N THR G 92 -9.79 -2.53 -47.83
CA THR G 92 -11.13 -2.36 -47.30
C THR G 92 -11.95 -1.54 -48.27
N ALA G 93 -13.27 -1.68 -48.20
CA ALA G 93 -14.20 -0.95 -49.05
C ALA G 93 -15.13 -0.14 -48.18
N ARG G 94 -15.25 1.16 -48.49
CA ARG G 94 -16.09 2.07 -47.73
C ARG G 94 -17.00 2.85 -48.66
N THR G 95 -17.84 3.69 -48.06
CA THR G 95 -18.84 4.43 -48.83
C THR G 95 -18.24 5.60 -49.60
N GLY G 96 -17.18 6.20 -49.08
CA GLY G 96 -16.59 7.36 -49.73
C GLY G 96 -15.08 7.36 -49.77
N GLU G 97 -14.49 8.54 -50.01
CA GLU G 97 -13.04 8.69 -50.01
C GLU G 97 -12.62 9.99 -49.33
N ALA G 98 -13.45 10.51 -48.43
CA ALA G 98 -13.17 11.77 -47.77
C ALA G 98 -12.09 11.59 -46.70
N THR G 99 -11.78 12.69 -46.00
CA THR G 99 -10.74 12.64 -44.98
C THR G 99 -11.12 11.68 -43.86
N LYS G 100 -12.40 11.69 -43.46
CA LYS G 100 -12.86 10.74 -42.46
C LYS G 100 -12.69 9.31 -42.95
N ASP G 101 -13.02 9.05 -44.21
CA ASP G 101 -12.88 7.71 -44.78
C ASP G 101 -11.42 7.27 -44.80
N VAL G 102 -10.52 8.15 -45.24
CA VAL G 102 -9.11 7.80 -45.30
C VAL G 102 -8.56 7.58 -43.90
N LEU G 103 -9.01 8.38 -42.93
CA LEU G 103 -8.57 8.19 -41.55
C LEU G 103 -9.03 6.85 -41.00
N GLN G 104 -10.28 6.46 -41.29
CA GLN G 104 -10.77 5.17 -40.83
C GLN G 104 -9.97 4.03 -41.45
N HIS G 105 -9.70 4.14 -42.75
CA HIS G 105 -8.94 3.08 -43.41
C HIS G 105 -7.51 3.03 -42.89
N LEU G 106 -6.92 4.18 -42.58
CA LEU G 106 -5.59 4.18 -41.98
C LEU G 106 -5.60 3.52 -40.62
N ALA G 107 -6.64 3.77 -39.83
CA ALA G 107 -6.75 3.14 -38.52
C ALA G 107 -6.79 1.62 -38.66
N GLN G 108 -7.66 1.12 -39.53
CA GLN G 108 -7.72 -0.33 -39.70
C GLN G 108 -6.46 -0.89 -40.36
N SER G 109 -5.78 -0.09 -41.18
CA SER G 109 -4.53 -0.55 -41.77
C SER G 109 -3.45 -0.71 -40.71
N PHE G 110 -3.33 0.26 -39.81
CA PHE G 110 -2.40 0.13 -38.70
C PHE G 110 -2.79 -1.06 -37.82
N ALA G 111 -4.08 -1.31 -37.66
CA ALA G 111 -4.52 -2.49 -36.93
C ALA G 111 -4.07 -3.77 -37.63
N TYR G 112 -4.16 -3.79 -38.95
CA TYR G 112 -3.88 -5.02 -39.70
C TYR G 112 -2.39 -5.31 -39.78
N MET G 113 -1.56 -4.29 -39.96
CA MET G 113 -0.16 -4.50 -40.31
C MET G 113 0.82 -4.11 -39.22
N GLY G 114 0.83 -2.86 -38.78
CA GLY G 114 1.80 -2.40 -37.82
C GLY G 114 2.08 -0.93 -38.01
N ILE G 115 3.29 -0.53 -37.62
CA ILE G 115 3.69 0.87 -37.64
C ILE G 115 4.60 1.09 -38.85
N PRO G 116 4.16 1.81 -39.88
CA PRO G 116 5.06 2.18 -40.98
C PRO G 116 5.75 3.51 -40.68
N GLN G 117 6.72 3.82 -41.53
CA GLN G 117 7.40 5.11 -41.49
C GLN G 117 7.23 5.92 -42.77
N LYS G 118 7.46 5.30 -43.92
CA LYS G 118 7.36 5.98 -45.21
C LYS G 118 6.02 5.61 -45.84
N ILE G 119 5.26 6.63 -46.22
CA ILE G 119 4.00 6.44 -46.95
C ILE G 119 4.03 7.31 -48.21
N LYS G 120 3.79 6.67 -49.34
CA LYS G 120 3.67 7.36 -50.63
C LYS G 120 2.20 7.33 -51.05
N THR G 121 1.69 8.50 -51.42
CA THR G 121 0.30 8.63 -51.85
C THR G 121 0.25 9.40 -53.16
N ASP G 122 -0.97 9.58 -53.67
CA ASP G 122 -1.20 10.40 -54.85
C ASP G 122 -1.36 11.86 -54.43
N ASN G 123 -1.82 12.71 -55.36
CA ASN G 123 -2.03 14.12 -55.10
C ASN G 123 -3.48 14.44 -54.74
N ALA G 124 -4.20 13.46 -54.19
CA ALA G 124 -5.59 13.69 -53.83
C ALA G 124 -5.70 14.72 -52.71
N PRO G 125 -6.74 15.57 -52.75
CA PRO G 125 -6.89 16.58 -51.68
C PRO G 125 -7.00 15.98 -50.29
N ALA G 126 -7.65 14.82 -50.16
CA ALA G 126 -7.75 14.17 -48.85
C ALA G 126 -6.38 13.75 -48.34
N TYR G 127 -5.52 13.24 -49.24
CA TYR G 127 -4.19 12.80 -48.82
C TYR G 127 -3.32 13.98 -48.41
N VAL G 128 -3.53 15.15 -49.03
CA VAL G 128 -2.72 16.33 -48.74
C VAL G 128 -3.44 17.21 -47.73
N SER G 129 -4.55 16.72 -47.20
CA SER G 129 -5.29 17.47 -46.21
C SER G 129 -4.50 17.59 -44.91
N ARG G 130 -4.90 18.55 -44.09
CA ARG G 130 -4.17 18.80 -42.84
C ARG G 130 -4.47 17.76 -41.78
N SER G 131 -5.70 17.22 -41.76
CA SER G 131 -6.07 16.26 -40.73
C SER G 131 -5.23 14.99 -40.83
N ILE G 132 -5.09 14.44 -42.04
CA ILE G 132 -4.29 13.23 -42.21
C ILE G 132 -2.84 13.50 -41.85
N GLN G 133 -2.33 14.67 -42.23
CA GLN G 133 -0.93 15.00 -41.95
C GLN G 133 -0.68 15.09 -40.45
N GLU G 134 -1.57 15.77 -39.73
CA GLU G 134 -1.38 15.87 -38.28
C GLU G 134 -1.59 14.54 -37.58
N PHE G 135 -2.51 13.70 -38.09
CA PHE G 135 -2.69 12.38 -37.52
C PHE G 135 -1.44 11.53 -37.68
N LEU G 136 -0.84 11.55 -38.88
CA LEU G 136 0.39 10.80 -39.11
C LEU G 136 1.53 11.35 -38.27
N ALA G 137 1.65 12.67 -38.17
CA ALA G 137 2.71 13.27 -37.37
C ALA G 137 2.54 12.92 -35.90
N ARG G 138 1.29 12.78 -35.44
CA ARG G 138 1.06 12.37 -34.06
C ARG G 138 1.56 10.95 -33.83
N TRP G 139 1.43 10.09 -34.84
CA TRP G 139 1.88 8.71 -34.75
C TRP G 139 3.30 8.52 -35.21
N LYS G 140 4.07 9.60 -35.38
CA LYS G 140 5.46 9.55 -35.80
C LYS G 140 5.63 8.79 -37.12
N ILE G 141 4.87 9.24 -38.12
CA ILE G 141 4.88 8.64 -39.45
C ILE G 141 5.07 9.76 -40.47
N SER G 142 5.92 9.51 -41.46
CA SER G 142 6.22 10.50 -42.48
C SER G 142 5.36 10.27 -43.72
N HIS G 143 4.70 11.33 -44.18
CA HIS G 143 3.84 11.29 -45.35
C HIS G 143 4.48 12.11 -46.46
N VAL G 144 4.71 11.48 -47.61
CA VAL G 144 5.29 12.15 -48.76
C VAL G 144 4.40 11.91 -49.98
N THR G 145 4.55 12.77 -50.97
CA THR G 145 3.79 12.66 -52.20
C THR G 145 4.69 12.71 -53.43
N ALA G 155 3.29 1.92 -60.06
CA ALA G 155 3.21 0.58 -60.61
C ALA G 155 2.62 -0.39 -59.58
N ILE G 156 3.17 -0.31 -58.36
CA ILE G 156 2.82 -1.28 -57.32
C ILE G 156 1.34 -1.23 -57.02
N VAL G 157 0.80 -0.02 -56.84
CA VAL G 157 -0.59 0.11 -56.40
C VAL G 157 -1.55 -0.41 -57.46
N GLU G 158 -1.31 -0.10 -58.74
CA GLU G 158 -2.25 -0.55 -59.76
C GLU G 158 -2.09 -2.04 -60.07
N ARG G 159 -0.88 -2.60 -60.00
CA ARG G 159 -0.77 -4.04 -60.17
C ARG G 159 -1.42 -4.78 -59.01
N THR G 160 -1.31 -4.22 -57.79
CA THR G 160 -2.02 -4.81 -56.66
C THR G 160 -3.53 -4.70 -56.85
N HIS G 161 -4.01 -3.59 -57.39
CA HIS G 161 -5.43 -3.47 -57.70
C HIS G 161 -5.86 -4.52 -58.71
N GLN G 162 -5.04 -4.75 -59.74
CA GLN G 162 -5.35 -5.77 -60.72
C GLN G 162 -5.44 -7.14 -60.08
N ASN G 163 -4.48 -7.47 -59.19
CA ASN G 163 -4.53 -8.75 -58.49
C ASN G 163 -5.80 -8.87 -57.65
N ILE G 164 -6.14 -7.80 -56.92
CA ILE G 164 -7.30 -7.83 -56.04
C ILE G 164 -8.58 -8.05 -56.85
N LYS G 165 -8.74 -7.30 -57.93
CA LYS G 165 -9.96 -7.44 -58.71
C LYS G 165 -9.99 -8.75 -59.49
N ALA G 166 -8.82 -9.31 -59.82
CA ALA G 166 -8.79 -10.63 -60.42
C ALA G 166 -9.28 -11.68 -59.43
N GLN G 167 -8.81 -11.61 -58.19
CA GLN G 167 -9.32 -12.50 -57.16
C GLN G 167 -10.82 -12.32 -56.98
N LEU G 168 -11.29 -11.08 -56.98
CA LEU G 168 -12.73 -10.83 -56.90
C LEU G 168 -13.45 -11.52 -58.06
N ASN G 169 -13.01 -11.27 -59.30
CA ASN G 169 -13.66 -11.86 -60.46
C ASN G 169 -13.68 -13.37 -60.38
N LYS G 170 -12.65 -13.98 -59.79
CA LYS G 170 -12.70 -15.41 -59.54
C LYS G 170 -13.79 -15.77 -58.54
N LEU G 171 -13.94 -14.96 -57.49
CA LEU G 171 -14.64 -15.44 -56.30
C LEU G 171 -16.16 -15.32 -56.33
N GLN G 172 -16.78 -14.58 -57.25
CA GLN G 172 -18.23 -14.40 -57.16
C GLN G 172 -18.97 -15.73 -57.29
N LYS G 173 -18.58 -16.56 -58.25
CA LYS G 173 -19.35 -17.76 -58.54
C LYS G 173 -19.00 -18.92 -57.62
N ALA G 174 -18.07 -18.72 -56.68
CA ALA G 174 -17.75 -19.77 -55.72
C ALA G 174 -18.95 -20.11 -54.85
N GLY G 175 -19.70 -19.09 -54.43
CA GLY G 175 -20.86 -19.33 -53.60
C GLY G 175 -21.48 -18.02 -53.17
N LYS G 176 -22.31 -18.12 -52.14
CA LYS G 176 -23.00 -16.95 -51.61
C LYS G 176 -22.04 -16.07 -50.81
N TYR G 177 -22.08 -14.77 -51.08
CA TYR G 177 -21.30 -13.78 -50.34
C TYR G 177 -22.26 -12.68 -49.92
N TYR G 178 -22.56 -12.62 -48.62
CA TYR G 178 -23.65 -11.79 -48.14
C TYR G 178 -23.39 -10.31 -48.36
N THR G 179 -22.18 -9.85 -48.07
CA THR G 179 -21.84 -8.43 -48.16
C THR G 179 -20.49 -8.33 -48.84
N PRO G 180 -20.21 -7.20 -49.52
CA PRO G 180 -18.90 -7.04 -50.15
C PRO G 180 -17.74 -7.10 -49.16
N HIS G 181 -17.98 -6.81 -47.87
CA HIS G 181 -16.91 -6.94 -46.89
C HIS G 181 -16.45 -8.39 -46.77
N HIS G 182 -17.39 -9.34 -46.75
CA HIS G 182 -17.03 -10.75 -46.68
C HIS G 182 -16.20 -11.16 -47.89
N LEU G 183 -16.65 -10.77 -49.09
CA LEU G 183 -15.92 -11.11 -50.31
C LEU G 183 -14.53 -10.50 -50.32
N LEU G 184 -14.43 -9.24 -49.90
CA LEU G 184 -13.12 -8.57 -49.87
C LEU G 184 -12.19 -9.24 -48.88
N ALA G 185 -12.71 -9.61 -47.70
CA ALA G 185 -11.87 -10.29 -46.72
C ALA G 185 -11.39 -11.64 -47.25
N HIS G 186 -12.28 -12.39 -47.89
CA HIS G 186 -11.88 -13.68 -48.45
C HIS G 186 -10.81 -13.49 -49.53
N ALA G 187 -10.99 -12.49 -50.40
CA ALA G 187 -10.03 -12.27 -51.47
C ALA G 187 -8.67 -11.86 -50.92
N LEU G 188 -8.64 -10.95 -49.94
CA LEU G 188 -7.36 -10.54 -49.39
C LEU G 188 -6.70 -11.68 -48.65
N PHE G 189 -7.49 -12.54 -47.99
CA PHE G 189 -6.91 -13.68 -47.32
C PHE G 189 -6.26 -14.64 -48.31
N VAL G 190 -6.99 -14.98 -49.38
CA VAL G 190 -6.44 -15.90 -50.37
C VAL G 190 -5.25 -15.27 -51.09
N LEU G 191 -5.18 -13.95 -51.13
CA LEU G 191 -4.08 -13.29 -51.80
C LEU G 191 -2.85 -13.09 -50.91
N ASN G 192 -3.02 -13.15 -49.59
CA ASN G 192 -1.90 -12.90 -48.69
C ASN G 192 -1.48 -14.11 -47.88
N HIS G 193 -2.40 -14.73 -47.13
CA HIS G 193 -1.99 -15.66 -46.08
C HIS G 193 -1.80 -17.09 -46.56
N VAL G 194 -2.45 -17.52 -47.64
CA VAL G 194 -2.39 -18.91 -48.07
C VAL G 194 -1.71 -19.04 -49.43
N ASN G 195 -1.78 -18.00 -50.27
CA ASN G 195 -0.97 -17.95 -51.47
C ASN G 195 0.47 -17.60 -51.10
N MET G 196 1.41 -18.06 -51.94
CA MET G 196 2.83 -17.84 -51.65
C MET G 196 3.55 -17.55 -52.97
N ASP G 197 4.84 -17.24 -52.85
CA ASP G 197 5.68 -16.95 -54.00
C ASP G 197 6.23 -18.26 -54.59
N ASN G 198 7.21 -18.13 -55.48
CA ASN G 198 7.88 -19.31 -56.01
C ASN G 198 8.76 -19.98 -54.97
N GLN G 199 9.15 -19.24 -53.92
CA GLN G 199 10.06 -19.74 -52.90
C GLN G 199 9.32 -20.33 -51.70
N GLY G 200 8.07 -20.74 -51.90
CA GLY G 200 7.29 -21.32 -50.82
C GLY G 200 7.09 -20.39 -49.64
N HIS G 201 6.86 -19.10 -49.90
CA HIS G 201 6.78 -18.10 -48.85
C HIS G 201 5.56 -17.23 -49.07
N THR G 202 4.59 -17.32 -48.16
CA THR G 202 3.42 -16.47 -48.24
C THR G 202 3.79 -15.02 -47.96
N ALA G 203 3.12 -14.11 -48.66
CA ALA G 203 3.37 -12.69 -48.45
C ALA G 203 3.20 -12.30 -47.00
N ALA G 204 2.24 -12.93 -46.32
CA ALA G 204 1.98 -12.60 -44.92
C ALA G 204 3.20 -12.88 -44.06
N GLU G 205 3.80 -14.07 -44.19
CA GLU G 205 4.95 -14.37 -43.34
C GLU G 205 6.20 -13.66 -43.84
N ARG G 206 6.31 -13.43 -45.16
CA ARG G 206 7.41 -12.61 -45.67
C ARG G 206 7.38 -11.23 -45.05
N HIS G 207 6.18 -10.73 -44.72
CA HIS G 207 6.08 -9.48 -43.99
C HIS G 207 6.70 -9.57 -42.60
N TRP G 208 6.94 -10.79 -42.10
CA TRP G 208 7.55 -10.93 -40.78
C TRP G 208 8.64 -12.00 -40.76
N GLY G 209 9.01 -12.55 -41.91
CA GLY G 209 10.00 -13.62 -41.97
C GLY G 209 11.41 -13.18 -41.61
N PRO G 217 13.25 -31.84 -35.96
CA PRO G 217 13.82 -33.12 -35.53
C PRO G 217 12.77 -34.04 -34.89
N MET G 218 12.12 -34.85 -35.72
CA MET G 218 11.10 -35.76 -35.22
C MET G 218 11.75 -36.85 -34.37
N VAL G 219 11.06 -37.25 -33.29
CA VAL G 219 11.59 -38.23 -32.37
C VAL G 219 10.53 -39.25 -32.00
N MET G 220 10.99 -40.42 -31.55
CA MET G 220 10.14 -41.45 -30.98
C MET G 220 10.46 -41.56 -29.50
N TRP G 221 9.45 -41.47 -28.66
CA TRP G 221 9.63 -41.41 -27.22
C TRP G 221 8.71 -42.41 -26.53
N LYS G 222 9.06 -42.75 -25.30
CA LYS G 222 8.33 -43.73 -24.50
C LYS G 222 7.56 -42.99 -23.42
N ASP G 223 6.22 -43.02 -23.50
CA ASP G 223 5.41 -42.44 -22.45
C ASP G 223 5.46 -43.35 -21.24
N LEU G 224 6.50 -43.17 -20.42
CA LEU G 224 6.78 -44.13 -19.36
C LEU G 224 5.81 -44.06 -18.20
N LEU G 225 4.75 -43.25 -18.30
CA LEU G 225 3.61 -43.43 -17.40
C LEU G 225 2.82 -44.67 -17.79
N THR G 226 2.56 -44.85 -19.09
CA THR G 226 1.84 -46.00 -19.59
C THR G 226 2.72 -47.02 -20.30
N GLY G 227 3.98 -46.69 -20.55
CA GLY G 227 4.89 -47.62 -21.20
C GLY G 227 4.69 -47.80 -22.67
N SER G 228 3.95 -46.90 -23.33
CA SER G 228 3.68 -47.02 -24.75
C SER G 228 4.51 -46.00 -25.54
N TRP G 229 5.00 -46.43 -26.71
CA TRP G 229 5.85 -45.61 -27.55
C TRP G 229 4.97 -44.73 -28.44
N LYS G 230 4.49 -43.64 -27.86
CA LYS G 230 3.65 -42.70 -28.58
C LYS G 230 4.50 -41.74 -29.41
N GLY G 231 4.04 -41.46 -30.62
CA GLY G 231 4.72 -40.56 -31.51
C GLY G 231 4.44 -40.88 -32.97
N PRO G 232 5.24 -40.31 -33.89
CA PRO G 232 6.31 -39.37 -33.61
C PRO G 232 5.80 -37.95 -33.36
N ASP G 233 6.63 -37.13 -32.73
CA ASP G 233 6.27 -35.74 -32.46
C ASP G 233 7.55 -34.93 -32.30
N VAL G 234 7.41 -33.61 -32.34
CA VAL G 234 8.58 -32.74 -32.41
C VAL G 234 9.34 -32.73 -31.09
N LEU G 235 10.64 -32.51 -31.18
CA LEU G 235 11.51 -32.28 -30.03
C LEU G 235 11.79 -30.79 -29.93
N ILE G 236 12.03 -30.31 -28.70
CA ILE G 236 12.23 -28.89 -28.49
C ILE G 236 13.68 -28.61 -28.13
N THR G 237 14.14 -29.16 -27.01
CA THR G 237 15.49 -28.90 -26.52
C THR G 237 16.04 -30.20 -25.94
N ALA G 238 17.16 -30.09 -25.23
CA ALA G 238 17.78 -31.24 -24.59
C ALA G 238 18.71 -30.74 -23.50
N GLY G 239 19.25 -31.68 -22.74
CA GLY G 239 20.16 -31.37 -21.65
C GLY G 239 19.86 -32.24 -20.44
N ARG G 240 20.88 -32.43 -19.60
CA ARG G 240 20.81 -33.24 -18.39
C ARG G 240 20.33 -34.66 -18.67
N GLY G 241 20.48 -35.13 -19.91
CA GLY G 241 19.87 -36.38 -20.30
C GLY G 241 18.38 -36.30 -20.48
N TYR G 242 17.82 -35.10 -20.49
CA TYR G 242 16.38 -34.90 -20.57
C TYR G 242 16.03 -34.26 -21.91
N ALA G 243 15.08 -34.84 -22.62
CA ALA G 243 14.64 -34.34 -23.91
C ALA G 243 13.24 -33.78 -23.77
N CYS G 244 13.07 -32.51 -24.16
CA CYS G 244 11.78 -31.83 -24.05
C CYS G 244 10.94 -32.19 -25.27
N VAL G 245 10.26 -33.33 -25.17
CA VAL G 245 9.40 -33.80 -26.25
C VAL G 245 8.03 -33.15 -26.10
N PHE G 246 7.51 -32.61 -27.20
CA PHE G 246 6.24 -31.89 -27.20
C PHE G 246 5.21 -32.60 -28.07
N PRO G 247 4.29 -33.36 -27.50
CA PRO G 247 3.21 -33.95 -28.30
C PRO G 247 2.16 -32.91 -28.66
N GLN G 248 1.05 -33.36 -29.25
CA GLN G 248 -0.02 -32.46 -29.65
C GLN G 248 -0.79 -31.88 -28.45
N ASP G 249 -0.31 -32.10 -27.23
CA ASP G 249 -0.90 -31.49 -26.04
C ASP G 249 -0.64 -30.00 -26.06
N ALA G 250 -1.67 -29.21 -26.38
CA ALA G 250 -1.53 -27.77 -26.50
C ALA G 250 -1.25 -27.08 -25.18
N GLU G 251 -1.13 -27.82 -24.08
CA GLU G 251 -0.98 -27.19 -22.77
C GLU G 251 0.48 -26.98 -22.41
N SER G 252 1.28 -28.04 -22.45
CA SER G 252 2.66 -27.97 -21.98
C SER G 252 3.43 -29.14 -22.56
N PRO G 253 4.75 -28.99 -22.75
CA PRO G 253 5.58 -30.14 -23.10
C PRO G 253 5.84 -31.02 -21.89
N ILE G 254 6.45 -32.18 -22.16
CA ILE G 254 6.80 -33.12 -21.12
C ILE G 254 8.27 -33.49 -21.27
N TRP G 255 8.88 -33.88 -20.15
CA TRP G 255 10.29 -34.21 -20.10
C TRP G 255 10.46 -35.72 -20.03
N VAL G 256 11.36 -36.26 -20.86
CA VAL G 256 11.64 -37.68 -20.88
C VAL G 256 13.15 -37.89 -20.82
N PRO G 257 13.65 -38.79 -19.97
CA PRO G 257 15.09 -39.09 -20.00
C PRO G 257 15.50 -39.63 -21.35
N ASP G 258 16.71 -39.26 -21.78
CA ASP G 258 17.17 -39.61 -23.12
C ASP G 258 17.36 -41.11 -23.30
N ARG G 259 17.38 -41.89 -22.21
CA ARG G 259 17.39 -43.33 -22.35
C ARG G 259 16.11 -43.86 -22.96
N PHE G 260 15.05 -43.07 -22.96
CA PHE G 260 13.74 -43.48 -23.47
C PHE G 260 13.33 -42.64 -24.68
N ILE G 261 14.28 -42.39 -25.58
CA ILE G 261 14.00 -41.68 -26.82
C ILE G 261 14.79 -42.34 -27.94
N ARG G 262 14.22 -42.34 -29.15
CA ARG G 262 14.88 -42.91 -30.31
C ARG G 262 14.62 -42.00 -31.50
N PRO G 263 15.65 -41.58 -32.22
CA PRO G 263 15.44 -40.72 -33.39
C PRO G 263 14.66 -41.45 -34.47
N PHE G 264 13.87 -40.68 -35.21
CA PHE G 264 13.04 -41.26 -36.26
C PHE G 264 13.74 -41.23 -37.61
N LEU H 2 13.81 8.47 -22.42
CA LEU H 2 12.64 8.66 -21.58
C LEU H 2 11.90 9.93 -21.98
N GLU H 3 12.15 10.40 -23.19
CA GLU H 3 11.52 11.62 -23.70
C GLU H 3 10.22 11.33 -24.42
N SER H 4 10.26 10.50 -25.46
CA SER H 4 9.07 10.21 -26.26
C SER H 4 8.10 9.27 -25.57
N ALA H 5 8.51 8.64 -24.46
CA ALA H 5 7.66 7.64 -23.82
C ALA H 5 6.37 8.25 -23.31
N GLN H 6 6.43 9.48 -22.77
CA GLN H 6 5.23 10.10 -22.22
C GLN H 6 4.15 10.28 -23.28
N GLU H 7 4.52 10.87 -24.42
CA GLU H 7 3.52 11.05 -25.47
C GLU H 7 3.13 9.74 -26.14
N SER H 8 4.06 8.78 -26.22
CA SER H 8 3.69 7.47 -26.78
C SER H 8 2.61 6.81 -25.92
N HIS H 9 2.79 6.84 -24.60
CA HIS H 9 1.78 6.30 -23.70
C HIS H 9 0.49 7.11 -23.78
N ALA H 10 0.60 8.44 -23.89
CA ALA H 10 -0.58 9.27 -23.98
C ALA H 10 -1.38 8.97 -25.24
N LEU H 11 -0.71 8.54 -26.31
CA LEU H 11 -1.41 8.22 -27.54
C LEU H 11 -1.98 6.80 -27.53
N HIS H 12 -1.18 5.81 -27.15
CA HIS H 12 -1.58 4.41 -27.27
C HIS H 12 -2.04 3.80 -25.96
N HIS H 13 -1.47 4.23 -24.83
CA HIS H 13 -1.74 3.62 -23.52
C HIS H 13 -1.44 2.12 -23.54
N GLN H 14 -0.17 1.83 -23.76
CA GLN H 14 0.36 0.48 -23.72
C GLN H 14 0.93 0.17 -22.34
N ASN H 15 1.42 -1.05 -22.16
CA ASN H 15 1.98 -1.46 -20.89
C ASN H 15 3.43 -0.97 -20.76
N ALA H 16 3.94 -1.02 -19.52
CA ALA H 16 5.29 -0.56 -19.25
C ALA H 16 6.35 -1.39 -19.96
N ALA H 17 6.06 -2.66 -20.24
CA ALA H 17 7.00 -3.48 -20.98
C ALA H 17 7.26 -2.92 -22.37
N ALA H 18 6.21 -2.44 -23.04
CA ALA H 18 6.39 -1.83 -24.34
C ALA H 18 7.29 -0.60 -24.26
N LEU H 19 7.09 0.23 -23.23
CA LEU H 19 7.97 1.39 -23.05
C LEU H 19 9.41 0.94 -22.86
N ARG H 20 9.66 0.02 -21.92
CA ARG H 20 11.03 -0.34 -21.59
C ARG H 20 11.73 -1.05 -22.74
N PHE H 21 10.98 -1.71 -23.61
CA PHE H 21 11.62 -2.45 -24.70
C PHE H 21 11.73 -1.64 -25.99
N GLN H 22 10.81 -0.70 -26.22
CA GLN H 22 10.86 0.10 -27.44
C GLN H 22 11.67 1.38 -27.25
N PHE H 23 11.85 1.85 -26.02
CA PHE H 23 12.52 3.12 -25.78
C PHE H 23 13.78 3.01 -24.94
N HIS H 24 14.16 1.80 -24.51
CA HIS H 24 15.42 1.58 -23.79
C HIS H 24 15.51 2.44 -22.54
N ILE H 25 14.42 2.48 -21.77
CA ILE H 25 14.35 3.26 -20.55
C ILE H 25 14.36 2.32 -19.35
N THR H 26 14.48 2.90 -18.17
CA THR H 26 14.52 2.12 -16.93
C THR H 26 13.16 1.49 -16.66
N ARG H 27 13.18 0.29 -16.08
CA ARG H 27 11.93 -0.38 -15.71
C ARG H 27 11.13 0.44 -14.71
N GLU H 28 11.81 0.97 -13.69
CA GLU H 28 11.13 1.83 -12.72
C GLU H 28 10.61 3.10 -13.39
N GLN H 29 11.35 3.61 -14.37
CA GLN H 29 10.89 4.77 -15.12
C GLN H 29 9.57 4.48 -15.83
N ALA H 30 9.49 3.34 -16.52
CA ALA H 30 8.26 2.98 -17.21
C ALA H 30 7.13 2.75 -16.22
N ARG H 31 7.43 2.13 -15.07
CA ARG H 31 6.40 1.93 -14.05
C ARG H 31 5.86 3.27 -13.56
N GLU H 32 6.75 4.24 -13.33
CA GLU H 32 6.32 5.56 -12.90
C GLU H 32 5.46 6.23 -13.97
N ILE H 33 5.86 6.10 -15.24
CA ILE H 33 5.10 6.72 -16.33
C ILE H 33 3.70 6.13 -16.39
N VAL H 34 3.59 4.80 -16.31
CA VAL H 34 2.27 4.18 -16.43
C VAL H 34 1.42 4.47 -15.20
N LYS H 35 2.03 4.52 -14.01
CA LYS H 35 1.25 4.80 -12.80
C LYS H 35 0.74 6.24 -12.78
N LEU H 36 1.60 7.19 -13.16
CA LEU H 36 1.21 8.59 -13.12
C LEU H 36 0.13 8.93 -14.14
N CYS H 37 0.00 8.13 -15.19
CA CYS H 37 -0.97 8.43 -16.24
C CYS H 37 -2.39 8.33 -15.70
N PRO H 38 -3.26 9.30 -16.00
CA PRO H 38 -4.63 9.26 -15.46
C PRO H 38 -5.48 8.19 -16.13
N ASN H 39 -5.36 8.04 -17.44
CA ASN H 39 -6.16 7.08 -18.19
C ASN H 39 -5.61 5.66 -18.11
N CYS H 40 -4.59 5.42 -17.30
CA CYS H 40 -4.00 4.10 -17.11
C CYS H 40 -4.00 3.79 -15.62
N PRO H 41 -5.14 3.36 -15.07
CA PRO H 41 -5.26 3.07 -13.64
C PRO H 41 -4.88 1.65 -13.29
N LEU H 56 4.14 -25.61 -28.72
CA LEU H 56 3.07 -25.59 -29.72
C LEU H 56 3.56 -24.95 -31.01
N LYS H 57 2.66 -24.20 -31.62
CA LYS H 57 2.94 -23.35 -32.77
C LYS H 57 1.70 -22.52 -33.05
N PRO H 58 1.85 -21.37 -33.71
CA PRO H 58 0.67 -20.54 -33.99
C PRO H 58 -0.33 -21.28 -34.86
N ARG H 59 -1.59 -20.86 -34.76
CA ARG H 59 -2.66 -21.33 -35.64
C ARG H 59 -2.96 -22.81 -35.43
N VAL H 60 -3.23 -23.19 -34.18
CA VAL H 60 -3.57 -24.57 -33.84
C VAL H 60 -4.97 -24.67 -33.24
N LEU H 61 -5.21 -24.01 -32.11
CA LEU H 61 -6.48 -24.06 -31.40
C LEU H 61 -6.97 -22.64 -31.16
N TRP H 62 -8.26 -22.41 -31.38
CA TRP H 62 -8.84 -21.09 -31.29
C TRP H 62 -10.04 -21.09 -30.36
N GLN H 63 -10.31 -19.93 -29.76
CA GLN H 63 -11.50 -19.71 -28.97
C GLN H 63 -12.25 -18.51 -29.52
N MET H 64 -13.57 -18.63 -29.61
CA MET H 64 -14.39 -17.64 -30.29
C MET H 64 -15.67 -17.43 -29.51
N ASP H 65 -15.79 -16.28 -28.85
CA ASP H 65 -16.98 -15.98 -28.05
C ASP H 65 -17.48 -14.58 -28.38
N VAL H 66 -18.74 -14.35 -28.06
CA VAL H 66 -19.36 -13.03 -28.23
C VAL H 66 -19.40 -12.35 -26.87
N THR H 67 -19.24 -11.03 -26.87
CA THR H 67 -19.38 -10.24 -25.65
C THR H 67 -20.14 -8.97 -25.97
N HIS H 68 -20.80 -8.43 -24.95
CA HIS H 68 -21.58 -7.21 -25.08
C HIS H 68 -20.87 -6.03 -24.44
N VAL H 69 -20.78 -4.93 -25.18
CA VAL H 69 -20.29 -3.66 -24.66
C VAL H 69 -21.34 -2.60 -24.96
N SER H 70 -21.70 -1.81 -23.94
CA SER H 70 -22.79 -0.87 -24.11
C SER H 70 -22.36 0.44 -24.77
N GLU H 71 -21.04 0.67 -24.87
CA GLU H 71 -20.56 1.91 -25.45
C GLU H 71 -20.98 2.06 -26.91
N PHE H 72 -20.91 0.99 -27.68
CA PHE H 72 -21.15 1.06 -29.11
C PHE H 72 -22.62 1.23 -29.48
N GLY H 73 -23.53 1.11 -28.51
CA GLY H 73 -24.95 1.20 -28.80
C GLY H 73 -25.48 -0.04 -29.50
N LYS H 74 -26.10 0.14 -30.67
CA LYS H 74 -26.62 -1.00 -31.41
C LYS H 74 -25.52 -1.86 -32.00
N LEU H 75 -24.26 -1.43 -31.93
CA LEU H 75 -23.11 -2.24 -32.30
C LEU H 75 -22.50 -2.93 -31.10
N LYS H 76 -23.33 -3.29 -30.12
CA LYS H 76 -22.87 -3.84 -28.86
C LYS H 76 -22.35 -5.27 -28.98
N TYR H 77 -22.60 -5.94 -30.10
CA TYR H 77 -22.27 -7.36 -30.25
C TYR H 77 -20.83 -7.48 -30.76
N VAL H 78 -19.90 -7.54 -29.81
CA VAL H 78 -18.49 -7.72 -30.16
C VAL H 78 -18.15 -9.20 -30.20
N HIS H 79 -17.57 -9.64 -31.31
CA HIS H 79 -17.10 -11.01 -31.47
C HIS H 79 -15.58 -11.01 -31.33
N VAL H 80 -15.08 -11.84 -30.43
CA VAL H 80 -13.64 -11.96 -30.20
C VAL H 80 -13.18 -13.33 -30.67
N THR H 81 -11.97 -13.39 -31.22
CA THR H 81 -11.37 -14.64 -31.68
C THR H 81 -9.88 -14.58 -31.34
N VAL H 82 -9.51 -15.21 -30.23
CA VAL H 82 -8.15 -15.16 -29.72
C VAL H 82 -7.49 -16.50 -29.96
N ASP H 83 -6.28 -16.48 -30.53
CA ASP H 83 -5.50 -17.69 -30.67
C ASP H 83 -5.05 -18.17 -29.30
N THR H 84 -5.03 -19.49 -29.12
CA THR H 84 -4.72 -20.06 -27.82
C THR H 84 -3.22 -20.17 -27.56
N TYR H 85 -2.38 -19.86 -28.55
CA TYR H 85 -0.93 -19.95 -28.36
C TYR H 85 -0.27 -18.59 -28.25
N SER H 86 -0.45 -17.73 -29.26
CA SER H 86 0.20 -16.44 -29.31
C SER H 86 -0.65 -15.31 -28.75
N HIS H 87 -1.88 -15.60 -28.32
CA HIS H 87 -2.82 -14.61 -27.82
C HIS H 87 -3.07 -13.48 -28.81
N PHE H 88 -2.89 -13.76 -30.10
CA PHE H 88 -3.24 -12.79 -31.13
C PHE H 88 -4.74 -12.57 -31.11
N THR H 89 -5.17 -11.31 -31.15
CA THR H 89 -6.56 -10.95 -30.90
C THR H 89 -7.14 -10.19 -32.07
N PHE H 90 -8.34 -10.60 -32.48
CA PHE H 90 -9.12 -9.93 -33.51
C PHE H 90 -10.55 -9.77 -33.02
N ALA H 91 -11.19 -8.69 -33.45
CA ALA H 91 -12.55 -8.43 -32.99
C ALA H 91 -13.26 -7.52 -33.98
N THR H 92 -14.58 -7.64 -34.02
CA THR H 92 -15.43 -6.77 -34.81
C THR H 92 -16.69 -6.45 -34.01
N ALA H 93 -17.39 -5.41 -34.44
CA ALA H 93 -18.67 -5.03 -33.86
C ALA H 93 -19.76 -5.17 -34.93
N ARG H 94 -20.78 -5.96 -34.64
CA ARG H 94 -21.85 -6.24 -35.59
C ARG H 94 -23.20 -6.06 -34.91
N THR H 95 -24.25 -5.96 -35.73
CA THR H 95 -25.58 -5.64 -35.22
C THR H 95 -26.19 -6.75 -34.39
N GLY H 96 -25.60 -7.94 -34.41
CA GLY H 96 -26.15 -9.04 -33.63
C GLY H 96 -25.13 -10.13 -33.43
N GLU H 97 -25.62 -11.29 -33.04
CA GLU H 97 -24.79 -12.47 -32.76
C GLU H 97 -25.41 -13.73 -33.35
N ALA H 98 -26.12 -13.59 -34.45
CA ALA H 98 -26.77 -14.72 -35.09
C ALA H 98 -25.75 -15.48 -35.94
N THR H 99 -26.21 -16.53 -36.65
CA THR H 99 -25.31 -17.31 -37.50
C THR H 99 -24.70 -16.45 -38.59
N LYS H 100 -25.52 -15.59 -39.19
CA LYS H 100 -25.02 -14.67 -40.21
C LYS H 100 -23.82 -13.89 -39.69
N ASP H 101 -23.98 -13.32 -38.49
CA ASP H 101 -22.98 -12.42 -37.93
C ASP H 101 -21.71 -13.17 -37.55
N VAL H 102 -21.84 -14.33 -36.92
CA VAL H 102 -20.65 -15.09 -36.56
C VAL H 102 -19.95 -15.59 -37.81
N LEU H 103 -20.70 -15.87 -38.87
CA LEU H 103 -20.08 -16.26 -40.13
C LEU H 103 -19.26 -15.13 -40.71
N GLN H 104 -19.82 -13.91 -40.71
CA GLN H 104 -19.07 -12.75 -41.18
C GLN H 104 -17.80 -12.55 -40.37
N HIS H 105 -17.92 -12.57 -39.04
CA HIS H 105 -16.77 -12.33 -38.18
C HIS H 105 -15.73 -13.44 -38.35
N LEU H 106 -16.18 -14.68 -38.57
CA LEU H 106 -15.25 -15.78 -38.77
C LEU H 106 -14.49 -15.60 -40.08
N ALA H 107 -15.17 -15.15 -41.13
CA ALA H 107 -14.48 -14.90 -42.38
C ALA H 107 -13.42 -13.82 -42.21
N GLN H 108 -13.77 -12.73 -41.53
CA GLN H 108 -12.79 -11.67 -41.32
C GLN H 108 -11.65 -12.12 -40.41
N SER H 109 -11.96 -12.93 -39.39
CA SER H 109 -10.91 -13.45 -38.52
C SER H 109 -9.95 -14.34 -39.28
N PHE H 110 -10.48 -15.17 -40.19
CA PHE H 110 -9.60 -15.97 -41.04
C PHE H 110 -8.74 -15.08 -41.93
N ALA H 111 -9.34 -14.03 -42.49
CA ALA H 111 -8.56 -13.09 -43.30
C ALA H 111 -7.47 -12.42 -42.47
N TYR H 112 -7.69 -12.30 -41.16
CA TYR H 112 -6.74 -11.62 -40.29
C TYR H 112 -5.67 -12.53 -39.70
N MET H 113 -5.95 -13.84 -39.58
CA MET H 113 -5.05 -14.73 -38.86
C MET H 113 -4.70 -16.02 -39.60
N GLY H 114 -5.22 -16.27 -40.78
CA GLY H 114 -4.93 -17.51 -41.47
C GLY H 114 -5.93 -18.61 -41.13
N ILE H 115 -5.54 -19.84 -41.45
CA ILE H 115 -6.39 -21.01 -41.26
C ILE H 115 -5.83 -21.83 -40.11
N PRO H 116 -6.52 -21.88 -38.96
CA PRO H 116 -6.18 -22.87 -37.94
C PRO H 116 -6.89 -24.19 -38.22
N GLN H 117 -6.82 -25.15 -37.31
CA GLN H 117 -7.51 -26.42 -37.51
C GLN H 117 -8.59 -26.69 -36.48
N LYS H 118 -8.50 -26.13 -35.28
CA LYS H 118 -9.49 -26.33 -34.24
C LYS H 118 -9.92 -24.99 -33.66
N ILE H 119 -11.24 -24.76 -33.61
CA ILE H 119 -11.81 -23.60 -32.95
C ILE H 119 -12.74 -24.09 -31.84
N LYS H 120 -12.27 -23.97 -30.60
CA LYS H 120 -13.05 -24.39 -29.44
C LYS H 120 -14.02 -23.29 -29.06
N THR H 121 -15.30 -23.52 -29.32
CA THR H 121 -16.33 -22.51 -29.10
C THR H 121 -17.33 -23.01 -28.08
N ASP H 122 -18.19 -22.09 -27.63
CA ASP H 122 -19.21 -22.42 -26.66
C ASP H 122 -20.40 -23.05 -27.37
N ASN H 123 -21.48 -23.31 -26.62
CA ASN H 123 -22.61 -24.11 -27.10
C ASN H 123 -23.79 -23.25 -27.54
N ALA H 124 -23.52 -22.06 -28.07
CA ALA H 124 -24.59 -21.21 -28.53
C ALA H 124 -25.30 -21.85 -29.72
N PRO H 125 -26.63 -21.69 -29.81
CA PRO H 125 -27.36 -22.30 -30.94
C PRO H 125 -26.90 -21.81 -32.29
N ALA H 126 -26.54 -20.54 -32.41
CA ALA H 126 -26.05 -20.03 -33.69
C ALA H 126 -24.67 -20.61 -34.02
N TYR H 127 -23.91 -20.97 -32.99
CA TYR H 127 -22.55 -21.46 -33.22
C TYR H 127 -22.57 -22.89 -33.74
N VAL H 128 -23.59 -23.67 -33.34
CA VAL H 128 -23.71 -25.07 -33.79
C VAL H 128 -24.80 -25.24 -34.83
N SER H 129 -25.26 -24.15 -35.45
CA SER H 129 -26.27 -24.25 -36.49
C SER H 129 -25.71 -24.97 -37.72
N ARG H 130 -26.57 -25.15 -38.71
CA ARG H 130 -26.19 -25.91 -39.89
C ARG H 130 -25.19 -25.13 -40.75
N SER H 131 -25.59 -23.96 -41.25
CA SER H 131 -24.80 -23.23 -42.24
C SER H 131 -23.35 -23.07 -41.78
N ILE H 132 -23.15 -22.64 -40.53
CA ILE H 132 -21.81 -22.55 -39.98
C ILE H 132 -21.16 -23.92 -39.97
N GLN H 133 -21.94 -24.99 -39.80
CA GLN H 133 -21.35 -26.32 -39.71
C GLN H 133 -20.77 -26.75 -41.05
N GLU H 134 -21.53 -26.64 -42.15
CA GLU H 134 -20.94 -27.04 -43.42
C GLU H 134 -19.86 -26.05 -43.86
N PHE H 135 -20.01 -24.77 -43.49
CA PHE H 135 -18.97 -23.81 -43.82
C PHE H 135 -17.65 -24.20 -43.18
N LEU H 136 -17.68 -24.62 -41.91
CA LEU H 136 -16.46 -25.05 -41.25
C LEU H 136 -15.99 -26.39 -41.80
N ALA H 137 -16.92 -27.25 -42.23
CA ALA H 137 -16.54 -28.52 -42.81
C ALA H 137 -15.76 -28.34 -44.11
N ARG H 138 -16.19 -27.38 -44.93
CA ARG H 138 -15.55 -27.15 -46.23
C ARG H 138 -14.09 -26.74 -46.07
N TRP H 139 -13.76 -26.05 -44.98
CA TRP H 139 -12.43 -25.49 -44.79
C TRP H 139 -11.57 -26.32 -43.83
N LYS H 140 -11.99 -27.56 -43.56
CA LYS H 140 -11.20 -28.53 -42.81
C LYS H 140 -10.85 -28.01 -41.41
N ILE H 141 -11.90 -27.80 -40.61
CA ILE H 141 -11.76 -27.32 -39.24
C ILE H 141 -12.53 -28.26 -38.32
N SER H 142 -12.08 -28.35 -37.07
CA SER H 142 -12.74 -29.14 -36.05
C SER H 142 -13.56 -28.24 -35.13
N HIS H 143 -14.09 -28.82 -34.06
CA HIS H 143 -14.89 -28.08 -33.10
C HIS H 143 -14.61 -28.63 -31.71
N VAL H 144 -15.45 -28.24 -30.75
CA VAL H 144 -15.31 -28.69 -29.37
C VAL H 144 -16.63 -28.48 -28.62
N GLN H 154 -10.93 -22.38 -20.24
CA GLN H 154 -11.55 -21.33 -21.03
C GLN H 154 -10.94 -19.96 -20.71
N ALA H 155 -10.21 -19.88 -19.59
CA ALA H 155 -9.78 -18.62 -19.00
C ALA H 155 -9.17 -17.66 -20.02
N ILE H 156 -8.64 -18.17 -21.12
CA ILE H 156 -7.97 -17.32 -22.11
C ILE H 156 -8.96 -16.32 -22.70
N VAL H 157 -10.16 -16.77 -23.06
CA VAL H 157 -11.10 -15.91 -23.77
C VAL H 157 -11.64 -14.81 -22.85
N GLU H 158 -11.91 -15.12 -21.59
CA GLU H 158 -12.36 -14.07 -20.67
C GLU H 158 -11.22 -13.13 -20.32
N ARG H 159 -9.98 -13.64 -20.23
CA ARG H 159 -8.86 -12.73 -20.02
C ARG H 159 -8.73 -11.76 -21.20
N THR H 160 -8.90 -12.27 -22.42
CA THR H 160 -8.89 -11.41 -23.59
C THR H 160 -10.03 -10.41 -23.54
N HIS H 161 -11.20 -10.85 -23.07
CA HIS H 161 -12.32 -9.94 -22.87
C HIS H 161 -11.93 -8.79 -21.95
N GLN H 162 -11.34 -9.11 -20.80
CA GLN H 162 -10.94 -8.08 -19.86
C GLN H 162 -9.92 -7.13 -20.49
N ASN H 163 -8.95 -7.67 -21.23
CA ASN H 163 -7.98 -6.81 -21.89
C ASN H 163 -8.65 -5.87 -22.88
N ILE H 164 -9.59 -6.38 -23.68
CA ILE H 164 -10.25 -5.54 -24.67
C ILE H 164 -11.07 -4.44 -23.99
N LYS H 165 -11.81 -4.80 -22.94
CA LYS H 165 -12.59 -3.78 -22.23
C LYS H 165 -11.68 -2.72 -21.61
N ALA H 166 -10.58 -3.16 -20.99
CA ALA H 166 -9.66 -2.20 -20.39
C ALA H 166 -9.07 -1.27 -21.43
N GLN H 167 -8.67 -1.82 -22.58
CA GLN H 167 -8.11 -0.98 -23.63
C GLN H 167 -9.13 -0.01 -24.18
N LEU H 168 -10.36 -0.48 -24.41
CA LEU H 168 -11.41 0.41 -24.91
C LEU H 168 -11.67 1.54 -23.93
N ASN H 169 -11.69 1.25 -22.63
CA ASN H 169 -11.82 2.31 -21.64
C ASN H 169 -10.65 3.26 -21.70
N LYS H 170 -9.42 2.74 -21.81
CA LYS H 170 -8.23 3.58 -21.83
C LYS H 170 -8.15 4.46 -23.06
N LEU H 171 -8.86 4.13 -24.14
CA LEU H 171 -8.75 4.94 -25.35
C LEU H 171 -9.44 6.29 -25.23
N GLN H 172 -10.19 6.51 -24.15
CA GLN H 172 -10.74 7.84 -23.90
C GLN H 172 -9.78 8.69 -23.08
N LYS H 176 -11.27 10.46 -28.25
CA LYS H 176 -12.26 10.97 -29.20
C LYS H 176 -12.06 10.36 -30.58
N TYR H 177 -12.75 9.25 -30.84
CA TYR H 177 -12.66 8.54 -32.10
C TYR H 177 -13.95 8.70 -32.89
N TYR H 178 -13.89 8.30 -34.16
CA TYR H 178 -14.97 8.58 -35.10
C TYR H 178 -16.15 7.63 -34.91
N THR H 179 -15.92 6.35 -35.09
CA THR H 179 -16.95 5.32 -35.04
C THR H 179 -16.43 4.16 -34.21
N PRO H 180 -17.32 3.27 -33.74
CA PRO H 180 -16.85 2.12 -32.96
C PRO H 180 -15.78 1.31 -33.66
N HIS H 181 -15.89 1.15 -34.97
CA HIS H 181 -14.86 0.44 -35.72
C HIS H 181 -13.49 1.08 -35.52
N HIS H 182 -13.44 2.41 -35.47
CA HIS H 182 -12.17 3.11 -35.39
C HIS H 182 -11.40 2.75 -34.12
N LEU H 183 -11.98 3.07 -32.97
CA LEU H 183 -11.26 2.79 -31.72
C LEU H 183 -11.15 1.29 -31.47
N LEU H 184 -12.07 0.48 -32.02
CA LEU H 184 -11.91 -0.96 -31.88
C LEU H 184 -10.67 -1.44 -32.62
N ALA H 185 -10.46 -0.95 -33.85
CA ALA H 185 -9.25 -1.30 -34.59
C ALA H 185 -8.01 -0.77 -33.89
N HIS H 186 -8.09 0.43 -33.33
CA HIS H 186 -6.96 0.96 -32.57
C HIS H 186 -6.62 0.07 -31.38
N ALA H 187 -7.65 -0.39 -30.67
CA ALA H 187 -7.44 -1.28 -29.53
C ALA H 187 -6.82 -2.59 -29.98
N LEU H 188 -7.30 -3.15 -31.10
CA LEU H 188 -6.67 -4.34 -31.65
C LEU H 188 -5.20 -4.10 -31.94
N PHE H 189 -4.88 -2.95 -32.55
CA PHE H 189 -3.51 -2.66 -32.94
C PHE H 189 -2.60 -2.56 -31.72
N VAL H 190 -3.05 -1.84 -30.68
CA VAL H 190 -2.21 -1.69 -29.51
C VAL H 190 -2.08 -3.02 -28.76
N LEU H 191 -3.14 -3.83 -28.76
CA LEU H 191 -3.06 -5.13 -28.09
C LEU H 191 -2.12 -6.08 -28.81
N ASN H 192 -2.05 -5.99 -30.15
CA ASN H 192 -1.27 -6.96 -30.90
C ASN H 192 0.16 -6.49 -31.18
N HIS H 193 0.30 -5.37 -31.89
CA HIS H 193 1.58 -4.95 -32.43
C HIS H 193 2.36 -4.03 -31.51
N VAL H 194 1.89 -3.79 -30.29
CA VAL H 194 2.56 -2.84 -29.41
C VAL H 194 2.99 -3.53 -28.12
N ASN H 195 2.02 -4.06 -27.38
CA ASN H 195 2.33 -4.76 -26.14
C ASN H 195 3.16 -6.01 -26.42
N MET H 196 4.01 -6.37 -25.46
CA MET H 196 4.74 -7.63 -25.50
C MET H 196 4.90 -8.15 -24.08
N ASP H 197 5.22 -9.43 -23.99
CA ASP H 197 5.44 -10.09 -22.71
C ASP H 197 6.83 -9.72 -22.18
N ASN H 198 7.28 -10.43 -21.16
CA ASN H 198 8.59 -10.17 -20.58
C ASN H 198 9.72 -10.48 -21.55
N GLN H 199 9.55 -11.48 -22.41
CA GLN H 199 10.59 -11.84 -23.36
C GLN H 199 10.86 -10.76 -24.40
N GLY H 200 9.97 -9.77 -24.53
CA GLY H 200 10.13 -8.76 -25.54
C GLY H 200 9.48 -9.07 -26.86
N HIS H 201 8.78 -10.20 -26.97
CA HIS H 201 8.12 -10.61 -28.20
C HIS H 201 6.66 -10.16 -28.14
N THR H 202 6.25 -9.37 -29.14
CA THR H 202 4.88 -8.90 -29.21
C THR H 202 3.95 -10.03 -29.60
N ALA H 203 2.64 -9.74 -29.62
CA ALA H 203 1.67 -10.75 -30.03
C ALA H 203 1.91 -11.18 -31.47
N ALA H 204 2.15 -10.22 -32.36
CA ALA H 204 2.40 -10.55 -33.76
C ALA H 204 3.69 -11.36 -33.91
N GLU H 205 4.75 -10.95 -33.22
CA GLU H 205 6.01 -11.68 -33.31
C GLU H 205 5.89 -13.09 -32.76
N ARG H 206 5.17 -13.24 -31.64
CA ARG H 206 4.89 -14.59 -31.13
C ARG H 206 4.08 -15.39 -32.14
N HIS H 207 3.19 -14.71 -32.88
CA HIS H 207 2.34 -15.38 -33.85
C HIS H 207 3.05 -15.68 -35.16
N TRP H 208 4.20 -15.06 -35.43
CA TRP H 208 4.93 -15.32 -36.67
C TRP H 208 6.43 -15.41 -36.39
N GLY H 209 6.80 -16.12 -35.32
CA GLY H 209 8.19 -16.28 -34.97
C GLY H 209 8.40 -17.21 -33.79
N PRO H 217 9.61 -25.50 -23.32
CA PRO H 217 10.54 -25.24 -22.22
C PRO H 217 9.85 -24.75 -20.96
N MET H 218 9.96 -25.53 -19.88
CA MET H 218 9.35 -25.18 -18.60
C MET H 218 10.14 -25.91 -17.51
N VAL H 219 10.84 -25.15 -16.67
CA VAL H 219 11.89 -25.71 -15.85
C VAL H 219 11.81 -25.19 -14.41
N MET H 220 12.02 -26.11 -13.46
CA MET H 220 12.25 -25.79 -12.07
C MET H 220 13.72 -25.43 -11.87
N TRP H 221 13.98 -24.29 -11.22
CA TRP H 221 15.34 -23.83 -11.03
C TRP H 221 15.56 -23.42 -9.58
N LYS H 222 16.82 -23.40 -9.17
CA LYS H 222 17.21 -23.05 -7.81
C LYS H 222 17.90 -21.70 -7.80
N ASP H 223 17.48 -20.84 -6.88
CA ASP H 223 18.15 -19.56 -6.67
C ASP H 223 19.48 -19.79 -5.97
N LEU H 224 20.40 -18.84 -6.15
CA LEU H 224 21.72 -18.95 -5.57
C LEU H 224 21.91 -18.09 -4.33
N LEU H 225 21.13 -17.03 -4.17
CA LEU H 225 21.25 -16.17 -3.00
C LEU H 225 20.68 -16.85 -1.76
N THR H 226 19.39 -17.14 -1.78
CA THR H 226 18.75 -17.78 -0.64
C THR H 226 19.03 -19.28 -0.59
N GLY H 227 19.17 -19.92 -1.74
CA GLY H 227 19.29 -21.35 -1.81
C GLY H 227 17.98 -22.10 -1.89
N SER H 228 16.85 -21.41 -1.84
CA SER H 228 15.54 -22.04 -1.93
C SER H 228 15.06 -22.06 -3.38
N TRP H 229 14.46 -23.18 -3.77
CA TRP H 229 13.98 -23.34 -5.13
C TRP H 229 12.82 -22.39 -5.40
N LYS H 230 12.80 -21.82 -6.61
CA LYS H 230 11.68 -21.01 -7.06
C LYS H 230 11.33 -21.39 -8.48
N GLY H 231 10.07 -21.18 -8.85
CA GLY H 231 9.58 -21.51 -10.16
C GLY H 231 8.13 -21.96 -10.13
N PRO H 232 7.68 -22.62 -11.20
CA PRO H 232 8.42 -22.95 -12.42
C PRO H 232 8.60 -21.76 -13.35
N ASP H 233 9.61 -21.80 -14.21
CA ASP H 233 9.94 -20.67 -15.07
C ASP H 233 10.33 -21.18 -16.45
N VAL H 234 10.40 -20.25 -17.40
CA VAL H 234 10.71 -20.57 -18.79
C VAL H 234 12.22 -20.64 -18.96
N LEU H 235 12.65 -21.44 -19.93
CA LEU H 235 14.07 -21.66 -20.22
C LEU H 235 14.36 -21.12 -21.62
N ILE H 236 15.11 -20.02 -21.70
CA ILE H 236 15.39 -19.40 -22.99
C ILE H 236 16.28 -20.32 -23.82
N THR H 237 17.49 -20.59 -23.32
CA THR H 237 18.44 -21.46 -24.00
C THR H 237 19.43 -21.96 -22.97
N ALA H 238 20.09 -23.06 -23.30
CA ALA H 238 21.03 -23.68 -22.37
C ALA H 238 22.06 -24.47 -23.16
N GLY H 239 23.15 -24.80 -22.49
CA GLY H 239 24.15 -25.68 -23.06
C GLY H 239 25.41 -25.78 -22.23
N ARG H 240 25.91 -27.01 -22.08
CA ARG H 240 27.20 -27.28 -21.46
C ARG H 240 27.27 -26.72 -20.04
N GLY H 241 26.32 -27.15 -19.20
CA GLY H 241 26.40 -26.95 -17.78
C GLY H 241 25.81 -25.66 -17.24
N TYR H 242 25.42 -24.73 -18.09
CA TYR H 242 24.78 -23.51 -17.63
C TYR H 242 23.53 -23.24 -18.46
N ALA H 243 22.45 -22.90 -17.76
CA ALA H 243 21.16 -22.66 -18.38
C ALA H 243 20.70 -21.23 -18.08
N CYS H 244 19.87 -20.71 -18.98
CA CYS H 244 19.34 -19.36 -18.86
C CYS H 244 17.85 -19.43 -18.52
N VAL H 245 17.46 -18.73 -17.46
CA VAL H 245 16.09 -18.77 -16.95
C VAL H 245 15.56 -17.35 -16.89
N PHE H 246 14.30 -17.17 -17.32
CA PHE H 246 13.67 -15.86 -17.42
C PHE H 246 12.38 -15.88 -16.60
N PRO H 247 12.48 -15.68 -15.28
CA PRO H 247 11.26 -15.64 -14.46
C PRO H 247 10.32 -14.54 -14.94
N GLN H 248 9.03 -14.84 -14.92
CA GLN H 248 8.04 -13.90 -15.42
C GLN H 248 7.93 -12.65 -14.56
N ASP H 249 8.26 -12.73 -13.28
CA ASP H 249 8.16 -11.59 -12.39
C ASP H 249 9.38 -10.69 -12.42
N ALA H 250 10.46 -11.11 -13.10
CA ALA H 250 11.68 -10.33 -13.17
C ALA H 250 11.83 -9.71 -14.55
N GLU H 251 12.88 -8.90 -14.70
CA GLU H 251 13.13 -8.19 -15.94
C GLU H 251 14.28 -8.78 -16.76
N SER H 252 15.32 -9.30 -16.11
CA SER H 252 16.51 -9.72 -16.83
C SER H 252 16.69 -11.23 -16.74
N PRO H 253 17.30 -11.85 -17.76
CA PRO H 253 17.55 -13.28 -17.70
C PRO H 253 18.51 -13.64 -16.58
N ILE H 254 18.35 -14.85 -16.05
CA ILE H 254 19.19 -15.36 -14.98
C ILE H 254 19.95 -16.58 -15.48
N TRP H 255 21.27 -16.57 -15.32
CA TRP H 255 22.11 -17.70 -15.65
C TRP H 255 22.25 -18.57 -14.40
N VAL H 256 22.04 -19.87 -14.54
CA VAL H 256 22.21 -20.79 -13.43
C VAL H 256 23.03 -22.00 -13.91
N PRO H 257 23.84 -22.60 -13.06
CA PRO H 257 24.53 -23.83 -13.44
C PRO H 257 23.54 -24.98 -13.61
N ASP H 258 23.87 -25.90 -14.50
CA ASP H 258 22.97 -27.01 -14.78
C ASP H 258 22.78 -27.93 -13.60
N ARG H 259 23.62 -27.82 -12.57
CA ARG H 259 23.44 -28.59 -11.35
C ARG H 259 22.17 -28.22 -10.61
N PHE H 260 21.57 -27.06 -10.93
CA PHE H 260 20.40 -26.57 -10.21
C PHE H 260 19.22 -26.38 -11.15
N ILE H 261 18.98 -27.36 -12.02
CA ILE H 261 17.91 -27.30 -13.01
C ILE H 261 17.08 -28.58 -12.90
N ARG H 262 15.77 -28.43 -12.78
CA ARG H 262 14.88 -29.57 -12.64
C ARG H 262 13.77 -29.52 -13.67
N PRO H 263 13.41 -30.67 -14.25
CA PRO H 263 12.41 -30.69 -15.32
C PRO H 263 10.97 -30.68 -14.83
N PHE H 264 10.42 -29.49 -14.57
CA PHE H 264 9.03 -29.39 -14.15
C PHE H 264 8.10 -30.00 -15.18
N THR H 265 7.10 -30.74 -14.70
CA THR H 265 6.17 -31.51 -15.53
C THR H 265 6.88 -32.34 -16.60
N ALA O 1 -24.42 63.10 48.08
CA ALA O 1 -24.67 61.67 47.94
C ALA O 1 -23.76 61.07 46.88
N LEU O 2 -23.24 61.92 45.99
CA LEU O 2 -22.34 61.44 44.95
C LEU O 2 -21.07 60.84 45.54
N GLU O 3 -20.62 61.36 46.68
CA GLU O 3 -19.44 60.79 47.34
C GLU O 3 -19.68 59.35 47.77
N SER O 4 -20.88 59.06 48.29
CA SER O 4 -21.20 57.69 48.65
C SER O 4 -21.03 56.77 47.45
N ALA O 5 -21.54 57.19 46.29
CA ALA O 5 -21.30 56.43 45.06
C ALA O 5 -19.82 56.35 44.73
N GLN O 6 -19.05 57.39 45.02
CA GLN O 6 -17.63 57.38 44.70
C GLN O 6 -16.91 56.27 45.46
N GLU O 7 -17.06 56.23 46.79
CA GLU O 7 -16.41 55.13 47.52
C GLU O 7 -17.08 53.79 47.24
N SER O 8 -18.38 53.77 46.92
CA SER O 8 -19.02 52.50 46.57
C SER O 8 -18.38 51.89 45.32
N HIS O 9 -18.16 52.72 44.30
CA HIS O 9 -17.47 52.26 43.10
C HIS O 9 -16.03 51.89 43.40
N ALA O 10 -15.35 52.71 44.22
CA ALA O 10 -13.97 52.41 44.57
C ALA O 10 -13.84 51.06 45.25
N LEU O 11 -14.86 50.65 46.01
CA LEU O 11 -14.79 49.37 46.71
C LEU O 11 -15.25 48.21 45.85
N HIS O 12 -16.34 48.37 45.11
CA HIS O 12 -16.99 47.25 44.43
C HIS O 12 -16.84 47.24 42.92
N HIS O 13 -16.63 48.40 42.29
CA HIS O 13 -16.60 48.54 40.83
C HIS O 13 -17.90 48.03 40.21
N GLN O 14 -18.97 48.76 40.56
CA GLN O 14 -20.32 48.39 40.18
C GLN O 14 -20.59 48.80 38.73
N ASN O 15 -21.85 48.71 38.32
CA ASN O 15 -22.31 49.24 37.05
C ASN O 15 -23.11 50.52 37.27
N ALA O 16 -23.43 51.19 36.16
CA ALA O 16 -24.10 52.48 36.25
C ALA O 16 -25.49 52.37 36.85
N ALA O 17 -26.23 51.32 36.48
CA ALA O 17 -27.62 51.21 36.90
C ALA O 17 -27.74 51.06 38.41
N ALA O 18 -26.86 50.27 39.02
CA ALA O 18 -26.91 50.09 40.47
C ALA O 18 -26.70 51.41 41.19
N LEU O 19 -25.71 52.18 40.76
CA LEU O 19 -25.47 53.48 41.37
C LEU O 19 -26.66 54.40 41.18
N ARG O 20 -27.22 54.43 39.97
CA ARG O 20 -28.33 55.33 39.67
C ARG O 20 -29.54 55.01 40.53
N PHE O 21 -29.89 53.72 40.67
CA PHE O 21 -31.10 53.35 41.37
C PHE O 21 -30.87 53.04 42.85
N GLN O 22 -29.64 53.14 43.34
CA GLN O 22 -29.36 53.00 44.76
C GLN O 22 -29.09 54.32 45.45
N PHE O 23 -28.43 55.26 44.75
CA PHE O 23 -28.08 56.54 45.35
C PHE O 23 -28.82 57.71 44.70
N HIS O 24 -29.77 57.42 43.81
CA HIS O 24 -30.61 58.44 43.18
C HIS O 24 -29.77 59.51 42.50
N ILE O 25 -29.01 59.09 41.49
CA ILE O 25 -28.14 59.98 40.73
C ILE O 25 -28.51 59.86 39.26
N THR O 26 -28.13 60.90 38.50
CA THR O 26 -28.40 60.92 37.08
C THR O 26 -27.64 59.80 36.37
N ARG O 27 -28.28 59.20 35.36
CA ARG O 27 -27.59 58.18 34.56
C ARG O 27 -26.29 58.71 34.00
N GLU O 28 -26.28 59.98 33.59
CA GLU O 28 -25.03 60.61 33.16
C GLU O 28 -24.01 60.60 34.28
N GLN O 29 -24.45 60.91 35.50
CA GLN O 29 -23.54 60.88 36.65
C GLN O 29 -23.00 59.48 36.90
N ALA O 30 -23.85 58.46 36.76
CA ALA O 30 -23.40 57.09 36.95
C ALA O 30 -22.37 56.71 35.90
N ARG O 31 -22.62 57.07 34.64
CA ARG O 31 -21.65 56.78 33.60
C ARG O 31 -20.32 57.51 33.84
N GLU O 32 -20.39 58.75 34.30
CA GLU O 32 -19.17 59.48 34.62
C GLU O 32 -18.43 58.81 35.77
N ILE O 33 -19.15 58.35 36.78
CA ILE O 33 -18.52 57.68 37.92
C ILE O 33 -17.82 56.41 37.47
N VAL O 34 -18.49 55.61 36.63
CA VAL O 34 -17.84 54.39 36.16
C VAL O 34 -16.70 54.71 35.21
N LYS O 35 -16.72 55.87 34.56
CA LYS O 35 -15.60 56.27 33.70
C LYS O 35 -14.38 56.69 34.52
N LEU O 36 -14.60 57.45 35.60
CA LEU O 36 -13.52 58.14 36.28
C LEU O 36 -12.57 57.22 37.04
N CYS O 37 -12.91 55.96 37.23
CA CYS O 37 -12.04 55.07 37.98
C CYS O 37 -10.90 54.60 37.09
N PRO O 38 -9.64 54.91 37.41
CA PRO O 38 -8.53 54.39 36.61
C PRO O 38 -8.43 52.88 36.65
N ASN O 39 -8.87 52.27 37.75
CA ASN O 39 -8.80 50.82 37.88
C ASN O 39 -9.85 50.14 37.01
N CYS O 40 -10.93 50.84 36.69
CA CYS O 40 -11.91 50.31 35.74
C CYS O 40 -11.24 50.12 34.38
N PRO O 41 -11.53 49.04 33.67
CA PRO O 41 -10.84 48.80 32.40
C PRO O 41 -11.21 49.83 31.36
N ASP O 42 -10.25 50.13 30.50
CA ASP O 42 -10.50 51.04 29.39
C ASP O 42 -11.42 50.40 28.37
N TRP O 43 -12.15 51.24 27.65
CA TRP O 43 -13.08 50.75 26.64
C TRP O 43 -12.28 50.12 25.50
N GLY O 44 -12.53 48.83 25.26
CA GLY O 44 -11.83 48.13 24.21
C GLY O 44 -12.64 48.00 22.93
N HIS O 45 -13.94 47.76 23.08
CA HIS O 45 -14.84 47.64 21.93
C HIS O 45 -15.25 49.04 21.48
N ALA O 46 -14.28 49.73 20.89
CA ALA O 46 -14.57 51.08 20.42
C ALA O 46 -15.22 51.03 19.05
N PRO O 47 -16.03 52.04 18.71
CA PRO O 47 -16.63 52.08 17.38
C PRO O 47 -15.61 52.41 16.30
N GLN O 48 -16.06 52.54 15.06
CA GLN O 48 -15.13 52.76 13.95
C GLN O 48 -14.70 54.22 13.88
N LEU O 49 -13.41 54.44 13.69
CA LEU O 49 -12.86 55.77 13.49
C LEU O 49 -11.73 55.69 12.47
N GLY O 50 -11.65 56.70 11.61
CA GLY O 50 -10.61 56.71 10.59
C GLY O 50 -10.99 55.93 9.35
N VAL O 51 -10.79 56.54 8.17
CA VAL O 51 -11.13 55.93 6.90
C VAL O 51 -9.95 56.07 5.95
N ASN O 52 -9.62 54.99 5.26
CA ASN O 52 -8.53 55.02 4.29
C ASN O 52 -8.87 55.96 3.14
N PRO O 53 -8.03 56.93 2.83
CA PRO O 53 -8.33 57.82 1.70
C PRO O 53 -8.29 57.08 0.37
N ARG O 54 -9.06 57.59 -0.58
CA ARG O 54 -9.12 57.01 -1.91
C ARG O 54 -9.22 58.14 -2.93
N GLY O 55 -8.21 58.25 -3.79
CA GLY O 55 -8.16 59.32 -4.75
C GLY O 55 -9.40 59.40 -5.62
N LEU O 56 -10.07 60.56 -5.59
CA LEU O 56 -11.31 60.72 -6.35
C LEU O 56 -11.08 60.75 -7.86
N LYS O 57 -9.84 60.87 -8.30
CA LYS O 57 -9.51 60.72 -9.70
C LYS O 57 -8.71 59.44 -9.89
N PRO O 58 -8.99 58.67 -10.95
CA PRO O 58 -8.22 57.44 -11.18
C PRO O 58 -6.74 57.75 -11.40
N ARG O 59 -5.90 56.80 -10.99
CA ARG O 59 -4.44 56.93 -11.10
C ARG O 59 -3.93 58.13 -10.30
N VAL O 60 -4.34 58.19 -9.02
CA VAL O 60 -3.88 59.25 -8.15
C VAL O 60 -3.25 58.65 -6.90
N LEU O 61 -4.00 57.80 -6.20
CA LEU O 61 -3.52 57.12 -5.01
C LEU O 61 -3.65 55.62 -5.20
N TRP O 62 -2.58 54.89 -4.92
CA TRP O 62 -2.56 53.44 -5.04
C TRP O 62 -2.20 52.82 -3.71
N GLN O 63 -2.35 51.50 -3.65
CA GLN O 63 -1.91 50.71 -2.50
C GLN O 63 -1.18 49.49 -3.00
N MET O 64 -0.34 48.92 -2.14
CA MET O 64 0.48 47.79 -2.53
C MET O 64 0.89 47.01 -1.30
N ASP O 65 0.91 45.69 -1.43
CA ASP O 65 1.37 44.81 -0.36
C ASP O 65 1.63 43.43 -0.97
N VAL O 66 2.21 42.55 -0.16
CA VAL O 66 2.52 41.20 -0.59
C VAL O 66 1.59 40.23 0.14
N THR O 67 1.63 38.97 -0.29
CA THR O 67 0.82 37.93 0.32
C THR O 67 1.59 36.62 0.18
N HIS O 68 0.91 35.49 0.39
CA HIS O 68 1.54 34.17 0.31
C HIS O 68 0.55 33.20 -0.31
N VAL O 69 0.72 32.94 -1.61
CA VAL O 69 -0.10 31.97 -2.33
C VAL O 69 0.72 30.69 -2.34
N SER O 70 0.48 29.83 -1.36
CA SER O 70 1.37 28.70 -1.10
C SER O 70 1.35 27.67 -2.22
N GLU O 71 0.32 27.67 -3.05
CA GLU O 71 0.21 26.67 -4.11
C GLU O 71 1.06 27.00 -5.33
N PHE O 72 1.58 28.22 -5.43
CA PHE O 72 2.43 28.58 -6.57
C PHE O 72 3.83 27.98 -6.48
N GLY O 73 4.20 27.39 -5.35
CA GLY O 73 5.53 26.81 -5.24
C GLY O 73 6.56 27.87 -4.94
N LYS O 74 7.68 27.83 -5.68
CA LYS O 74 8.73 28.83 -5.48
C LYS O 74 8.26 30.23 -5.87
N LEU O 75 7.20 30.34 -6.67
CA LEU O 75 6.61 31.62 -7.03
C LEU O 75 5.49 32.04 -6.08
N LYS O 76 5.54 31.57 -4.82
CA LYS O 76 4.44 31.77 -3.90
C LYS O 76 4.24 33.23 -3.51
N TYR O 77 5.23 34.09 -3.74
CA TYR O 77 5.08 35.51 -3.42
C TYR O 77 4.32 36.19 -4.54
N VAL O 78 3.22 36.84 -4.19
CA VAL O 78 2.40 37.59 -5.12
C VAL O 78 2.41 39.05 -4.72
N HIS O 79 2.79 39.92 -5.64
CA HIS O 79 2.75 41.36 -5.43
C HIS O 79 1.46 41.90 -6.02
N VAL O 80 0.70 42.64 -5.22
CA VAL O 80 -0.63 43.11 -5.60
C VAL O 80 -0.63 44.63 -5.63
N THR O 81 -1.05 45.19 -6.75
CA THR O 81 -1.17 46.63 -6.91
C THR O 81 -2.59 46.94 -7.32
N VAL O 82 -3.28 47.78 -6.55
CA VAL O 82 -4.68 48.08 -6.78
C VAL O 82 -4.90 49.58 -6.71
N ASP O 83 -5.72 50.09 -7.63
CA ASP O 83 -6.15 51.48 -7.57
C ASP O 83 -7.19 51.64 -6.46
N THR O 84 -7.51 52.89 -6.15
CA THR O 84 -8.53 53.19 -5.15
C THR O 84 -9.83 53.71 -5.77
N TYR O 85 -9.75 54.50 -6.84
CA TYR O 85 -10.97 55.05 -7.42
C TYR O 85 -11.79 53.96 -8.10
N SER O 86 -11.16 53.13 -8.92
CA SER O 86 -11.86 52.13 -9.72
C SER O 86 -11.53 50.70 -9.31
N HIS O 87 -10.69 50.51 -8.28
CA HIS O 87 -10.33 49.18 -7.79
C HIS O 87 -9.73 48.31 -8.89
N PHE O 88 -9.08 48.94 -9.87
CA PHE O 88 -8.34 48.19 -10.87
C PHE O 88 -7.16 47.49 -10.22
N THR O 89 -6.94 46.22 -10.57
CA THR O 89 -5.96 45.39 -9.88
C THR O 89 -4.92 44.88 -10.86
N PHE O 90 -3.72 44.65 -10.34
CA PHE O 90 -2.65 44.00 -11.08
C PHE O 90 -1.83 43.14 -10.13
N ALA O 91 -1.28 42.05 -10.66
CA ALA O 91 -0.51 41.13 -9.86
C ALA O 91 0.53 40.44 -10.73
N THR O 92 1.55 39.88 -10.07
CA THR O 92 2.60 39.14 -10.73
C THR O 92 3.04 37.99 -9.84
N ALA O 93 3.64 36.98 -10.45
CA ALA O 93 4.17 35.82 -9.72
C ALA O 93 5.70 35.92 -9.75
N ARG O 94 6.25 36.60 -8.75
CA ARG O 94 7.68 36.82 -8.65
C ARG O 94 8.24 35.95 -7.54
N THR O 95 9.18 35.08 -7.88
CA THR O 95 9.80 34.21 -6.88
C THR O 95 10.59 35.05 -5.88
N GLY O 96 10.46 34.69 -4.61
CA GLY O 96 11.12 35.48 -3.59
C GLY O 96 10.53 36.88 -3.52
N GLU O 97 11.30 37.78 -2.90
CA GLU O 97 10.90 39.18 -2.82
C GLU O 97 12.15 39.99 -2.52
N ALA O 98 12.46 40.95 -3.38
CA ALA O 98 13.63 41.79 -3.20
C ALA O 98 13.34 43.15 -3.82
N THR O 99 14.25 44.10 -3.58
CA THR O 99 14.10 45.42 -4.18
C THR O 99 14.07 45.34 -5.69
N LYS O 100 14.87 44.43 -6.27
CA LYS O 100 14.83 44.23 -7.72
C LYS O 100 13.48 43.66 -8.16
N ASP O 101 12.95 42.68 -7.41
CA ASP O 101 11.66 42.11 -7.76
C ASP O 101 10.53 43.11 -7.57
N VAL O 102 10.58 43.87 -6.47
CA VAL O 102 9.59 44.92 -6.25
C VAL O 102 9.65 45.95 -7.37
N LEU O 103 10.86 46.29 -7.82
CA LEU O 103 11.01 47.26 -8.90
C LEU O 103 10.44 46.72 -10.21
N GLN O 104 10.69 45.45 -10.50
CA GLN O 104 10.11 44.84 -11.69
C GLN O 104 8.59 44.87 -11.61
N HIS O 105 8.03 44.57 -10.44
CA HIS O 105 6.58 44.64 -10.27
C HIS O 105 6.07 46.06 -10.47
N LEU O 106 6.81 47.05 -9.96
CA LEU O 106 6.44 48.45 -10.17
C LEU O 106 6.38 48.77 -11.66
N ALA O 107 7.40 48.37 -12.41
CA ALA O 107 7.42 48.66 -13.84
C ALA O 107 6.28 47.96 -14.56
N GLN O 108 6.02 46.70 -14.22
CA GLN O 108 4.91 45.99 -14.84
C GLN O 108 3.58 46.65 -14.54
N SER O 109 3.38 47.08 -13.29
CA SER O 109 2.15 47.77 -12.93
C SER O 109 2.00 49.09 -13.68
N PHE O 110 3.10 49.84 -13.81
CA PHE O 110 3.07 51.08 -14.58
C PHE O 110 2.66 50.80 -16.02
N ALA O 111 3.23 49.74 -16.61
CA ALA O 111 2.84 49.37 -17.97
C ALA O 111 1.38 48.97 -18.05
N TYR O 112 0.86 48.32 -17.02
CA TYR O 112 -0.49 47.77 -17.04
C TYR O 112 -1.55 48.79 -16.66
N MET O 113 -1.24 49.74 -15.78
CA MET O 113 -2.23 50.71 -15.32
C MET O 113 -1.85 52.14 -15.64
N GLY O 114 -0.63 52.56 -15.36
CA GLY O 114 -0.21 53.92 -15.64
C GLY O 114 0.66 54.44 -14.53
N ILE O 115 0.75 55.77 -14.44
CA ILE O 115 1.59 56.45 -13.48
C ILE O 115 0.71 57.05 -12.39
N PRO O 116 0.76 56.55 -11.16
CA PRO O 116 0.03 57.18 -10.07
C PRO O 116 0.79 58.34 -9.45
N GLN O 117 0.03 59.31 -8.95
CA GLN O 117 0.65 60.47 -8.31
C GLN O 117 1.42 60.06 -7.05
N LYS O 118 0.87 59.13 -6.28
CA LYS O 118 1.55 58.67 -5.08
C LYS O 118 1.13 57.22 -4.78
N ILE O 119 1.99 56.54 -4.03
CA ILE O 119 1.76 55.15 -3.64
C ILE O 119 1.90 55.07 -2.12
N LYS O 120 0.97 54.38 -1.48
CA LYS O 120 0.94 54.24 -0.02
C LYS O 120 0.99 52.75 0.31
N THR O 121 2.04 52.35 1.03
CA THR O 121 2.22 50.93 1.38
C THR O 121 2.51 50.75 2.85
N ASP O 122 2.87 49.53 3.24
CA ASP O 122 3.19 49.21 4.63
C ASP O 122 4.61 49.65 4.95
N ASN O 123 5.12 49.19 6.09
CA ASN O 123 6.49 49.48 6.53
C ASN O 123 7.42 48.31 6.28
N ALA O 124 7.21 47.59 5.17
CA ALA O 124 8.05 46.45 4.85
C ALA O 124 9.49 46.91 4.58
N PRO O 125 10.47 46.04 4.84
CA PRO O 125 11.88 46.45 4.60
C PRO O 125 12.15 46.86 3.17
N ALA O 126 11.47 46.23 2.20
CA ALA O 126 11.69 46.60 0.80
C ALA O 126 11.26 48.03 0.52
N TYR O 127 10.14 48.45 1.08
CA TYR O 127 9.59 49.77 0.80
C TYR O 127 10.26 50.87 1.61
N VAL O 128 11.13 50.53 2.55
CA VAL O 128 11.94 51.52 3.24
C VAL O 128 13.35 51.59 2.67
N SER O 129 13.75 50.60 1.86
CA SER O 129 15.05 50.63 1.22
C SER O 129 15.20 51.87 0.35
N ARG O 130 16.39 52.47 0.38
CA ARG O 130 16.60 53.74 -0.30
C ARG O 130 16.41 53.61 -1.80
N SER O 131 16.85 52.49 -2.38
CA SER O 131 16.83 52.33 -3.84
C SER O 131 15.45 52.65 -4.41
N ILE O 132 14.40 52.11 -3.79
CA ILE O 132 13.05 52.42 -4.21
C ILE O 132 12.74 53.90 -4.01
N GLN O 133 13.30 54.51 -2.95
CA GLN O 133 13.03 55.92 -2.69
C GLN O 133 13.56 56.80 -3.81
N GLU O 134 14.83 56.63 -4.19
CA GLU O 134 15.33 57.42 -5.29
C GLU O 134 14.74 57.00 -6.63
N PHE O 135 14.29 55.76 -6.79
CA PHE O 135 13.56 55.41 -8.01
C PHE O 135 12.27 56.21 -8.12
N LEU O 136 11.51 56.29 -7.02
CA LEU O 136 10.29 57.08 -7.03
C LEU O 136 10.59 58.56 -7.22
N ALA O 137 11.66 59.05 -6.61
CA ALA O 137 12.06 60.44 -6.82
C ALA O 137 12.37 60.71 -8.28
N ARG O 138 13.08 59.79 -8.95
CA ARG O 138 13.36 59.94 -10.37
C ARG O 138 12.08 59.92 -11.18
N TRP O 139 11.13 59.05 -10.81
CA TRP O 139 9.84 59.01 -11.48
C TRP O 139 8.85 60.03 -10.95
N LYS O 140 9.24 60.80 -9.92
CA LYS O 140 8.38 61.82 -9.32
C LYS O 140 7.06 61.21 -8.86
N ILE O 141 7.18 60.23 -7.95
CA ILE O 141 6.03 59.53 -7.38
C ILE O 141 6.18 59.59 -5.86
N SER O 142 5.22 60.22 -5.19
CA SER O 142 5.30 60.37 -3.75
C SER O 142 5.05 59.02 -3.07
N HIS O 143 5.48 58.95 -1.81
CA HIS O 143 5.41 57.70 -1.04
C HIS O 143 4.83 57.97 0.34
N VAL O 144 4.16 56.96 0.88
CA VAL O 144 3.61 56.99 2.24
C VAL O 144 3.95 55.67 2.91
N THR O 145 4.34 55.74 4.18
CA THR O 145 4.90 54.56 4.84
C THR O 145 3.90 53.82 5.72
N GLY O 146 2.98 54.54 6.37
CA GLY O 146 2.00 53.89 7.23
C GLY O 146 2.57 53.53 8.59
N ILE O 147 1.66 53.12 9.48
CA ILE O 147 2.03 52.75 10.85
C ILE O 147 2.32 51.25 10.90
N PRO O 148 3.40 50.84 11.56
CA PRO O 148 3.74 49.42 11.61
C PRO O 148 2.68 48.59 12.33
N TYR O 149 2.61 47.31 11.95
CA TYR O 149 1.69 46.32 12.51
C TYR O 149 0.23 46.67 12.26
N ASN O 150 -0.05 47.59 11.33
CA ASN O 150 -1.38 48.17 11.16
C ASN O 150 -1.83 47.95 9.72
N PRO O 151 -2.25 46.74 9.36
CA PRO O 151 -2.80 46.52 8.01
C PRO O 151 -4.07 47.31 7.74
N GLN O 152 -4.73 47.81 8.79
CA GLN O 152 -5.93 48.61 8.60
C GLN O 152 -5.67 49.84 7.74
N GLY O 153 -4.44 50.34 7.72
CA GLY O 153 -4.06 51.38 6.79
C GLY O 153 -3.85 50.90 5.38
N GLN O 154 -3.86 49.58 5.16
CA GLN O 154 -3.77 48.98 3.83
C GLN O 154 -4.96 48.07 3.58
N ALA O 155 -6.06 48.34 4.28
CA ALA O 155 -7.26 47.50 4.16
C ALA O 155 -7.73 47.37 2.71
N ILE O 156 -7.52 48.39 1.88
CA ILE O 156 -7.93 48.30 0.48
C ILE O 156 -7.18 47.18 -0.23
N VAL O 157 -5.86 47.17 -0.11
CA VAL O 157 -5.09 46.10 -0.75
C VAL O 157 -5.31 44.77 -0.06
N GLU O 158 -5.66 44.77 1.23
CA GLU O 158 -5.99 43.51 1.90
C GLU O 158 -7.27 42.91 1.33
N ARG O 159 -8.30 43.74 1.14
CA ARG O 159 -9.52 43.26 0.50
C ARG O 159 -9.27 42.83 -0.93
N THR O 160 -8.37 43.53 -1.63
CA THR O 160 -7.98 43.09 -2.97
C THR O 160 -7.30 41.73 -2.92
N HIS O 161 -6.48 41.49 -1.90
CA HIS O 161 -5.90 40.17 -1.69
C HIS O 161 -7.00 39.13 -1.53
N GLN O 162 -8.02 39.44 -0.73
CA GLN O 162 -9.14 38.52 -0.56
C GLN O 162 -9.79 38.19 -1.90
N ASN O 163 -10.09 39.23 -2.69
CA ASN O 163 -10.72 39.02 -3.98
C ASN O 163 -9.86 38.18 -4.90
N ILE O 164 -8.57 38.50 -4.98
CA ILE O 164 -7.66 37.78 -5.88
C ILE O 164 -7.52 36.34 -5.45
N LYS O 165 -7.41 36.09 -4.14
CA LYS O 165 -7.31 34.72 -3.65
C LYS O 165 -8.56 33.93 -4.00
N ALA O 166 -9.73 34.52 -3.80
CA ALA O 166 -10.97 33.82 -4.14
C ALA O 166 -11.02 33.49 -5.62
N GLN O 167 -10.68 34.47 -6.47
CA GLN O 167 -10.76 34.24 -7.91
C GLN O 167 -9.74 33.19 -8.36
N LEU O 168 -8.52 33.23 -7.82
CA LEU O 168 -7.53 32.25 -8.24
C LEU O 168 -7.87 30.86 -7.75
N ASN O 169 -8.46 30.75 -6.56
CA ASN O 169 -8.91 29.44 -6.09
C ASN O 169 -10.03 28.90 -6.97
N LYS O 170 -10.98 29.76 -7.35
CA LYS O 170 -12.05 29.33 -8.26
C LYS O 170 -11.48 28.84 -9.58
N LEU O 171 -10.56 29.61 -10.16
CA LEU O 171 -9.98 29.21 -11.45
C LEU O 171 -9.15 27.95 -11.31
N GLN O 172 -8.44 27.78 -10.19
CA GLN O 172 -7.67 26.56 -9.95
C GLN O 172 -8.58 25.35 -9.90
N LYS O 173 -9.71 25.46 -9.21
CA LYS O 173 -10.68 24.37 -9.21
C LYS O 173 -11.37 24.21 -10.56
N ALA O 174 -11.33 25.23 -11.41
CA ALA O 174 -12.00 25.14 -12.70
C ALA O 174 -11.32 24.15 -13.62
N GLY O 175 -9.99 24.23 -13.74
CA GLY O 175 -9.26 23.37 -14.65
C GLY O 175 -7.78 23.27 -14.37
N LYS O 176 -7.00 22.97 -15.40
CA LYS O 176 -5.55 22.83 -15.30
C LYS O 176 -4.88 23.92 -16.12
N TYR O 177 -3.93 24.61 -15.50
CA TYR O 177 -3.25 25.75 -16.13
C TYR O 177 -1.76 25.47 -16.22
N TYR O 178 -1.15 25.95 -17.30
CA TYR O 178 0.26 25.64 -17.58
C TYR O 178 1.18 26.16 -16.49
N THR O 179 1.22 27.48 -16.31
CA THR O 179 2.13 28.10 -15.37
C THR O 179 1.36 29.04 -14.44
N PRO O 180 1.88 29.28 -13.24
CA PRO O 180 1.19 30.20 -12.32
C PRO O 180 0.99 31.59 -12.90
N HIS O 181 1.92 32.06 -13.72
CA HIS O 181 1.72 33.36 -14.37
C HIS O 181 0.49 33.34 -15.27
N HIS O 182 0.27 32.24 -15.98
CA HIS O 182 -0.89 32.13 -16.86
C HIS O 182 -2.19 32.21 -16.05
N LEU O 183 -2.26 31.46 -14.95
CA LEU O 183 -3.46 31.48 -14.12
C LEU O 183 -3.68 32.85 -13.50
N LEU O 184 -2.60 33.48 -13.01
CA LEU O 184 -2.73 34.81 -12.43
C LEU O 184 -3.20 35.81 -13.47
N ALA O 185 -2.69 35.70 -14.70
CA ALA O 185 -3.14 36.60 -15.77
C ALA O 185 -4.62 36.40 -16.06
N HIS O 186 -5.07 35.15 -16.11
CA HIS O 186 -6.50 34.89 -16.34
C HIS O 186 -7.35 35.49 -15.22
N ALA O 187 -6.92 35.29 -13.97
CA ALA O 187 -7.68 35.82 -12.84
C ALA O 187 -7.72 37.35 -12.87
N LEU O 188 -6.60 37.98 -13.18
CA LEU O 188 -6.56 39.43 -13.27
C LEU O 188 -7.46 39.93 -14.40
N PHE O 189 -7.45 39.23 -15.54
CA PHE O 189 -8.35 39.58 -16.63
C PHE O 189 -9.80 39.53 -16.17
N VAL O 190 -10.19 38.44 -15.50
CA VAL O 190 -11.56 38.33 -15.03
C VAL O 190 -11.91 39.47 -14.09
N LEU O 191 -11.03 39.73 -13.11
CA LEU O 191 -11.31 40.74 -12.10
C LEU O 191 -11.39 42.14 -12.71
N ASN O 192 -10.55 42.42 -13.71
CA ASN O 192 -10.48 43.76 -14.26
C ASN O 192 -11.59 44.03 -15.27
N HIS O 193 -11.83 43.11 -16.20
CA HIS O 193 -12.79 43.35 -17.27
C HIS O 193 -14.10 42.60 -17.10
N VAL O 194 -14.06 41.35 -16.65
CA VAL O 194 -15.24 40.49 -16.61
C VAL O 194 -16.03 40.69 -15.33
N ASN O 195 -15.36 40.76 -14.18
CA ASN O 195 -16.00 40.93 -12.89
C ASN O 195 -16.49 42.37 -12.72
N MET O 196 -17.60 42.66 -13.39
CA MET O 196 -18.07 44.04 -13.47
C MET O 196 -18.71 44.45 -12.14
N ASP O 197 -18.89 45.76 -11.98
CA ASP O 197 -19.48 46.32 -10.76
C ASP O 197 -20.99 46.08 -10.74
N ASN O 198 -21.67 46.68 -9.78
CA ASN O 198 -23.11 46.55 -9.63
C ASN O 198 -23.85 47.67 -10.36
N GLN O 199 -23.14 48.58 -11.02
CA GLN O 199 -23.74 49.71 -11.70
C GLN O 199 -23.56 49.66 -13.21
N GLY O 200 -23.33 48.48 -13.77
CA GLY O 200 -23.13 48.35 -15.21
C GLY O 200 -21.90 49.06 -15.73
N HIS O 201 -20.78 48.95 -15.00
CA HIS O 201 -19.54 49.63 -15.37
C HIS O 201 -18.36 48.72 -15.05
N THR O 202 -17.73 48.17 -16.07
CA THR O 202 -16.56 47.33 -15.86
C THR O 202 -15.43 48.14 -15.23
N ALA O 203 -14.67 47.48 -14.36
CA ALA O 203 -13.58 48.16 -13.67
C ALA O 203 -12.60 48.79 -14.65
N ALA O 204 -12.43 48.17 -15.82
CA ALA O 204 -11.49 48.70 -16.81
C ALA O 204 -11.91 50.09 -17.26
N GLU O 205 -13.15 50.26 -17.68
CA GLU O 205 -13.58 51.56 -18.17
C GLU O 205 -13.93 52.52 -17.04
N ARG O 206 -13.95 52.04 -15.79
CA ARG O 206 -13.95 52.97 -14.67
C ARG O 206 -12.55 53.53 -14.44
N HIS O 207 -11.51 52.70 -14.62
CA HIS O 207 -10.14 53.16 -14.46
C HIS O 207 -9.82 54.27 -15.44
N TRP O 208 -10.20 54.09 -16.70
CA TRP O 208 -10.03 55.09 -17.73
C TRP O 208 -11.38 55.75 -18.02
N GLY O 209 -11.42 56.55 -19.08
CA GLY O 209 -12.67 57.09 -19.54
C GLY O 209 -13.16 58.27 -18.72
N PRO O 210 -14.39 58.72 -18.99
CA PRO O 210 -14.90 59.93 -18.34
C PRO O 210 -15.34 59.67 -16.91
N ILE O 211 -15.08 60.64 -16.05
CA ILE O 211 -15.56 60.59 -14.68
C ILE O 211 -17.06 60.83 -14.66
N SER O 212 -17.77 60.05 -13.85
CA SER O 212 -19.21 60.25 -13.65
C SER O 212 -19.41 61.35 -12.62
N ALA O 213 -20.06 62.43 -13.01
CA ALA O 213 -20.24 63.61 -12.16
C ALA O 213 -21.73 63.90 -12.05
N ASP O 214 -22.39 63.25 -11.10
CA ASP O 214 -23.78 63.57 -10.79
C ASP O 214 -23.84 64.84 -9.95
N PRO O 215 -24.98 65.52 -9.93
CA PRO O 215 -25.13 66.67 -9.02
C PRO O 215 -24.98 66.24 -7.57
N LYS O 216 -23.96 66.76 -6.90
CA LYS O 216 -23.62 66.27 -5.58
C LYS O 216 -24.59 66.83 -4.54
N PRO O 217 -24.94 66.05 -3.52
CA PRO O 217 -25.90 66.52 -2.52
C PRO O 217 -25.28 67.54 -1.58
N MET O 218 -26.17 68.33 -0.97
CA MET O 218 -25.80 69.31 0.05
C MET O 218 -26.12 68.71 1.40
N VAL O 219 -25.12 68.09 2.04
CA VAL O 219 -25.34 67.31 3.25
C VAL O 219 -24.70 68.03 4.43
N MET O 220 -25.22 67.73 5.62
CA MET O 220 -24.71 68.28 6.86
C MET O 220 -23.55 67.41 7.35
N TRP O 221 -22.55 68.05 7.96
CA TRP O 221 -21.30 67.39 8.28
C TRP O 221 -20.89 67.67 9.72
N LYS O 222 -20.39 66.63 10.40
CA LYS O 222 -19.87 66.74 11.75
C LYS O 222 -18.35 66.77 11.68
N ASP O 223 -17.74 67.78 12.30
CA ASP O 223 -16.29 67.93 12.30
C ASP O 223 -15.73 67.16 13.49
N LEU O 224 -15.01 66.08 13.19
CA LEU O 224 -14.45 65.24 14.25
C LEU O 224 -13.38 66.00 15.06
N LEU O 225 -12.57 66.82 14.40
CA LEU O 225 -11.44 67.47 15.07
C LEU O 225 -11.83 68.72 15.83
N THR O 226 -13.09 69.14 15.78
CA THR O 226 -13.56 70.25 16.61
C THR O 226 -14.83 69.93 17.40
N GLY O 227 -15.42 68.75 17.21
CA GLY O 227 -16.59 68.38 17.96
C GLY O 227 -17.79 69.27 17.75
N SER O 228 -17.95 69.81 16.54
CA SER O 228 -19.08 70.66 16.21
C SER O 228 -19.63 70.29 14.85
N TRP O 229 -20.96 70.24 14.75
CA TRP O 229 -21.63 69.98 13.48
C TRP O 229 -21.57 71.23 12.62
N LYS O 230 -20.69 71.24 11.62
CA LYS O 230 -20.50 72.39 10.75
C LYS O 230 -20.85 72.02 9.31
N GLY O 231 -21.69 72.85 8.69
CA GLY O 231 -22.13 72.62 7.33
C GLY O 231 -23.26 73.54 6.94
N PRO O 232 -23.96 73.22 5.84
CA PRO O 232 -23.72 72.06 4.97
C PRO O 232 -22.57 72.29 4.00
N ASP O 233 -22.10 71.22 3.35
CA ASP O 233 -20.99 71.29 2.42
C ASP O 233 -21.23 70.33 1.27
N VAL O 234 -20.19 70.09 0.49
CA VAL O 234 -20.29 69.23 -0.69
C VAL O 234 -19.84 67.82 -0.33
N LEU O 235 -20.63 66.83 -0.73
CA LEU O 235 -20.29 65.42 -0.55
C LEU O 235 -19.76 64.90 -1.87
N ILE O 236 -18.46 64.58 -1.91
CA ILE O 236 -17.82 64.18 -3.16
C ILE O 236 -18.21 62.74 -3.51
N THR O 237 -17.84 61.79 -2.66
CA THR O 237 -18.13 60.39 -2.89
C THR O 237 -18.66 59.76 -1.61
N ALA O 238 -19.29 58.59 -1.77
CA ALA O 238 -19.85 57.87 -0.64
C ALA O 238 -19.85 56.38 -0.95
N GLY O 239 -19.98 55.59 0.10
CA GLY O 239 -20.00 54.14 -0.04
C GLY O 239 -20.35 53.45 1.25
N ARG O 240 -19.65 52.36 1.55
CA ARG O 240 -19.89 51.59 2.77
C ARG O 240 -18.88 52.04 3.82
N GLY O 241 -19.24 53.06 4.58
CA GLY O 241 -18.44 53.52 5.69
C GLY O 241 -17.59 54.75 5.43
N TYR O 242 -17.40 55.14 4.18
CA TYR O 242 -16.50 56.23 3.84
C TYR O 242 -17.26 57.34 3.13
N ALA O 243 -16.79 58.57 3.32
CA ALA O 243 -17.38 59.74 2.65
C ALA O 243 -16.30 60.79 2.48
N CYS O 244 -16.56 61.72 1.56
CA CYS O 244 -15.60 62.77 1.20
C CYS O 244 -16.31 64.12 1.22
N VAL O 245 -15.91 64.98 2.15
CA VAL O 245 -16.46 66.32 2.25
C VAL O 245 -15.35 67.33 2.02
N PHE O 246 -15.61 68.29 1.14
CA PHE O 246 -14.60 69.27 0.72
C PHE O 246 -15.18 70.67 0.85
N PRO O 247 -15.18 71.23 2.05
CA PRO O 247 -15.73 72.57 2.24
C PRO O 247 -14.87 73.63 1.56
N GLN O 248 -15.51 74.77 1.27
CA GLN O 248 -14.80 75.85 0.57
C GLN O 248 -13.63 76.37 1.39
N ASP O 249 -13.83 76.55 2.70
CA ASP O 249 -12.78 77.09 3.56
C ASP O 249 -11.65 76.09 3.81
N ALA O 250 -11.82 74.82 3.45
CA ALA O 250 -10.80 73.81 3.63
C ALA O 250 -9.97 73.66 2.36
N GLU O 251 -8.67 73.49 2.52
CA GLU O 251 -7.77 73.41 1.37
C GLU O 251 -7.80 72.06 0.69
N SER O 252 -8.03 70.98 1.42
CA SER O 252 -7.99 69.63 0.88
C SER O 252 -9.26 68.88 1.24
N PRO O 253 -9.64 67.89 0.43
CA PRO O 253 -10.80 67.07 0.79
C PRO O 253 -10.61 66.32 2.10
N ILE O 254 -11.71 66.10 2.80
CA ILE O 254 -11.71 65.51 4.14
C ILE O 254 -12.31 64.11 4.05
N TRP O 255 -11.63 63.15 4.68
CA TRP O 255 -12.07 61.75 4.71
C TRP O 255 -12.60 61.45 6.11
N VAL O 256 -13.91 61.22 6.21
CA VAL O 256 -14.55 60.95 7.48
C VAL O 256 -15.45 59.72 7.35
N PRO O 257 -15.68 58.95 8.41
CA PRO O 257 -16.64 57.85 8.32
C PRO O 257 -18.05 58.36 8.07
N ASP O 258 -18.83 57.54 7.36
CA ASP O 258 -20.12 57.99 6.86
C ASP O 258 -21.09 58.36 7.97
N ARG O 259 -20.98 57.72 9.13
CA ARG O 259 -21.96 57.92 10.19
C ARG O 259 -22.01 59.35 10.68
N PHE O 260 -20.94 60.13 10.50
CA PHE O 260 -20.91 61.51 10.94
C PHE O 260 -21.53 62.45 9.92
N ILE O 261 -22.00 61.95 8.79
CA ILE O 261 -22.70 62.75 7.79
C ILE O 261 -24.18 62.52 7.97
N ARG O 262 -24.90 63.58 8.32
CA ARG O 262 -26.34 63.54 8.51
C ARG O 262 -27.01 64.26 7.36
N PRO O 263 -27.80 63.57 6.53
CA PRO O 263 -28.41 64.25 5.38
C PRO O 263 -29.31 65.40 5.80
N PHE O 264 -29.28 66.46 5.00
CA PHE O 264 -30.08 67.65 5.27
C PHE O 264 -31.34 67.67 4.40
N ALA P 1 10.89 75.60 -17.05
CA ALA P 1 9.92 74.51 -17.04
C ALA P 1 10.35 73.40 -17.98
N LEU P 2 11.05 73.78 -19.06
CA LEU P 2 11.50 72.79 -20.03
C LEU P 2 12.55 71.84 -19.46
N GLU P 3 13.17 72.20 -18.33
CA GLU P 3 14.07 71.27 -17.67
C GLU P 3 13.33 70.01 -17.21
N SER P 4 12.06 70.17 -16.82
CA SER P 4 11.24 69.01 -16.51
C SER P 4 11.07 68.11 -17.73
N ALA P 5 10.87 68.73 -18.91
CA ALA P 5 10.78 67.96 -20.14
C ALA P 5 12.10 67.24 -20.43
N GLN P 6 13.23 67.93 -20.19
CA GLN P 6 14.53 67.31 -20.40
C GLN P 6 14.70 66.07 -19.52
N GLU P 7 14.37 66.22 -18.23
CA GLU P 7 14.50 65.08 -17.32
C GLU P 7 13.53 63.96 -17.70
N SER P 8 12.31 64.31 -18.12
CA SER P 8 11.35 63.29 -18.51
C SER P 8 11.81 62.52 -19.74
N HIS P 9 12.38 63.22 -20.72
CA HIS P 9 12.92 62.53 -21.89
C HIS P 9 14.16 61.71 -21.53
N ALA P 10 14.95 62.17 -20.56
CA ALA P 10 16.08 61.38 -20.10
C ALA P 10 15.61 60.07 -19.49
N LEU P 11 14.56 60.12 -18.68
CA LEU P 11 14.08 58.92 -17.99
C LEU P 11 13.26 58.01 -18.90
N HIS P 12 12.52 58.56 -19.85
CA HIS P 12 11.58 57.78 -20.64
C HIS P 12 11.80 57.85 -22.15
N HIS P 13 12.35 58.94 -22.66
CA HIS P 13 12.59 59.13 -24.10
C HIS P 13 11.28 58.98 -24.89
N GLN P 14 10.37 59.91 -24.62
CA GLN P 14 9.08 59.96 -25.30
C GLN P 14 9.12 60.95 -26.45
N ASN P 15 8.11 60.88 -27.31
CA ASN P 15 8.01 61.77 -28.44
C ASN P 15 7.71 63.19 -27.98
N ALA P 16 8.00 64.15 -28.87
CA ALA P 16 7.83 65.56 -28.53
C ALA P 16 6.38 65.90 -28.24
N ALA P 17 5.44 65.16 -28.81
CA ALA P 17 4.03 65.41 -28.55
C ALA P 17 3.70 65.24 -27.07
N ALA P 18 4.24 64.19 -26.44
CA ALA P 18 4.00 63.98 -25.02
C ALA P 18 4.56 65.13 -24.20
N LEU P 19 5.78 65.56 -24.52
CA LEU P 19 6.40 66.64 -23.76
C LEU P 19 5.59 67.93 -23.89
N ARG P 20 5.14 68.24 -25.11
CA ARG P 20 4.42 69.49 -25.32
C ARG P 20 3.01 69.43 -24.75
N PHE P 21 2.41 68.24 -24.67
CA PHE P 21 1.07 68.12 -24.13
C PHE P 21 1.04 67.90 -22.63
N GLN P 22 2.18 67.59 -22.02
CA GLN P 22 2.25 67.41 -20.57
C GLN P 22 2.87 68.61 -19.86
N PHE P 23 3.94 69.19 -20.41
CA PHE P 23 4.60 70.32 -19.79
C PHE P 23 4.40 71.63 -20.54
N HIS P 24 3.49 71.65 -21.52
CA HIS P 24 3.15 72.86 -22.27
C HIS P 24 4.36 73.47 -22.95
N ILE P 25 5.29 72.62 -23.42
CA ILE P 25 6.49 73.08 -24.09
C ILE P 25 6.13 73.47 -25.53
N THR P 26 6.81 74.50 -26.03
CA THR P 26 6.61 74.91 -27.41
C THR P 26 7.09 73.81 -28.36
N ARG P 27 6.42 73.71 -29.51
CA ARG P 27 6.64 72.58 -30.42
C ARG P 27 8.09 72.49 -30.86
N GLU P 28 8.65 73.59 -31.35
CA GLU P 28 10.04 73.56 -31.82
C GLU P 28 11.02 73.33 -30.67
N GLN P 29 10.70 73.82 -29.47
CA GLN P 29 11.55 73.54 -28.31
C GLN P 29 11.57 72.05 -28.01
N ALA P 30 10.41 71.41 -28.05
CA ALA P 30 10.36 69.97 -27.84
C ALA P 30 11.10 69.22 -28.94
N ARG P 31 10.97 69.68 -30.19
CA ARG P 31 11.71 69.07 -31.28
C ARG P 31 13.21 69.18 -31.06
N GLU P 32 13.69 70.34 -30.62
CA GLU P 32 15.10 70.51 -30.33
C GLU P 32 15.55 69.60 -29.18
N ILE P 33 14.71 69.48 -28.15
CA ILE P 33 15.04 68.58 -27.04
C ILE P 33 15.15 67.15 -27.52
N VAL P 34 14.24 66.73 -28.41
CA VAL P 34 14.32 65.40 -28.98
C VAL P 34 15.60 65.21 -29.78
N LYS P 35 15.95 66.22 -30.60
CA LYS P 35 17.17 66.12 -31.40
C LYS P 35 18.41 66.09 -30.52
N LEU P 36 18.40 66.86 -29.42
CA LEU P 36 19.53 66.85 -28.49
C LEU P 36 19.72 65.51 -27.81
N CYS P 37 18.69 64.66 -27.78
CA CYS P 37 18.84 63.34 -27.21
C CYS P 37 19.75 62.50 -28.10
N PRO P 38 20.78 61.86 -27.55
CA PRO P 38 21.71 61.09 -28.41
C PRO P 38 21.04 59.94 -29.14
N ASN P 39 20.04 59.30 -28.55
CA ASN P 39 19.39 58.14 -29.16
C ASN P 39 18.07 58.47 -29.83
N CYS P 40 17.75 59.75 -29.99
CA CYS P 40 16.50 60.17 -30.63
C CYS P 40 16.81 60.95 -31.90
N PRO P 41 16.80 60.30 -33.08
CA PRO P 41 17.08 60.94 -34.36
C PRO P 41 16.03 61.99 -34.73
N GLY P 55 -8.92 49.31 -38.19
CA GLY P 55 -10.26 49.10 -37.68
C GLY P 55 -10.96 50.37 -37.27
N LEU P 56 -12.21 50.24 -36.80
CA LEU P 56 -13.00 51.38 -36.37
C LEU P 56 -13.12 51.50 -34.85
N LYS P 57 -13.19 50.39 -34.14
CA LYS P 57 -13.30 50.40 -32.69
C LYS P 57 -12.25 49.49 -32.08
N PRO P 58 -11.79 49.79 -30.87
CA PRO P 58 -10.84 48.90 -30.20
C PRO P 58 -11.50 47.58 -29.82
N ARG P 59 -10.65 46.57 -29.61
CA ARG P 59 -11.09 45.22 -29.26
C ARG P 59 -12.00 44.63 -30.33
N VAL P 60 -11.80 45.02 -31.59
CA VAL P 60 -12.53 44.48 -32.72
C VAL P 60 -11.66 43.50 -33.51
N LEU P 61 -10.53 43.96 -34.01
CA LEU P 61 -9.60 43.10 -34.74
C LEU P 61 -8.18 43.43 -34.30
N TRP P 62 -7.40 42.38 -34.05
CA TRP P 62 -6.00 42.53 -33.68
C TRP P 62 -5.12 41.78 -34.67
N GLN P 63 -3.86 42.20 -34.74
CA GLN P 63 -2.84 41.54 -35.53
C GLN P 63 -1.76 41.01 -34.61
N MET P 64 -1.26 39.81 -34.92
CA MET P 64 -0.27 39.15 -34.09
C MET P 64 0.78 38.48 -34.95
N ASP P 65 2.02 38.48 -34.47
CA ASP P 65 3.13 37.83 -35.15
C ASP P 65 4.22 37.54 -34.13
N VAL P 66 5.29 36.94 -34.61
CA VAL P 66 6.45 36.60 -33.79
C VAL P 66 7.67 37.30 -34.36
N THR P 67 8.51 37.83 -33.49
CA THR P 67 9.72 38.53 -33.92
C THR P 67 10.94 38.04 -33.15
N HIS P 68 12.08 38.69 -33.34
CA HIS P 68 13.31 38.31 -32.66
C HIS P 68 14.12 39.56 -32.32
N VAL P 69 14.62 39.61 -31.09
CA VAL P 69 15.58 40.62 -30.67
C VAL P 69 16.74 39.92 -29.98
N SER P 70 17.96 40.15 -30.47
CA SER P 70 19.10 39.36 -30.05
C SER P 70 19.72 39.82 -28.73
N GLU P 71 19.31 40.99 -28.22
CA GLU P 71 19.91 41.48 -26.98
C GLU P 71 19.52 40.63 -25.78
N PHE P 72 18.34 40.00 -25.82
CA PHE P 72 17.89 39.20 -24.68
C PHE P 72 18.69 37.91 -24.56
N GLY P 73 19.10 37.33 -25.68
CA GLY P 73 19.90 36.11 -25.66
C GLY P 73 19.07 34.86 -25.52
N LYS P 74 18.59 34.57 -24.31
CA LYS P 74 17.77 33.39 -24.08
C LYS P 74 16.29 33.67 -24.28
N LEU P 75 15.86 34.90 -24.07
CA LEU P 75 14.46 35.31 -24.27
C LEU P 75 14.31 36.11 -25.56
N LYS P 76 15.05 35.74 -26.61
CA LYS P 76 15.07 36.50 -27.85
C LYS P 76 13.77 36.38 -28.64
N TYR P 77 12.86 35.51 -28.23
CA TYR P 77 11.58 35.33 -28.93
C TYR P 77 10.53 36.18 -28.24
N VAL P 78 9.92 37.09 -29.00
CA VAL P 78 8.94 38.03 -28.47
C VAL P 78 7.67 37.95 -29.32
N HIS P 79 6.53 37.80 -28.65
CA HIS P 79 5.24 37.84 -29.30
C HIS P 79 4.59 39.19 -29.05
N VAL P 80 4.03 39.79 -30.10
CA VAL P 80 3.44 41.12 -30.03
C VAL P 80 2.03 41.07 -30.59
N THR P 81 1.08 41.65 -29.87
CA THR P 81 -0.30 41.78 -30.32
C THR P 81 -0.68 43.24 -30.29
N VAL P 82 -1.25 43.73 -31.40
CA VAL P 82 -1.60 45.14 -31.54
C VAL P 82 -3.01 45.23 -32.11
N ASP P 83 -3.84 46.08 -31.50
CA ASP P 83 -5.16 46.34 -32.05
C ASP P 83 -5.06 47.14 -33.33
N THR P 84 -5.98 46.86 -34.26
CA THR P 84 -5.96 47.54 -35.55
C THR P 84 -6.27 49.02 -35.41
N TYR P 85 -7.25 49.38 -34.58
CA TYR P 85 -7.74 50.75 -34.55
C TYR P 85 -6.86 51.64 -33.66
N SER P 86 -6.80 51.35 -32.37
CA SER P 86 -6.21 52.26 -31.41
C SER P 86 -4.69 52.21 -31.36
N HIS P 87 -4.07 51.29 -32.11
CA HIS P 87 -2.62 51.09 -32.09
C HIS P 87 -2.12 50.74 -30.68
N PHE P 88 -3.02 50.27 -29.82
CA PHE P 88 -2.61 49.82 -28.48
C PHE P 88 -1.82 48.53 -28.61
N THR P 89 -0.70 48.45 -27.91
CA THR P 89 0.28 47.40 -28.13
C THR P 89 0.53 46.60 -26.86
N PHE P 90 0.83 45.32 -27.05
CA PHE P 90 1.27 44.45 -25.98
C PHE P 90 2.36 43.52 -26.51
N ALA P 91 3.39 43.29 -25.69
CA ALA P 91 4.49 42.42 -26.05
C ALA P 91 4.80 41.50 -24.88
N THR P 92 5.43 40.37 -25.19
CA THR P 92 5.74 39.37 -24.18
C THR P 92 7.09 38.75 -24.48
N ALA P 93 7.91 38.58 -23.44
CA ALA P 93 9.20 37.92 -23.55
C ALA P 93 9.02 36.44 -23.28
N ARG P 94 9.43 35.61 -24.24
CA ARG P 94 9.23 34.17 -24.15
C ARG P 94 10.47 33.45 -24.65
N THR P 95 10.61 32.20 -24.20
CA THR P 95 11.78 31.39 -24.54
C THR P 95 11.69 30.73 -25.90
N GLY P 96 10.56 30.84 -26.59
CA GLY P 96 10.43 30.20 -27.89
C GLY P 96 9.08 30.48 -28.50
N GLU P 97 8.87 29.90 -29.69
CA GLU P 97 7.63 30.04 -30.43
C GLU P 97 6.74 28.81 -30.31
N ALA P 98 6.93 28.04 -29.23
CA ALA P 98 6.11 26.86 -29.00
C ALA P 98 4.66 27.26 -28.76
N THR P 99 3.75 26.32 -29.07
CA THR P 99 2.33 26.60 -28.94
C THR P 99 1.94 26.94 -27.50
N LYS P 100 2.63 26.37 -26.52
CA LYS P 100 2.36 26.72 -25.13
C LYS P 100 2.71 28.18 -24.85
N ASP P 101 3.86 28.64 -25.34
CA ASP P 101 4.24 30.04 -25.15
C ASP P 101 3.28 30.96 -25.87
N VAL P 102 2.83 30.57 -27.07
CA VAL P 102 1.84 31.37 -27.79
C VAL P 102 0.53 31.45 -27.01
N LEU P 103 0.11 30.33 -26.42
CA LEU P 103 -1.11 30.31 -25.63
C LEU P 103 -0.99 31.23 -24.42
N GLN P 104 0.15 31.16 -23.73
CA GLN P 104 0.36 32.05 -22.59
C GLN P 104 0.36 33.52 -23.02
N HIS P 105 0.97 33.80 -24.18
CA HIS P 105 0.95 35.16 -24.70
C HIS P 105 -0.47 35.61 -25.01
N LEU P 106 -1.29 34.71 -25.56
CA LEU P 106 -2.69 35.04 -25.82
C LEU P 106 -3.41 35.40 -24.53
N ALA P 107 -3.21 34.58 -23.49
CA ALA P 107 -3.88 34.85 -22.22
C ALA P 107 -3.44 36.18 -21.63
N GLN P 108 -2.13 36.45 -21.62
CA GLN P 108 -1.65 37.70 -21.05
C GLN P 108 -2.06 38.90 -21.89
N SER P 109 -2.13 38.73 -23.22
CA SER P 109 -2.62 39.79 -24.08
C SER P 109 -4.08 40.10 -23.80
N PHE P 110 -4.90 39.05 -23.60
CA PHE P 110 -6.28 39.28 -23.21
C PHE P 110 -6.36 40.02 -21.89
N ALA P 111 -5.52 39.63 -20.92
CA ALA P 111 -5.53 40.30 -19.63
C ALA P 111 -5.15 41.77 -19.76
N TYR P 112 -4.13 42.07 -20.54
CA TYR P 112 -3.65 43.45 -20.67
C TYR P 112 -4.57 44.30 -21.54
N MET P 113 -5.29 43.68 -22.48
CA MET P 113 -6.02 44.38 -23.51
C MET P 113 -7.53 44.23 -23.37
N GLY P 114 -8.02 43.01 -23.22
CA GLY P 114 -9.45 42.79 -23.12
C GLY P 114 -9.93 41.60 -23.94
N ILE P 115 -11.14 41.67 -24.44
CA ILE P 115 -11.74 40.62 -25.26
C ILE P 115 -11.88 41.14 -26.69
N PRO P 116 -11.28 40.49 -27.68
CA PRO P 116 -11.41 40.95 -29.06
C PRO P 116 -12.58 40.30 -29.78
N GLN P 117 -13.07 40.99 -30.81
CA GLN P 117 -14.10 40.41 -31.65
C GLN P 117 -13.53 39.35 -32.59
N LYS P 118 -12.32 39.58 -33.09
CA LYS P 118 -11.63 38.61 -33.94
C LYS P 118 -10.15 38.90 -33.92
N ILE P 119 -9.36 37.88 -34.26
CA ILE P 119 -7.90 37.96 -34.28
C ILE P 119 -7.41 37.46 -35.63
N LYS P 120 -6.47 38.21 -36.21
CA LYS P 120 -5.86 37.86 -37.49
C LYS P 120 -4.39 37.53 -37.27
N THR P 121 -4.00 36.31 -37.63
CA THR P 121 -2.63 35.85 -37.49
C THR P 121 -2.10 35.41 -38.85
N ASP P 122 -0.87 34.91 -38.86
CA ASP P 122 -0.25 34.37 -40.06
C ASP P 122 -0.62 32.90 -40.22
N ASN P 123 -0.14 32.29 -41.30
CA ASN P 123 -0.39 30.88 -41.56
C ASN P 123 0.62 29.95 -40.91
N ALA P 124 1.26 30.41 -39.83
CA ALA P 124 2.23 29.57 -39.13
C ALA P 124 1.53 28.36 -38.50
N PRO P 125 2.24 27.25 -38.34
CA PRO P 125 1.59 26.05 -37.78
C PRO P 125 1.03 26.25 -36.39
N ALA P 126 1.61 27.16 -35.60
CA ALA P 126 1.12 27.36 -34.24
C ALA P 126 -0.33 27.84 -34.23
N TYR P 127 -0.66 28.82 -35.08
CA TYR P 127 -2.02 29.33 -35.10
C TYR P 127 -2.98 28.34 -35.76
N VAL P 128 -2.49 27.55 -36.71
CA VAL P 128 -3.32 26.53 -37.35
C VAL P 128 -3.42 25.27 -36.52
N SER P 129 -2.62 25.17 -35.45
CA SER P 129 -2.66 23.98 -34.59
C SER P 129 -4.03 23.84 -33.93
N ARG P 130 -4.40 22.59 -33.65
CA ARG P 130 -5.73 22.32 -33.12
C ARG P 130 -5.91 22.91 -31.72
N SER P 131 -4.86 22.91 -30.90
CA SER P 131 -4.99 23.43 -29.54
C SER P 131 -5.35 24.91 -29.54
N ILE P 132 -4.66 25.71 -30.35
CA ILE P 132 -4.89 27.15 -30.36
C ILE P 132 -6.27 27.47 -30.93
N GLN P 133 -6.67 26.79 -32.01
CA GLN P 133 -7.99 27.05 -32.58
C GLN P 133 -9.09 26.64 -31.62
N GLU P 134 -8.91 25.53 -30.90
CA GLU P 134 -9.88 25.13 -29.88
C GLU P 134 -9.97 26.18 -28.77
N PHE P 135 -8.81 26.67 -28.30
CA PHE P 135 -8.80 27.66 -27.23
C PHE P 135 -9.53 28.92 -27.67
N LEU P 136 -9.26 29.40 -28.88
CA LEU P 136 -9.92 30.62 -29.33
C LEU P 136 -11.40 30.39 -29.59
N ALA P 137 -11.79 29.20 -30.05
CA ALA P 137 -13.21 28.90 -30.21
C ALA P 137 -13.92 28.89 -28.87
N ARG P 138 -13.24 28.43 -27.82
CA ARG P 138 -13.84 28.42 -26.49
C ARG P 138 -14.16 29.83 -26.01
N TRP P 139 -13.30 30.79 -26.33
CA TRP P 139 -13.48 32.17 -25.90
C TRP P 139 -14.32 32.99 -26.88
N LYS P 140 -14.84 32.36 -27.93
CA LYS P 140 -15.76 33.00 -28.88
C LYS P 140 -15.09 34.16 -29.60
N ILE P 141 -13.91 33.90 -30.15
CA ILE P 141 -13.19 34.87 -30.97
C ILE P 141 -12.89 34.25 -32.32
N SER P 142 -13.24 34.96 -33.38
CA SER P 142 -12.96 34.47 -34.72
C SER P 142 -11.46 34.59 -35.03
N HIS P 143 -10.95 33.63 -35.79
CA HIS P 143 -9.53 33.58 -36.14
C HIS P 143 -9.39 33.71 -37.64
N VAL P 144 -8.49 34.60 -38.07
CA VAL P 144 -8.24 34.82 -39.49
C VAL P 144 -6.80 34.47 -39.83
N ALA P 155 1.33 43.55 -41.43
CA ALA P 155 0.69 44.69 -42.06
C ALA P 155 0.96 45.97 -41.27
N ILE P 156 0.81 45.87 -39.95
CA ILE P 156 1.10 47.00 -39.07
C ILE P 156 2.07 46.65 -37.95
N VAL P 157 2.22 45.37 -37.60
CA VAL P 157 3.09 45.00 -36.48
C VAL P 157 4.55 45.31 -36.79
N GLU P 158 4.94 45.28 -38.07
CA GLU P 158 6.33 45.54 -38.42
C GLU P 158 6.73 46.97 -38.05
N ARG P 159 5.83 47.93 -38.25
CA ARG P 159 6.09 49.28 -37.76
C ARG P 159 6.22 49.27 -36.24
N THR P 160 5.31 48.59 -35.55
CA THR P 160 5.44 48.44 -34.11
C THR P 160 6.70 47.67 -33.73
N HIS P 161 7.02 46.63 -34.49
CA HIS P 161 8.26 45.89 -34.27
C HIS P 161 9.47 46.82 -34.30
N GLN P 162 9.55 47.66 -35.34
CA GLN P 162 10.60 48.66 -35.38
C GLN P 162 10.47 49.66 -34.25
N ASN P 163 9.23 50.08 -33.95
CA ASN P 163 9.02 51.04 -32.87
C ASN P 163 9.49 50.47 -31.54
N ILE P 164 9.13 49.23 -31.23
CA ILE P 164 9.58 48.60 -29.99
C ILE P 164 11.10 48.48 -29.97
N LYS P 165 11.67 48.01 -31.09
CA LYS P 165 13.13 47.88 -31.17
C LYS P 165 13.81 49.24 -31.06
N ALA P 166 13.27 50.24 -31.76
CA ALA P 166 13.81 51.59 -31.61
C ALA P 166 13.61 52.10 -30.19
N GLN P 167 12.44 51.85 -29.61
CA GLN P 167 12.20 52.24 -28.22
C GLN P 167 13.15 51.53 -27.28
N LEU P 168 13.40 50.23 -27.53
CA LEU P 168 14.34 49.48 -26.72
C LEU P 168 15.75 50.06 -26.84
N ASN P 169 16.16 50.41 -28.06
CA ASN P 169 17.49 50.99 -28.25
C ASN P 169 17.59 52.36 -27.58
N LYS P 170 16.50 53.14 -27.61
CA LYS P 170 16.53 54.46 -27.00
C LYS P 170 16.75 54.37 -25.49
N LEU P 171 16.14 53.39 -24.84
CA LEU P 171 16.16 53.29 -23.39
C LEU P 171 17.30 52.45 -22.85
N GLN P 172 18.18 51.93 -23.70
CA GLN P 172 19.32 51.19 -23.19
C GLN P 172 20.40 52.08 -22.58
N LYS P 173 20.12 53.38 -22.45
CA LYS P 173 21.09 54.29 -21.85
C LYS P 173 21.40 53.92 -20.41
N ALA P 174 20.37 53.59 -19.63
CA ALA P 174 20.51 53.30 -18.20
C ALA P 174 20.67 51.79 -18.03
N GLY P 175 21.85 51.37 -17.59
CA GLY P 175 22.10 49.96 -17.33
C GLY P 175 21.48 49.50 -16.03
N LYS P 176 20.15 49.47 -15.98
CA LYS P 176 19.44 49.12 -14.76
C LYS P 176 18.37 48.04 -14.96
N TYR P 177 18.15 47.58 -16.19
CA TYR P 177 17.13 46.57 -16.46
C TYR P 177 17.64 45.23 -15.95
N TYR P 178 17.15 44.83 -14.77
CA TYR P 178 17.64 43.62 -14.13
C TYR P 178 17.31 42.39 -14.94
N THR P 179 16.18 42.38 -15.63
CA THR P 179 15.74 41.29 -16.47
C THR P 179 15.16 41.85 -17.75
N PRO P 180 15.15 41.06 -18.83
CA PRO P 180 14.50 41.53 -20.07
C PRO P 180 13.03 41.86 -19.88
N HIS P 181 12.36 41.21 -18.93
CA HIS P 181 10.96 41.54 -18.65
C HIS P 181 10.81 42.99 -18.22
N HIS P 182 11.73 43.47 -17.37
CA HIS P 182 11.66 44.85 -16.91
C HIS P 182 11.78 45.83 -18.07
N LEU P 183 12.75 45.60 -18.95
CA LEU P 183 12.96 46.49 -20.09
C LEU P 183 11.77 46.45 -21.04
N LEU P 184 11.25 45.25 -21.32
CA LEU P 184 10.08 45.14 -22.18
C LEU P 184 8.89 45.86 -21.58
N ALA P 185 8.69 45.72 -20.27
CA ALA P 185 7.57 46.40 -19.61
C ALA P 185 7.73 47.92 -19.69
N HIS P 186 8.94 48.41 -19.46
CA HIS P 186 9.15 49.86 -19.55
C HIS P 186 8.88 50.36 -20.97
N ALA P 187 9.36 49.63 -21.98
CA ALA P 187 9.13 50.04 -23.36
C ALA P 187 7.66 50.04 -23.70
N LEU P 188 6.93 49.00 -23.30
CA LEU P 188 5.50 48.93 -23.57
C LEU P 188 4.76 50.06 -22.86
N PHE P 189 5.12 50.33 -21.61
CA PHE P 189 4.54 51.44 -20.87
C PHE P 189 4.70 52.75 -21.62
N VAL P 190 5.94 53.05 -22.01
CA VAL P 190 6.20 54.31 -22.73
C VAL P 190 5.36 54.35 -24.00
N LEU P 191 5.41 53.28 -24.79
CA LEU P 191 4.77 53.28 -26.10
C LEU P 191 3.26 53.44 -26.00
N ASN P 192 2.63 52.79 -25.02
CA ASN P 192 1.18 52.81 -24.96
C ASN P 192 0.64 54.01 -24.18
N HIS P 193 1.21 54.31 -23.01
CA HIS P 193 0.69 55.39 -22.19
C HIS P 193 1.30 56.75 -22.52
N VAL P 194 2.61 56.84 -22.70
CA VAL P 194 3.30 58.12 -22.72
C VAL P 194 3.42 58.67 -24.13
N ASN P 195 3.88 57.84 -25.08
CA ASN P 195 4.04 58.28 -26.46
C ASN P 195 2.71 58.80 -26.99
N MET P 196 2.68 60.08 -27.30
CA MET P 196 1.46 60.86 -27.45
C MET P 196 1.18 61.08 -28.94
N ASP P 197 -0.10 61.28 -29.28
CA ASP P 197 -0.43 61.50 -30.68
C ASP P 197 -0.40 63.00 -30.99
N ASN P 198 -0.71 63.35 -32.24
CA ASN P 198 -0.73 64.75 -32.64
C ASN P 198 -1.96 65.47 -32.09
N GLN P 199 -3.12 64.82 -32.15
CA GLN P 199 -4.39 65.48 -31.83
C GLN P 199 -4.70 65.49 -30.34
N GLY P 200 -3.88 64.88 -29.49
CA GLY P 200 -4.12 64.91 -28.07
C GLY P 200 -4.98 63.78 -27.57
N HIS P 201 -4.64 62.55 -27.91
CA HIS P 201 -5.32 61.37 -27.42
C HIS P 201 -4.31 60.25 -27.19
N THR P 202 -4.17 59.81 -25.94
CA THR P 202 -3.26 58.72 -25.63
C THR P 202 -3.78 57.41 -26.22
N ALA P 203 -2.85 56.49 -26.47
CA ALA P 203 -3.23 55.20 -27.04
C ALA P 203 -4.11 54.41 -26.08
N ALA P 204 -3.84 54.48 -24.78
CA ALA P 204 -4.60 53.71 -23.81
C ALA P 204 -6.08 54.09 -23.84
N GLU P 205 -6.38 55.39 -23.77
CA GLU P 205 -7.78 55.80 -23.75
C GLU P 205 -8.46 55.43 -25.06
N ARG P 206 -7.76 55.58 -26.19
CA ARG P 206 -8.32 55.14 -27.47
C ARG P 206 -8.67 53.67 -27.42
N HIS P 207 -7.84 52.85 -26.75
CA HIS P 207 -8.18 51.45 -26.58
C HIS P 207 -9.39 51.28 -25.68
N TRP P 208 -9.56 52.14 -24.68
CA TRP P 208 -10.70 52.06 -23.79
C TRP P 208 -11.89 52.89 -24.25
N GLY P 209 -11.71 53.70 -25.29
CA GLY P 209 -12.80 54.33 -26.00
C GLY P 209 -13.82 55.10 -25.17
N PRO P 210 -13.41 56.23 -24.58
CA PRO P 210 -14.39 57.18 -24.07
C PRO P 210 -14.81 58.16 -25.14
N ILE P 211 -14.54 57.82 -26.40
CA ILE P 211 -14.63 58.75 -27.52
C ILE P 211 -16.09 59.15 -27.74
N SER P 212 -16.43 60.37 -27.36
CA SER P 212 -17.76 60.96 -27.52
C SER P 212 -17.66 62.40 -27.03
N ALA P 213 -18.73 63.16 -27.26
CA ALA P 213 -18.80 64.51 -26.71
C ALA P 213 -19.02 64.44 -25.21
N ASP P 214 -18.22 65.16 -24.45
CA ASP P 214 -18.30 65.10 -23.00
C ASP P 214 -19.60 65.75 -22.53
N PRO P 215 -20.46 65.03 -21.82
CA PRO P 215 -21.70 65.66 -21.33
C PRO P 215 -21.45 66.80 -20.36
N LYS P 216 -20.34 66.78 -19.64
CA LYS P 216 -20.09 67.86 -18.69
C LYS P 216 -19.19 68.92 -19.30
N PRO P 217 -19.39 70.18 -18.93
CA PRO P 217 -18.52 71.24 -19.43
C PRO P 217 -17.12 71.14 -18.85
N MET P 218 -16.15 71.64 -19.61
CA MET P 218 -14.74 71.68 -19.19
C MET P 218 -14.29 73.12 -19.38
N VAL P 219 -14.13 73.84 -18.27
CA VAL P 219 -14.06 75.30 -18.30
C VAL P 219 -12.64 75.78 -18.04
N MET P 220 -12.40 77.04 -18.37
CA MET P 220 -11.09 77.66 -18.25
C MET P 220 -10.86 78.06 -16.79
N TRP P 221 -9.61 77.95 -16.33
CA TRP P 221 -9.30 78.16 -14.92
C TRP P 221 -8.15 79.16 -14.77
N LYS P 222 -8.33 80.12 -13.87
CA LYS P 222 -7.30 81.13 -13.59
C LYS P 222 -6.62 80.77 -12.27
N ASP P 223 -5.43 80.19 -12.36
CA ASP P 223 -4.66 79.86 -11.19
C ASP P 223 -4.23 81.13 -10.45
N LEU P 224 -4.17 81.04 -9.13
CA LEU P 224 -3.78 82.16 -8.30
C LEU P 224 -2.32 82.13 -7.87
N LEU P 225 -1.69 80.96 -7.88
CA LEU P 225 -0.28 80.87 -7.48
C LEU P 225 0.61 81.67 -8.44
N THR P 226 0.36 81.55 -9.74
CA THR P 226 1.11 82.31 -10.73
C THR P 226 0.31 83.43 -11.36
N GLY P 227 -0.96 83.59 -10.98
CA GLY P 227 -1.79 84.62 -11.55
C GLY P 227 -2.06 84.46 -13.03
N SER P 228 -1.90 83.25 -13.56
CA SER P 228 -2.06 82.97 -14.97
C SER P 228 -3.21 81.99 -15.21
N TRP P 229 -3.89 82.16 -16.32
CA TRP P 229 -4.99 81.28 -16.71
C TRP P 229 -4.42 79.93 -17.12
N LYS P 230 -4.45 78.96 -16.21
CA LYS P 230 -3.91 77.63 -16.44
C LYS P 230 -5.05 76.65 -16.66
N GLY P 231 -4.98 75.90 -17.76
CA GLY P 231 -6.01 74.94 -18.09
C GLY P 231 -6.20 74.80 -19.59
N PRO P 232 -7.46 74.66 -20.03
CA PRO P 232 -8.66 74.60 -19.19
C PRO P 232 -8.84 73.22 -18.54
N ASP P 233 -9.67 73.16 -17.49
CA ASP P 233 -9.80 71.96 -16.69
C ASP P 233 -11.29 71.60 -16.54
N VAL P 234 -11.54 70.40 -16.01
CA VAL P 234 -12.89 69.89 -15.86
C VAL P 234 -13.47 70.36 -14.53
N LEU P 235 -14.72 70.81 -14.57
CA LEU P 235 -15.42 71.29 -13.39
C LEU P 235 -16.19 70.15 -12.72
N ILE P 236 -16.37 70.26 -11.41
CA ILE P 236 -17.10 69.27 -10.62
C ILE P 236 -18.40 69.86 -10.06
N THR P 237 -18.30 70.91 -9.25
CA THR P 237 -19.45 71.52 -8.61
C THR P 237 -19.15 73.00 -8.36
N ALA P 238 -20.19 73.79 -8.14
CA ALA P 238 -20.03 75.21 -7.87
C ALA P 238 -21.15 75.65 -6.95
N GLY P 239 -20.95 76.82 -6.33
CA GLY P 239 -21.95 77.40 -5.45
C GLY P 239 -21.32 78.42 -4.52
N ARG P 240 -22.14 79.38 -4.09
CA ARG P 240 -21.73 80.43 -3.15
C ARG P 240 -20.52 81.20 -3.66
N GLY P 241 -20.48 81.45 -4.97
CA GLY P 241 -19.40 82.19 -5.58
C GLY P 241 -18.12 81.41 -5.80
N TYR P 242 -18.06 80.16 -5.34
CA TYR P 242 -16.89 79.32 -5.52
C TYR P 242 -17.28 78.09 -6.35
N ALA P 243 -16.29 77.55 -7.07
CA ALA P 243 -16.50 76.38 -7.91
C ALA P 243 -15.46 75.33 -7.56
N CYS P 244 -15.90 74.07 -7.54
CA CYS P 244 -14.99 72.94 -7.30
C CYS P 244 -14.38 72.54 -8.64
N VAL P 245 -13.35 73.28 -9.02
CA VAL P 245 -12.64 73.03 -10.26
C VAL P 245 -11.51 72.05 -10.00
N PHE P 246 -11.43 71.01 -10.82
CA PHE P 246 -10.48 69.93 -10.61
C PHE P 246 -9.42 69.94 -11.70
N PRO P 247 -8.24 70.51 -11.45
CA PRO P 247 -7.17 70.47 -12.46
C PRO P 247 -6.73 69.04 -12.74
N GLN P 248 -6.39 68.79 -14.00
CA GLN P 248 -5.98 67.44 -14.40
C GLN P 248 -4.67 67.06 -13.73
N ASP P 249 -3.70 67.98 -13.69
CA ASP P 249 -2.43 67.67 -13.04
C ASP P 249 -2.60 67.58 -11.54
N ALA P 250 -3.39 68.46 -10.95
CA ALA P 250 -3.57 68.48 -9.49
C ALA P 250 -4.23 67.18 -9.02
N GLU P 251 -3.75 66.68 -7.89
CA GLU P 251 -4.25 65.44 -7.31
C GLU P 251 -5.54 65.63 -6.51
N SER P 252 -5.88 66.87 -6.15
CA SER P 252 -7.06 67.14 -5.35
C SER P 252 -7.78 68.36 -5.90
N PRO P 253 -9.10 68.44 -5.72
CA PRO P 253 -9.82 69.63 -6.19
C PRO P 253 -9.44 70.86 -5.40
N ILE P 254 -9.68 72.02 -6.00
CA ILE P 254 -9.39 73.31 -5.38
C ILE P 254 -10.60 74.20 -5.54
N TRP P 255 -10.82 75.09 -4.57
CA TRP P 255 -11.92 76.03 -4.59
C TRP P 255 -11.46 77.34 -5.19
N VAL P 256 -12.15 77.82 -6.21
CA VAL P 256 -11.76 79.02 -6.94
C VAL P 256 -12.96 79.94 -7.07
N PRO P 257 -12.82 81.24 -6.82
CA PRO P 257 -13.94 82.16 -7.02
C PRO P 257 -14.42 82.16 -8.46
N ASP P 258 -15.74 82.31 -8.62
CA ASP P 258 -16.33 82.29 -9.95
C ASP P 258 -15.87 83.46 -10.81
N ARG P 259 -15.41 84.55 -10.20
CA ARG P 259 -14.87 85.67 -10.97
C ARG P 259 -13.60 85.29 -11.69
N PHE P 260 -12.90 84.23 -11.24
CA PHE P 260 -11.68 83.77 -11.88
C PHE P 260 -11.91 82.54 -12.74
N ILE P 261 -13.16 82.16 -12.97
CA ILE P 261 -13.51 81.01 -13.79
C ILE P 261 -14.28 81.51 -15.00
N ARG P 262 -13.81 81.14 -16.20
CA ARG P 262 -14.43 81.54 -17.43
C ARG P 262 -14.88 80.31 -18.20
N PRO P 263 -16.09 80.31 -18.77
CA PRO P 263 -16.53 79.17 -19.59
C PRO P 263 -15.62 78.98 -20.79
N PHE P 264 -15.38 77.71 -21.13
CA PHE P 264 -14.50 77.35 -22.22
C PHE P 264 -15.24 76.45 -23.20
N THR P 265 -15.06 76.71 -24.49
CA THR P 265 -15.70 75.92 -25.53
C THR P 265 -14.85 75.90 -26.80
N PRO Q 217 -9.39 79.53 23.25
CA PRO Q 217 -10.79 79.86 22.95
C PRO Q 217 -11.70 79.75 24.17
N MET Q 218 -12.46 80.80 24.44
CA MET Q 218 -13.38 80.82 25.57
C MET Q 218 -14.66 80.07 25.19
N VAL Q 219 -14.97 79.01 25.96
CA VAL Q 219 -16.09 78.13 25.66
C VAL Q 219 -16.84 77.82 26.96
N MET Q 220 -18.03 77.26 26.80
CA MET Q 220 -18.85 76.79 27.91
C MET Q 220 -18.82 75.28 27.93
N TRP Q 221 -18.62 74.71 29.13
CA TRP Q 221 -18.63 73.26 29.30
C TRP Q 221 -19.50 72.91 30.49
N LYS Q 222 -20.04 71.69 30.47
CA LYS Q 222 -20.98 71.23 31.48
C LYS Q 222 -20.27 70.39 32.52
N ASP Q 223 -20.38 70.81 33.79
CA ASP Q 223 -19.86 70.03 34.91
C ASP Q 223 -20.81 68.86 35.12
N LEU Q 224 -20.69 67.87 34.22
CA LEU Q 224 -21.68 66.80 34.15
C LEU Q 224 -21.61 65.86 35.34
N LEU Q 225 -20.53 65.89 36.11
CA LEU Q 225 -20.54 65.19 37.40
C LEU Q 225 -21.57 65.79 38.33
N THR Q 226 -21.63 67.12 38.39
CA THR Q 226 -22.63 67.82 39.19
C THR Q 226 -23.85 68.23 38.37
N GLY Q 227 -23.79 68.11 37.04
CA GLY Q 227 -24.91 68.48 36.19
C GLY Q 227 -25.01 69.96 35.87
N SER Q 228 -24.07 70.78 36.33
CA SER Q 228 -24.12 72.22 36.11
C SER Q 228 -23.21 72.61 34.94
N TRP Q 229 -23.27 73.88 34.59
CA TRP Q 229 -22.49 74.45 33.48
C TRP Q 229 -21.47 75.42 34.05
N LYS Q 230 -20.21 74.99 34.12
CA LYS Q 230 -19.13 75.83 34.61
C LYS Q 230 -18.33 76.43 33.46
N GLY Q 231 -17.75 77.60 33.71
CA GLY Q 231 -16.97 78.30 32.72
C GLY Q 231 -17.18 79.80 32.79
N PRO Q 232 -16.70 80.53 31.78
CA PRO Q 232 -15.96 80.03 30.62
C PRO Q 232 -14.49 79.77 30.92
N ASP Q 233 -13.80 79.08 30.00
CA ASP Q 233 -12.39 78.78 30.16
C ASP Q 233 -11.82 78.43 28.79
N VAL Q 234 -10.56 77.97 28.79
CA VAL Q 234 -9.87 77.68 27.55
C VAL Q 234 -10.19 76.25 27.08
N LEU Q 235 -10.29 76.08 25.77
CA LEU Q 235 -10.44 74.77 25.16
C LEU Q 235 -9.14 74.42 24.45
N ILE Q 236 -8.61 73.24 24.74
CA ILE Q 236 -7.27 72.87 24.28
C ILE Q 236 -7.33 72.20 22.92
N THR Q 237 -8.00 71.05 22.85
CA THR Q 237 -8.02 70.23 21.65
C THR Q 237 -9.42 69.65 21.49
N ALA Q 238 -9.54 68.67 20.59
CA ALA Q 238 -10.81 67.99 20.35
C ALA Q 238 -10.53 66.65 19.72
N GLY Q 239 -11.58 66.00 19.24
CA GLY Q 239 -11.46 64.67 18.66
C GLY Q 239 -12.21 63.62 19.45
N ARG Q 240 -12.71 62.60 18.76
CA ARG Q 240 -13.51 61.53 19.37
C ARG Q 240 -14.73 62.09 20.09
N GLY Q 241 -15.27 63.21 19.60
CA GLY Q 241 -16.35 63.87 20.29
C GLY Q 241 -16.01 64.37 21.67
N TYR Q 242 -14.73 64.53 21.98
CA TYR Q 242 -14.26 64.90 23.32
C TYR Q 242 -13.44 66.18 23.24
N ALA Q 243 -13.73 67.10 24.15
CA ALA Q 243 -13.00 68.37 24.25
C ALA Q 243 -12.21 68.39 25.54
N CYS Q 244 -10.88 68.39 25.43
CA CYS Q 244 -10.00 68.42 26.60
C CYS Q 244 -9.99 69.82 27.17
N VAL Q 245 -11.04 70.15 27.89
CA VAL Q 245 -11.21 71.48 28.46
C VAL Q 245 -10.32 71.62 29.68
N PHE Q 246 -9.79 72.82 29.88
CA PHE Q 246 -8.93 73.13 31.02
C PHE Q 246 -9.60 74.14 31.94
N PRO Q 247 -10.17 73.72 33.06
CA PRO Q 247 -10.77 74.68 33.99
C PRO Q 247 -9.73 75.45 34.78
N GLN Q 248 -10.18 76.25 35.75
CA GLN Q 248 -9.26 76.99 36.61
C GLN Q 248 -8.42 76.07 37.48
N ASP Q 249 -8.78 74.79 37.59
CA ASP Q 249 -7.97 73.82 38.32
C ASP Q 249 -6.72 73.49 37.53
N ALA Q 250 -5.60 74.16 37.84
CA ALA Q 250 -4.37 73.98 37.09
C ALA Q 250 -3.66 72.67 37.40
N GLU Q 251 -4.28 71.77 38.17
CA GLU Q 251 -3.64 70.50 38.49
C GLU Q 251 -3.50 69.62 37.24
N SER Q 252 -4.59 69.43 36.50
CA SER Q 252 -4.56 68.59 35.31
C SER Q 252 -5.81 68.87 34.49
N PRO Q 253 -5.73 68.75 33.16
CA PRO Q 253 -6.92 68.94 32.33
C PRO Q 253 -7.89 67.78 32.48
N ILE Q 254 -9.13 68.03 32.05
CA ILE Q 254 -10.19 67.04 32.09
C ILE Q 254 -10.75 66.87 30.69
N TRP Q 255 -11.60 65.85 30.52
CA TRP Q 255 -12.21 65.54 29.24
C TRP Q 255 -13.72 65.52 29.37
N VAL Q 256 -14.40 66.10 28.39
CA VAL Q 256 -15.86 66.19 28.38
C VAL Q 256 -16.36 65.90 26.98
N PRO Q 257 -17.47 65.18 26.81
CA PRO Q 257 -18.04 65.00 25.47
C PRO Q 257 -18.41 66.33 24.83
N ASP Q 258 -18.25 66.39 23.50
CA ASP Q 258 -18.50 67.63 22.78
C ASP Q 258 -19.95 68.07 22.87
N ARG Q 259 -20.87 67.11 23.05
CA ARG Q 259 -22.28 67.45 23.16
C ARG Q 259 -22.54 68.41 24.32
N PHE Q 260 -21.70 68.38 25.34
CA PHE Q 260 -21.82 69.27 26.49
C PHE Q 260 -20.82 70.42 26.43
N ILE Q 261 -20.44 70.84 25.23
CA ILE Q 261 -19.50 71.94 25.03
C ILE Q 261 -20.19 72.99 24.17
N ARG Q 262 -20.09 74.26 24.58
CA ARG Q 262 -20.70 75.37 23.87
C ARG Q 262 -19.67 76.49 23.72
N PRO Q 263 -19.37 76.94 22.51
CA PRO Q 263 -18.48 78.09 22.36
C PRO Q 263 -19.10 79.34 22.97
N PHE Q 264 -18.25 80.20 23.51
CA PHE Q 264 -18.70 81.43 24.15
C PHE Q 264 -17.65 82.53 24.09
N PRO R 217 -3.92 67.22 28.08
CA PRO R 217 -3.89 66.11 27.12
C PRO R 217 -3.31 64.84 27.72
N MET R 218 -4.05 64.20 28.62
CA MET R 218 -3.60 62.98 29.28
C MET R 218 -4.42 61.84 28.66
N VAL R 219 -3.74 60.92 27.99
CA VAL R 219 -4.41 60.01 27.06
C VAL R 219 -4.04 58.56 27.34
N MET R 220 -5.05 57.70 27.34
CA MET R 220 -4.89 56.26 27.33
C MET R 220 -4.72 55.76 25.89
N TRP R 221 -3.67 54.98 25.66
CA TRP R 221 -3.40 54.42 24.36
C TRP R 221 -3.09 52.93 24.49
N LYS R 222 -3.11 52.24 23.36
CA LYS R 222 -2.84 50.81 23.30
C LYS R 222 -1.59 50.54 22.47
N ASP R 223 -0.67 49.75 23.02
CA ASP R 223 0.45 49.25 22.25
C ASP R 223 -0.09 48.30 21.20
N LEU R 224 -0.14 48.74 19.94
CA LEU R 224 -0.81 47.99 18.90
C LEU R 224 -0.06 46.70 18.55
N LEU R 225 1.20 46.56 18.96
CA LEU R 225 1.95 45.34 18.67
C LEU R 225 1.36 44.15 19.40
N THR R 226 1.31 44.22 20.74
CA THR R 226 0.85 43.10 21.55
C THR R 226 -0.60 43.24 22.01
N GLY R 227 -1.15 44.46 21.98
CA GLY R 227 -2.49 44.71 22.45
C GLY R 227 -2.56 45.07 23.92
N SER R 228 -1.49 44.83 24.68
CA SER R 228 -1.46 45.24 26.07
C SER R 228 -1.41 46.77 26.16
N TRP R 229 -2.16 47.32 27.12
CA TRP R 229 -2.35 48.75 27.19
C TRP R 229 -1.31 49.42 28.08
N LYS R 230 -0.58 50.36 27.49
CA LYS R 230 0.39 51.19 28.20
C LYS R 230 -0.18 52.60 28.36
N GLY R 231 -0.06 53.15 29.56
CA GLY R 231 -0.52 54.48 29.82
C GLY R 231 -0.75 54.72 31.30
N PRO R 232 -1.21 55.93 31.66
CA PRO R 232 -1.56 57.01 30.73
C PRO R 232 -0.33 57.78 30.22
N ASP R 233 -0.51 58.55 29.15
CA ASP R 233 0.58 59.27 28.52
C ASP R 233 0.06 60.61 28.02
N VAL R 234 0.98 61.42 27.48
CA VAL R 234 0.68 62.78 27.07
C VAL R 234 0.50 62.82 25.55
N LEU R 235 -0.40 63.68 25.10
CA LEU R 235 -0.71 63.84 23.69
C LEU R 235 0.05 65.05 23.15
N ILE R 236 0.87 64.81 22.12
CA ILE R 236 1.53 65.92 21.43
C ILE R 236 0.57 66.58 20.44
N THR R 237 0.09 65.80 19.47
CA THR R 237 -0.87 66.30 18.50
C THR R 237 -1.60 65.13 17.88
N ALA R 238 -2.76 65.42 17.29
CA ALA R 238 -3.55 64.40 16.62
C ALA R 238 -4.44 65.08 15.59
N GLY R 239 -4.88 64.30 14.61
CA GLY R 239 -5.77 64.81 13.58
C GLY R 239 -6.14 63.80 12.53
N ARG R 240 -7.42 63.74 12.19
CA ARG R 240 -7.94 62.90 11.11
C ARG R 240 -7.47 61.45 11.26
N GLY R 241 -7.91 60.83 12.36
CA GLY R 241 -7.77 59.41 12.55
C GLY R 241 -6.43 58.94 13.07
N TYR R 242 -5.43 59.81 13.16
CA TYR R 242 -4.14 59.41 13.70
C TYR R 242 -3.81 60.28 14.92
N ALA R 243 -3.12 59.66 15.88
CA ALA R 243 -2.72 60.34 17.11
C ALA R 243 -1.23 60.16 17.31
N CYS R 244 -0.55 61.27 17.59
CA CYS R 244 0.89 61.26 17.86
C CYS R 244 1.08 61.42 19.36
N VAL R 245 1.41 60.32 20.03
CA VAL R 245 1.57 60.29 21.48
C VAL R 245 3.04 60.00 21.79
N PHE R 246 3.62 60.80 22.69
CA PHE R 246 5.02 60.72 23.06
C PHE R 246 5.12 60.39 24.55
N PRO R 247 5.18 59.10 24.89
CA PRO R 247 5.35 58.73 26.29
C PRO R 247 6.74 59.09 26.79
N GLN R 248 6.83 59.35 28.10
CA GLN R 248 8.11 59.73 28.69
C GLN R 248 9.12 58.60 28.66
N ASP R 249 8.66 57.35 28.77
CA ASP R 249 9.56 56.21 28.76
C ASP R 249 10.12 55.89 27.37
N ALA R 250 9.61 56.52 26.33
CA ALA R 250 10.06 56.30 24.97
C ALA R 250 10.77 57.54 24.44
N GLU R 251 11.84 57.31 23.66
CA GLU R 251 12.63 58.40 23.12
C GLU R 251 11.93 59.13 21.97
N SER R 252 11.00 58.48 21.30
CA SER R 252 10.34 59.07 20.13
C SER R 252 8.83 58.97 20.29
N PRO R 253 8.10 59.94 19.75
CA PRO R 253 6.63 59.86 19.79
C PRO R 253 6.13 58.68 18.96
N ILE R 254 4.97 58.16 19.37
CA ILE R 254 4.35 57.02 18.72
C ILE R 254 3.11 57.50 17.98
N TRP R 255 3.03 57.19 16.69
CA TRP R 255 1.86 57.49 15.88
C TRP R 255 0.91 56.30 15.95
N VAL R 256 -0.33 56.54 16.36
CA VAL R 256 -1.29 55.47 16.57
C VAL R 256 -2.59 55.83 15.87
N PRO R 257 -3.28 54.87 15.25
CA PRO R 257 -4.62 55.17 14.71
C PRO R 257 -5.57 55.54 15.83
N ASP R 258 -6.51 56.44 15.52
CA ASP R 258 -7.40 56.97 16.54
C ASP R 258 -8.39 55.93 17.05
N ARG R 259 -8.30 54.69 16.58
CA ARG R 259 -9.16 53.62 17.07
C ARG R 259 -8.82 53.20 18.50
N PHE R 260 -7.61 53.53 18.98
CA PHE R 260 -7.16 53.08 20.29
C PHE R 260 -6.73 54.25 21.16
N ILE R 261 -7.54 55.31 21.20
CA ILE R 261 -7.26 56.49 21.99
C ILE R 261 -8.42 56.70 22.96
N ARG R 262 -8.09 56.82 24.24
CA ARG R 262 -9.10 57.01 25.27
C ARG R 262 -8.75 58.20 26.16
N PRO R 263 -9.72 59.01 26.53
CA PRO R 263 -9.49 60.23 27.34
C PRO R 263 -9.39 59.95 28.84
N PHE R 264 -8.18 59.59 29.28
CA PHE R 264 -7.96 59.30 30.69
C PHE R 264 -8.11 60.58 31.50
N THR R 265 -8.86 60.49 32.60
CA THR R 265 -9.27 61.64 33.41
C THR R 265 -9.83 62.78 32.57
N ALA S 1 -30.54 31.72 -24.59
CA ALA S 1 -29.56 32.72 -24.18
C ALA S 1 -29.06 32.44 -22.77
N LEU S 2 -29.94 31.93 -21.92
CA LEU S 2 -29.56 31.61 -20.55
C LEU S 2 -28.49 30.53 -20.52
N GLU S 3 -28.64 29.50 -21.36
CA GLU S 3 -27.64 28.44 -21.41
C GLU S 3 -26.29 29.00 -21.84
N SER S 4 -26.29 30.01 -22.73
CA SER S 4 -25.05 30.64 -23.13
C SER S 4 -24.36 31.28 -21.94
N ALA S 5 -25.12 31.96 -21.09
CA ALA S 5 -24.58 32.43 -19.82
C ALA S 5 -24.08 31.28 -18.97
N GLN S 6 -24.71 30.11 -19.08
CA GLN S 6 -24.26 28.97 -18.29
C GLN S 6 -22.85 28.54 -18.69
N GLU S 7 -22.57 28.40 -20.00
CA GLU S 7 -21.18 28.06 -20.32
C GLU S 7 -20.26 29.26 -20.11
N SER S 8 -20.80 30.47 -20.17
CA SER S 8 -19.99 31.65 -19.86
C SER S 8 -19.44 31.56 -18.46
N HIS S 9 -20.29 31.25 -17.47
CA HIS S 9 -19.80 30.99 -16.12
C HIS S 9 -18.91 29.76 -16.07
N ALA S 10 -19.30 28.68 -16.75
CA ALA S 10 -18.51 27.45 -16.69
C ALA S 10 -17.08 27.69 -17.16
N LEU S 11 -16.88 28.68 -18.03
CA LEU S 11 -15.56 29.04 -18.49
C LEU S 11 -14.91 30.10 -17.60
N HIS S 12 -15.72 31.00 -17.01
CA HIS S 12 -15.15 32.19 -16.40
C HIS S 12 -15.41 32.37 -14.91
N HIS S 13 -16.55 31.95 -14.37
CA HIS S 13 -16.98 32.44 -13.06
C HIS S 13 -17.03 33.96 -13.01
N GLN S 14 -17.89 34.49 -13.88
CA GLN S 14 -18.37 35.85 -13.78
C GLN S 14 -19.20 36.02 -12.50
N ASN S 15 -19.53 37.27 -12.18
CA ASN S 15 -20.41 37.53 -11.06
C ASN S 15 -21.84 37.77 -11.55
N ALA S 16 -22.75 38.01 -10.61
CA ALA S 16 -24.16 38.13 -10.96
C ALA S 16 -24.42 39.38 -11.80
N ALA S 17 -23.89 40.52 -11.36
CA ALA S 17 -24.22 41.79 -12.01
C ALA S 17 -23.72 41.81 -13.45
N ALA S 18 -22.53 41.27 -13.70
CA ALA S 18 -22.01 41.25 -15.06
C ALA S 18 -22.84 40.33 -15.96
N LEU S 19 -23.28 39.19 -15.43
CA LEU S 19 -24.21 38.35 -16.17
C LEU S 19 -25.46 39.13 -16.54
N ARG S 20 -26.03 39.84 -15.56
CA ARG S 20 -27.26 40.58 -15.80
C ARG S 20 -27.07 41.64 -16.88
N PHE S 21 -25.98 42.39 -16.82
CA PHE S 21 -25.80 43.49 -17.76
C PHE S 21 -25.15 43.07 -19.07
N GLN S 22 -24.69 41.83 -19.19
CA GLN S 22 -24.07 41.37 -20.43
C GLN S 22 -24.94 40.39 -21.21
N PHE S 23 -25.90 39.73 -20.57
CA PHE S 23 -26.77 38.80 -21.26
C PHE S 23 -28.25 39.17 -21.19
N HIS S 24 -28.58 40.29 -20.56
CA HIS S 24 -29.95 40.82 -20.51
C HIS S 24 -30.91 39.81 -19.89
N ILE S 25 -30.56 39.39 -18.67
CA ILE S 25 -31.37 38.46 -17.89
C ILE S 25 -31.59 39.06 -16.51
N THR S 26 -32.58 38.52 -15.80
CA THR S 26 -32.92 39.06 -14.50
C THR S 26 -31.85 38.73 -13.46
N ARG S 27 -31.86 39.48 -12.36
CA ARG S 27 -30.84 39.32 -11.33
C ARG S 27 -30.90 37.94 -10.68
N GLU S 28 -32.11 37.45 -10.42
CA GLU S 28 -32.25 36.16 -9.76
C GLU S 28 -31.66 35.03 -10.60
N GLN S 29 -31.84 35.10 -11.92
CA GLN S 29 -31.25 34.09 -12.79
C GLN S 29 -29.74 34.08 -12.67
N ALA S 30 -29.12 35.26 -12.66
CA ALA S 30 -27.67 35.33 -12.52
C ALA S 30 -27.22 34.80 -11.17
N ARG S 31 -27.95 35.16 -10.09
CA ARG S 31 -27.57 34.67 -8.78
C ARG S 31 -27.63 33.16 -8.70
N GLU S 32 -28.69 32.56 -9.25
CA GLU S 32 -28.80 31.11 -9.19
C GLU S 32 -27.80 30.43 -10.12
N ILE S 33 -27.45 31.07 -11.25
CA ILE S 33 -26.39 30.54 -12.09
C ILE S 33 -25.08 30.51 -11.33
N VAL S 34 -24.79 31.57 -10.58
CA VAL S 34 -23.59 31.59 -9.74
C VAL S 34 -23.66 30.49 -8.70
N LYS S 35 -24.83 30.30 -8.08
CA LYS S 35 -24.96 29.29 -7.04
C LYS S 35 -24.73 27.88 -7.60
N LEU S 36 -25.19 27.62 -8.82
CA LEU S 36 -25.16 26.26 -9.36
C LEU S 36 -23.75 25.79 -9.70
N CYS S 37 -22.82 26.70 -9.99
CA CYS S 37 -21.50 26.28 -10.45
C CYS S 37 -20.76 25.55 -9.34
N PRO S 38 -20.32 24.31 -9.57
CA PRO S 38 -19.64 23.56 -8.50
C PRO S 38 -18.38 24.23 -8.00
N ASN S 39 -17.63 24.90 -8.87
CA ASN S 39 -16.41 25.56 -8.44
C ASN S 39 -16.68 26.89 -7.74
N CYS S 40 -17.88 27.45 -7.89
CA CYS S 40 -18.21 28.68 -7.19
C CYS S 40 -18.15 28.45 -5.69
N PRO S 41 -17.68 29.44 -4.92
CA PRO S 41 -17.34 29.17 -3.51
C PRO S 41 -18.57 29.00 -2.64
N ASP S 42 -18.35 28.36 -1.49
CA ASP S 42 -19.40 28.15 -0.52
C ASP S 42 -19.50 29.35 0.41
N TRP S 43 -20.73 29.80 0.65
CA TRP S 43 -20.97 31.01 1.43
C TRP S 43 -20.74 30.79 2.91
N GLY S 44 -19.59 31.26 3.42
CA GLY S 44 -19.31 31.15 4.84
C GLY S 44 -20.00 32.19 5.69
N HIS S 45 -20.40 33.32 5.09
CA HIS S 45 -20.98 34.43 5.83
C HIS S 45 -22.47 34.18 6.06
N ALA S 46 -22.75 33.24 6.95
CA ALA S 46 -24.18 32.98 7.08
C ALA S 46 -24.80 33.91 8.13
N PRO S 47 -25.99 34.44 7.86
CA PRO S 47 -26.67 35.26 8.86
C PRO S 47 -27.09 34.46 10.09
N GLN S 48 -27.71 35.12 11.06
CA GLN S 48 -28.05 34.46 12.32
C GLN S 48 -29.13 33.41 12.08
N LEU S 49 -28.78 32.14 12.34
CA LEU S 49 -29.72 31.04 12.17
C LEU S 49 -30.05 30.35 13.49
N GLY S 50 -29.06 29.91 14.25
CA GLY S 50 -29.28 29.14 15.46
C GLY S 50 -29.29 30.03 16.70
N VAL S 51 -30.21 29.72 17.61
CA VAL S 51 -30.34 30.45 18.87
C VAL S 51 -30.24 29.47 20.02
N ASN S 52 -29.47 29.83 21.03
CA ASN S 52 -29.27 28.95 22.18
C ASN S 52 -30.49 29.04 23.10
N PRO S 53 -31.16 27.93 23.39
CA PRO S 53 -32.38 28.01 24.21
C PRO S 53 -32.09 28.43 25.64
N ARG S 54 -33.10 29.06 26.26
CA ARG S 54 -33.03 29.50 27.63
C ARG S 54 -34.23 28.97 28.41
N GLY S 55 -34.00 28.62 29.67
CA GLY S 55 -35.10 28.24 30.53
C GLY S 55 -36.00 29.42 30.83
N LEU S 56 -37.27 29.10 31.11
CA LEU S 56 -38.27 30.13 31.40
C LEU S 56 -38.53 30.32 32.87
N LYS S 57 -37.84 29.58 33.73
CA LYS S 57 -37.89 29.74 35.18
C LYS S 57 -36.48 29.71 35.74
N PRO S 58 -36.27 30.27 36.93
CA PRO S 58 -35.02 30.01 37.63
C PRO S 58 -34.90 28.52 37.94
N ARG S 59 -33.66 28.02 37.89
CA ARG S 59 -33.37 26.61 38.15
C ARG S 59 -34.14 25.71 37.19
N VAL S 60 -33.92 25.92 35.89
CA VAL S 60 -34.46 25.04 34.87
C VAL S 60 -33.36 24.54 33.96
N LEU S 61 -32.65 25.48 33.32
CA LEU S 61 -31.62 25.16 32.34
C LEU S 61 -30.33 25.87 32.72
N TRP S 62 -29.25 25.11 32.82
CA TRP S 62 -27.96 25.63 33.23
C TRP S 62 -26.90 25.27 32.20
N GLN S 63 -25.82 26.05 32.19
CA GLN S 63 -24.67 25.78 31.34
C GLN S 63 -23.41 25.77 32.20
N MET S 64 -22.49 24.88 31.85
CA MET S 64 -21.29 24.66 32.66
C MET S 64 -20.09 24.45 31.73
N ASP S 65 -18.99 25.11 32.06
CA ASP S 65 -17.76 24.93 31.29
C ASP S 65 -16.58 25.37 32.16
N VAL S 66 -15.38 24.96 31.74
CA VAL S 66 -14.17 25.30 32.43
C VAL S 66 -13.52 26.48 31.71
N THR S 67 -12.57 27.13 32.38
CA THR S 67 -11.84 28.25 31.81
C THR S 67 -10.43 28.25 32.39
N HIS S 68 -9.71 29.34 32.16
CA HIS S 68 -8.33 29.44 32.63
C HIS S 68 -8.05 30.88 33.07
N VAL S 69 -7.86 31.07 34.37
CA VAL S 69 -7.38 32.33 34.91
C VAL S 69 -5.95 32.09 35.37
N SER S 70 -4.99 32.45 34.52
CA SER S 70 -3.59 32.15 34.80
C SER S 70 -3.05 32.88 36.02
N GLU S 71 -3.73 33.93 36.48
CA GLU S 71 -3.25 34.66 37.65
C GLU S 71 -3.25 33.79 38.89
N PHE S 72 -4.26 32.92 39.05
CA PHE S 72 -4.36 32.08 40.23
C PHE S 72 -3.28 31.00 40.28
N GLY S 73 -2.52 30.81 39.21
CA GLY S 73 -1.46 29.82 39.20
C GLY S 73 -1.97 28.40 39.24
N LYS S 74 -1.77 27.72 40.36
CA LYS S 74 -2.24 26.35 40.51
C LYS S 74 -3.75 26.26 40.61
N LEU S 75 -4.44 27.38 40.77
CA LEU S 75 -5.90 27.43 40.75
C LEU S 75 -6.43 28.00 39.44
N LYS S 76 -5.76 27.69 38.33
CA LYS S 76 -6.17 28.22 37.04
C LYS S 76 -7.49 27.61 36.57
N TYR S 77 -7.72 26.34 36.88
CA TYR S 77 -8.95 25.67 36.44
C TYR S 77 -10.15 26.22 37.20
N VAL S 78 -10.90 27.11 36.57
CA VAL S 78 -12.08 27.71 37.19
C VAL S 78 -13.32 27.13 36.52
N HIS S 79 -14.15 26.47 37.31
CA HIS S 79 -15.42 25.93 36.85
C HIS S 79 -16.51 26.95 37.16
N VAL S 80 -17.41 27.18 36.20
CA VAL S 80 -18.44 28.20 36.32
C VAL S 80 -19.77 27.60 35.88
N THR S 81 -20.86 28.09 36.48
CA THR S 81 -22.21 27.67 36.12
C THR S 81 -23.14 28.87 36.20
N VAL S 82 -23.88 29.12 35.13
CA VAL S 82 -24.77 30.26 35.03
C VAL S 82 -26.18 29.77 34.77
N ASP S 83 -27.13 30.25 35.56
CA ASP S 83 -28.54 29.98 35.28
C ASP S 83 -28.96 30.76 34.04
N THR S 84 -29.67 30.09 33.14
CA THR S 84 -30.00 30.69 31.85
C THR S 84 -31.21 31.59 31.91
N TYR S 85 -31.87 31.72 33.06
CA TYR S 85 -33.01 32.63 33.16
C TYR S 85 -32.61 33.97 33.77
N SER S 86 -32.07 33.94 34.98
CA SER S 86 -31.73 35.15 35.71
C SER S 86 -30.26 35.54 35.59
N HIS S 87 -29.48 34.79 34.80
CA HIS S 87 -28.04 35.03 34.67
C HIS S 87 -27.34 35.00 36.03
N PHE S 88 -27.77 34.08 36.88
CA PHE S 88 -27.13 33.87 38.18
C PHE S 88 -25.88 33.03 37.97
N THR S 89 -24.73 33.56 38.38
CA THR S 89 -23.45 32.94 38.09
C THR S 89 -22.76 32.49 39.38
N PHE S 90 -21.99 31.42 39.26
CA PHE S 90 -21.22 30.88 40.39
C PHE S 90 -19.96 30.22 39.85
N ALA S 91 -18.91 30.24 40.68
CA ALA S 91 -17.65 29.65 40.29
C ALA S 91 -16.79 29.40 41.53
N THR S 92 -15.93 28.38 41.43
CA THR S 92 -14.95 28.07 42.47
C THR S 92 -13.66 27.63 41.79
N ALA S 93 -12.56 28.29 42.14
CA ALA S 93 -11.25 27.96 41.57
C ALA S 93 -10.77 26.67 42.23
N ARG S 94 -10.87 25.56 41.50
CA ARG S 94 -10.41 24.26 41.98
C ARG S 94 -9.25 23.80 41.11
N THR S 95 -8.15 23.41 41.77
CA THR S 95 -6.99 22.92 41.04
C THR S 95 -7.32 21.61 40.34
N GLY S 96 -6.62 21.37 39.23
CA GLY S 96 -6.81 20.14 38.48
C GLY S 96 -8.14 20.11 37.75
N GLU S 97 -8.39 18.96 37.12
CA GLU S 97 -9.63 18.74 36.37
C GLU S 97 -9.93 17.26 36.40
N ALA S 98 -11.03 16.88 37.06
CA ALA S 98 -11.42 15.49 37.15
C ALA S 98 -12.89 15.43 37.55
N THR S 99 -13.42 14.21 37.63
CA THR S 99 -14.80 14.03 38.07
C THR S 99 -15.00 14.57 39.48
N LYS S 100 -13.97 14.47 40.33
CA LYS S 100 -14.10 14.96 41.71
C LYS S 100 -14.35 16.46 41.74
N ASP S 101 -13.60 17.22 40.94
CA ASP S 101 -13.78 18.66 40.91
C ASP S 101 -15.17 19.03 40.40
N VAL S 102 -15.63 18.36 39.34
CA VAL S 102 -16.95 18.65 38.80
C VAL S 102 -18.03 18.33 39.82
N LEU S 103 -17.89 17.21 40.53
CA LEU S 103 -18.87 16.85 41.55
C LEU S 103 -18.90 17.87 42.68
N GLN S 104 -17.72 18.30 43.15
CA GLN S 104 -17.67 19.28 44.22
C GLN S 104 -18.30 20.60 43.78
N HIS S 105 -17.98 21.06 42.57
CA HIS S 105 -18.60 22.28 42.08
C HIS S 105 -20.10 22.12 41.93
N LEU S 106 -20.55 20.95 41.47
CA LEU S 106 -21.98 20.70 41.37
C LEU S 106 -22.66 20.83 42.72
N ALA S 107 -22.09 20.21 43.74
CA ALA S 107 -22.69 20.29 45.07
C ALA S 107 -22.73 21.73 45.57
N GLN S 108 -21.61 22.45 45.44
CA GLN S 108 -21.55 23.82 45.95
C GLN S 108 -22.52 24.73 45.19
N SER S 109 -22.59 24.57 43.86
CA SER S 109 -23.52 25.38 43.08
C SER S 109 -24.96 25.03 43.38
N PHE S 110 -25.26 23.73 43.51
CA PHE S 110 -26.59 23.30 43.94
C PHE S 110 -26.99 24.01 45.22
N ALA S 111 -26.11 23.99 46.22
CA ALA S 111 -26.37 24.73 47.45
C ALA S 111 -26.56 26.21 47.15
N TYR S 112 -25.77 26.75 46.23
CA TYR S 112 -25.85 28.17 45.90
C TYR S 112 -27.18 28.51 45.25
N MET S 113 -27.67 27.67 44.34
CA MET S 113 -28.83 28.01 43.52
C MET S 113 -30.05 27.15 43.83
N GLY S 114 -29.96 25.83 43.63
CA GLY S 114 -31.10 24.95 43.79
C GLY S 114 -31.07 23.86 42.74
N ILE S 115 -32.25 23.29 42.48
CA ILE S 115 -32.40 22.16 41.56
C ILE S 115 -32.85 22.68 40.21
N PRO S 116 -31.99 22.62 39.18
CA PRO S 116 -32.47 22.81 37.81
C PRO S 116 -32.99 21.52 37.22
N GLN S 117 -33.99 21.66 36.35
CA GLN S 117 -34.58 20.49 35.72
C GLN S 117 -33.56 19.73 34.88
N LYS S 118 -32.73 20.45 34.12
CA LYS S 118 -31.73 19.82 33.29
C LYS S 118 -30.54 20.75 33.16
N ILE S 119 -29.40 20.17 32.78
CA ILE S 119 -28.16 20.91 32.61
C ILE S 119 -27.56 20.56 31.26
N LYS S 120 -27.09 21.59 30.54
CA LYS S 120 -26.41 21.42 29.27
C LYS S 120 -24.97 21.90 29.41
N THR S 121 -24.03 21.16 28.84
CA THR S 121 -22.63 21.51 28.94
C THR S 121 -21.94 21.12 27.65
N ASP S 122 -20.62 21.26 27.63
CA ASP S 122 -19.79 20.89 26.51
C ASP S 122 -19.46 19.41 26.59
N ASN S 123 -18.64 18.92 25.65
CA ASN S 123 -18.31 17.50 25.54
C ASN S 123 -16.93 17.19 26.10
N ALA S 124 -16.53 17.86 27.17
CA ALA S 124 -15.26 17.55 27.80
C ALA S 124 -15.30 16.15 28.40
N PRO S 125 -14.15 15.47 28.49
CA PRO S 125 -14.15 14.09 28.99
C PRO S 125 -14.75 13.93 30.37
N ALA S 126 -14.58 14.93 31.25
CA ALA S 126 -15.19 14.85 32.57
C ALA S 126 -16.70 14.83 32.49
N TYR S 127 -17.28 15.68 31.63
CA TYR S 127 -18.73 15.79 31.52
C TYR S 127 -19.37 14.57 30.87
N VAL S 128 -18.58 13.72 30.22
CA VAL S 128 -19.11 12.54 29.54
C VAL S 128 -18.80 11.24 30.28
N SER S 129 -18.09 11.31 31.41
CA SER S 129 -17.75 10.11 32.16
C SER S 129 -19.00 9.42 32.68
N ARG S 130 -18.87 8.13 32.93
CA ARG S 130 -20.00 7.36 33.47
C ARG S 130 -20.39 7.87 34.85
N SER S 131 -19.40 8.03 35.74
CA SER S 131 -19.67 8.35 37.14
C SER S 131 -20.57 9.57 37.26
N ILE S 132 -20.27 10.62 36.51
CA ILE S 132 -21.12 11.81 36.55
C ILE S 132 -22.50 11.51 35.99
N GLN S 133 -22.59 10.57 35.03
CA GLN S 133 -23.89 10.21 34.49
C GLN S 133 -24.79 9.59 35.55
N GLU S 134 -24.30 8.57 36.26
CA GLU S 134 -25.13 8.05 37.35
C GLU S 134 -25.27 9.04 38.50
N PHE S 135 -24.34 9.98 38.66
CA PHE S 135 -24.55 11.03 39.65
C PHE S 135 -25.79 11.85 39.32
N LEU S 136 -25.89 12.33 38.08
CA LEU S 136 -27.07 13.06 37.66
C LEU S 136 -28.31 12.20 37.72
N ALA S 137 -28.18 10.91 37.35
CA ALA S 137 -29.34 10.01 37.41
C ALA S 137 -29.86 9.88 38.82
N ARG S 138 -28.96 9.67 39.80
CA ARG S 138 -29.39 9.59 41.19
C ARG S 138 -29.93 10.92 41.69
N TRP S 139 -29.45 12.02 41.14
CA TRP S 139 -30.04 13.32 41.44
C TRP S 139 -31.24 13.64 40.56
N LYS S 140 -31.58 12.76 39.61
CA LYS S 140 -32.75 12.90 38.76
C LYS S 140 -32.73 14.22 37.99
N ILE S 141 -31.58 14.53 37.39
CA ILE S 141 -31.42 15.75 36.62
C ILE S 141 -30.92 15.37 35.24
N SER S 142 -31.65 15.78 34.20
CA SER S 142 -31.28 15.43 32.84
C SER S 142 -30.01 16.16 32.41
N HIS S 143 -29.27 15.53 31.51
CA HIS S 143 -27.99 16.03 31.02
C HIS S 143 -28.01 16.12 29.51
N VAL S 144 -27.42 17.18 28.96
CA VAL S 144 -27.30 17.38 27.53
C VAL S 144 -25.83 17.52 27.18
N THR S 145 -25.35 16.69 26.25
CA THR S 145 -23.92 16.63 25.96
C THR S 145 -23.46 17.80 25.11
N GLY S 146 -24.29 18.26 24.18
CA GLY S 146 -23.91 19.35 23.30
C GLY S 146 -23.18 18.87 22.05
N ILE S 147 -22.98 19.79 21.12
CA ILE S 147 -22.29 19.50 19.86
C ILE S 147 -20.80 19.75 20.01
N PRO S 148 -19.95 18.84 19.55
CA PRO S 148 -18.50 19.07 19.64
C PRO S 148 -18.06 20.28 18.83
N TYR S 149 -17.01 20.94 19.31
CA TYR S 149 -16.34 22.04 18.62
C TYR S 149 -17.26 23.22 18.36
N ASN S 150 -18.30 23.40 19.16
CA ASN S 150 -19.31 24.44 18.95
C ASN S 150 -19.41 25.30 20.22
N PRO S 151 -18.51 26.26 20.39
CA PRO S 151 -18.64 27.18 21.53
C PRO S 151 -19.95 27.94 21.55
N GLN S 152 -20.54 28.22 20.39
CA GLN S 152 -21.84 28.89 20.38
C GLN S 152 -22.91 28.07 21.10
N GLY S 153 -22.70 26.76 21.21
CA GLY S 153 -23.61 25.96 22.02
C GLY S 153 -23.63 26.38 23.47
N GLN S 154 -22.50 26.82 24.00
CA GLN S 154 -22.40 27.31 25.36
C GLN S 154 -22.08 28.80 25.40
N ALA S 155 -22.48 29.52 24.34
CA ALA S 155 -22.25 30.95 24.24
C ALA S 155 -22.64 31.70 25.52
N ILE S 156 -23.70 31.25 26.21
CA ILE S 156 -24.13 31.95 27.42
C ILE S 156 -23.05 31.87 28.50
N VAL S 157 -22.55 30.66 28.76
CA VAL S 157 -21.52 30.55 29.79
C VAL S 157 -20.20 31.12 29.31
N GLU S 158 -20.00 31.25 28.00
CA GLU S 158 -18.79 31.94 27.53
C GLU S 158 -18.88 33.45 27.78
N ARG S 159 -20.05 34.04 27.55
CA ARG S 159 -20.25 35.43 27.97
C ARG S 159 -20.11 35.56 29.47
N THR S 160 -20.51 34.52 30.21
CA THR S 160 -20.28 34.51 31.65
C THR S 160 -18.78 34.51 31.96
N HIS S 161 -18.00 33.74 31.20
CA HIS S 161 -16.54 33.81 31.31
C HIS S 161 -16.04 35.24 31.11
N GLN S 162 -16.56 35.91 30.10
CA GLN S 162 -16.15 37.30 29.85
C GLN S 162 -16.45 38.18 31.06
N ASN S 163 -17.64 38.05 31.61
CA ASN S 163 -18.02 38.85 32.79
C ASN S 163 -17.12 38.53 33.98
N ILE S 164 -16.85 37.25 34.21
CA ILE S 164 -16.02 36.84 35.34
C ILE S 164 -14.61 37.40 35.19
N LYS S 165 -14.04 37.28 34.00
CA LYS S 165 -12.68 37.78 33.79
C LYS S 165 -12.63 39.29 33.97
N ALA S 166 -13.63 40.01 33.44
CA ALA S 166 -13.66 41.45 33.60
C ALA S 166 -13.73 41.84 35.07
N GLN S 167 -14.63 41.22 35.83
CA GLN S 167 -14.79 41.58 37.23
C GLN S 167 -13.55 41.22 38.05
N LEU S 168 -12.96 40.05 37.77
CA LEU S 168 -11.74 39.65 38.47
C LEU S 168 -10.60 40.61 38.21
N ASN S 169 -10.41 41.01 36.95
CA ASN S 169 -9.35 41.96 36.65
C ASN S 169 -9.61 43.31 37.30
N LYS S 170 -10.87 43.75 37.29
CA LYS S 170 -11.23 45.01 37.93
C LYS S 170 -10.88 45.00 39.41
N LEU S 171 -11.34 43.96 40.13
CA LEU S 171 -11.11 43.92 41.56
C LEU S 171 -9.67 43.59 41.90
N GLN S 172 -8.92 42.97 40.98
CA GLN S 172 -7.50 42.76 41.20
C GLN S 172 -6.73 44.07 41.08
N LYS S 173 -7.04 44.87 40.06
CA LYS S 173 -6.44 46.20 39.97
C LYS S 173 -6.89 47.08 41.12
N ALA S 174 -8.07 46.81 41.69
CA ALA S 174 -8.57 47.62 42.80
C ALA S 174 -7.65 47.56 44.00
N GLY S 175 -7.18 46.37 44.35
CA GLY S 175 -6.31 46.21 45.51
C GLY S 175 -5.65 44.85 45.58
N LYS S 176 -5.48 44.34 46.81
CA LYS S 176 -4.90 43.02 47.01
C LYS S 176 -5.81 42.20 47.91
N TYR S 177 -5.98 40.93 47.57
CA TYR S 177 -6.86 40.03 48.29
C TYR S 177 -6.06 38.88 48.89
N TYR S 178 -6.55 38.38 50.03
CA TYR S 178 -5.83 37.34 50.76
C TYR S 178 -5.68 36.07 49.93
N THR S 179 -6.80 35.48 49.52
CA THR S 179 -6.83 34.20 48.83
C THR S 179 -7.60 34.35 47.53
N PRO S 180 -7.20 33.62 46.48
CA PRO S 180 -7.99 33.61 45.25
C PRO S 180 -9.46 33.30 45.50
N HIS S 181 -9.77 32.44 46.47
CA HIS S 181 -11.16 32.20 46.82
C HIS S 181 -11.85 33.46 47.30
N HIS S 182 -11.14 34.28 48.08
CA HIS S 182 -11.71 35.55 48.54
C HIS S 182 -12.05 36.46 47.38
N LEU S 183 -11.12 36.60 46.42
CA LEU S 183 -11.37 37.45 45.25
C LEU S 183 -12.54 36.92 44.43
N LEU S 184 -12.58 35.61 44.21
CA LEU S 184 -13.68 35.03 43.44
C LEU S 184 -15.01 35.24 44.15
N ALA S 185 -15.04 35.08 45.48
CA ALA S 185 -16.27 35.27 46.23
C ALA S 185 -16.74 36.72 46.15
N HIS S 186 -15.82 37.68 46.28
CA HIS S 186 -16.23 39.07 46.18
C HIS S 186 -16.74 39.41 44.79
N ALA S 187 -16.06 38.90 43.75
CA ALA S 187 -16.53 39.15 42.39
C ALA S 187 -17.92 38.56 42.16
N LEU S 188 -18.15 37.35 42.65
CA LEU S 188 -19.46 36.72 42.53
C LEU S 188 -20.51 37.53 43.28
N PHE S 189 -20.18 38.01 44.48
CA PHE S 189 -21.11 38.83 45.23
C PHE S 189 -21.49 40.08 44.44
N VAL S 190 -20.49 40.78 43.91
CA VAL S 190 -20.76 42.01 43.15
C VAL S 190 -21.64 41.69 41.95
N LEU S 191 -21.29 40.64 41.20
CA LEU S 191 -22.04 40.31 40.00
C LEU S 191 -23.49 39.95 40.32
N ASN S 192 -23.70 39.11 41.32
CA ASN S 192 -25.01 38.52 41.54
C ASN S 192 -25.88 39.27 42.53
N HIS S 193 -25.36 40.32 43.18
CA HIS S 193 -26.20 41.10 44.08
C HIS S 193 -26.04 42.60 43.94
N VAL S 194 -25.02 43.09 43.23
CA VAL S 194 -24.77 44.52 43.09
C VAL S 194 -24.78 44.95 41.63
N ASN S 195 -24.16 44.17 40.75
CA ASN S 195 -24.12 44.51 39.33
C ASN S 195 -25.46 44.23 38.69
N MET S 196 -26.43 45.10 38.97
CA MET S 196 -27.81 44.88 38.53
C MET S 196 -28.09 45.65 37.24
N ASP S 197 -29.12 45.18 36.53
CA ASP S 197 -29.42 45.64 35.19
C ASP S 197 -30.02 47.03 35.19
N ASN S 198 -30.17 47.59 33.99
CA ASN S 198 -30.80 48.89 33.81
C ASN S 198 -32.25 48.93 34.26
N GLN S 199 -32.89 47.77 34.40
CA GLN S 199 -34.25 47.70 34.92
C GLN S 199 -34.32 47.85 36.44
N GLY S 200 -33.19 48.11 37.10
CA GLY S 200 -33.18 48.23 38.54
C GLY S 200 -33.49 46.93 39.25
N HIS S 201 -32.89 45.82 38.82
CA HIS S 201 -33.20 44.51 39.35
C HIS S 201 -31.94 43.65 39.36
N THR S 202 -31.55 43.19 40.53
CA THR S 202 -30.38 42.32 40.64
C THR S 202 -30.71 40.93 40.09
N ALA S 203 -29.65 40.21 39.72
CA ALA S 203 -29.83 38.85 39.23
C ALA S 203 -30.39 37.93 40.29
N ALA S 204 -29.93 38.09 41.54
CA ALA S 204 -30.37 37.21 42.62
C ALA S 204 -31.86 37.30 42.84
N GLU S 205 -32.39 38.52 42.98
CA GLU S 205 -33.81 38.66 43.27
C GLU S 205 -34.67 38.14 42.13
N ARG S 206 -34.21 38.27 40.88
CA ARG S 206 -34.91 37.64 39.78
C ARG S 206 -34.87 36.12 39.90
N HIS S 207 -33.72 35.58 40.33
CA HIS S 207 -33.57 34.14 40.51
C HIS S 207 -34.45 33.60 41.63
N TRP S 208 -34.91 34.47 42.54
CA TRP S 208 -35.58 33.97 43.74
C TRP S 208 -36.80 34.80 44.12
N GLY S 209 -37.20 35.77 43.29
CA GLY S 209 -38.41 36.51 43.53
C GLY S 209 -39.52 36.05 42.62
N PRO S 210 -40.73 36.54 42.85
CA PRO S 210 -41.86 36.16 41.98
C PRO S 210 -41.63 36.62 40.55
N ILE S 211 -41.97 35.75 39.61
CA ILE S 211 -41.85 36.09 38.20
C ILE S 211 -43.03 36.97 37.80
N SER S 212 -42.74 38.12 37.20
CA SER S 212 -43.75 39.07 36.79
C SER S 212 -43.80 39.12 35.26
N ALA S 213 -45.01 39.20 34.72
CA ALA S 213 -45.19 39.21 33.27
C ALA S 213 -46.43 40.01 32.93
N ASP S 214 -46.25 41.11 32.20
CA ASP S 214 -47.38 41.83 31.64
C ASP S 214 -47.99 41.04 30.50
N PRO S 215 -49.22 41.38 30.08
CA PRO S 215 -49.81 40.70 28.91
C PRO S 215 -48.86 40.75 27.71
N LYS S 216 -48.36 39.58 27.32
CA LYS S 216 -47.31 39.52 26.32
C LYS S 216 -47.88 39.82 24.93
N PRO S 217 -47.08 40.47 24.08
CA PRO S 217 -47.61 40.89 22.78
C PRO S 217 -47.89 39.72 21.87
N MET S 218 -48.83 39.92 20.95
CA MET S 218 -49.17 38.96 19.91
C MET S 218 -48.47 39.39 18.64
N VAL S 219 -47.48 38.60 18.21
CA VAL S 219 -46.59 38.97 17.12
C VAL S 219 -46.59 37.87 16.07
N MET S 220 -46.49 38.28 14.80
CA MET S 220 -46.36 37.33 13.71
C MET S 220 -45.03 36.60 13.83
N TRP S 221 -45.02 35.34 13.40
CA TRP S 221 -43.85 34.48 13.58
C TRP S 221 -43.56 33.74 12.28
N LYS S 222 -42.27 33.58 11.98
CA LYS S 222 -41.81 32.82 10.82
C LYS S 222 -41.22 31.50 11.31
N ASP S 223 -41.65 30.41 10.70
CA ASP S 223 -41.21 29.08 11.08
C ASP S 223 -40.16 28.59 10.09
N LEU S 224 -39.06 28.04 10.62
CA LEU S 224 -37.99 27.54 9.77
C LEU S 224 -38.32 26.19 9.14
N LEU S 225 -39.16 25.39 9.80
CA LEU S 225 -39.39 24.02 9.33
C LEU S 225 -40.38 23.95 8.19
N THR S 226 -41.09 25.02 7.89
CA THR S 226 -42.04 25.04 6.77
C THR S 226 -41.79 26.14 5.76
N GLY S 227 -40.99 27.14 6.09
CA GLY S 227 -40.77 28.24 5.17
C GLY S 227 -41.96 29.15 4.96
N SER S 228 -42.87 29.20 5.93
CA SER S 228 -44.06 30.03 5.83
C SER S 228 -44.23 30.84 7.10
N TRP S 229 -44.85 32.00 6.96
CA TRP S 229 -45.11 32.89 8.09
C TRP S 229 -46.43 32.47 8.74
N LYS S 230 -46.34 31.70 9.82
CA LYS S 230 -47.52 31.19 10.50
C LYS S 230 -47.69 31.89 11.84
N GLY S 231 -48.92 32.30 12.13
CA GLY S 231 -49.24 33.00 13.34
C GLY S 231 -50.59 33.67 13.28
N PRO S 232 -50.83 34.65 14.16
CA PRO S 232 -49.88 35.09 15.19
C PRO S 232 -49.86 34.17 16.41
N ASP S 233 -48.78 34.24 17.19
CA ASP S 233 -48.63 33.39 18.36
C ASP S 233 -48.04 34.20 19.50
N VAL S 234 -48.25 33.72 20.72
CA VAL S 234 -47.80 34.43 21.91
C VAL S 234 -46.28 34.39 21.98
N LEU S 235 -45.67 35.55 22.24
CA LEU S 235 -44.23 35.66 22.40
C LEU S 235 -43.89 35.69 23.88
N ILE S 236 -43.08 34.72 24.32
CA ILE S 236 -42.77 34.61 25.74
C ILE S 236 -41.70 35.61 26.13
N THR S 237 -40.51 35.49 25.53
CA THR S 237 -39.37 36.33 25.87
C THR S 237 -38.68 36.80 24.59
N ALA S 238 -37.95 37.90 24.70
CA ALA S 238 -37.22 38.46 23.58
C ALA S 238 -36.04 39.26 24.11
N GLY S 239 -35.11 39.55 23.20
CA GLY S 239 -33.91 40.28 23.58
C GLY S 239 -33.03 40.60 22.40
N ARG S 240 -31.72 40.39 22.55
CA ARG S 240 -30.75 40.63 21.49
C ARG S 240 -30.35 39.29 20.90
N GLY S 241 -31.08 38.85 19.88
CA GLY S 241 -30.77 37.62 19.19
C GLY S 241 -31.51 36.40 19.65
N TYR S 242 -32.56 36.54 20.46
CA TYR S 242 -33.31 35.40 20.94
C TYR S 242 -34.78 35.78 21.11
N ALA S 243 -35.66 34.85 20.74
CA ALA S 243 -37.10 35.04 20.88
C ALA S 243 -37.75 33.68 21.04
N CYS S 244 -38.73 33.60 21.95
CA CYS S 244 -39.38 32.35 22.31
C CYS S 244 -40.86 32.44 21.96
N VAL S 245 -41.19 32.08 20.74
CA VAL S 245 -42.58 31.96 20.31
C VAL S 245 -43.12 30.64 20.80
N PHE S 246 -44.44 30.56 21.00
CA PHE S 246 -45.08 29.34 21.49
C PHE S 246 -46.53 29.31 21.00
N PRO S 247 -46.81 28.58 19.94
CA PRO S 247 -48.20 28.43 19.49
C PRO S 247 -48.98 27.52 20.44
N GLN S 248 -50.31 27.58 20.31
CA GLN S 248 -51.16 26.75 21.15
C GLN S 248 -50.95 25.27 20.88
N ASP S 249 -50.79 24.90 19.62
CA ASP S 249 -50.71 23.50 19.22
C ASP S 249 -49.32 22.90 19.33
N ALA S 250 -48.33 23.68 19.75
CA ALA S 250 -46.96 23.20 19.84
C ALA S 250 -46.76 22.41 21.12
N GLU S 251 -45.98 21.32 21.02
CA GLU S 251 -45.67 20.53 22.20
C GLU S 251 -44.80 21.32 23.19
N SER S 252 -43.73 21.92 22.70
CA SER S 252 -42.82 22.71 23.50
C SER S 252 -42.55 24.04 22.80
N PRO S 253 -42.24 25.09 23.56
CA PRO S 253 -41.99 26.39 22.94
C PRO S 253 -40.82 26.35 21.97
N ILE S 254 -40.93 27.16 20.92
CA ILE S 254 -39.94 27.21 19.85
C ILE S 254 -39.08 28.45 20.03
N TRP S 255 -37.76 28.26 19.94
CA TRP S 255 -36.81 29.35 20.05
C TRP S 255 -36.28 29.70 18.67
N VAL S 256 -36.38 30.97 18.30
CA VAL S 256 -36.00 31.42 16.96
C VAL S 256 -35.17 32.70 17.06
N PRO S 257 -34.31 32.98 16.08
CA PRO S 257 -33.54 34.23 16.10
C PRO S 257 -34.44 35.43 15.84
N ASP S 258 -33.93 36.61 16.22
CA ASP S 258 -34.72 37.83 16.14
C ASP S 258 -35.00 38.27 14.72
N ARG S 259 -34.24 37.78 13.74
CA ARG S 259 -34.46 38.19 12.36
C ARG S 259 -35.77 37.66 11.80
N PHE S 260 -36.38 36.67 12.46
CA PHE S 260 -37.61 36.06 11.98
C PHE S 260 -38.82 36.45 12.83
N ILE S 261 -38.75 37.56 13.54
CA ILE S 261 -39.84 38.04 14.38
C ILE S 261 -40.36 39.34 13.79
N ARG S 262 -41.69 39.45 13.69
CA ARG S 262 -42.33 40.59 13.07
C ARG S 262 -43.45 41.09 13.97
N PRO S 263 -43.54 42.40 14.21
CA PRO S 263 -44.63 42.92 15.03
C PRO S 263 -45.99 42.71 14.37
N PHE S 264 -47.00 42.52 15.21
CA PHE S 264 -48.37 42.30 14.74
C PHE S 264 -49.33 43.12 15.58
N THR S 265 -50.41 43.57 14.94
CA THR S 265 -51.43 44.36 15.61
C THR S 265 -52.77 44.23 14.90
N ALA T 1 -45.45 6.16 44.44
CA ALA T 1 -45.07 7.56 44.59
C ALA T 1 -44.23 7.76 45.84
N LEU T 2 -44.54 6.99 46.89
CA LEU T 2 -43.81 7.11 48.14
C LEU T 2 -42.37 6.61 48.01
N GLU T 3 -42.08 5.76 47.03
CA GLU T 3 -40.70 5.32 46.83
C GLU T 3 -39.79 6.48 46.47
N SER T 4 -40.30 7.41 45.65
CA SER T 4 -39.52 8.62 45.35
C SER T 4 -39.19 9.38 46.61
N ALA T 5 -40.15 9.48 47.53
CA ALA T 5 -39.86 10.05 48.84
C ALA T 5 -38.83 9.22 49.59
N GLN T 6 -38.82 7.91 49.38
CA GLN T 6 -37.81 7.06 50.03
C GLN T 6 -36.40 7.47 49.60
N GLU T 7 -36.16 7.53 48.29
CA GLU T 7 -34.82 7.94 47.86
C GLU T 7 -34.54 9.40 48.24
N SER T 8 -35.57 10.25 48.20
CA SER T 8 -35.37 11.65 48.55
C SER T 8 -34.90 11.81 49.98
N HIS T 9 -35.53 11.08 50.91
CA HIS T 9 -35.08 11.14 52.30
C HIS T 9 -33.76 10.43 52.50
N ALA T 10 -33.50 9.36 51.74
CA ALA T 10 -32.22 8.68 51.84
C ALA T 10 -31.08 9.61 51.45
N LEU T 11 -31.28 10.44 50.44
CA LEU T 11 -30.22 11.29 49.93
C LEU T 11 -30.20 12.69 50.56
N HIS T 12 -31.29 13.12 51.19
CA HIS T 12 -31.35 14.49 51.71
C HIS T 12 -31.76 14.55 53.17
N HIS T 13 -32.66 13.65 53.59
CA HIS T 13 -33.17 13.61 54.96
C HIS T 13 -33.83 14.93 55.34
N GLN T 14 -34.91 15.24 54.64
CA GLN T 14 -35.69 16.44 54.87
C GLN T 14 -36.82 16.16 55.86
N ASN T 15 -37.40 17.24 56.39
CA ASN T 15 -38.55 17.11 57.26
C ASN T 15 -39.78 16.68 56.47
N ALA T 16 -40.82 16.29 57.22
CA ALA T 16 -42.01 15.69 56.60
C ALA T 16 -42.70 16.68 55.66
N ALA T 17 -42.78 17.96 56.06
CA ALA T 17 -43.46 18.96 55.24
C ALA T 17 -42.80 19.07 53.87
N ALA T 18 -41.47 18.93 53.81
CA ALA T 18 -40.78 19.01 52.54
C ALA T 18 -41.26 17.93 51.58
N LEU T 19 -41.32 16.69 52.04
CA LEU T 19 -41.77 15.60 51.18
C LEU T 19 -43.25 15.75 50.85
N ARG T 20 -44.06 16.18 51.81
CA ARG T 20 -45.50 16.31 51.56
C ARG T 20 -45.81 17.40 50.55
N PHE T 21 -44.99 18.45 50.49
CA PHE T 21 -45.16 19.48 49.48
C PHE T 21 -44.38 19.20 48.21
N GLN T 22 -43.46 18.23 48.23
CA GLN T 22 -42.71 17.89 47.03
C GLN T 22 -43.44 16.86 46.19
N PHE T 23 -43.99 15.82 46.82
CA PHE T 23 -44.65 14.73 46.10
C PHE T 23 -46.12 14.60 46.44
N HIS T 24 -46.71 15.55 47.16
CA HIS T 24 -48.12 15.52 47.54
C HIS T 24 -48.45 14.25 48.31
N ILE T 25 -47.59 13.88 49.24
CA ILE T 25 -47.77 12.68 50.04
C ILE T 25 -48.54 13.03 51.32
N THR T 26 -49.27 12.05 51.84
CA THR T 26 -50.03 12.26 53.06
C THR T 26 -49.10 12.56 54.23
N ARG T 27 -49.59 13.40 55.15
CA ARG T 27 -48.78 13.82 56.29
C ARG T 27 -48.34 12.63 57.14
N GLU T 28 -49.28 11.73 57.44
CA GLU T 28 -48.94 10.54 58.22
C GLU T 28 -47.98 9.64 57.45
N GLN T 29 -48.15 9.53 56.14
CA GLN T 29 -47.21 8.76 55.33
C GLN T 29 -45.83 9.38 55.36
N ALA T 30 -45.75 10.72 55.32
CA ALA T 30 -44.47 11.40 55.44
C ALA T 30 -43.83 11.14 56.79
N ARG T 31 -44.63 11.16 57.86
CA ARG T 31 -44.11 10.84 59.19
C ARG T 31 -43.57 9.43 59.24
N GLU T 32 -44.28 8.47 58.64
CA GLU T 32 -43.82 7.09 58.61
C GLU T 32 -42.52 6.97 57.83
N ILE T 33 -42.42 7.69 56.70
CA ILE T 33 -41.19 7.68 55.91
C ILE T 33 -40.03 8.22 56.73
N VAL T 34 -40.26 9.32 57.45
CA VAL T 34 -39.21 9.89 58.30
C VAL T 34 -38.79 8.90 59.37
N LYS T 35 -39.76 8.23 60.00
CA LYS T 35 -39.44 7.27 61.05
C LYS T 35 -38.66 6.08 60.52
N LEU T 36 -38.86 5.71 59.26
CA LEU T 36 -38.12 4.60 58.67
C LEU T 36 -36.64 4.90 58.53
N CYS T 37 -36.25 6.16 58.57
CA CYS T 37 -34.85 6.53 58.45
C CYS T 37 -34.08 6.02 59.66
N PRO T 38 -33.02 5.22 59.47
CA PRO T 38 -32.35 4.59 60.62
C PRO T 38 -31.65 5.58 61.54
N ASN T 39 -30.78 6.42 60.98
CA ASN T 39 -30.00 7.37 61.77
C ASN T 39 -30.65 8.75 61.83
N CYS T 40 -31.83 8.91 61.26
CA CYS T 40 -32.54 10.19 61.26
C CYS T 40 -33.79 10.08 62.11
N PRO T 41 -33.79 10.62 63.34
CA PRO T 41 -34.93 10.55 64.26
C PRO T 41 -36.15 11.31 63.74
N GLY T 55 -36.16 39.18 64.64
CA GLY T 55 -36.13 40.01 63.45
C GLY T 55 -37.43 40.00 62.68
N LEU T 56 -37.58 40.97 61.76
CA LEU T 56 -38.78 41.08 60.95
C LEU T 56 -38.50 41.30 59.46
N LYS T 57 -37.27 41.65 59.08
CA LYS T 57 -36.94 41.95 57.69
C LYS T 57 -35.68 41.18 57.31
N PRO T 58 -35.68 40.51 56.15
CA PRO T 58 -34.51 39.73 55.77
C PRO T 58 -33.30 40.62 55.50
N ARG T 59 -32.12 40.05 55.73
CA ARG T 59 -30.84 40.73 55.49
C ARG T 59 -30.76 42.05 56.26
N VAL T 60 -31.02 41.98 57.56
CA VAL T 60 -30.91 43.17 58.42
C VAL T 60 -29.88 42.92 59.51
N LEU T 61 -30.11 41.90 60.33
CA LEU T 61 -29.18 41.54 61.40
C LEU T 61 -28.89 40.05 61.32
N TRP T 62 -27.60 39.71 61.31
CA TRP T 62 -27.16 38.33 61.27
C TRP T 62 -26.40 38.00 62.56
N GLN T 63 -26.14 36.71 62.78
CA GLN T 63 -25.43 36.23 63.95
C GLN T 63 -24.16 35.51 63.54
N MET T 64 -23.06 35.83 64.22
CA MET T 64 -21.77 35.21 63.97
C MET T 64 -21.35 34.40 65.19
N ASP T 65 -20.99 33.14 64.98
CA ASP T 65 -20.39 32.31 66.00
C ASP T 65 -19.66 31.17 65.31
N VAL T 66 -18.82 30.48 66.06
CA VAL T 66 -18.03 29.37 65.54
C VAL T 66 -18.25 28.15 66.43
N THR T 67 -18.45 26.99 65.81
CA THR T 67 -18.65 25.74 66.52
C THR T 67 -17.72 24.68 65.92
N HIS T 68 -17.47 23.64 66.69
CA HIS T 68 -16.53 22.60 66.32
C HIS T 68 -17.25 21.27 66.21
N VAL T 69 -16.83 20.44 65.25
CA VAL T 69 -17.35 19.10 65.07
C VAL T 69 -16.18 18.13 65.02
N SER T 70 -16.25 17.08 65.84
CA SER T 70 -15.12 16.17 65.99
C SER T 70 -14.85 15.33 64.75
N GLU T 71 -15.87 15.10 63.91
CA GLU T 71 -15.68 14.23 62.76
C GLU T 71 -14.71 14.83 61.75
N PHE T 72 -14.64 16.16 61.66
CA PHE T 72 -13.71 16.77 60.72
C PHE T 72 -12.26 16.60 61.17
N GLY T 73 -12.02 16.60 62.47
CA GLY T 73 -10.67 16.39 62.98
C GLY T 73 -9.81 17.63 62.92
N LYS T 74 -9.37 18.00 61.72
CA LYS T 74 -8.58 19.21 61.53
C LYS T 74 -9.40 20.39 61.04
N LEU T 75 -10.59 20.14 60.51
CA LEU T 75 -11.43 21.19 59.94
C LEU T 75 -12.66 21.47 60.80
N LYS T 76 -12.58 21.15 62.10
CA LYS T 76 -13.69 21.44 62.99
C LYS T 76 -13.96 22.94 63.12
N TYR T 77 -13.00 23.77 62.77
CA TYR T 77 -13.11 25.21 62.95
C TYR T 77 -14.04 25.76 61.88
N VAL T 78 -15.34 25.78 62.18
CA VAL T 78 -16.37 26.08 61.20
C VAL T 78 -17.08 27.35 61.63
N HIS T 79 -16.93 28.41 60.83
CA HIS T 79 -17.72 29.62 61.03
C HIS T 79 -19.10 29.44 60.44
N VAL T 80 -20.12 29.93 61.15
CA VAL T 80 -21.51 29.76 60.76
C VAL T 80 -22.22 31.11 60.87
N THR T 81 -23.02 31.44 59.85
CA THR T 81 -23.79 32.66 59.82
C THR T 81 -25.25 32.34 59.55
N VAL T 82 -26.15 32.86 60.39
CA VAL T 82 -27.57 32.61 60.28
C VAL T 82 -28.32 33.92 60.48
N ASP T 83 -29.42 34.08 59.76
CA ASP T 83 -30.23 35.29 59.84
C ASP T 83 -31.20 35.23 61.01
N THR T 84 -31.46 36.42 61.60
CA THR T 84 -32.41 36.49 62.71
C THR T 84 -33.83 36.24 62.25
N TYR T 85 -34.22 36.81 61.10
CA TYR T 85 -35.59 36.73 60.64
C TYR T 85 -35.83 35.51 59.75
N SER T 86 -35.09 35.42 58.64
CA SER T 86 -35.32 34.39 57.65
C SER T 86 -34.69 33.04 58.03
N HIS T 87 -33.78 33.03 59.00
CA HIS T 87 -33.12 31.81 59.47
C HIS T 87 -32.37 31.09 58.36
N PHE T 88 -31.99 31.82 57.32
CA PHE T 88 -31.15 31.23 56.28
C PHE T 88 -29.75 30.99 56.85
N THR T 89 -29.13 29.89 56.43
CA THR T 89 -27.94 29.38 57.08
C THR T 89 -26.79 29.24 56.10
N PHE T 90 -25.57 29.34 56.63
CA PHE T 90 -24.36 29.14 55.85
C PHE T 90 -23.24 28.70 56.78
N ALA T 91 -22.25 28.02 56.22
CA ALA T 91 -21.11 27.54 56.99
C ALA T 91 -19.87 27.49 56.09
N THR T 92 -18.71 27.44 56.72
CA THR T 92 -17.44 27.40 56.01
C THR T 92 -16.47 26.50 56.77
N ALA T 93 -15.71 25.69 56.02
CA ALA T 93 -14.74 24.78 56.59
C ALA T 93 -13.37 25.45 56.60
N ARG T 94 -12.87 25.75 57.79
CA ARG T 94 -11.60 26.46 57.95
C ARG T 94 -10.70 25.70 58.91
N THR T 95 -9.40 25.93 58.78
CA THR T 95 -8.40 25.28 59.63
C THR T 95 -8.14 26.05 60.92
N GLY T 96 -8.71 27.24 61.09
CA GLY T 96 -8.48 28.03 62.28
C GLY T 96 -9.53 29.09 62.45
N GLU T 97 -9.36 29.90 63.50
CA GLU T 97 -10.27 31.00 63.82
C GLU T 97 -9.52 32.32 63.95
N ALA T 98 -8.57 32.57 63.05
CA ALA T 98 -7.81 33.81 63.08
C ALA T 98 -8.64 34.94 62.46
N THR T 99 -8.03 36.12 62.33
CA THR T 99 -8.74 37.25 61.75
C THR T 99 -9.05 37.01 60.27
N LYS T 100 -8.05 36.54 59.52
CA LYS T 100 -8.25 36.33 58.09
C LYS T 100 -9.29 35.27 57.80
N ASP T 101 -9.38 34.25 58.66
CA ASP T 101 -10.41 33.23 58.47
C ASP T 101 -11.80 33.82 58.59
N VAL T 102 -12.03 34.64 59.62
CA VAL T 102 -13.32 35.28 59.79
C VAL T 102 -13.60 36.25 58.65
N LEU T 103 -12.56 36.94 58.16
CA LEU T 103 -12.75 37.85 57.03
C LEU T 103 -13.18 37.10 55.78
N GLN T 104 -12.50 35.99 55.47
CA GLN T 104 -12.87 35.20 54.30
C GLN T 104 -14.26 34.62 54.45
N HIS T 105 -14.62 34.17 55.65
CA HIS T 105 -15.97 33.66 55.88
C HIS T 105 -17.00 34.77 55.69
N LEU T 106 -16.70 35.98 56.17
CA LEU T 106 -17.61 37.10 55.96
C LEU T 106 -17.83 37.36 54.48
N ALA T 107 -16.75 37.40 53.71
CA ALA T 107 -16.88 37.66 52.28
C ALA T 107 -17.69 36.57 51.59
N GLN T 108 -17.38 35.30 51.88
CA GLN T 108 -18.07 34.21 51.21
C GLN T 108 -19.54 34.15 51.63
N SER T 109 -19.82 34.41 52.90
CA SER T 109 -21.21 34.44 53.37
C SER T 109 -21.99 35.59 52.73
N PHE T 110 -21.33 36.74 52.58
CA PHE T 110 -21.99 37.87 51.91
C PHE T 110 -22.29 37.53 50.46
N ALA T 111 -21.36 36.86 49.78
CA ALA T 111 -21.63 36.41 48.41
C ALA T 111 -22.78 35.41 48.38
N TYR T 112 -22.82 34.52 49.36
CA TYR T 112 -23.89 33.52 49.43
C TYR T 112 -25.25 34.17 49.64
N MET T 113 -25.30 35.18 50.49
CA MET T 113 -26.57 35.62 51.07
C MET T 113 -26.88 37.09 50.85
N GLY T 114 -25.90 37.97 50.95
CA GLY T 114 -26.14 39.39 50.73
C GLY T 114 -25.47 40.22 51.81
N ILE T 115 -26.06 41.38 52.08
CA ILE T 115 -25.49 42.33 53.04
C ILE T 115 -26.55 42.75 54.05
N PRO T 116 -26.34 42.50 55.33
CA PRO T 116 -27.30 42.96 56.34
C PRO T 116 -26.98 44.38 56.82
N GLN T 117 -27.95 44.96 57.53
CA GLN T 117 -27.77 46.31 58.07
C GLN T 117 -26.65 46.35 59.12
N LYS T 118 -26.63 45.38 60.02
CA LYS T 118 -25.61 45.30 61.05
C LYS T 118 -25.44 43.84 61.45
N ILE T 119 -24.33 43.55 62.11
CA ILE T 119 -23.94 42.19 62.43
C ILE T 119 -23.69 42.07 63.93
N LYS T 120 -24.23 41.02 64.54
CA LYS T 120 -24.03 40.72 65.95
C LYS T 120 -23.10 39.53 66.10
N THR T 121 -21.99 39.73 66.81
CA THR T 121 -20.98 38.70 66.95
C THR T 121 -20.78 38.32 68.41
N ASP T 122 -19.77 37.49 68.67
CA ASP T 122 -19.38 37.12 70.01
C ASP T 122 -18.16 37.95 70.44
N ASN T 123 -17.58 37.61 71.58
CA ASN T 123 -16.43 38.34 72.10
C ASN T 123 -15.11 37.60 71.87
N ALA T 124 -15.01 36.87 70.75
CA ALA T 124 -13.77 36.20 70.42
C ALA T 124 -12.70 37.22 70.03
N PRO T 125 -11.42 36.88 70.22
CA PRO T 125 -10.36 37.82 69.84
C PRO T 125 -10.37 38.20 68.37
N ALA T 126 -10.72 37.26 67.48
CA ALA T 126 -10.78 37.56 66.05
C ALA T 126 -11.89 38.57 65.75
N TYR T 127 -13.05 38.42 66.40
CA TYR T 127 -14.15 39.34 66.18
C TYR T 127 -13.80 40.76 66.60
N VAL T 128 -13.08 40.89 67.72
CA VAL T 128 -12.74 42.21 68.26
C VAL T 128 -11.56 42.84 67.53
N SER T 129 -10.80 42.05 66.78
CA SER T 129 -9.57 42.55 66.16
C SER T 129 -9.89 43.67 65.16
N ARG T 130 -8.89 44.54 64.93
CA ARG T 130 -9.09 45.70 64.09
C ARG T 130 -9.33 45.33 62.64
N SER T 131 -8.83 44.18 62.19
CA SER T 131 -8.99 43.78 60.79
C SER T 131 -10.46 43.67 60.44
N ILE T 132 -11.22 42.91 61.23
CA ILE T 132 -12.64 42.74 60.95
C ILE T 132 -13.38 44.07 61.11
N GLN T 133 -12.97 44.88 62.08
CA GLN T 133 -13.62 46.17 62.30
C GLN T 133 -13.47 47.07 61.07
N GLU T 134 -12.24 47.22 60.56
CA GLU T 134 -12.04 48.07 59.40
C GLU T 134 -12.68 47.47 58.15
N PHE T 135 -12.69 46.14 58.03
CA PHE T 135 -13.32 45.52 56.87
C PHE T 135 -14.82 45.79 56.87
N LEU T 136 -15.46 45.68 58.04
CA LEU T 136 -16.88 46.00 58.13
C LEU T 136 -17.14 47.48 57.90
N ALA T 137 -16.25 48.35 58.40
CA ALA T 137 -16.41 49.78 58.19
C ALA T 137 -16.34 50.13 56.71
N ARG T 138 -15.44 49.49 55.98
CA ARG T 138 -15.34 49.74 54.54
C ARG T 138 -16.63 49.33 53.83
N TRP T 139 -17.30 48.29 54.32
CA TRP T 139 -18.51 47.76 53.71
C TRP T 139 -19.77 48.44 54.23
N LYS T 140 -19.64 49.46 55.07
CA LYS T 140 -20.77 50.25 55.56
C LYS T 140 -21.77 49.39 56.32
N ILE T 141 -21.26 48.64 57.31
CA ILE T 141 -22.09 47.80 58.16
C ILE T 141 -21.62 47.94 59.59
N SER T 142 -22.58 48.02 60.52
CA SER T 142 -22.26 48.16 61.93
C SER T 142 -21.96 46.81 62.56
N HIS T 143 -21.14 46.84 63.61
CA HIS T 143 -20.72 45.64 64.33
C HIS T 143 -21.18 45.76 65.78
N VAL T 144 -21.78 44.70 66.31
CA VAL T 144 -22.24 44.67 67.68
C VAL T 144 -21.14 44.12 68.59
N GLN T 154 -27.40 34.02 71.51
CA GLN T 154 -26.87 32.99 70.64
C GLN T 154 -27.79 31.78 70.58
N ALA T 155 -29.03 31.95 71.04
CA ALA T 155 -29.98 30.85 71.05
C ALA T 155 -30.29 30.37 69.63
N ILE T 156 -30.44 31.31 68.69
CA ILE T 156 -30.72 30.93 67.31
C ILE T 156 -29.53 30.23 66.69
N VAL T 157 -28.32 30.76 66.90
CA VAL T 157 -27.15 30.18 66.25
C VAL T 157 -26.83 28.81 66.85
N GLU T 158 -27.02 28.64 68.15
CA GLU T 158 -26.79 27.33 68.75
C GLU T 158 -27.85 26.33 68.30
N ARG T 159 -29.08 26.79 68.06
CA ARG T 159 -30.09 25.93 67.48
C ARG T 159 -29.66 25.45 66.10
N THR T 160 -29.17 26.36 65.26
CA THR T 160 -28.70 25.98 63.93
C THR T 160 -27.49 25.05 64.02
N HIS T 161 -26.60 25.29 64.99
CA HIS T 161 -25.48 24.38 65.20
C HIS T 161 -25.98 22.96 65.45
N GLN T 162 -27.02 22.82 66.28
CA GLN T 162 -27.64 21.51 66.46
C GLN T 162 -28.25 21.01 65.16
N ASN T 163 -28.90 21.91 64.41
CA ASN T 163 -29.54 21.50 63.16
C ASN T 163 -28.52 21.03 62.14
N ILE T 164 -27.44 21.79 61.95
CA ILE T 164 -26.45 21.41 60.94
C ILE T 164 -25.73 20.14 61.35
N LYS T 165 -25.36 20.00 62.62
CA LYS T 165 -24.70 18.79 63.08
C LYS T 165 -25.61 17.59 62.95
N ALA T 166 -26.90 17.76 63.27
CA ALA T 166 -27.86 16.68 63.04
C ALA T 166 -27.98 16.37 61.55
N GLN T 167 -28.02 17.41 60.72
CA GLN T 167 -28.07 17.19 59.27
C GLN T 167 -26.77 16.57 58.77
N LEU T 168 -25.64 16.96 59.35
CA LEU T 168 -24.37 16.34 58.98
C LEU T 168 -24.39 14.85 59.27
N ASN T 169 -24.90 14.46 60.45
CA ASN T 169 -24.96 13.05 60.80
C ASN T 169 -25.96 12.29 59.92
N LYS T 170 -27.10 12.91 59.62
CA LYS T 170 -28.09 12.26 58.78
C LYS T 170 -27.52 11.96 57.39
N LEU T 171 -26.83 12.92 56.80
CA LEU T 171 -26.28 12.75 55.47
C LEU T 171 -25.05 11.84 55.46
N GLN T 172 -24.40 11.65 56.61
CA GLN T 172 -23.18 10.85 56.70
C GLN T 172 -23.43 9.37 56.39
N LYS T 173 -24.69 8.97 56.18
CA LYS T 173 -24.98 7.58 55.85
C LYS T 173 -24.22 7.12 54.61
N ALA T 174 -24.32 7.90 53.52
CA ALA T 174 -23.67 7.55 52.26
C ALA T 174 -22.24 8.11 52.30
N GLY T 175 -21.31 7.30 52.78
CA GLY T 175 -19.92 7.71 52.90
C GLY T 175 -19.19 7.73 51.57
N LYS T 176 -19.59 8.63 50.69
CA LYS T 176 -18.95 8.79 49.39
C LYS T 176 -18.38 10.18 49.18
N TYR T 177 -18.56 11.09 50.15
CA TYR T 177 -18.09 12.46 49.99
C TYR T 177 -16.58 12.51 50.09
N TYR T 178 -15.94 13.14 49.10
CA TYR T 178 -14.47 13.12 49.04
C TYR T 178 -13.86 14.05 50.09
N THR T 179 -14.46 15.20 50.31
CA THR T 179 -13.97 16.20 51.24
C THR T 179 -15.11 16.69 52.11
N PRO T 180 -14.81 17.22 53.30
CA PRO T 180 -15.89 17.79 54.13
C PRO T 180 -16.62 18.93 53.46
N HIS T 181 -16.00 19.62 52.51
CA HIS T 181 -16.69 20.69 51.80
C HIS T 181 -17.91 20.15 51.05
N HIS T 182 -17.76 19.01 50.39
CA HIS T 182 -18.85 18.43 49.62
C HIS T 182 -20.05 18.10 50.51
N LEU T 183 -19.80 17.36 51.59
CA LEU T 183 -20.89 16.96 52.47
C LEU T 183 -21.49 18.17 53.19
N LEU T 184 -20.64 19.13 53.57
CA LEU T 184 -21.14 20.36 54.19
C LEU T 184 -22.05 21.12 53.24
N ALA T 185 -21.64 21.25 51.98
CA ALA T 185 -22.47 21.96 51.00
C ALA T 185 -23.79 21.23 50.80
N HIS T 186 -23.75 19.90 50.73
CA HIS T 186 -25.00 19.15 50.57
C HIS T 186 -25.93 19.35 51.76
N ALA T 187 -25.38 19.33 52.98
CA ALA T 187 -26.21 19.53 54.16
C ALA T 187 -26.78 20.94 54.22
N LEU T 188 -25.96 21.94 53.88
CA LEU T 188 -26.46 23.31 53.85
C LEU T 188 -27.55 23.47 52.80
N PHE T 189 -27.39 22.82 51.64
CA PHE T 189 -28.47 22.82 50.65
C PHE T 189 -29.73 22.20 51.22
N VAL T 190 -29.61 21.06 51.90
CA VAL T 190 -30.78 20.42 52.48
C VAL T 190 -31.49 21.39 53.41
N LEU T 191 -30.74 22.00 54.32
CA LEU T 191 -31.33 22.89 55.32
C LEU T 191 -31.96 24.12 54.66
N ASN T 192 -31.32 24.66 53.63
CA ASN T 192 -31.78 25.92 53.04
C ASN T 192 -32.96 25.71 52.10
N HIS T 193 -32.80 24.85 51.10
CA HIS T 193 -33.82 24.71 50.07
C HIS T 193 -34.67 23.45 50.19
N VAL T 194 -34.19 22.41 50.87
CA VAL T 194 -34.95 21.18 51.01
C VAL T 194 -35.73 21.16 52.32
N ASN T 195 -35.05 21.45 53.43
CA ASN T 195 -35.74 21.54 54.71
C ASN T 195 -36.71 22.73 54.68
N MET T 196 -38.00 22.43 54.61
CA MET T 196 -39.02 23.44 54.34
C MET T 196 -40.03 23.45 55.48
N ASP T 197 -40.58 24.63 55.75
CA ASP T 197 -41.33 24.86 56.98
C ASP T 197 -42.76 24.30 56.85
N ASN T 198 -43.61 24.64 57.82
CA ASN T 198 -45.02 24.24 57.76
C ASN T 198 -45.82 25.13 56.83
N GLN T 199 -45.41 26.38 56.66
CA GLN T 199 -46.19 27.36 55.92
C GLN T 199 -46.12 27.18 54.41
N GLY T 200 -45.29 26.27 53.91
CA GLY T 200 -45.16 26.05 52.49
C GLY T 200 -44.09 26.87 51.80
N HIS T 201 -43.06 27.30 52.50
CA HIS T 201 -41.99 28.11 51.92
C HIS T 201 -40.65 27.65 52.44
N THR T 202 -39.68 27.50 51.54
CA THR T 202 -38.34 27.13 51.93
C THR T 202 -37.65 28.32 52.63
N ALA T 203 -36.46 28.05 53.17
CA ALA T 203 -35.68 29.13 53.76
C ALA T 203 -35.29 30.15 52.70
N ALA T 204 -34.97 29.68 51.50
CA ALA T 204 -34.62 30.59 50.42
C ALA T 204 -35.79 31.49 50.03
N GLU T 205 -36.98 30.90 49.88
CA GLU T 205 -38.13 31.70 49.46
C GLU T 205 -38.48 32.76 50.49
N ARG T 206 -38.47 32.39 51.78
CA ARG T 206 -38.70 33.38 52.83
C ARG T 206 -37.61 34.44 52.84
N HIS T 207 -36.36 34.02 52.67
CA HIS T 207 -35.24 34.97 52.73
C HIS T 207 -35.30 35.99 51.62
N TRP T 208 -35.64 35.56 50.40
CA TRP T 208 -35.66 36.44 49.24
C TRP T 208 -37.03 37.00 48.94
N GLY T 209 -38.04 36.70 49.75
CA GLY T 209 -39.38 37.22 49.53
C GLY T 209 -40.03 36.74 48.25
N PRO T 217 -52.04 35.57 40.09
CA PRO T 217 -53.26 34.76 40.11
C PRO T 217 -53.01 33.31 39.76
N MET T 218 -52.80 32.47 40.77
CA MET T 218 -52.58 31.03 40.56
C MET T 218 -53.90 30.37 40.19
N VAL T 219 -53.89 29.61 39.10
CA VAL T 219 -55.08 28.95 38.57
C VAL T 219 -54.98 27.46 38.81
N MET T 220 -56.10 26.85 39.20
CA MET T 220 -56.15 25.41 39.34
C MET T 220 -56.11 24.75 37.97
N TRP T 221 -55.29 23.71 37.84
CA TRP T 221 -55.03 23.08 36.55
C TRP T 221 -55.46 21.62 36.58
N LYS T 222 -56.14 21.18 35.52
CA LYS T 222 -56.60 19.80 35.38
C LYS T 222 -55.65 19.04 34.47
N ASP T 223 -54.99 18.02 35.03
CA ASP T 223 -54.17 17.14 34.21
C ASP T 223 -55.05 16.31 33.28
N LEU T 224 -54.48 15.93 32.15
CA LEU T 224 -55.15 15.03 31.22
C LEU T 224 -54.55 13.63 31.19
N LEU T 225 -53.29 13.48 31.57
CA LEU T 225 -52.71 12.14 31.67
C LEU T 225 -53.40 11.32 32.74
N THR T 226 -53.69 11.94 33.89
CA THR T 226 -54.38 11.27 34.98
C THR T 226 -55.81 11.75 35.19
N GLY T 227 -56.19 12.88 34.57
CA GLY T 227 -57.55 13.38 34.74
C GLY T 227 -57.83 14.04 36.06
N SER T 228 -56.79 14.30 36.86
CA SER T 228 -56.95 14.89 38.19
C SER T 228 -56.48 16.33 38.17
N TRP T 229 -57.14 17.15 38.99
CA TRP T 229 -56.80 18.57 39.09
C TRP T 229 -55.53 18.73 39.90
N LYS T 230 -54.51 19.34 39.30
CA LYS T 230 -53.22 19.51 39.94
C LYS T 230 -52.83 20.98 39.98
N GLY T 231 -52.30 21.42 41.12
CA GLY T 231 -51.87 22.79 41.30
C GLY T 231 -51.70 23.15 42.76
N PRO T 232 -51.77 24.45 43.07
CA PRO T 232 -51.99 25.55 42.12
C PRO T 232 -50.74 25.91 41.34
N ASP T 233 -50.94 26.51 40.16
CA ASP T 233 -49.83 26.85 39.27
C ASP T 233 -50.04 28.26 38.72
N VAL T 234 -48.93 28.89 38.36
CA VAL T 234 -48.95 30.26 37.85
C VAL T 234 -49.52 30.26 36.44
N LEU T 235 -50.29 31.30 36.12
CA LEU T 235 -50.89 31.46 34.80
C LEU T 235 -50.05 32.40 33.95
N ILE T 236 -49.83 32.01 32.70
CA ILE T 236 -49.07 32.85 31.77
C ILE T 236 -50.02 33.76 31.02
N THR T 237 -50.95 33.17 30.27
CA THR T 237 -51.93 33.93 29.49
C THR T 237 -53.00 32.96 29.01
N ALA T 238 -53.99 33.51 28.31
CA ALA T 238 -55.06 32.70 27.74
C ALA T 238 -55.61 33.43 26.52
N GLY T 239 -56.29 32.67 25.67
CA GLY T 239 -56.86 33.25 24.46
C GLY T 239 -57.53 32.24 23.55
N ARG T 240 -58.66 32.64 22.97
CA ARG T 240 -59.42 31.80 22.01
C ARG T 240 -59.76 30.44 22.62
N GLY T 241 -60.18 30.45 23.87
CA GLY T 241 -60.54 29.22 24.55
C GLY T 241 -59.37 28.36 24.97
N TYR T 242 -58.14 28.86 24.87
CA TYR T 242 -56.95 28.13 25.24
C TYR T 242 -56.19 28.90 26.29
N ALA T 243 -55.80 28.21 27.36
CA ALA T 243 -55.10 28.83 28.48
C ALA T 243 -53.69 28.26 28.59
N CYS T 244 -52.71 29.15 28.70
CA CYS T 244 -51.31 28.76 28.82
C CYS T 244 -50.99 28.60 30.31
N VAL T 245 -51.53 27.56 30.90
CA VAL T 245 -51.25 27.23 32.29
C VAL T 245 -49.80 26.77 32.40
N PHE T 246 -49.12 27.22 33.45
CA PHE T 246 -47.69 26.97 33.61
C PHE T 246 -47.43 26.15 34.86
N PRO T 247 -47.16 24.85 34.73
CA PRO T 247 -46.93 24.02 35.92
C PRO T 247 -45.65 24.41 36.64
N GLN T 248 -45.66 24.21 37.96
CA GLN T 248 -44.48 24.53 38.76
C GLN T 248 -43.34 23.57 38.47
N ASP T 249 -43.62 22.27 38.45
CA ASP T 249 -42.56 21.28 38.24
C ASP T 249 -42.14 21.20 36.78
N ALA T 250 -43.09 21.35 35.85
CA ALA T 250 -42.76 21.27 34.43
C ALA T 250 -41.89 22.45 34.02
N GLU T 251 -40.86 22.16 33.23
CA GLU T 251 -39.91 23.18 32.81
C GLU T 251 -40.47 24.10 31.72
N SER T 252 -41.50 23.68 31.00
CA SER T 252 -42.01 24.43 29.86
C SER T 252 -43.51 24.63 30.01
N PRO T 253 -44.06 25.68 29.40
CA PRO T 253 -45.51 25.90 29.46
C PRO T 253 -46.26 24.82 28.71
N ILE T 254 -47.50 24.58 29.14
CA ILE T 254 -48.40 23.64 28.49
C ILE T 254 -49.68 24.38 28.16
N TRP T 255 -50.17 24.21 26.93
CA TRP T 255 -51.39 24.85 26.48
C TRP T 255 -52.58 23.95 26.77
N VAL T 256 -53.54 24.48 27.53
CA VAL T 256 -54.68 23.69 28.01
C VAL T 256 -55.96 24.46 27.73
N PRO T 257 -57.01 23.81 27.24
CA PRO T 257 -58.28 24.52 27.02
C PRO T 257 -58.89 24.99 28.32
N ASP T 258 -59.73 26.03 28.20
CA ASP T 258 -60.39 26.62 29.37
C ASP T 258 -61.32 25.66 30.08
N ARG T 259 -61.71 24.55 29.44
CA ARG T 259 -62.57 23.58 30.11
C ARG T 259 -61.84 22.87 31.24
N PHE T 260 -60.51 22.82 31.18
CA PHE T 260 -59.70 22.12 32.18
C PHE T 260 -58.97 23.07 33.12
N ILE T 261 -59.49 24.29 33.29
CA ILE T 261 -58.92 25.26 34.21
C ILE T 261 -59.97 25.62 35.25
N ARG T 262 -59.52 26.05 36.42
CA ARG T 262 -60.41 26.39 37.52
C ARG T 262 -59.85 27.61 38.24
N PRO T 263 -60.60 28.71 38.32
CA PRO T 263 -60.10 29.87 39.05
C PRO T 263 -59.87 29.56 40.52
N PHE T 264 -58.84 30.17 41.09
CA PHE T 264 -58.50 29.97 42.49
C PHE T 264 -58.22 31.30 43.18
N ALA U 1 -62.22 7.01 -17.27
CA ALA U 1 -61.24 6.25 -16.51
C ALA U 1 -61.78 4.87 -16.14
N LEU U 2 -63.08 4.70 -16.33
CA LEU U 2 -63.70 3.39 -16.05
C LEU U 2 -63.14 2.31 -16.97
N GLU U 3 -62.92 2.66 -18.24
CA GLU U 3 -62.39 1.67 -19.19
C GLU U 3 -61.05 1.15 -18.71
N SER U 4 -60.14 2.04 -18.30
CA SER U 4 -58.84 1.61 -17.80
C SER U 4 -59.00 0.54 -16.72
N ALA U 5 -59.96 0.71 -15.83
CA ALA U 5 -60.26 -0.32 -14.84
C ALA U 5 -60.77 -1.59 -15.51
N GLN U 6 -61.57 -1.45 -16.59
CA GLN U 6 -62.10 -2.62 -17.28
C GLN U 6 -60.97 -3.49 -17.83
N GLU U 7 -60.05 -2.90 -18.60
CA GLU U 7 -58.93 -3.70 -19.08
C GLU U 7 -57.97 -4.11 -17.96
N SER U 8 -57.82 -3.30 -16.90
CA SER U 8 -56.98 -3.72 -15.78
C SER U 8 -57.49 -5.02 -15.19
N HIS U 9 -58.79 -5.09 -14.90
CA HIS U 9 -59.36 -6.35 -14.46
C HIS U 9 -59.17 -7.43 -15.51
N ALA U 10 -59.61 -7.16 -16.75
CA ALA U 10 -59.70 -8.20 -17.77
C ALA U 10 -58.34 -8.84 -18.02
N LEU U 11 -57.27 -8.09 -17.82
CA LEU U 11 -55.94 -8.67 -17.99
C LEU U 11 -55.27 -9.00 -16.67
N HIS U 12 -55.91 -8.75 -15.54
CA HIS U 12 -55.29 -9.21 -14.30
C HIS U 12 -56.24 -9.98 -13.37
N HIS U 13 -57.52 -9.64 -13.35
CA HIS U 13 -58.42 -10.09 -12.27
C HIS U 13 -57.79 -9.96 -10.90
N GLN U 14 -57.50 -8.71 -10.52
CA GLN U 14 -57.25 -8.38 -9.14
C GLN U 14 -58.58 -8.15 -8.42
N ASN U 15 -58.52 -7.97 -7.11
CA ASN U 15 -59.74 -7.74 -6.36
C ASN U 15 -60.32 -6.36 -6.68
N ALA U 16 -61.62 -6.22 -6.44
CA ALA U 16 -62.28 -4.93 -6.68
C ALA U 16 -61.69 -3.82 -5.83
N ALA U 17 -61.13 -4.16 -4.67
CA ALA U 17 -60.48 -3.16 -3.82
C ALA U 17 -59.33 -2.50 -4.55
N ALA U 18 -58.56 -3.28 -5.32
CA ALA U 18 -57.47 -2.71 -6.09
C ALA U 18 -57.99 -1.73 -7.13
N LEU U 19 -59.09 -2.07 -7.81
CA LEU U 19 -59.68 -1.15 -8.77
C LEU U 19 -60.12 0.13 -8.08
N ARG U 20 -60.77 0.01 -6.92
CA ARG U 20 -61.24 1.19 -6.20
C ARG U 20 -60.09 2.08 -5.78
N PHE U 21 -59.02 1.50 -5.27
CA PHE U 21 -57.90 2.31 -4.79
C PHE U 21 -57.11 2.91 -5.94
N GLN U 22 -56.92 2.15 -7.03
CA GLN U 22 -56.10 2.64 -8.13
C GLN U 22 -56.83 3.64 -9.01
N PHE U 23 -58.16 3.54 -9.12
CA PHE U 23 -58.90 4.38 -10.05
C PHE U 23 -59.96 5.24 -9.38
N HIS U 24 -60.19 5.09 -8.08
CA HIS U 24 -61.16 5.89 -7.33
C HIS U 24 -62.56 5.78 -7.94
N ILE U 25 -63.09 4.55 -7.85
CA ILE U 25 -64.39 4.22 -8.41
C ILE U 25 -65.27 3.69 -7.28
N THR U 26 -66.58 3.78 -7.49
CA THR U 26 -67.56 3.36 -6.49
C THR U 26 -67.41 1.87 -6.19
N ARG U 27 -67.61 1.52 -4.92
CA ARG U 27 -67.52 0.13 -4.49
C ARG U 27 -68.50 -0.74 -5.27
N GLU U 28 -69.75 -0.30 -5.40
CA GLU U 28 -70.75 -1.06 -6.14
C GLU U 28 -70.36 -1.19 -7.60
N GLN U 29 -69.82 -0.13 -8.19
CA GLN U 29 -69.38 -0.20 -9.59
C GLN U 29 -68.27 -1.23 -9.76
N ALA U 30 -67.28 -1.21 -8.87
CA ALA U 30 -66.18 -2.18 -8.98
C ALA U 30 -66.67 -3.60 -8.78
N ARG U 31 -67.58 -3.82 -7.84
CA ARG U 31 -68.11 -5.17 -7.63
C ARG U 31 -68.94 -5.62 -8.83
N GLU U 32 -69.69 -4.71 -9.45
CA GLU U 32 -70.43 -5.05 -10.65
C GLU U 32 -69.50 -5.42 -11.79
N ILE U 33 -68.38 -4.68 -11.94
CA ILE U 33 -67.40 -5.02 -12.96
C ILE U 33 -66.80 -6.40 -12.68
N VAL U 34 -66.49 -6.69 -11.42
CA VAL U 34 -65.94 -7.99 -11.06
C VAL U 34 -66.93 -9.10 -11.41
N LYS U 35 -68.20 -8.90 -11.07
CA LYS U 35 -69.22 -9.91 -11.37
C LYS U 35 -69.38 -10.09 -12.88
N LEU U 36 -69.29 -9.00 -13.64
CA LEU U 36 -69.47 -9.07 -15.09
C LEU U 36 -68.41 -9.92 -15.77
N CYS U 37 -67.24 -10.04 -15.18
CA CYS U 37 -66.17 -10.84 -15.78
C CYS U 37 -66.56 -12.31 -15.75
N PRO U 38 -66.54 -13.01 -16.89
CA PRO U 38 -66.94 -14.43 -16.87
C PRO U 38 -66.04 -15.29 -16.00
N ASN U 39 -64.76 -14.97 -15.92
CA ASN U 39 -63.80 -15.74 -15.14
C ASN U 39 -63.75 -15.33 -13.68
N CYS U 40 -64.51 -14.29 -13.29
CA CYS U 40 -64.47 -13.78 -11.93
C CYS U 40 -65.80 -14.04 -11.25
N PRO U 41 -65.92 -15.06 -10.41
CA PRO U 41 -67.16 -15.40 -9.69
C PRO U 41 -67.19 -14.80 -8.28
N ARG U 54 -51.35 -17.54 14.27
CA ARG U 54 -50.72 -16.66 13.29
C ARG U 54 -49.57 -15.86 13.93
N GLY U 55 -48.68 -15.37 13.09
CA GLY U 55 -47.60 -14.54 13.56
C GLY U 55 -48.06 -13.13 13.90
N LEU U 56 -47.17 -12.39 14.57
CA LEU U 56 -47.44 -11.01 14.96
C LEU U 56 -46.64 -10.00 14.14
N LYS U 57 -45.54 -10.42 13.53
CA LYS U 57 -44.70 -9.55 12.72
C LYS U 57 -44.23 -10.34 11.51
N PRO U 58 -43.89 -9.67 10.42
CA PRO U 58 -43.51 -10.39 9.20
C PRO U 58 -42.22 -11.17 9.37
N ARG U 59 -42.09 -12.23 8.57
CA ARG U 59 -40.89 -13.06 8.52
C ARG U 59 -40.60 -13.71 9.87
N VAL U 60 -41.57 -14.48 10.36
CA VAL U 60 -41.39 -15.29 11.56
C VAL U 60 -41.68 -16.76 11.31
N LEU U 61 -42.81 -17.08 10.66
CA LEU U 61 -43.21 -18.46 10.41
C LEU U 61 -43.55 -18.63 8.95
N TRP U 62 -43.10 -19.73 8.35
CA TRP U 62 -43.40 -20.06 6.97
C TRP U 62 -44.04 -21.44 6.90
N GLN U 63 -45.10 -21.55 6.09
CA GLN U 63 -45.73 -22.83 5.79
C GLN U 63 -45.31 -23.28 4.40
N MET U 64 -44.83 -24.51 4.30
CA MET U 64 -44.41 -25.09 3.03
C MET U 64 -45.12 -26.41 2.82
N ASP U 65 -45.78 -26.54 1.67
CA ASP U 65 -46.47 -27.76 1.31
C ASP U 65 -46.66 -27.79 -0.19
N VAL U 66 -46.32 -28.90 -0.81
CA VAL U 66 -46.37 -29.05 -2.26
C VAL U 66 -47.76 -29.53 -2.66
N THR U 67 -48.22 -29.06 -3.82
CA THR U 67 -49.51 -29.47 -4.37
C THR U 67 -49.33 -29.96 -5.80
N HIS U 68 -50.43 -30.20 -6.50
CA HIS U 68 -50.37 -30.67 -7.88
C HIS U 68 -51.38 -29.88 -8.72
N VAL U 69 -50.95 -29.51 -9.93
CA VAL U 69 -51.80 -28.80 -10.88
C VAL U 69 -51.83 -29.61 -12.17
N SER U 70 -53.04 -29.90 -12.66
CA SER U 70 -53.18 -30.81 -13.80
C SER U 70 -52.56 -30.24 -15.07
N GLU U 71 -52.79 -28.96 -15.34
CA GLU U 71 -52.45 -28.38 -16.64
C GLU U 71 -51.01 -27.89 -16.74
N PHE U 72 -50.10 -28.37 -15.90
CA PHE U 72 -48.70 -27.98 -15.98
C PHE U 72 -47.82 -29.05 -16.60
N GLY U 73 -48.41 -30.10 -17.17
CA GLY U 73 -47.62 -31.12 -17.86
C GLY U 73 -46.62 -31.78 -16.94
N LYS U 74 -45.38 -31.92 -17.43
CA LYS U 74 -44.31 -32.49 -16.63
C LYS U 74 -43.95 -31.61 -15.44
N LEU U 75 -44.34 -30.34 -15.46
CA LEU U 75 -44.12 -29.43 -14.35
C LEU U 75 -45.33 -29.33 -13.44
N LYS U 76 -46.11 -30.41 -13.34
CA LYS U 76 -47.33 -30.42 -12.55
C LYS U 76 -47.07 -30.39 -11.05
N TYR U 77 -45.81 -30.28 -10.62
CA TYR U 77 -45.46 -30.23 -9.20
C TYR U 77 -45.24 -28.76 -8.82
N VAL U 78 -45.98 -28.29 -7.83
CA VAL U 78 -45.93 -26.90 -7.39
C VAL U 78 -45.44 -26.85 -5.95
N HIS U 79 -44.44 -26.01 -5.71
CA HIS U 79 -43.95 -25.75 -4.36
C HIS U 79 -44.40 -24.37 -3.93
N VAL U 80 -44.97 -24.28 -2.72
CA VAL U 80 -45.57 -23.06 -2.23
C VAL U 80 -44.99 -22.72 -0.87
N THR U 81 -44.60 -21.46 -0.69
CA THR U 81 -44.19 -20.94 0.61
C THR U 81 -44.94 -19.65 0.87
N VAL U 82 -45.40 -19.46 2.11
CA VAL U 82 -46.21 -18.31 2.45
C VAL U 82 -45.78 -17.80 3.84
N ASP U 83 -45.67 -16.48 3.95
CA ASP U 83 -45.47 -15.86 5.25
C ASP U 83 -46.76 -15.93 6.05
N THR U 84 -46.69 -16.39 7.30
CA THR U 84 -47.89 -16.59 8.09
C THR U 84 -48.55 -15.27 8.48
N TYR U 85 -47.76 -14.22 8.68
CA TYR U 85 -48.29 -12.94 9.13
C TYR U 85 -48.78 -12.08 7.98
N SER U 86 -47.90 -11.80 7.01
CA SER U 86 -48.23 -10.91 5.91
C SER U 86 -49.02 -11.59 4.79
N HIS U 87 -49.17 -12.91 4.84
CA HIS U 87 -49.84 -13.68 3.80
C HIS U 87 -49.15 -13.53 2.45
N PHE U 88 -47.88 -13.12 2.45
CA PHE U 88 -47.12 -12.97 1.22
C PHE U 88 -46.86 -14.34 0.60
N THR U 89 -47.14 -14.48 -0.69
CA THR U 89 -47.16 -15.77 -1.35
C THR U 89 -46.08 -15.86 -2.41
N PHE U 90 -45.36 -16.98 -2.44
CA PHE U 90 -44.37 -17.27 -3.45
C PHE U 90 -44.58 -18.70 -3.94
N ALA U 91 -44.25 -18.95 -5.20
CA ALA U 91 -44.48 -20.27 -5.78
C ALA U 91 -43.52 -20.51 -6.93
N THR U 92 -43.08 -21.76 -7.05
CA THR U 92 -42.26 -22.22 -8.16
C THR U 92 -42.78 -23.55 -8.68
N ALA U 93 -42.74 -23.72 -9.99
CA ALA U 93 -43.14 -24.96 -10.64
C ALA U 93 -41.90 -25.80 -10.91
N ARG U 94 -41.94 -27.07 -10.51
CA ARG U 94 -40.78 -27.94 -10.61
C ARG U 94 -41.24 -29.32 -11.07
N THR U 95 -40.35 -30.30 -10.98
CA THR U 95 -40.61 -31.64 -11.51
C THR U 95 -40.62 -32.73 -10.46
N GLY U 96 -40.11 -32.47 -9.25
CA GLY U 96 -40.06 -33.48 -8.22
C GLY U 96 -40.22 -32.88 -6.85
N GLU U 97 -40.32 -33.76 -5.85
CA GLU U 97 -40.35 -33.35 -4.44
C GLU U 97 -39.10 -33.78 -3.71
N ALA U 98 -38.04 -34.11 -4.44
CA ALA U 98 -36.81 -34.61 -3.83
C ALA U 98 -36.10 -33.49 -3.08
N THR U 99 -34.96 -33.83 -2.48
CA THR U 99 -34.21 -32.87 -1.69
C THR U 99 -33.72 -31.71 -2.56
N LYS U 100 -33.27 -32.00 -3.78
CA LYS U 100 -32.74 -30.96 -4.65
C LYS U 100 -33.84 -29.95 -5.02
N ASP U 101 -35.03 -30.43 -5.34
CA ASP U 101 -36.12 -29.52 -5.72
C ASP U 101 -36.53 -28.65 -4.55
N VAL U 102 -36.61 -29.24 -3.35
CA VAL U 102 -36.98 -28.46 -2.17
C VAL U 102 -35.90 -27.44 -1.84
N LEU U 103 -34.63 -27.81 -2.03
CA LEU U 103 -33.54 -26.86 -1.79
C LEU U 103 -33.60 -25.71 -2.78
N GLN U 104 -33.89 -26.00 -4.04
CA GLN U 104 -34.04 -24.93 -5.03
C GLN U 104 -35.21 -24.02 -4.67
N HIS U 105 -36.31 -24.60 -4.22
CA HIS U 105 -37.44 -23.77 -3.81
C HIS U 105 -37.09 -22.92 -2.59
N LEU U 106 -36.29 -23.47 -1.67
CA LEU U 106 -35.80 -22.68 -0.55
C LEU U 106 -34.96 -21.50 -1.02
N ALA U 107 -34.06 -21.74 -1.98
CA ALA U 107 -33.22 -20.65 -2.48
C ALA U 107 -34.06 -19.58 -3.15
N GLN U 108 -35.02 -19.99 -3.97
CA GLN U 108 -35.90 -19.03 -4.63
C GLN U 108 -36.74 -18.27 -3.60
N SER U 109 -37.22 -18.96 -2.57
CA SER U 109 -38.00 -18.30 -1.52
C SER U 109 -37.15 -17.30 -0.77
N PHE U 110 -35.89 -17.63 -0.52
CA PHE U 110 -34.99 -16.68 0.15
C PHE U 110 -34.74 -15.46 -0.72
N ALA U 111 -34.56 -15.66 -2.01
CA ALA U 111 -34.30 -14.54 -2.90
C ALA U 111 -35.55 -13.68 -3.13
N TYR U 112 -36.73 -14.27 -2.96
CA TYR U 112 -37.97 -13.57 -3.26
C TYR U 112 -38.65 -12.97 -2.04
N MET U 113 -38.46 -13.53 -0.86
CA MET U 113 -39.29 -13.21 0.29
C MET U 113 -38.50 -12.76 1.52
N GLY U 114 -37.21 -13.06 1.60
CA GLY U 114 -36.40 -12.64 2.71
C GLY U 114 -35.80 -13.81 3.46
N ILE U 115 -35.40 -13.54 4.70
CA ILE U 115 -34.78 -14.55 5.55
C ILE U 115 -35.65 -14.82 6.78
N PRO U 116 -36.29 -15.99 6.86
CA PRO U 116 -37.08 -16.33 8.05
C PRO U 116 -36.24 -17.05 9.09
N GLN U 117 -36.86 -17.48 10.18
CA GLN U 117 -36.17 -18.25 11.22
C GLN U 117 -36.85 -19.56 11.56
N LYS U 118 -38.15 -19.70 11.34
CA LYS U 118 -38.87 -20.93 11.61
C LYS U 118 -39.84 -21.23 10.47
N ILE U 119 -39.81 -22.47 9.99
CA ILE U 119 -40.59 -22.89 8.84
C ILE U 119 -41.44 -24.08 9.23
N LYS U 120 -42.72 -24.04 8.89
CA LYS U 120 -43.66 -25.12 9.17
C LYS U 120 -43.84 -25.98 7.93
N THR U 121 -43.72 -27.30 8.11
CA THR U 121 -43.96 -28.26 7.04
C THR U 121 -44.80 -29.41 7.59
N ASP U 122 -45.11 -30.36 6.71
CA ASP U 122 -45.72 -31.61 7.14
C ASP U 122 -44.61 -32.57 7.56
N ASN U 123 -44.93 -33.85 7.71
CA ASN U 123 -43.99 -34.86 8.18
C ASN U 123 -43.48 -35.64 6.96
N ALA U 124 -43.25 -34.92 5.87
CA ALA U 124 -42.72 -35.55 4.67
C ALA U 124 -41.27 -35.99 4.90
N PRO U 125 -40.88 -37.13 4.33
CA PRO U 125 -39.48 -37.58 4.49
C PRO U 125 -38.46 -36.61 3.94
N ALA U 126 -38.77 -35.94 2.83
CA ALA U 126 -37.82 -35.00 2.24
C ALA U 126 -37.55 -33.82 3.16
N TYR U 127 -38.61 -33.28 3.77
CA TYR U 127 -38.44 -32.12 4.66
C TYR U 127 -37.68 -32.48 5.92
N VAL U 128 -37.76 -33.74 6.36
CA VAL U 128 -37.01 -34.20 7.52
C VAL U 128 -35.72 -34.91 7.14
N SER U 129 -35.35 -34.91 5.87
CA SER U 129 -34.13 -35.57 5.44
C SER U 129 -32.90 -34.85 6.00
N ARG U 130 -31.77 -35.56 5.96
CA ARG U 130 -30.55 -35.03 6.58
C ARG U 130 -30.02 -33.80 5.83
N SER U 131 -30.09 -33.81 4.50
CA SER U 131 -29.48 -32.74 3.72
C SER U 131 -30.17 -31.40 3.98
N ILE U 132 -31.51 -31.40 4.00
CA ILE U 132 -32.22 -30.14 4.23
C ILE U 132 -32.01 -29.66 5.66
N GLN U 133 -31.93 -30.58 6.62
CA GLN U 133 -31.66 -30.19 7.99
C GLN U 133 -30.29 -29.55 8.11
N GLU U 134 -29.29 -30.12 7.45
CA GLU U 134 -27.95 -29.54 7.48
C GLU U 134 -27.94 -28.18 6.81
N PHE U 135 -28.64 -28.04 5.69
CA PHE U 135 -28.70 -26.76 5.00
C PHE U 135 -29.34 -25.69 5.87
N LEU U 136 -30.45 -26.04 6.54
CA LEU U 136 -31.11 -25.08 7.42
C LEU U 136 -30.23 -24.73 8.61
N ALA U 137 -29.52 -25.72 9.16
CA ALA U 137 -28.62 -25.45 10.28
C ALA U 137 -27.46 -24.54 9.86
N ARG U 138 -27.06 -24.63 8.58
CA ARG U 138 -26.01 -23.75 8.09
C ARG U 138 -26.44 -22.29 8.14
N TRP U 139 -27.71 -22.02 7.82
CA TRP U 139 -28.20 -20.66 7.70
C TRP U 139 -28.84 -20.14 8.99
N LYS U 140 -28.61 -20.82 10.12
CA LYS U 140 -29.13 -20.39 11.41
C LYS U 140 -30.65 -20.22 11.38
N ILE U 141 -31.32 -21.15 10.71
CA ILE U 141 -32.77 -21.15 10.61
C ILE U 141 -33.28 -22.48 11.16
N SER U 142 -34.15 -22.41 12.17
CA SER U 142 -34.66 -23.60 12.82
C SER U 142 -35.89 -24.13 12.08
N HIS U 143 -36.04 -25.45 12.11
CA HIS U 143 -37.14 -26.13 11.45
C HIS U 143 -37.93 -26.92 12.47
N VAL U 144 -39.24 -27.04 12.25
CA VAL U 144 -40.11 -27.78 13.14
C VAL U 144 -40.92 -28.81 12.37
N ALA U 155 -54.78 -24.11 7.83
CA ALA U 155 -55.77 -23.30 7.14
C ALA U 155 -55.11 -22.43 6.07
N ILE U 156 -54.02 -21.78 6.46
CA ILE U 156 -53.36 -20.80 5.59
C ILE U 156 -52.84 -21.47 4.32
N VAL U 157 -52.22 -22.65 4.46
CA VAL U 157 -51.56 -23.28 3.32
C VAL U 157 -52.59 -23.71 2.27
N GLU U 158 -53.70 -24.32 2.69
CA GLU U 158 -54.69 -24.71 1.70
C GLU U 158 -55.51 -23.53 1.21
N ARG U 159 -55.66 -22.48 2.00
CA ARG U 159 -56.25 -21.25 1.47
C ARG U 159 -55.37 -20.67 0.36
N THR U 160 -54.06 -20.68 0.57
CA THR U 160 -53.13 -20.22 -0.47
C THR U 160 -53.22 -21.11 -1.70
N HIS U 161 -53.29 -22.42 -1.51
CA HIS U 161 -53.43 -23.32 -2.65
C HIS U 161 -54.72 -23.02 -3.42
N GLN U 162 -55.82 -22.80 -2.71
CA GLN U 162 -57.09 -22.51 -3.37
C GLN U 162 -57.01 -21.20 -4.14
N ASN U 163 -56.42 -20.16 -3.54
CA ASN U 163 -56.28 -18.89 -4.25
C ASN U 163 -55.41 -19.05 -5.49
N ILE U 164 -54.33 -19.81 -5.39
CA ILE U 164 -53.44 -20.00 -6.53
C ILE U 164 -54.17 -20.72 -7.65
N LYS U 165 -54.87 -21.82 -7.33
CA LYS U 165 -55.54 -22.54 -8.39
C LYS U 165 -56.69 -21.72 -9.00
N ALA U 166 -57.37 -20.92 -8.17
CA ALA U 166 -58.40 -20.04 -8.71
C ALA U 166 -57.83 -19.03 -9.68
N GLN U 167 -56.69 -18.42 -9.31
CA GLN U 167 -56.07 -17.45 -10.20
C GLN U 167 -55.58 -18.09 -11.49
N LEU U 168 -55.01 -19.30 -11.39
CA LEU U 168 -54.61 -20.02 -12.59
C LEU U 168 -55.81 -20.31 -13.48
N ASN U 169 -56.93 -20.73 -12.89
CA ASN U 169 -58.13 -20.98 -13.67
C ASN U 169 -58.60 -19.71 -14.38
N LYS U 170 -58.59 -18.59 -13.66
CA LYS U 170 -59.01 -17.33 -14.26
C LYS U 170 -58.09 -16.90 -15.39
N LEU U 171 -56.78 -17.06 -15.22
CA LEU U 171 -55.81 -16.50 -16.14
C LEU U 171 -55.41 -17.46 -17.26
N GLN U 172 -55.86 -18.71 -17.22
CA GLN U 172 -55.44 -19.67 -18.25
C GLN U 172 -55.87 -19.21 -19.65
N LYS U 173 -57.17 -19.10 -19.87
CA LYS U 173 -57.66 -18.73 -21.20
C LYS U 173 -57.72 -17.21 -21.41
N ALA U 174 -57.28 -16.42 -20.42
CA ALA U 174 -57.22 -14.98 -20.62
C ALA U 174 -56.25 -14.62 -21.74
N GLY U 175 -55.11 -15.30 -21.81
CA GLY U 175 -54.15 -15.04 -22.86
C GLY U 175 -53.22 -16.23 -23.02
N LYS U 176 -52.51 -16.23 -24.16
CA LYS U 176 -51.57 -17.30 -24.44
C LYS U 176 -50.33 -17.16 -23.55
N TYR U 177 -49.83 -18.29 -23.07
CA TYR U 177 -48.66 -18.32 -22.22
C TYR U 177 -47.68 -19.37 -22.71
N TYR U 178 -46.39 -19.05 -22.64
CA TYR U 178 -45.35 -19.92 -23.19
C TYR U 178 -45.11 -21.11 -22.27
N THR U 179 -44.72 -20.84 -21.03
CA THR U 179 -44.27 -21.80 -20.04
C THR U 179 -45.07 -21.57 -18.76
N PRO U 180 -45.47 -22.63 -18.06
CA PRO U 180 -46.18 -22.42 -16.78
C PRO U 180 -45.39 -21.62 -15.78
N HIS U 181 -44.07 -21.50 -15.94
CA HIS U 181 -43.32 -20.52 -15.17
C HIS U 181 -43.90 -19.12 -15.37
N HIS U 182 -44.16 -18.75 -16.62
CA HIS U 182 -44.69 -17.43 -16.93
C HIS U 182 -46.05 -17.20 -16.29
N LEU U 183 -46.95 -18.18 -16.42
CA LEU U 183 -48.30 -18.01 -15.90
C LEU U 183 -48.31 -18.00 -14.38
N LEU U 184 -47.47 -18.83 -13.76
CA LEU U 184 -47.32 -18.80 -12.32
C LEU U 184 -46.79 -17.45 -11.85
N ALA U 185 -45.82 -16.89 -12.58
CA ALA U 185 -45.29 -15.59 -12.21
C ALA U 185 -46.35 -14.51 -12.31
N HIS U 186 -47.15 -14.54 -13.38
CA HIS U 186 -48.21 -13.55 -13.52
C HIS U 186 -49.23 -13.66 -12.40
N ALA U 187 -49.63 -14.90 -12.07
CA ALA U 187 -50.59 -15.09 -10.99
C ALA U 187 -50.03 -14.61 -9.66
N LEU U 188 -48.76 -14.91 -9.39
CA LEU U 188 -48.12 -14.44 -8.17
C LEU U 188 -48.07 -12.92 -8.12
N PHE U 189 -47.74 -12.29 -9.25
CA PHE U 189 -47.72 -10.83 -9.33
C PHE U 189 -49.08 -10.25 -8.98
N VAL U 190 -50.14 -10.76 -9.59
CA VAL U 190 -51.48 -10.23 -9.33
C VAL U 190 -51.86 -10.46 -7.87
N LEU U 191 -51.51 -11.63 -7.32
CA LEU U 191 -51.87 -11.93 -5.94
C LEU U 191 -51.14 -11.02 -4.96
N ASN U 192 -49.87 -10.71 -5.23
CA ASN U 192 -49.06 -10.00 -4.24
C ASN U 192 -49.07 -8.49 -4.45
N HIS U 193 -48.61 -8.02 -5.61
CA HIS U 193 -48.29 -6.60 -5.78
C HIS U 193 -49.47 -5.76 -6.23
N VAL U 194 -50.62 -6.37 -6.53
CA VAL U 194 -51.82 -5.65 -6.93
C VAL U 194 -52.99 -5.95 -6.00
N ASN U 195 -53.21 -7.22 -5.69
CA ASN U 195 -54.25 -7.60 -4.75
C ASN U 195 -53.90 -7.08 -3.35
N MET U 196 -54.91 -6.56 -2.66
CA MET U 196 -54.74 -6.12 -1.28
C MET U 196 -56.02 -6.38 -0.51
N ASP U 197 -55.91 -6.31 0.81
CA ASP U 197 -57.05 -6.48 1.71
C ASP U 197 -57.84 -5.18 1.79
N ASN U 198 -58.75 -5.10 2.76
CA ASN U 198 -59.59 -3.90 2.92
C ASN U 198 -58.74 -2.68 3.26
N GLN U 199 -57.63 -2.88 3.98
CA GLN U 199 -56.79 -1.78 4.43
C GLN U 199 -56.03 -1.09 3.30
N GLY U 200 -56.29 -1.46 2.05
CA GLY U 200 -55.58 -0.85 0.93
C GLY U 200 -54.10 -1.15 0.89
N HIS U 201 -53.64 -2.13 1.66
CA HIS U 201 -52.22 -2.48 1.74
C HIS U 201 -52.00 -3.80 1.04
N THR U 202 -51.14 -3.81 0.04
CA THR U 202 -50.84 -5.04 -0.69
C THR U 202 -49.97 -5.96 0.16
N ALA U 203 -49.71 -7.15 -0.37
CA ALA U 203 -48.89 -8.11 0.35
C ALA U 203 -47.48 -7.58 0.58
N ALA U 204 -46.91 -6.92 -0.42
CA ALA U 204 -45.55 -6.39 -0.28
C ALA U 204 -45.47 -5.34 0.82
N GLU U 205 -46.42 -4.40 0.85
CA GLU U 205 -46.35 -3.34 1.86
C GLU U 205 -46.55 -3.93 3.25
N ARG U 206 -47.49 -4.87 3.39
CA ARG U 206 -47.69 -5.54 4.67
C ARG U 206 -46.44 -6.33 5.08
N HIS U 207 -45.68 -6.81 4.11
CA HIS U 207 -44.46 -7.55 4.44
C HIS U 207 -43.30 -6.63 4.79
N TRP U 208 -43.32 -5.39 4.31
CA TRP U 208 -42.28 -4.39 4.59
C TRP U 208 -42.90 -3.06 5.01
N GLY U 209 -43.86 -3.12 5.93
CA GLY U 209 -44.47 -1.91 6.45
C GLY U 209 -45.75 -2.14 7.22
N PRO U 217 -47.06 16.12 1.24
CA PRO U 217 -47.40 17.53 1.05
C PRO U 217 -47.19 18.00 -0.39
N MET U 218 -48.23 18.56 -1.00
CA MET U 218 -48.18 19.07 -2.36
C MET U 218 -47.85 20.55 -2.31
N VAL U 219 -46.87 20.98 -3.12
CA VAL U 219 -46.36 22.33 -3.07
C VAL U 219 -46.30 22.91 -4.49
N MET U 220 -46.57 24.20 -4.58
CA MET U 220 -46.41 24.97 -5.82
C MET U 220 -45.14 25.78 -5.71
N TRP U 221 -44.25 25.64 -6.69
CA TRP U 221 -42.92 26.23 -6.63
C TRP U 221 -42.58 26.91 -7.95
N LYS U 222 -41.70 27.91 -7.86
CA LYS U 222 -41.26 28.68 -9.01
C LYS U 222 -39.81 28.33 -9.33
N ASP U 223 -39.57 27.88 -10.55
CA ASP U 223 -38.22 27.65 -11.05
C ASP U 223 -37.69 28.98 -11.55
N LEU U 224 -37.10 29.75 -10.66
CA LEU U 224 -36.64 31.09 -11.01
C LEU U 224 -35.53 31.07 -12.04
N LEU U 225 -34.85 29.94 -12.22
CA LEU U 225 -33.90 29.81 -13.31
C LEU U 225 -34.57 29.89 -14.68
N THR U 226 -35.88 29.64 -14.75
CA THR U 226 -36.62 29.75 -15.99
C THR U 226 -37.73 30.79 -15.97
N GLY U 227 -38.07 31.32 -14.80
CA GLY U 227 -39.10 32.34 -14.71
C GLY U 227 -40.51 31.84 -14.86
N SER U 228 -40.77 30.56 -14.60
CA SER U 228 -42.11 29.99 -14.73
C SER U 228 -42.46 29.22 -13.46
N TRP U 229 -43.76 29.17 -13.17
CA TRP U 229 -44.28 28.45 -12.01
C TRP U 229 -44.70 27.06 -12.46
N LYS U 230 -43.80 26.09 -12.28
CA LYS U 230 -44.03 24.73 -12.72
C LYS U 230 -44.35 23.83 -11.53
N GLY U 231 -45.34 22.97 -11.70
CA GLY U 231 -45.79 22.09 -10.65
C GLY U 231 -47.28 21.80 -10.77
N PRO U 232 -47.93 21.43 -9.66
CA PRO U 232 -47.35 21.23 -8.33
C PRO U 232 -46.65 19.88 -8.21
N ASP U 233 -45.94 19.68 -7.11
CA ASP U 233 -45.22 18.43 -6.86
C ASP U 233 -44.94 18.30 -5.37
N VAL U 234 -44.11 17.33 -5.02
CA VAL U 234 -43.91 16.96 -3.62
C VAL U 234 -42.78 17.79 -3.02
N LEU U 235 -42.88 18.04 -1.72
CA LEU U 235 -41.85 18.71 -0.95
C LEU U 235 -41.17 17.67 -0.06
N ILE U 236 -39.85 17.76 0.04
CA ILE U 236 -39.09 16.75 0.79
C ILE U 236 -38.89 17.22 2.22
N THR U 237 -38.18 18.32 2.40
CA THR U 237 -37.87 18.86 3.72
C THR U 237 -37.85 20.37 3.64
N ALA U 238 -37.38 21.01 4.71
CA ALA U 238 -37.22 22.47 4.73
C ALA U 238 -36.18 22.82 5.78
N GLY U 239 -35.70 24.05 5.71
CA GLY U 239 -34.72 24.54 6.67
C GLY U 239 -33.82 25.58 6.02
N ARG U 240 -33.27 26.44 6.88
CA ARG U 240 -32.35 27.51 6.46
C ARG U 240 -32.99 28.41 5.40
N GLY U 241 -34.29 28.66 5.52
CA GLY U 241 -34.97 29.45 4.52
C GLY U 241 -35.07 28.78 3.18
N TYR U 242 -34.92 27.46 3.12
CA TYR U 242 -34.93 26.72 1.88
C TYR U 242 -35.92 25.56 1.97
N ALA U 243 -36.51 25.23 0.82
CA ALA U 243 -37.41 24.09 0.71
C ALA U 243 -36.90 23.17 -0.38
N CYS U 244 -36.80 21.88 -0.08
CA CYS U 244 -36.26 20.89 -1.02
C CYS U 244 -37.41 20.36 -1.85
N VAL U 245 -37.75 21.08 -2.92
CA VAL U 245 -38.79 20.64 -3.84
C VAL U 245 -38.20 19.56 -4.74
N PHE U 246 -39.08 18.71 -5.28
CA PHE U 246 -38.65 17.58 -6.10
C PHE U 246 -39.63 17.38 -7.24
N PRO U 247 -39.21 17.59 -8.48
CA PRO U 247 -40.09 17.31 -9.61
C PRO U 247 -40.10 15.82 -9.96
N GLN U 248 -41.09 15.43 -10.76
CA GLN U 248 -41.27 14.01 -11.06
C GLN U 248 -40.14 13.46 -11.91
N ASP U 249 -39.60 14.26 -12.84
CA ASP U 249 -38.37 13.91 -13.55
C ASP U 249 -37.24 14.76 -12.99
N ALA U 250 -36.59 14.25 -11.94
CA ALA U 250 -35.55 15.03 -11.28
C ALA U 250 -34.17 14.39 -11.39
N GLU U 251 -34.05 13.15 -10.91
CA GLU U 251 -32.80 12.41 -10.74
C GLU U 251 -31.94 13.04 -9.66
N SER U 252 -32.36 14.20 -9.13
CA SER U 252 -31.65 14.92 -8.09
C SER U 252 -32.54 16.03 -7.55
N PRO U 253 -32.56 16.24 -6.23
CA PRO U 253 -33.39 17.30 -5.66
C PRO U 253 -32.86 18.68 -6.02
N ILE U 254 -33.79 19.63 -6.09
CA ILE U 254 -33.47 21.02 -6.41
C ILE U 254 -34.03 21.91 -5.30
N TRP U 255 -33.23 22.87 -4.87
CA TRP U 255 -33.60 23.76 -3.78
C TRP U 255 -34.16 25.07 -4.32
N VAL U 256 -35.09 25.66 -3.59
CA VAL U 256 -35.71 26.93 -3.97
C VAL U 256 -35.90 27.76 -2.70
N PRO U 257 -35.58 29.06 -2.72
CA PRO U 257 -35.83 29.89 -1.54
C PRO U 257 -37.32 29.94 -1.20
N ASP U 258 -37.61 30.06 0.09
CA ASP U 258 -38.98 29.97 0.56
C ASP U 258 -39.85 31.14 0.14
N ARG U 259 -39.27 32.17 -0.48
CA ARG U 259 -40.07 33.23 -1.06
C ARG U 259 -40.82 32.79 -2.31
N PHE U 260 -40.52 31.61 -2.84
CA PHE U 260 -41.11 31.09 -4.07
C PHE U 260 -41.84 29.78 -3.81
N ILE U 261 -42.59 29.71 -2.72
CA ILE U 261 -43.34 28.52 -2.34
C ILE U 261 -44.78 28.91 -2.08
N ARG U 262 -45.71 28.19 -2.71
CA ARG U 262 -47.13 28.45 -2.53
C ARG U 262 -47.84 27.12 -2.23
N PRO U 263 -48.70 27.07 -1.22
CA PRO U 263 -49.43 25.84 -0.94
C PRO U 263 -50.42 25.52 -2.06
N PHE U 264 -50.66 24.23 -2.24
CA PHE U 264 -51.61 23.77 -3.26
C PHE U 264 -52.69 22.90 -2.64
N LEU V 2 -18.51 -12.28 17.02
CA LEU V 2 -17.24 -12.25 16.30
C LEU V 2 -17.11 -13.45 15.38
N GLU V 3 -17.12 -14.66 15.97
CA GLU V 3 -17.05 -15.87 15.17
C GLU V 3 -18.31 -16.03 14.31
N SER V 4 -19.46 -15.59 14.83
CA SER V 4 -20.68 -15.60 14.04
C SER V 4 -20.53 -14.74 12.80
N ALA V 5 -19.87 -13.58 12.93
CA ALA V 5 -19.57 -12.77 11.76
C ALA V 5 -18.69 -13.53 10.77
N GLN V 6 -17.70 -14.26 11.28
CA GLN V 6 -16.82 -15.04 10.42
C GLN V 6 -17.61 -16.07 9.62
N GLU V 7 -18.48 -16.82 10.29
CA GLU V 7 -19.24 -17.85 9.57
C GLU V 7 -20.26 -17.23 8.61
N SER V 8 -20.85 -16.10 9.00
CA SER V 8 -21.80 -15.44 8.11
C SER V 8 -21.13 -14.96 6.83
N HIS V 9 -19.94 -14.36 6.95
CA HIS V 9 -19.22 -13.94 5.75
C HIS V 9 -18.73 -15.13 4.95
N ALA V 10 -18.36 -16.22 5.64
CA ALA V 10 -17.95 -17.42 4.93
C ALA V 10 -19.09 -18.00 4.10
N LEU V 11 -20.32 -17.96 4.63
CA LEU V 11 -21.43 -18.55 3.90
C LEU V 11 -21.95 -17.60 2.82
N HIS V 12 -22.40 -16.41 3.21
CA HIS V 12 -23.03 -15.50 2.26
C HIS V 12 -22.05 -14.62 1.49
N HIS V 13 -20.92 -14.27 2.08
CA HIS V 13 -19.97 -13.32 1.51
C HIS V 13 -20.64 -11.98 1.21
N GLN V 14 -21.10 -11.33 2.27
CA GLN V 14 -21.70 -10.01 2.19
C GLN V 14 -20.60 -8.95 2.33
N ASN V 15 -21.01 -7.68 2.26
CA ASN V 15 -20.04 -6.59 2.38
C ASN V 15 -19.71 -6.36 3.85
N ALA V 16 -18.68 -5.54 4.10
CA ALA V 16 -18.29 -5.23 5.46
C ALA V 16 -19.37 -4.47 6.21
N ALA V 17 -20.03 -3.51 5.55
CA ALA V 17 -21.04 -2.70 6.22
C ALA V 17 -22.21 -3.54 6.70
N ALA V 18 -22.67 -4.47 5.85
CA ALA V 18 -23.79 -5.33 6.24
C ALA V 18 -23.43 -6.19 7.44
N LEU V 19 -22.21 -6.76 7.43
CA LEU V 19 -21.76 -7.57 8.55
C LEU V 19 -21.70 -6.74 9.83
N ARG V 20 -21.16 -5.52 9.71
CA ARG V 20 -21.05 -4.65 10.88
C ARG V 20 -22.41 -4.30 11.45
N PHE V 21 -23.38 -3.98 10.60
CA PHE V 21 -24.70 -3.62 11.08
C PHE V 21 -25.47 -4.81 11.62
N GLN V 22 -25.21 -6.01 11.10
CA GLN V 22 -25.95 -7.18 11.57
C GLN V 22 -25.38 -7.73 12.88
N PHE V 23 -24.05 -7.71 13.04
CA PHE V 23 -23.42 -8.35 14.18
C PHE V 23 -22.77 -7.38 15.15
N HIS V 24 -22.89 -6.07 14.93
CA HIS V 24 -22.43 -5.06 15.87
C HIS V 24 -20.95 -5.23 16.21
N ILE V 25 -20.12 -5.06 15.18
CA ILE V 25 -18.67 -5.20 15.32
C ILE V 25 -18.01 -3.86 14.96
N THR V 26 -16.70 -3.82 15.13
CA THR V 26 -15.94 -2.64 14.77
C THR V 26 -15.76 -2.57 13.25
N ARG V 27 -15.81 -1.35 12.71
CA ARG V 27 -15.59 -1.16 11.28
C ARG V 27 -14.21 -1.68 10.87
N GLU V 28 -13.21 -1.50 11.72
CA GLU V 28 -11.90 -2.07 11.46
C GLU V 28 -11.96 -3.59 11.42
N GLN V 29 -12.75 -4.19 12.32
CA GLN V 29 -12.93 -5.63 12.29
C GLN V 29 -13.58 -6.08 11.00
N ALA V 30 -14.58 -5.33 10.53
CA ALA V 30 -15.24 -5.67 9.27
C ALA V 30 -14.27 -5.59 8.10
N ARG V 31 -13.46 -4.54 8.05
CA ARG V 31 -12.46 -4.42 6.99
C ARG V 31 -11.48 -5.58 7.05
N GLU V 32 -11.00 -5.92 8.25
CA GLU V 32 -10.04 -7.02 8.38
C GLU V 32 -10.66 -8.34 7.94
N ILE V 33 -11.91 -8.60 8.32
CA ILE V 33 -12.53 -9.89 8.01
C ILE V 33 -12.82 -9.99 6.51
N VAL V 34 -13.23 -8.88 5.88
CA VAL V 34 -13.50 -8.95 4.44
C VAL V 34 -12.20 -9.07 3.66
N LYS V 35 -11.12 -8.44 4.15
CA LYS V 35 -9.84 -8.56 3.45
C LYS V 35 -9.22 -9.93 3.66
N LEU V 36 -9.50 -10.57 4.79
CA LEU V 36 -8.84 -11.83 5.12
C LEU V 36 -9.36 -12.99 4.29
N CYS V 37 -10.63 -12.97 3.90
CA CYS V 37 -11.22 -14.11 3.22
C CYS V 37 -10.56 -14.31 1.86
N PRO V 38 -10.11 -15.53 1.54
CA PRO V 38 -9.48 -15.75 0.23
C PRO V 38 -10.40 -15.51 -0.95
N ASN V 39 -11.71 -15.69 -0.79
CA ASN V 39 -12.65 -15.49 -1.88
C ASN V 39 -12.99 -14.02 -2.11
N CYS V 40 -12.51 -13.12 -1.26
CA CYS V 40 -12.78 -11.70 -1.40
C CYS V 40 -11.55 -10.99 -1.93
N PRO V 41 -11.62 -10.32 -3.09
CA PRO V 41 -10.48 -9.62 -3.68
C PRO V 41 -10.32 -8.21 -3.14
N LEU V 56 -36.70 9.53 -7.16
CA LEU V 56 -37.89 10.03 -6.48
C LEU V 56 -38.38 9.03 -5.44
N LYS V 57 -38.78 7.86 -5.93
CA LYS V 57 -39.35 6.81 -5.10
C LYS V 57 -39.19 5.49 -5.82
N PRO V 58 -39.36 4.36 -5.12
CA PRO V 58 -39.23 3.07 -5.80
C PRO V 58 -40.24 2.91 -6.92
N ARG V 59 -39.87 2.10 -7.92
CA ARG V 59 -40.73 1.77 -9.05
C ARG V 59 -41.12 3.02 -9.84
N VAL V 60 -40.12 3.66 -10.43
CA VAL V 60 -40.37 4.78 -11.34
C VAL V 60 -39.76 4.48 -12.71
N LEU V 61 -38.44 4.31 -12.74
CA LEU V 61 -37.72 4.04 -13.98
C LEU V 61 -36.84 2.82 -13.81
N TRP V 62 -36.75 1.98 -14.85
CA TRP V 62 -35.97 0.76 -14.80
C TRP V 62 -34.98 0.72 -15.95
N GLN V 63 -33.90 -0.03 -15.75
CA GLN V 63 -32.95 -0.35 -16.80
C GLN V 63 -32.75 -1.85 -16.85
N MET V 64 -32.79 -2.43 -18.04
CA MET V 64 -32.53 -3.86 -18.22
C MET V 64 -31.69 -4.08 -19.46
N ASP V 65 -30.52 -4.70 -19.28
CA ASP V 65 -29.63 -5.08 -20.37
C ASP V 65 -29.10 -6.47 -20.10
N VAL V 66 -29.02 -7.28 -21.14
CA VAL V 66 -28.58 -8.67 -21.03
C VAL V 66 -27.06 -8.71 -21.08
N THR V 67 -26.49 -9.76 -20.51
CA THR V 67 -25.05 -9.98 -20.51
C THR V 67 -24.75 -11.47 -20.51
N HIS V 68 -23.52 -11.80 -20.88
CA HIS V 68 -23.06 -13.18 -20.95
C HIS V 68 -22.27 -13.55 -19.71
N VAL V 69 -22.46 -14.78 -19.25
CA VAL V 69 -21.67 -15.37 -18.17
C VAL V 69 -21.22 -16.74 -18.66
N SER V 70 -19.90 -16.89 -18.85
CA SER V 70 -19.39 -18.02 -19.62
C SER V 70 -19.67 -19.36 -18.94
N GLU V 71 -19.49 -19.42 -17.62
CA GLU V 71 -19.59 -20.70 -16.92
C GLU V 71 -21.03 -21.24 -16.81
N PHE V 72 -22.03 -20.65 -17.44
CA PHE V 72 -23.38 -21.21 -17.42
C PHE V 72 -23.66 -22.09 -18.63
N GLY V 73 -22.69 -22.29 -19.52
CA GLY V 73 -22.85 -23.16 -20.67
C GLY V 73 -24.00 -22.78 -21.58
N LYS V 74 -25.02 -23.63 -21.65
CA LYS V 74 -26.16 -23.36 -22.51
C LYS V 74 -26.95 -22.15 -22.05
N LEU V 75 -26.82 -21.77 -20.78
CA LEU V 75 -27.60 -20.68 -20.18
C LEU V 75 -26.75 -19.45 -19.90
N LYS V 76 -25.83 -19.12 -20.79
CA LYS V 76 -24.96 -17.96 -20.56
C LYS V 76 -25.67 -16.63 -20.78
N TYR V 77 -26.86 -16.65 -21.36
CA TYR V 77 -27.60 -15.42 -21.65
C TYR V 77 -28.44 -15.05 -20.43
N VAL V 78 -27.79 -14.42 -19.45
CA VAL V 78 -28.46 -14.01 -18.22
C VAL V 78 -28.99 -12.60 -18.41
N HIS V 79 -30.25 -12.39 -18.04
CA HIS V 79 -30.86 -11.07 -18.08
C HIS V 79 -30.74 -10.40 -16.72
N VAL V 80 -30.71 -9.08 -16.72
CA VAL V 80 -30.59 -8.28 -15.50
C VAL V 80 -31.54 -7.10 -15.60
N THR V 81 -32.34 -6.90 -14.56
CA THR V 81 -33.24 -5.75 -14.46
C THR V 81 -32.98 -5.07 -13.13
N VAL V 82 -32.64 -3.78 -13.17
CA VAL V 82 -32.32 -3.01 -11.99
C VAL V 82 -33.19 -1.77 -11.95
N ASP V 83 -33.81 -1.52 -10.80
CA ASP V 83 -34.56 -0.29 -10.60
C ASP V 83 -33.59 0.84 -10.31
N THR V 84 -33.80 1.98 -10.97
CA THR V 84 -32.85 3.08 -10.85
C THR V 84 -32.90 3.76 -9.48
N TYR V 85 -33.97 3.54 -8.71
CA TYR V 85 -34.10 4.23 -7.43
C TYR V 85 -33.31 3.52 -6.33
N SER V 86 -33.71 2.30 -6.00
CA SER V 86 -33.15 1.58 -4.86
C SER V 86 -32.05 0.60 -5.24
N HIS V 87 -31.68 0.54 -6.52
CA HIS V 87 -30.72 -0.44 -7.01
C HIS V 87 -31.14 -1.86 -6.68
N PHE V 88 -32.44 -2.13 -6.72
CA PHE V 88 -32.94 -3.47 -6.51
C PHE V 88 -32.79 -4.27 -7.78
N THR V 89 -32.15 -5.44 -7.68
CA THR V 89 -31.69 -6.18 -8.86
C THR V 89 -32.45 -7.49 -9.01
N PHE V 90 -32.44 -8.01 -10.22
CA PHE V 90 -33.15 -9.24 -10.53
C PHE V 90 -32.46 -9.89 -11.73
N ALA V 91 -32.47 -11.23 -11.76
CA ALA V 91 -31.75 -11.93 -12.82
C ALA V 91 -32.27 -13.35 -12.96
N THR V 92 -32.44 -13.80 -14.20
CA THR V 92 -32.80 -15.18 -14.53
C THR V 92 -32.05 -15.59 -15.78
N ALA V 93 -31.12 -16.53 -15.63
CA ALA V 93 -30.40 -17.08 -16.77
C ALA V 93 -31.36 -17.87 -17.64
N ARG V 94 -31.26 -17.69 -18.95
CA ARG V 94 -32.20 -18.32 -19.87
C ARG V 94 -31.48 -18.91 -21.08
N THR V 95 -32.26 -19.36 -22.08
CA THR V 95 -31.67 -19.96 -23.27
C THR V 95 -30.94 -18.95 -24.14
N GLY V 96 -31.55 -17.80 -24.36
CA GLY V 96 -30.94 -16.77 -25.17
C GLY V 96 -31.49 -15.41 -24.84
N GLU V 97 -31.24 -14.45 -25.72
CA GLU V 97 -31.77 -13.11 -25.60
C GLU V 97 -32.75 -12.81 -26.74
N ALA V 98 -33.60 -13.79 -27.06
CA ALA V 98 -34.60 -13.62 -28.08
C ALA V 98 -35.88 -13.01 -27.51
N THR V 99 -36.92 -12.94 -28.33
CA THR V 99 -38.17 -12.30 -27.91
C THR V 99 -38.84 -13.08 -26.77
N LYS V 100 -38.95 -14.40 -26.93
CA LYS V 100 -39.63 -15.20 -25.91
C LYS V 100 -38.90 -15.14 -24.58
N ASP V 101 -37.56 -15.24 -24.61
CA ASP V 101 -36.79 -15.21 -23.37
C ASP V 101 -36.90 -13.86 -22.67
N VAL V 102 -36.81 -12.76 -23.42
CA VAL V 102 -36.90 -11.45 -22.80
C VAL V 102 -38.31 -11.20 -22.26
N LEU V 103 -39.34 -11.70 -22.96
CA LEU V 103 -40.70 -11.57 -22.46
C LEU V 103 -40.88 -12.34 -21.15
N GLN V 104 -40.38 -13.57 -21.10
CA GLN V 104 -40.48 -14.35 -19.87
C GLN V 104 -39.73 -13.67 -18.73
N HIS V 105 -38.53 -13.17 -19.01
CA HIS V 105 -37.76 -12.50 -17.97
C HIS V 105 -38.47 -11.24 -17.49
N LEU V 106 -39.07 -10.48 -18.41
CA LEU V 106 -39.78 -9.28 -18.03
C LEU V 106 -41.00 -9.60 -17.16
N ALA V 107 -41.74 -10.65 -17.51
CA ALA V 107 -42.89 -11.04 -16.68
C ALA V 107 -42.43 -11.49 -15.30
N GLN V 108 -41.36 -12.28 -15.23
CA GLN V 108 -40.87 -12.70 -13.93
C GLN V 108 -40.33 -11.53 -13.11
N SER V 109 -39.71 -10.54 -13.78
CA SER V 109 -39.28 -9.34 -13.09
C SER V 109 -40.47 -8.56 -12.54
N PHE V 110 -41.55 -8.47 -13.33
CA PHE V 110 -42.75 -7.82 -12.84
C PHE V 110 -43.28 -8.52 -11.60
N ALA V 111 -43.30 -9.85 -11.61
CA ALA V 111 -43.71 -10.59 -10.43
C ALA V 111 -42.78 -10.32 -9.25
N TYR V 112 -41.48 -10.24 -9.52
CA TYR V 112 -40.50 -10.09 -8.45
C TYR V 112 -40.52 -8.71 -7.82
N MET V 113 -40.78 -7.66 -8.59
CA MET V 113 -40.31 -6.35 -8.18
C MET V 113 -41.43 -5.29 -8.17
N GLY V 114 -42.40 -5.42 -9.07
CA GLY V 114 -43.54 -4.52 -9.10
C GLY V 114 -43.65 -3.76 -10.42
N ILE V 115 -44.83 -3.17 -10.61
CA ILE V 115 -45.14 -2.51 -11.88
C ILE V 115 -44.40 -1.17 -11.95
N PRO V 116 -43.65 -0.93 -13.02
CA PRO V 116 -43.00 0.38 -13.20
C PRO V 116 -43.87 1.35 -13.97
N GLN V 117 -43.33 2.52 -14.28
CA GLN V 117 -43.90 3.40 -15.29
C GLN V 117 -43.07 3.45 -16.56
N LYS V 118 -41.75 3.45 -16.45
CA LYS V 118 -40.87 3.51 -17.62
C LYS V 118 -39.78 2.44 -17.52
N ILE V 119 -39.39 1.92 -18.68
CA ILE V 119 -38.30 0.95 -18.80
C ILE V 119 -37.30 1.49 -19.80
N LYS V 120 -36.02 1.43 -19.46
CA LYS V 120 -34.94 1.87 -20.33
C LYS V 120 -34.18 0.67 -20.86
N THR V 121 -34.07 0.57 -22.18
CA THR V 121 -33.30 -0.47 -22.85
C THR V 121 -32.48 0.16 -23.97
N ASP V 122 -31.59 -0.63 -24.52
CA ASP V 122 -30.83 -0.22 -25.70
C ASP V 122 -31.69 -0.43 -26.95
N ASN V 123 -31.09 -0.33 -28.13
CA ASN V 123 -31.81 -0.43 -29.38
C ASN V 123 -31.63 -1.79 -30.06
N ALA V 124 -31.56 -2.85 -29.28
CA ALA V 124 -31.48 -4.19 -29.86
C ALA V 124 -32.78 -4.52 -30.58
N PRO V 125 -32.74 -5.28 -31.67
CA PRO V 125 -33.98 -5.61 -32.40
C PRO V 125 -35.02 -6.29 -31.52
N ALA V 126 -34.59 -7.14 -30.58
CA ALA V 126 -35.55 -7.84 -29.73
C ALA V 126 -36.33 -6.87 -28.87
N TYR V 127 -35.65 -5.87 -28.28
CA TYR V 127 -36.34 -4.92 -27.42
C TYR V 127 -37.34 -4.07 -28.22
N VAL V 128 -36.95 -3.64 -29.41
CA VAL V 128 -37.79 -2.74 -30.20
C VAL V 128 -38.71 -3.55 -31.11
N SER V 129 -38.76 -4.85 -30.89
CA SER V 129 -39.65 -5.69 -31.69
C SER V 129 -41.11 -5.33 -31.42
N ARG V 130 -41.96 -5.59 -32.41
CA ARG V 130 -43.36 -5.19 -32.32
C ARG V 130 -44.08 -5.89 -31.18
N SER V 131 -43.77 -7.18 -30.95
CA SER V 131 -44.48 -7.94 -29.93
C SER V 131 -44.26 -7.37 -28.53
N ILE V 132 -43.00 -7.05 -28.21
CA ILE V 132 -42.69 -6.53 -26.87
C ILE V 132 -43.33 -5.15 -26.68
N GLN V 133 -43.28 -4.31 -27.71
CA GLN V 133 -43.92 -3.00 -27.61
C GLN V 133 -45.42 -3.14 -27.41
N GLU V 134 -46.06 -4.06 -28.14
CA GLU V 134 -47.49 -4.27 -27.97
C GLU V 134 -47.81 -4.76 -26.57
N PHE V 135 -47.00 -5.69 -26.05
CA PHE V 135 -47.24 -6.21 -24.71
C PHE V 135 -47.08 -5.13 -23.66
N LEU V 136 -46.07 -4.28 -23.81
CA LEU V 136 -45.86 -3.20 -22.84
C LEU V 136 -46.99 -2.18 -22.91
N ALA V 137 -47.46 -1.87 -24.12
CA ALA V 137 -48.64 -1.00 -24.25
C ALA V 137 -49.86 -1.65 -23.61
N ARG V 138 -49.92 -2.98 -23.64
CA ARG V 138 -51.02 -3.70 -22.99
C ARG V 138 -50.98 -3.53 -21.48
N TRP V 139 -49.84 -3.14 -20.92
CA TRP V 139 -49.68 -3.02 -19.48
C TRP V 139 -49.51 -1.58 -19.02
N LYS V 140 -49.78 -0.60 -19.89
CA LYS V 140 -49.69 0.82 -19.55
C LYS V 140 -48.32 1.18 -18.98
N ILE V 141 -47.27 0.72 -19.67
CA ILE V 141 -45.89 0.99 -19.28
C ILE V 141 -45.15 1.49 -20.52
N SER V 142 -44.51 2.64 -20.39
CA SER V 142 -43.82 3.25 -21.52
C SER V 142 -42.41 2.70 -21.65
N HIS V 143 -41.81 2.96 -22.81
CA HIS V 143 -40.48 2.43 -23.13
C HIS V 143 -39.82 3.34 -24.15
N VAL V 144 -38.55 3.63 -23.93
CA VAL V 144 -37.79 4.49 -24.83
C VAL V 144 -36.28 4.30 -24.61
N GLN V 154 -26.01 5.94 -18.47
CA GLN V 154 -26.05 4.49 -18.64
C GLN V 154 -24.83 3.84 -17.98
N ALA V 155 -24.76 3.93 -16.65
CA ALA V 155 -23.71 3.28 -15.87
C ALA V 155 -24.25 2.41 -14.75
N ILE V 156 -25.50 2.62 -14.31
CA ILE V 156 -26.06 1.85 -13.20
C ILE V 156 -26.15 0.37 -13.58
N VAL V 157 -26.62 0.07 -14.78
CA VAL V 157 -26.80 -1.31 -15.18
C VAL V 157 -25.46 -2.02 -15.32
N GLU V 158 -24.44 -1.31 -15.82
CA GLU V 158 -23.11 -1.92 -15.91
C GLU V 158 -22.51 -2.15 -14.53
N ARG V 159 -22.71 -1.21 -13.60
CA ARG V 159 -22.24 -1.42 -12.23
C ARG V 159 -22.95 -2.62 -11.59
N THR V 160 -24.25 -2.75 -11.84
CA THR V 160 -24.98 -3.92 -11.36
C THR V 160 -24.44 -5.20 -11.97
N HIS V 161 -24.13 -5.18 -13.27
CA HIS V 161 -23.53 -6.34 -13.91
C HIS V 161 -22.21 -6.72 -13.26
N GLN V 162 -21.36 -5.72 -12.99
CA GLN V 162 -20.09 -6.00 -12.32
C GLN V 162 -20.32 -6.59 -10.94
N ASN V 163 -21.26 -6.05 -10.18
CA ASN V 163 -21.55 -6.60 -8.86
C ASN V 163 -22.02 -8.04 -8.94
N ILE V 164 -22.92 -8.34 -9.90
CA ILE V 164 -23.44 -9.69 -10.02
C ILE V 164 -22.33 -10.66 -10.42
N LYS V 165 -21.48 -10.27 -11.36
CA LYS V 165 -20.37 -11.14 -11.75
C LYS V 165 -19.43 -11.37 -10.59
N ALA V 166 -19.14 -10.31 -9.81
CA ALA V 166 -18.27 -10.47 -8.66
C ALA V 166 -18.87 -11.45 -7.66
N GLN V 167 -20.17 -11.33 -7.40
CA GLN V 167 -20.81 -12.25 -6.46
C GLN V 167 -20.81 -13.68 -6.98
N LEU V 168 -21.07 -13.85 -8.28
CA LEU V 168 -21.06 -15.20 -8.86
C LEU V 168 -19.69 -15.84 -8.72
N ASN V 169 -18.64 -15.08 -8.99
CA ASN V 169 -17.28 -15.62 -8.82
C ASN V 169 -16.95 -15.85 -7.36
N LYS V 170 -17.48 -15.02 -6.46
CA LYS V 170 -17.14 -15.11 -5.05
C LYS V 170 -17.83 -16.28 -4.37
N LEU V 171 -19.02 -16.68 -4.84
CA LEU V 171 -19.83 -17.63 -4.10
C LEU V 171 -19.25 -19.04 -4.09
N GLN V 172 -18.22 -19.32 -4.89
CA GLN V 172 -17.56 -20.63 -4.83
C GLN V 172 -16.63 -20.71 -3.63
N LYS V 176 -19.54 -24.74 -3.88
CA LYS V 176 -20.03 -25.64 -4.92
C LYS V 176 -21.54 -25.74 -4.88
N TYR V 177 -22.19 -25.33 -5.97
CA TYR V 177 -23.64 -25.34 -6.06
C TYR V 177 -24.06 -26.28 -7.17
N TYR V 178 -25.36 -26.55 -7.25
CA TYR V 178 -25.89 -27.62 -8.09
C TYR V 178 -26.32 -27.14 -9.47
N THR V 179 -27.21 -26.17 -9.55
CA THR V 179 -27.73 -25.70 -10.83
C THR V 179 -27.55 -24.19 -10.95
N PRO V 180 -27.44 -23.68 -12.18
CA PRO V 180 -27.23 -22.22 -12.33
C PRO V 180 -28.33 -21.37 -11.72
N HIS V 181 -29.57 -21.81 -11.79
CA HIS V 181 -30.67 -21.05 -11.18
C HIS V 181 -30.48 -20.94 -9.67
N HIS V 182 -30.03 -22.02 -9.03
CA HIS V 182 -29.78 -21.99 -7.59
C HIS V 182 -28.72 -20.96 -7.23
N LEU V 183 -27.58 -21.00 -7.91
CA LEU V 183 -26.50 -20.07 -7.60
C LEU V 183 -26.92 -18.63 -7.89
N LEU V 184 -27.63 -18.41 -9.00
CA LEU V 184 -28.09 -17.06 -9.32
C LEU V 184 -29.06 -16.54 -8.27
N ALA V 185 -29.99 -17.39 -7.81
CA ALA V 185 -30.92 -16.97 -6.78
C ALA V 185 -30.19 -16.64 -5.49
N HIS V 186 -29.20 -17.46 -5.10
CA HIS V 186 -28.44 -17.17 -3.90
C HIS V 186 -27.69 -15.86 -4.01
N ALA V 187 -27.05 -15.62 -5.15
CA ALA V 187 -26.31 -14.36 -5.33
C ALA V 187 -27.26 -13.17 -5.32
N LEU V 188 -28.43 -13.31 -5.93
CA LEU V 188 -29.42 -12.23 -5.90
C LEU V 188 -29.88 -11.95 -4.48
N PHE V 189 -30.12 -13.00 -3.70
CA PHE V 189 -30.52 -12.81 -2.31
C PHE V 189 -29.43 -12.09 -1.53
N VAL V 190 -28.17 -12.47 -1.73
CA VAL V 190 -27.07 -11.81 -1.03
C VAL V 190 -26.99 -10.34 -1.42
N LEU V 191 -27.12 -10.04 -2.71
CA LEU V 191 -27.01 -8.66 -3.17
C LEU V 191 -28.21 -7.81 -2.77
N ASN V 192 -29.37 -8.44 -2.52
CA ASN V 192 -30.59 -7.68 -2.28
C ASN V 192 -30.95 -7.58 -0.80
N HIS V 193 -31.13 -8.72 -0.13
CA HIS V 193 -31.69 -8.74 1.22
C HIS V 193 -30.64 -8.79 2.33
N VAL V 194 -29.36 -8.83 1.98
CA VAL V 194 -28.28 -8.92 2.96
C VAL V 194 -27.44 -7.66 2.99
N ASN V 195 -26.84 -7.30 1.85
CA ASN V 195 -26.00 -6.10 1.80
C ASN V 195 -26.82 -4.85 2.06
N MET V 196 -26.37 -4.06 3.03
CA MET V 196 -26.93 -2.73 3.26
C MET V 196 -25.86 -1.67 3.09
N ASP V 197 -26.32 -0.48 2.75
CA ASP V 197 -25.43 0.64 2.45
C ASP V 197 -24.91 1.26 3.75
N ASN V 198 -24.30 2.44 3.64
CA ASN V 198 -23.78 3.13 4.82
C ASN V 198 -24.88 3.46 5.81
N GLN V 199 -26.10 3.75 5.33
CA GLN V 199 -27.20 4.10 6.22
C GLN V 199 -27.75 2.89 6.97
N GLY V 200 -27.33 1.68 6.63
CA GLY V 200 -27.84 0.49 7.28
C GLY V 200 -29.15 -0.02 6.75
N HIS V 201 -29.62 0.52 5.63
CA HIS V 201 -30.89 0.12 5.03
C HIS V 201 -30.64 -0.93 3.96
N THR V 202 -31.40 -2.02 4.01
CA THR V 202 -31.31 -3.04 2.98
C THR V 202 -31.80 -2.49 1.65
N ALA V 203 -31.22 -3.00 0.56
CA ALA V 203 -31.74 -2.67 -0.76
C ALA V 203 -33.22 -2.98 -0.85
N ALA V 204 -33.65 -4.08 -0.22
CA ALA V 204 -35.08 -4.40 -0.18
C ALA V 204 -35.87 -3.33 0.55
N GLU V 205 -35.43 -2.97 1.76
CA GLU V 205 -36.14 -1.95 2.52
C GLU V 205 -36.11 -0.62 1.80
N ARG V 206 -34.98 -0.27 1.17
CA ARG V 206 -34.94 0.93 0.35
C ARG V 206 -35.92 0.85 -0.81
N HIS V 207 -36.19 -0.37 -1.28
CA HIS V 207 -37.16 -0.56 -2.35
C HIS V 207 -38.59 -0.57 -1.85
N TRP V 208 -38.79 -0.65 -0.54
CA TRP V 208 -40.14 -0.64 0.02
C TRP V 208 -40.16 0.01 1.40
N PRO V 217 -31.59 14.48 -0.53
CA PRO V 217 -31.17 15.88 -0.52
C PRO V 217 -29.66 16.04 -0.34
N MET V 218 -29.06 16.96 -1.09
CA MET V 218 -27.63 17.22 -1.04
C MET V 218 -27.38 18.54 -0.32
N VAL V 219 -26.36 18.57 0.52
CA VAL V 219 -26.03 19.76 1.31
C VAL V 219 -24.53 19.98 1.32
N MET V 220 -24.14 21.25 1.24
CA MET V 220 -22.75 21.65 1.46
C MET V 220 -22.52 21.80 2.96
N TRP V 221 -21.71 20.92 3.55
CA TRP V 221 -21.48 20.92 4.98
C TRP V 221 -20.05 21.31 5.29
N LYS V 222 -19.86 22.03 6.40
CA LYS V 222 -18.56 22.51 6.83
C LYS V 222 -18.00 21.58 7.90
N ASP V 223 -16.81 21.04 7.65
CA ASP V 223 -16.12 20.25 8.66
C ASP V 223 -15.66 21.20 9.76
N LEU V 224 -16.41 21.24 10.85
CA LEU V 224 -16.21 22.26 11.88
C LEU V 224 -14.86 22.16 12.56
N LEU V 225 -14.22 20.98 12.52
CA LEU V 225 -12.90 20.83 13.13
C LEU V 225 -11.83 21.54 12.30
N THR V 226 -11.63 21.10 11.06
CA THR V 226 -10.59 21.69 10.23
C THR V 226 -10.98 23.06 9.68
N GLY V 227 -12.27 23.30 9.48
CA GLY V 227 -12.72 24.52 8.85
C GLY V 227 -12.72 24.50 7.34
N SER V 228 -12.55 23.34 6.72
CA SER V 228 -12.58 23.22 5.28
C SER V 228 -13.92 22.62 4.84
N TRP V 229 -14.52 23.21 3.82
CA TRP V 229 -15.81 22.73 3.34
C TRP V 229 -15.67 21.34 2.72
N LYS V 230 -16.72 20.54 2.90
CA LYS V 230 -16.80 19.21 2.33
C LYS V 230 -18.19 18.98 1.75
N GLY V 231 -18.31 17.92 0.95
CA GLY V 231 -19.59 17.55 0.39
C GLY V 231 -19.50 17.22 -1.09
N PRO V 232 -20.65 17.00 -1.73
CA PRO V 232 -22.00 17.01 -1.16
C PRO V 232 -22.31 15.71 -0.43
N ASP V 233 -23.33 15.72 0.44
CA ASP V 233 -23.68 14.54 1.21
C ASP V 233 -25.17 14.56 1.51
N VAL V 234 -25.67 13.40 1.93
CA VAL V 234 -27.09 13.22 2.20
C VAL V 234 -27.44 13.83 3.55
N LEU V 235 -28.55 14.55 3.61
CA LEU V 235 -29.08 15.08 4.86
C LEU V 235 -30.04 14.07 5.47
N ILE V 236 -29.88 13.80 6.76
CA ILE V 236 -30.72 12.82 7.44
C ILE V 236 -31.89 13.53 8.11
N THR V 237 -31.59 14.42 9.04
CA THR V 237 -32.61 15.22 9.70
C THR V 237 -32.07 16.62 9.96
N ALA V 238 -32.97 17.59 9.98
CA ALA V 238 -32.61 18.97 10.20
C ALA V 238 -33.80 19.73 10.76
N GLY V 239 -33.52 20.70 11.63
CA GLY V 239 -34.56 21.53 12.18
C GLY V 239 -34.16 22.28 13.43
N ARG V 240 -34.58 23.54 13.51
CA ARG V 240 -34.35 24.39 14.69
C ARG V 240 -32.87 24.52 15.00
N GLY V 241 -32.11 24.93 13.98
CA GLY V 241 -30.73 25.34 14.17
C GLY V 241 -29.70 24.25 14.03
N TYR V 242 -30.07 22.99 14.13
CA TYR V 242 -29.13 21.89 14.08
C TYR V 242 -29.56 20.88 13.03
N ALA V 243 -28.58 20.21 12.43
CA ALA V 243 -28.83 19.25 11.37
C ALA V 243 -27.91 18.05 11.56
N CYS V 244 -28.27 16.96 10.90
CA CYS V 244 -27.51 15.72 10.94
C CYS V 244 -27.15 15.32 9.52
N VAL V 245 -25.86 15.12 9.27
CA VAL V 245 -25.35 14.80 7.94
C VAL V 245 -24.56 13.51 8.03
N PHE V 246 -24.81 12.59 7.10
CA PHE V 246 -24.16 11.27 7.08
C PHE V 246 -23.35 11.13 5.79
N PRO V 247 -22.09 11.54 5.78
CA PRO V 247 -21.25 11.29 4.62
C PRO V 247 -21.00 9.80 4.41
N GLN V 248 -20.84 9.42 3.15
CA GLN V 248 -20.69 8.01 2.81
C GLN V 248 -19.39 7.42 3.33
N ASP V 249 -18.38 8.25 3.62
CA ASP V 249 -17.09 7.77 4.07
C ASP V 249 -16.95 7.72 5.58
N ALA V 250 -17.99 8.06 6.32
CA ALA V 250 -17.94 8.10 7.78
C ALA V 250 -18.79 6.98 8.37
N GLU V 251 -18.29 6.37 9.43
CA GLU V 251 -18.99 5.26 10.09
C GLU V 251 -20.18 5.73 10.92
N SER V 252 -20.26 7.00 11.25
CA SER V 252 -21.29 7.51 12.15
C SER V 252 -21.81 8.85 11.64
N PRO V 253 -23.06 9.20 11.96
CA PRO V 253 -23.59 10.50 11.56
C PRO V 253 -22.82 11.64 12.19
N ILE V 254 -22.81 12.77 11.49
CA ILE V 254 -22.13 13.98 11.93
C ILE V 254 -23.17 15.07 12.14
N TRP V 255 -23.19 15.65 13.33
CA TRP V 255 -24.13 16.70 13.69
C TRP V 255 -23.45 18.05 13.55
N VAL V 256 -24.02 18.93 12.73
CA VAL V 256 -23.44 20.25 12.49
C VAL V 256 -24.54 21.30 12.61
N PRO V 257 -24.22 22.54 12.99
CA PRO V 257 -25.25 23.56 13.13
C PRO V 257 -25.72 24.07 11.78
N ASP V 258 -26.87 24.76 11.81
CA ASP V 258 -27.47 25.28 10.58
C ASP V 258 -26.64 26.38 9.93
N ARG V 259 -25.75 27.03 10.70
CA ARG V 259 -24.96 28.12 10.13
C ARG V 259 -24.01 27.65 9.05
N PHE V 260 -23.65 26.38 9.04
CA PHE V 260 -22.62 25.86 8.15
C PHE V 260 -23.19 24.81 7.19
N ILE V 261 -24.41 25.04 6.70
CA ILE V 261 -25.07 24.13 5.77
C ILE V 261 -25.56 24.95 4.59
N ARG V 262 -25.20 24.52 3.38
CA ARG V 262 -25.62 25.18 2.16
C ARG V 262 -26.14 24.16 1.17
N PRO V 263 -27.08 24.56 0.30
CA PRO V 263 -27.68 23.60 -0.62
C PRO V 263 -26.75 23.23 -1.77
N PHE V 264 -27.15 22.19 -2.49
CA PHE V 264 -26.42 21.72 -3.66
C PHE V 264 -27.39 21.46 -4.80
N THR V 265 -27.00 21.86 -6.00
CA THR V 265 -27.82 21.74 -7.21
C THR V 265 -29.21 22.32 -6.99
ZN ZN CA . 56.99 -30.87 6.33
ZN ZN DA . -1.74 -53.98 41.23
ZN ZN EA . 4.24 -35.95 -3.71
ZN ZN FA . 59.64 2.68 -29.00
ZN ZN GA . -9.74 -20.88 -59.82
ZN ZN HA . -1.20 5.93 -20.03
ZN ZN IA . -13.82 51.63 39.09
ZN ZN JA . 15.44 60.17 -26.34
ZN ZN KA . -18.28 29.24 -11.15
ZN ZN LA . -33.51 10.87 57.73
ZN ZN MA . -61.77 -11.33 -14.18
ZN ZN NA . -15.12 -13.53 1.97
#